data_4MHH
#
_entry.id   4MHH
#
_cell.length_a   142.007
_cell.length_b   251.423
_cell.length_c   230.811
_cell.angle_alpha   90.00
_cell.angle_beta   107.01
_cell.angle_gamma   90.00
#
_symmetry.space_group_name_H-M   'C 1 2 1'
#
loop_
_entity.id
_entity.type
_entity.pdbx_description
1 polymer 'Hemagglutinin HA1 chain'
2 polymer 'H5M9 antibody, light chain (kappa)'
3 polymer 'Hemagglutinin HA2 chain'
4 polymer 'H5M9 antibody, heavy chain (IgG1)'
5 branched alpha-D-mannopyranose-(1-3)-[alpha-D-mannopyranose-(1-6)]alpha-D-mannopyranose-(1-4)-2-acetamido-2-deoxy-beta-D-glucopyranose-(1-4)-2-acetamido-2-deoxy-beta-D-glucopyranose
6 branched 2-acetamido-2-deoxy-beta-D-glucopyranose-(1-4)-2-acetamido-2-deoxy-beta-D-glucopyranose
7 branched alpha-D-mannopyranose-(1-4)-2-acetamido-2-deoxy-beta-D-glucopyranose-(1-4)-2-acetamido-2-deoxy-beta-D-glucopyranose
8 branched alpha-D-mannopyranose-(1-3)-alpha-D-mannopyranose-(1-4)-2-acetamido-2-deoxy-beta-D-glucopyranose-(1-4)-2-acetamido-2-deoxy-beta-D-glucopyranose
9 non-polymer 2-acetamido-2-deoxy-beta-D-glucopyranose
#
loop_
_entity_poly.entity_id
_entity_poly.type
_entity_poly.pdbx_seq_one_letter_code
_entity_poly.pdbx_strand_id
1 'polypeptide(L)'
;ADPGDQICIGYHANNSTEQVDTIMEKNVTVTHAQDILEKKHNGKLCDLDGVKPLILRDCSVAGWLLGNPMCDEFINVPEW
SYIVEKANPVNDLCYPGDFNDYEELKHLLSRINHFEKIQIIPKSSWSSHEASLGVSSACPYQGKSSFFRNVVWLIKKNST
YPTIKRSYNNTNQEDLLVLWGIHHPNDAAEQTKLYQNPTTYISVGTSTLNQRLVPRIATRSKVNGQSGRMEFFWTILKPN
DAINFESNGNFIAPEYAYKIVKKGDSTIMKSELEYGNCNTKCQTPMGAINSSMPFHNIHPLTIGECPKYVKSNRLVLATG
LRNSPQRERRRKKR
;
A,C,E
2 'polypeptide(L)'
;DIVLTQSPGSLTVSLGQRATISCRASESVDNFGKSFMHWYQQKPGQSPKLLIYRASNREFGIPARFNGSGSGTDFALTIN
PVEADDVATYFCQQSNEDPRTFGGGTKLEIKRADAAPTVSIFPPSSEQLTSGGASVVCFLNNFYPKDINVKWKIDGSERQ
NGVLNSWTDQDSKDSTYSMSSTLTLTKDEYERHNSYTCEATHKTSTSPIVKSFNRNEC
;
L,I,K
3 'polypeptide(L)'
;GLFGAIAGFIEGGWQGMVDGWYGYHHSNEQGSGYAADKESTQKAIDGVTNKVNSIIDKMNTQFEAVGREFNNLERRIENL
NKKMEDGFLDVWTYNAELLVLMENERTLDFHDSNVKNLYDKVRLQLRDNAKELGNGCFEFYHKCDNECMESVRNGTYDYP
QYSEEARLKREEISSGRLVPR
;
B,D,F
4 'polypeptide(L)'
;EVHLQQSGPELVKPGASVKMSCKTSGYTFTEYTIHWMKQSHGKSLEWIGGIFPNNGDTTYNQKFKVRATLTVGRSSSTAY
MDLRSLTSEDSAVYYCVRNYGSSYGYFDVWGAGTTVTVSSAKTTPPSVYPLAPGSAAQTNSMVTLGCLVKGYFPEPVTVT
WNSGSLSSGVHTFPAVLQSDLYTLSSSVTVPSSTWPSETVTCNVAHPASSTKVDKKIVPRDC
;
H,G,J
#
# COMPACT_ATOMS: atom_id res chain seq x y z
N ASP A 2 -46.23 67.26 -9.84
CA ASP A 2 -45.68 66.74 -8.59
C ASP A 2 -45.44 65.21 -8.64
N PRO A 3 -44.30 64.75 -8.07
CA PRO A 3 -44.01 63.31 -7.94
C PRO A 3 -44.96 62.49 -7.03
N GLY A 4 -45.09 61.19 -7.26
CA GLY A 4 -45.98 60.38 -6.42
C GLY A 4 -45.07 59.52 -5.56
N ASP A 5 -45.61 58.88 -4.52
CA ASP A 5 -44.77 58.03 -3.66
C ASP A 5 -44.05 56.89 -4.39
N GLN A 6 -43.07 56.30 -3.70
CA GLN A 6 -42.26 55.21 -4.24
C GLN A 6 -41.87 54.18 -3.19
N ILE A 7 -41.76 52.93 -3.60
CA ILE A 7 -41.07 51.92 -2.79
C ILE A 7 -40.05 51.13 -3.64
N CYS A 8 -38.86 50.92 -3.07
CA CYS A 8 -37.80 50.22 -3.81
C CYS A 8 -37.38 48.94 -3.07
N ILE A 9 -36.98 47.91 -3.81
CA ILE A 9 -36.43 46.69 -3.23
C ILE A 9 -34.93 46.72 -3.51
N GLY A 10 -34.10 46.24 -2.59
CA GLY A 10 -32.67 46.48 -2.73
C GLY A 10 -31.89 45.54 -1.84
N TYR A 11 -30.58 45.75 -1.78
CA TYR A 11 -29.72 44.81 -1.09
C TYR A 11 -28.49 45.48 -0.55
N HIS A 12 -27.85 44.84 0.42
CA HIS A 12 -26.75 45.43 1.14
C HIS A 12 -25.47 45.67 0.35
N ALA A 13 -24.85 46.81 0.58
CA ALA A 13 -23.50 47.07 0.06
C ALA A 13 -22.63 47.58 1.22
N ASN A 14 -21.32 47.47 1.08
CA ASN A 14 -20.37 47.97 2.08
C ASN A 14 -18.98 48.23 1.51
N ASN A 15 -18.01 48.43 2.41
CA ASN A 15 -16.63 48.76 2.02
C ASN A 15 -15.71 47.56 2.08
N SER A 16 -16.30 46.37 2.13
CA SER A 16 -15.53 45.13 2.11
C SER A 16 -14.79 44.98 0.78
N THR A 17 -13.54 44.53 0.85
CA THR A 17 -12.77 44.10 -0.33
C THR A 17 -12.41 42.60 -0.25
N GLU A 18 -13.09 41.87 0.62
CA GLU A 18 -13.00 40.40 0.64
C GLU A 18 -13.43 39.78 -0.69
N GLN A 19 -12.72 38.74 -1.08
CA GLN A 19 -12.87 38.20 -2.43
C GLN A 19 -12.94 36.66 -2.41
N VAL A 20 -13.86 36.10 -3.19
CA VAL A 20 -14.03 34.66 -3.31
C VAL A 20 -13.94 34.28 -4.77
N ASP A 21 -13.50 33.05 -5.04
CA ASP A 21 -13.53 32.50 -6.40
C ASP A 21 -14.78 31.60 -6.72
N THR A 22 -15.12 31.46 -8.00
CA THR A 22 -16.34 30.77 -8.49
C THR A 22 -15.88 29.98 -9.73
N ILE A 23 -16.58 28.93 -10.14
CA ILE A 23 -16.14 28.17 -11.31
C ILE A 23 -16.12 29.02 -12.56
N MET A 24 -17.00 30.02 -12.61
CA MET A 24 -17.16 30.88 -13.78
C MET A 24 -16.41 32.21 -13.69
N GLU A 25 -15.96 32.55 -12.50
CA GLU A 25 -15.38 33.86 -12.27
C GLU A 25 -14.49 33.87 -11.05
N LYS A 26 -13.25 34.33 -11.19
CA LYS A 26 -12.32 34.38 -10.06
C LYS A 26 -12.32 35.81 -9.49
N ASN A 27 -11.83 35.94 -8.26
CA ASN A 27 -11.73 37.23 -7.57
C ASN A 27 -13.03 38.05 -7.58
N VAL A 28 -14.18 37.44 -7.27
CA VAL A 28 -15.43 38.17 -7.14
C VAL A 28 -15.50 38.84 -5.78
N THR A 29 -15.81 40.14 -5.77
CA THR A 29 -15.75 40.88 -4.52
C THR A 29 -17.07 40.79 -3.78
N VAL A 30 -17.00 40.42 -2.50
CA VAL A 30 -18.20 40.14 -1.72
C VAL A 30 -18.31 40.94 -0.41
N THR A 31 -19.55 41.24 -0.03
CA THR A 31 -19.85 41.91 1.24
C THR A 31 -19.31 41.25 2.48
N HIS A 32 -19.38 39.92 2.49
CA HIS A 32 -18.94 39.14 3.64
C HIS A 32 -18.38 37.80 3.19
N ALA A 33 -17.44 37.31 3.98
CA ALA A 33 -16.71 36.13 3.61
C ALA A 33 -16.23 35.43 4.85
N GLN A 34 -15.78 34.19 4.66
CA GLN A 34 -15.31 33.37 5.78
C GLN A 34 -14.12 32.53 5.35
N ASP A 35 -12.97 32.83 5.94
CA ASP A 35 -11.77 32.06 5.70
C ASP A 35 -11.89 30.74 6.45
N ILE A 36 -11.46 29.66 5.83
CA ILE A 36 -11.54 28.38 6.49
C ILE A 36 -10.18 27.71 6.40
N LEU A 37 -9.16 28.45 6.00
CA LEU A 37 -7.83 27.86 5.95
C LEU A 37 -6.86 28.52 6.96
N GLU A 38 -6.29 27.70 7.84
CA GLU A 38 -5.28 28.20 8.75
C GLU A 38 -3.89 28.11 8.14
N LYS A 39 -3.18 29.24 8.03
CA LYS A 39 -1.88 29.21 7.37
C LYS A 39 -0.74 29.50 8.34
N LYS A 40 -1.10 29.73 9.61
CA LYS A 40 -0.15 30.18 10.64
C LYS A 40 0.10 29.09 11.70
N HIS A 41 1.36 28.94 12.11
CA HIS A 41 1.79 28.17 13.27
C HIS A 41 2.78 28.93 14.10
N ASN A 42 3.19 28.37 15.25
CA ASN A 42 4.02 29.12 16.18
C ASN A 42 5.51 28.77 16.27
N GLY A 43 5.96 27.84 15.43
CA GLY A 43 7.37 27.49 15.36
C GLY A 43 7.98 26.77 16.54
N LYS A 44 7.17 26.21 17.45
CA LYS A 44 7.73 25.52 18.61
C LYS A 44 7.24 24.07 18.74
N LEU A 45 8.02 23.22 19.40
CA LEU A 45 7.51 21.91 19.82
C LEU A 45 6.94 22.05 21.20
N CYS A 46 5.72 21.58 21.41
CA CYS A 46 5.04 21.77 22.68
C CYS A 46 4.53 20.54 23.38
N ASP A 47 4.26 20.68 24.67
CA ASP A 47 3.37 19.78 25.39
C ASP A 47 2.15 19.60 24.51
N LEU A 48 1.65 18.37 24.51
CA LEU A 48 0.42 18.11 23.80
C LEU A 48 -0.70 18.23 24.83
N ASP A 49 -1.55 17.25 25.09
CA ASP A 49 -2.73 17.69 25.82
C ASP A 49 -2.30 18.10 27.22
N GLY A 50 -1.33 17.40 27.79
CA GLY A 50 -0.83 17.78 29.10
C GLY A 50 0.66 17.55 29.04
N VAL A 51 0.99 16.57 28.22
CA VAL A 51 2.18 15.79 28.30
C VAL A 51 3.34 16.21 27.41
N LYS A 52 4.44 16.62 28.03
CA LYS A 52 5.66 16.92 27.30
C LYS A 52 6.13 15.72 26.53
N PRO A 53 6.57 15.97 25.29
CA PRO A 53 7.11 14.94 24.42
C PRO A 53 8.48 14.52 24.83
N LEU A 54 8.88 13.33 24.43
CA LEU A 54 10.24 12.91 24.60
C LEU A 54 11.02 13.52 23.47
N ILE A 55 11.67 14.64 23.70
CA ILE A 55 12.52 15.19 22.67
C ILE A 55 13.93 14.66 22.83
N LEU A 56 14.28 13.59 22.11
CA LEU A 56 15.67 13.15 21.93
C LEU A 56 16.46 14.29 21.27
N ARG A 57 17.70 14.51 21.64
CA ARG A 57 18.37 15.67 21.05
C ARG A 57 19.25 15.24 19.89
N ASP A 58 20.50 14.95 20.20
CA ASP A 58 21.41 14.36 19.26
C ASP A 58 21.40 12.86 19.39
N CYS A 59 20.43 12.31 20.13
CA CYS A 59 20.33 10.88 20.14
C CYS A 59 19.34 10.37 19.11
N SER A 60 19.58 9.14 18.65
CA SER A 60 18.63 8.41 17.84
C SER A 60 17.75 7.54 18.69
N VAL A 61 16.70 7.01 18.10
CA VAL A 61 15.82 6.09 18.81
C VAL A 61 16.58 4.83 19.18
N ALA A 62 17.47 4.39 18.29
CA ALA A 62 18.28 3.21 18.57
C ALA A 62 19.18 3.54 19.76
N GLY A 63 19.94 4.62 19.60
CA GLY A 63 20.78 5.17 20.64
C GLY A 63 20.10 5.23 21.98
N TRP A 64 18.83 5.61 21.99
CA TRP A 64 18.18 5.76 23.26
C TRP A 64 17.86 4.39 23.84
N LEU A 65 17.24 3.53 23.06
CA LEU A 65 16.80 2.23 23.57
C LEU A 65 17.97 1.34 23.95
N LEU A 66 19.01 1.34 23.13
CA LEU A 66 20.18 0.55 23.46
C LEU A 66 21.00 1.25 24.55
N GLY A 67 20.91 2.57 24.60
CA GLY A 67 21.54 3.32 25.67
C GLY A 67 22.99 3.64 25.34
N ASN A 68 23.20 4.18 24.14
CA ASN A 68 24.46 4.82 23.80
C ASN A 68 24.82 5.74 24.96
N PRO A 69 26.07 5.63 25.44
CA PRO A 69 26.61 6.44 26.53
C PRO A 69 26.39 7.96 26.37
N MET A 70 26.38 8.43 25.15
CA MET A 70 26.17 9.85 24.92
C MET A 70 24.71 10.20 25.13
N CYS A 71 23.88 9.18 25.32
CA CYS A 71 22.45 9.41 25.52
C CYS A 71 21.98 9.24 26.96
N ASP A 72 22.87 9.47 27.91
CA ASP A 72 22.54 9.19 29.30
C ASP A 72 21.35 10.05 29.78
N GLU A 73 21.18 11.24 29.18
CA GLU A 73 20.10 12.12 29.59
C GLU A 73 18.74 11.44 29.60
N PHE A 74 18.63 10.38 28.81
CA PHE A 74 17.37 9.72 28.50
C PHE A 74 17.30 8.37 29.17
N ILE A 75 18.12 8.20 30.21
CA ILE A 75 18.18 6.92 30.92
C ILE A 75 16.82 6.47 31.47
N ASN A 76 16.03 7.38 32.03
CA ASN A 76 14.75 6.99 32.62
C ASN A 76 13.59 7.96 32.45
N VAL A 77 12.96 7.89 31.29
CA VAL A 77 12.04 8.91 30.85
C VAL A 77 10.60 8.64 31.33
N PRO A 78 9.91 9.72 31.69
CA PRO A 78 8.52 9.85 32.13
C PRO A 78 7.56 9.62 30.99
N GLU A 79 6.27 9.44 31.27
CA GLU A 79 5.29 9.26 30.20
C GLU A 79 5.38 10.47 29.23
N TRP A 80 5.26 10.19 27.94
CA TRP A 80 5.48 11.15 26.87
C TRP A 80 4.24 11.17 25.98
N SER A 81 4.11 12.21 25.17
CA SER A 81 2.97 12.31 24.27
C SER A 81 3.37 11.97 22.81
N TYR A 82 4.53 12.48 22.37
CA TYR A 82 5.13 12.04 21.12
C TYR A 82 6.65 12.04 21.20
N ILE A 83 7.31 11.33 20.31
CA ILE A 83 8.77 11.36 20.31
C ILE A 83 9.27 12.26 19.21
N VAL A 84 10.32 13.02 19.46
CA VAL A 84 10.91 13.84 18.41
C VAL A 84 12.35 13.45 18.15
N GLU A 85 12.68 13.17 16.89
CA GLU A 85 14.01 12.64 16.50
C GLU A 85 14.54 13.45 15.34
N LYS A 86 15.81 13.78 15.39
CA LYS A 86 16.41 14.56 14.31
C LYS A 86 16.63 13.70 13.06
N ALA A 87 16.90 14.39 11.95
CA ALA A 87 17.04 13.70 10.68
C ALA A 87 18.24 12.79 10.73
N ASN A 88 19.34 13.31 11.25
CA ASN A 88 20.58 12.54 11.35
C ASN A 88 21.21 12.66 12.70
N PRO A 89 20.68 11.93 13.69
CA PRO A 89 21.21 11.88 15.04
C PRO A 89 22.67 11.58 15.00
N VAL A 90 23.47 12.43 15.64
CA VAL A 90 24.91 12.24 15.72
C VAL A 90 25.28 10.96 16.54
N ASN A 91 24.45 10.67 17.55
CA ASN A 91 24.66 9.58 18.50
C ASN A 91 23.70 8.44 18.26
N ASP A 92 24.14 7.46 17.49
CA ASP A 92 23.28 6.38 17.03
C ASP A 92 23.96 5.09 17.44
N LEU A 93 24.47 4.33 16.50
CA LEU A 93 25.15 3.11 16.86
C LEU A 93 26.64 3.38 16.94
N CYS A 94 27.10 3.93 18.05
CA CYS A 94 28.49 4.31 18.17
C CYS A 94 29.47 3.21 17.67
N TYR A 95 29.26 1.98 18.12
CA TYR A 95 29.91 0.82 17.53
C TYR A 95 29.12 0.39 16.35
N PRO A 96 29.74 0.46 15.17
CA PRO A 96 28.96 0.23 13.96
C PRO A 96 28.28 -1.13 13.98
N GLY A 97 27.19 -1.20 13.24
CA GLY A 97 26.39 -2.41 13.20
C GLY A 97 25.04 -2.20 12.57
N ASP A 98 24.04 -2.85 13.16
CA ASP A 98 22.75 -3.03 12.51
C ASP A 98 21.72 -3.37 13.59
N PHE A 99 20.47 -2.98 13.37
CA PHE A 99 19.44 -3.11 14.40
C PHE A 99 18.30 -3.84 13.71
N ASN A 100 18.03 -5.08 14.14
CA ASN A 100 17.10 -5.95 13.42
C ASN A 100 15.68 -5.47 13.48
N ASP A 101 14.95 -5.55 12.38
CA ASP A 101 13.57 -5.10 12.33
C ASP A 101 13.36 -3.77 13.03
N TYR A 102 14.29 -2.86 12.84
CA TYR A 102 14.32 -1.56 13.51
C TYR A 102 13.08 -0.77 13.19
N GLU A 103 12.64 -0.84 11.93
CA GLU A 103 11.47 -0.11 11.50
C GLU A 103 10.20 -0.73 12.10
N GLU A 104 10.12 -2.05 12.22
CA GLU A 104 8.91 -2.63 12.85
C GLU A 104 8.79 -2.23 14.31
N LEU A 105 9.95 -2.03 14.92
CA LEU A 105 10.04 -1.61 16.31
C LEU A 105 9.69 -0.13 16.46
N LYS A 106 10.14 0.71 15.53
CA LYS A 106 9.78 2.14 15.59
C LYS A 106 8.26 2.22 15.48
N HIS A 107 7.68 1.31 14.72
CA HIS A 107 6.25 1.29 14.60
C HIS A 107 5.62 0.97 15.95
N LEU A 108 6.20 0.03 16.69
CA LEU A 108 5.70 -0.27 18.04
C LEU A 108 5.68 0.95 18.94
N LEU A 109 6.70 1.80 18.85
CA LEU A 109 6.76 3.01 19.66
C LEU A 109 5.63 3.97 19.39
N SER A 110 5.09 3.92 18.19
CA SER A 110 3.94 4.77 17.91
C SER A 110 2.72 4.44 18.80
N ARG A 111 2.72 3.29 19.44
CA ARG A 111 1.67 2.95 20.39
C ARG A 111 2.05 2.99 21.88
N ILE A 112 3.24 3.47 22.18
CA ILE A 112 3.66 3.47 23.55
C ILE A 112 3.87 4.89 24.09
N ASN A 113 3.34 5.11 25.28
CA ASN A 113 3.40 6.38 25.96
C ASN A 113 4.27 6.38 27.22
N HIS A 114 4.67 5.19 27.70
CA HIS A 114 5.54 5.10 28.87
C HIS A 114 6.27 3.79 29.05
N PHE A 115 7.60 3.90 29.11
CA PHE A 115 8.47 2.81 29.55
C PHE A 115 8.84 3.04 30.98
N GLU A 116 8.94 1.94 31.73
CA GLU A 116 9.72 1.89 32.96
C GLU A 116 10.85 0.89 32.74
N LYS A 117 12.09 1.36 32.84
CA LYS A 117 13.23 0.51 32.56
C LYS A 117 13.50 -0.41 33.75
N ILE A 118 13.59 -1.73 33.55
CA ILE A 118 13.95 -2.58 34.68
C ILE A 118 15.17 -3.47 34.37
N GLN A 119 15.87 -3.88 35.41
CA GLN A 119 17.00 -4.81 35.28
C GLN A 119 16.50 -6.24 35.34
N ILE A 120 16.83 -7.07 34.34
CA ILE A 120 16.34 -8.45 34.33
C ILE A 120 17.51 -9.43 34.44
N ILE A 121 18.69 -9.01 33.99
CA ILE A 121 19.94 -9.74 34.21
C ILE A 121 20.97 -8.74 34.72
N PRO A 122 21.27 -8.76 36.03
CA PRO A 122 22.20 -7.75 36.58
C PRO A 122 23.60 -7.93 36.02
N LYS A 123 24.31 -6.83 35.78
CA LYS A 123 25.66 -6.92 35.24
C LYS A 123 26.55 -7.71 36.19
N SER A 124 26.30 -7.49 37.46
CA SER A 124 27.04 -8.14 38.54
C SER A 124 26.88 -9.67 38.66
N SER A 125 25.84 -10.23 38.06
CA SER A 125 25.51 -11.64 38.23
C SER A 125 26.36 -12.54 37.30
N TRP A 126 27.25 -11.95 36.51
CA TRP A 126 28.04 -12.74 35.55
C TRP A 126 29.32 -13.23 36.18
N SER A 127 29.23 -14.41 36.81
CA SER A 127 30.32 -14.90 37.63
C SER A 127 31.47 -15.45 36.82
N SER A 128 31.15 -16.37 35.93
CA SER A 128 32.18 -17.01 35.13
C SER A 128 32.50 -16.33 33.78
N HIS A 129 32.12 -15.05 33.63
CA HIS A 129 32.53 -14.24 32.46
C HIS A 129 32.90 -12.80 32.81
N GLU A 130 33.86 -12.19 32.12
CA GLU A 130 34.14 -10.77 32.39
C GLU A 130 33.07 -9.84 31.81
N ALA A 131 32.54 -8.98 32.67
CA ALA A 131 31.47 -8.08 32.30
C ALA A 131 31.95 -6.64 32.23
N SER A 132 33.09 -6.37 32.82
CA SER A 132 33.55 -5.00 32.83
C SER A 132 34.57 -4.76 31.74
N LEU A 133 34.82 -5.77 30.91
CA LEU A 133 35.87 -5.63 29.90
C LEU A 133 35.21 -5.40 28.56
N GLY A 134 33.90 -5.21 28.61
CA GLY A 134 33.15 -5.18 27.38
C GLY A 134 32.95 -3.76 26.89
N VAL A 135 34.05 -3.18 26.40
CA VAL A 135 34.12 -1.73 26.25
C VAL A 135 34.87 -1.45 24.94
N SER A 136 34.74 -0.24 24.40
CA SER A 136 35.30 0.01 23.09
C SER A 136 35.57 1.47 22.83
N SER A 137 36.64 1.73 22.09
CA SER A 137 36.99 3.09 21.69
C SER A 137 35.93 3.76 20.83
N ALA A 138 35.12 2.97 20.15
CA ALA A 138 34.00 3.49 19.36
C ALA A 138 32.90 4.17 20.17
N CYS A 139 32.83 3.92 21.48
CA CYS A 139 31.79 4.52 22.34
C CYS A 139 32.38 5.31 23.48
N PRO A 140 33.02 6.45 23.18
CA PRO A 140 33.63 7.26 24.23
C PRO A 140 32.56 7.87 25.08
N TYR A 141 32.78 7.86 26.39
CA TYR A 141 31.91 8.59 27.29
C TYR A 141 32.51 9.96 27.65
N GLN A 142 33.69 9.95 28.26
CA GLN A 142 34.41 11.21 28.44
C GLN A 142 35.87 10.90 28.61
N GLY A 143 36.53 10.63 27.50
CA GLY A 143 37.85 10.04 27.58
C GLY A 143 37.57 8.56 27.65
N LYS A 144 37.55 8.02 28.85
CA LYS A 144 37.13 6.64 29.13
C LYS A 144 36.17 6.10 28.08
N SER A 145 36.69 5.20 27.25
CA SER A 145 35.91 4.56 26.20
C SER A 145 34.89 3.59 26.79
N SER A 146 33.66 3.56 26.27
CA SER A 146 32.57 2.93 27.00
C SER A 146 31.76 1.91 26.15
N PHE A 147 30.46 1.81 26.43
CA PHE A 147 29.54 0.94 25.69
C PHE A 147 28.08 1.22 26.01
N PHE A 148 27.21 0.68 25.17
CA PHE A 148 25.77 0.66 25.43
C PHE A 148 25.50 0.26 26.88
N ARG A 149 24.75 1.11 27.57
CA ARG A 149 24.46 0.93 29.00
C ARG A 149 23.46 -0.17 29.31
N ASN A 150 22.61 -0.51 28.33
CA ASN A 150 21.52 -1.41 28.62
C ASN A 150 21.83 -2.86 28.30
N VAL A 151 23.01 -3.09 27.76
CA VAL A 151 23.46 -4.44 27.48
C VAL A 151 24.92 -4.63 27.84
N VAL A 152 25.26 -5.87 28.18
CA VAL A 152 26.60 -6.15 28.62
C VAL A 152 27.38 -6.84 27.53
N TRP A 153 28.59 -6.38 27.22
CA TRP A 153 29.42 -7.11 26.26
C TRP A 153 30.25 -8.18 26.95
N LEU A 154 29.71 -9.39 27.05
CA LEU A 154 30.40 -10.42 27.82
C LEU A 154 31.60 -10.94 27.03
N ILE A 155 32.65 -11.33 27.77
CA ILE A 155 33.97 -11.66 27.25
C ILE A 155 34.60 -12.77 28.09
N LYS A 156 35.61 -13.47 27.54
CA LYS A 156 36.16 -14.64 28.23
C LYS A 156 36.83 -14.29 29.56
N LYS A 157 36.59 -15.12 30.57
CA LYS A 157 37.23 -14.92 31.86
C LYS A 157 38.19 -16.07 32.08
N ASN A 158 39.33 -15.72 32.64
CA ASN A 158 40.48 -16.61 32.64
C ASN A 158 40.77 -16.93 31.18
N SER A 159 41.11 -18.16 30.84
CA SER A 159 41.29 -18.41 29.42
C SER A 159 40.03 -18.87 28.70
N THR A 160 38.87 -18.86 29.36
CA THR A 160 37.75 -19.68 28.85
C THR A 160 36.38 -18.95 28.76
N TYR A 161 35.44 -19.58 28.04
CA TYR A 161 34.10 -19.01 27.80
C TYR A 161 33.07 -20.13 27.92
N PRO A 162 32.61 -20.41 29.14
CA PRO A 162 31.63 -21.45 29.47
C PRO A 162 30.31 -21.27 28.72
N THR A 163 29.60 -22.36 28.43
CA THR A 163 28.27 -22.24 27.83
C THR A 163 27.38 -21.44 28.80
N ILE A 164 26.83 -20.31 28.35
CA ILE A 164 25.87 -19.56 29.15
C ILE A 164 24.45 -20.15 29.03
N LYS A 165 23.74 -20.29 30.13
CA LYS A 165 22.35 -20.73 30.14
C LYS A 165 21.62 -19.90 31.17
N ARG A 166 21.03 -18.81 30.72
CA ARG A 166 20.38 -17.86 31.61
C ARG A 166 18.94 -17.68 31.12
N SER A 167 17.98 -17.45 32.01
CA SER A 167 16.62 -17.17 31.55
C SER A 167 15.83 -16.27 32.52
N TYR A 168 15.01 -15.39 31.95
CA TYR A 168 14.21 -14.45 32.74
C TYR A 168 12.73 -14.77 32.53
N ASN A 169 11.95 -14.73 33.59
CA ASN A 169 10.55 -15.04 33.50
C ASN A 169 9.84 -13.74 33.79
N ASN A 170 8.80 -13.46 33.01
CA ASN A 170 8.14 -12.17 33.08
C ASN A 170 7.00 -12.19 34.10
N THR A 171 7.39 -12.04 35.35
CA THR A 171 6.49 -12.02 36.47
C THR A 171 5.68 -10.73 36.59
N ASN A 172 5.99 -9.73 35.77
CA ASN A 172 5.19 -8.52 35.70
C ASN A 172 3.83 -8.76 35.07
N GLN A 173 3.02 -7.71 35.01
CA GLN A 173 1.67 -7.77 34.46
C GLN A 173 1.62 -7.20 33.05
N GLU A 174 2.73 -6.60 32.65
CA GLU A 174 2.76 -5.87 31.40
C GLU A 174 3.81 -6.46 30.46
N ASP A 175 3.58 -6.25 29.17
CA ASP A 175 4.52 -6.69 28.15
C ASP A 175 5.90 -6.14 28.44
N LEU A 176 6.93 -6.91 28.09
CA LEU A 176 8.27 -6.49 28.40
C LEU A 176 9.10 -6.47 27.08
N LEU A 177 9.72 -5.34 26.75
CA LEU A 177 10.59 -5.19 25.57
C LEU A 177 12.02 -5.60 25.90
N VAL A 178 12.49 -6.71 25.34
CA VAL A 178 13.85 -7.19 25.65
C VAL A 178 14.84 -6.96 24.51
N LEU A 179 16.02 -6.44 24.82
CA LEU A 179 17.04 -6.22 23.79
C LEU A 179 18.30 -7.02 24.02
N TRP A 180 18.92 -7.49 22.93
CA TRP A 180 20.22 -8.16 22.99
C TRP A 180 20.99 -8.08 21.69
N GLY A 181 22.17 -8.65 21.66
CA GLY A 181 22.98 -8.54 20.46
C GLY A 181 24.00 -9.63 20.19
N ILE A 182 24.59 -9.57 19.01
CA ILE A 182 25.65 -10.49 18.66
C ILE A 182 26.85 -9.67 18.14
N HIS A 183 28.07 -10.13 18.44
CA HIS A 183 29.28 -9.49 17.91
C HIS A 183 29.82 -10.22 16.69
N HIS A 184 29.94 -9.45 15.61
CA HIS A 184 30.58 -9.93 14.41
C HIS A 184 32.01 -9.42 14.30
N PRO A 185 32.99 -10.32 14.51
CA PRO A 185 34.39 -9.88 14.53
C PRO A 185 35.03 -9.79 13.13
N ASN A 186 36.23 -9.22 13.10
CA ASN A 186 37.03 -9.06 11.89
C ASN A 186 37.60 -10.33 11.25
N ASP A 187 38.12 -11.21 12.11
CA ASP A 187 38.83 -12.41 11.66
C ASP A 187 38.86 -13.51 12.73
N ALA A 188 39.32 -14.71 12.37
CA ALA A 188 39.37 -15.83 13.30
C ALA A 188 40.23 -15.50 14.51
N ALA A 189 41.27 -14.71 14.26
CA ALA A 189 42.17 -14.24 15.30
C ALA A 189 41.51 -13.50 16.46
N GLU A 190 40.75 -12.45 16.12
CA GLU A 190 40.06 -11.60 17.08
C GLU A 190 38.94 -12.41 17.76
N GLN A 191 38.36 -13.36 17.02
CA GLN A 191 37.28 -14.20 17.57
C GLN A 191 37.87 -14.92 18.74
N THR A 192 39.03 -15.49 18.50
CA THR A 192 39.66 -16.30 19.50
C THR A 192 40.29 -15.38 20.58
N LYS A 193 40.94 -14.29 20.22
CA LYS A 193 41.37 -13.28 21.21
C LYS A 193 40.32 -12.85 22.30
N LEU A 194 39.04 -12.62 21.93
CA LEU A 194 38.02 -12.09 22.87
C LEU A 194 37.11 -13.11 23.55
N TYR A 195 36.95 -14.26 22.93
CA TYR A 195 36.02 -15.30 23.34
C TYR A 195 37.06 -16.38 23.13
N GLN A 196 36.75 -17.65 23.20
CA GLN A 196 37.87 -18.58 23.04
C GLN A 196 37.49 -19.49 21.89
N ASN A 197 36.31 -20.02 22.04
CA ASN A 197 35.71 -21.02 21.20
C ASN A 197 35.52 -20.43 19.81
N PRO A 198 36.00 -21.15 18.79
CA PRO A 198 36.06 -20.66 17.41
C PRO A 198 34.70 -20.81 16.72
N THR A 199 33.87 -21.74 17.18
CA THR A 199 32.58 -22.00 16.56
C THR A 199 31.54 -21.78 17.63
N THR A 200 30.86 -20.64 17.51
CA THR A 200 29.93 -20.14 18.52
C THR A 200 28.53 -19.87 17.97
N TYR A 201 27.62 -19.49 18.85
CA TYR A 201 26.22 -19.38 18.48
C TYR A 201 25.48 -18.71 19.65
N ILE A 202 24.34 -18.07 19.39
CA ILE A 202 23.45 -17.64 20.46
C ILE A 202 22.03 -18.15 20.19
N SER A 203 21.45 -18.92 21.11
CA SER A 203 20.09 -19.39 20.89
C SER A 203 19.17 -18.72 21.90
N VAL A 204 18.01 -18.30 21.40
CA VAL A 204 17.01 -17.54 22.15
C VAL A 204 15.65 -18.15 21.84
N GLY A 205 14.87 -18.35 22.90
CA GLY A 205 13.59 -19.02 22.79
C GLY A 205 12.55 -18.38 23.68
N THR A 206 11.33 -18.34 23.18
CA THR A 206 10.22 -17.83 23.95
C THR A 206 9.12 -18.84 23.67
N SER A 207 7.90 -18.55 24.07
CA SER A 207 6.76 -19.30 23.63
C SER A 207 6.55 -19.14 22.11
N THR A 208 7.13 -18.06 21.55
CA THR A 208 6.98 -17.76 20.13
C THR A 208 8.29 -17.70 19.33
N LEU A 209 9.37 -17.36 20.01
CA LEU A 209 10.67 -17.16 19.39
C LEU A 209 11.50 -18.42 19.28
N ASN A 210 12.20 -18.55 18.16
CA ASN A 210 13.08 -19.68 17.94
C ASN A 210 14.33 -19.18 17.20
N GLN A 211 15.14 -18.38 17.87
CA GLN A 211 16.30 -17.79 17.18
C GLN A 211 17.59 -18.49 17.50
N ARG A 212 18.36 -18.81 16.46
CA ARG A 212 19.75 -19.21 16.67
C ARG A 212 20.71 -18.39 15.83
N LEU A 213 21.35 -17.41 16.46
CA LEU A 213 22.24 -16.51 15.79
C LEU A 213 23.64 -17.08 15.73
N VAL A 214 24.34 -16.81 14.64
CA VAL A 214 25.68 -17.33 14.46
C VAL A 214 26.57 -16.18 14.01
N PRO A 215 27.67 -15.92 14.73
CA PRO A 215 28.53 -14.81 14.34
C PRO A 215 29.08 -14.96 12.94
N ARG A 216 29.31 -13.83 12.29
CA ARG A 216 29.66 -13.87 10.88
C ARG A 216 30.95 -13.10 10.65
N ILE A 217 32.00 -13.79 10.15
CA ILE A 217 33.24 -13.07 9.89
C ILE A 217 33.37 -12.69 8.41
N ALA A 218 33.93 -11.50 8.20
CA ALA A 218 34.07 -10.84 6.89
C ALA A 218 34.93 -9.58 7.08
N THR A 219 35.61 -9.13 6.03
CA THR A 219 36.52 -8.03 6.16
C THR A 219 35.76 -6.81 5.69
N ARG A 220 35.65 -5.81 6.55
CA ARG A 220 34.74 -4.69 6.31
C ARG A 220 35.45 -3.38 6.57
N SER A 221 35.00 -2.31 5.91
CA SER A 221 35.57 -0.98 6.11
C SER A 221 35.37 -0.52 7.53
N LYS A 222 36.31 0.28 8.03
CA LYS A 222 36.18 0.79 9.39
C LYS A 222 35.08 1.83 9.42
N VAL A 223 34.29 1.82 10.49
CA VAL A 223 33.29 2.85 10.73
C VAL A 223 33.40 3.22 12.22
N ASN A 224 33.59 4.50 12.55
CA ASN A 224 34.01 4.86 13.92
C ASN A 224 35.19 4.01 14.41
N GLY A 225 36.13 3.80 13.50
CA GLY A 225 37.33 3.06 13.84
C GLY A 225 37.17 1.58 13.98
N GLN A 226 35.95 1.08 13.82
CA GLN A 226 35.75 -0.36 13.96
C GLN A 226 35.39 -1.02 12.65
N SER A 227 36.10 -2.10 12.34
CA SER A 227 35.76 -2.95 11.20
C SER A 227 34.83 -4.09 11.59
N GLY A 228 34.64 -4.28 12.89
CA GLY A 228 33.69 -5.25 13.41
C GLY A 228 32.29 -4.67 13.34
N ARG A 229 31.30 -5.53 13.54
CA ARG A 229 29.92 -5.05 13.51
C ARG A 229 29.15 -5.66 14.65
N MET A 230 28.13 -4.94 15.11
CA MET A 230 27.33 -5.39 16.24
C MET A 230 25.90 -5.45 15.74
N GLU A 231 25.19 -6.55 16.00
CA GLU A 231 23.84 -6.66 15.43
C GLU A 231 22.82 -6.94 16.50
N PHE A 232 21.90 -6.01 16.72
CA PHE A 232 21.00 -6.14 17.86
C PHE A 232 19.67 -6.68 17.43
N PHE A 233 19.00 -7.39 18.34
CA PHE A 233 17.71 -8.04 18.08
C PHE A 233 16.76 -7.74 19.23
N TRP A 234 15.48 -8.08 19.07
CA TRP A 234 14.53 -7.79 20.12
C TRP A 234 13.28 -8.66 20.00
N THR A 235 12.52 -8.70 21.07
CA THR A 235 11.24 -9.39 21.12
C THR A 235 10.41 -8.77 22.21
N ILE A 236 9.11 -9.02 22.14
CA ILE A 236 8.18 -8.62 23.16
C ILE A 236 7.80 -9.83 23.95
N LEU A 237 8.13 -9.81 25.24
CA LEU A 237 7.99 -10.99 26.08
C LEU A 237 6.75 -10.80 26.91
N LYS A 238 5.74 -11.60 26.60
CA LYS A 238 4.42 -11.43 27.17
C LYS A 238 4.46 -11.69 28.70
N PRO A 239 3.50 -11.14 29.45
CA PRO A 239 3.46 -11.48 30.87
C PRO A 239 3.25 -12.98 31.09
N ASN A 240 3.98 -13.56 32.05
CA ASN A 240 3.92 -14.98 32.44
C ASN A 240 4.68 -15.86 31.49
N ASP A 241 5.43 -15.24 30.62
CA ASP A 241 6.19 -16.00 29.66
C ASP A 241 7.67 -15.83 29.95
N ALA A 242 8.52 -16.71 29.42
CA ALA A 242 9.94 -16.53 29.68
C ALA A 242 10.80 -16.54 28.42
N ILE A 243 11.96 -15.91 28.53
CA ILE A 243 12.93 -15.86 27.45
C ILE A 243 14.18 -16.60 27.87
N ASN A 244 14.66 -17.48 27.00
CA ASN A 244 15.79 -18.33 27.35
C ASN A 244 16.99 -18.11 26.45
N PHE A 245 18.10 -17.60 26.99
CA PHE A 245 19.31 -17.47 26.18
C PHE A 245 20.25 -18.67 26.40
N GLU A 246 21.04 -19.00 25.39
CA GLU A 246 22.14 -19.91 25.52
C GLU A 246 23.22 -19.46 24.58
N SER A 247 24.46 -19.45 25.03
CA SER A 247 25.54 -18.98 24.19
C SER A 247 26.91 -19.43 24.61
N ASN A 248 27.80 -19.21 23.67
CA ASN A 248 28.98 -19.97 23.61
C ASN A 248 30.08 -19.02 23.16
N GLY A 249 29.68 -17.75 23.00
CA GLY A 249 30.54 -16.73 22.45
C GLY A 249 29.83 -15.64 21.65
N ASN A 250 30.47 -14.47 21.60
CA ASN A 250 30.01 -13.33 20.81
C ASN A 250 28.65 -12.85 21.31
N PHE A 251 28.23 -13.29 22.48
CA PHE A 251 26.94 -12.89 23.02
C PHE A 251 27.11 -11.52 23.66
N ILE A 252 26.19 -10.61 23.36
CA ILE A 252 26.05 -9.33 24.04
C ILE A 252 24.74 -9.42 24.80
N ALA A 253 24.83 -9.61 26.11
CA ALA A 253 23.69 -10.00 26.93
C ALA A 253 22.84 -8.80 27.42
N PRO A 254 21.54 -9.04 27.66
CA PRO A 254 20.72 -7.97 28.22
C PRO A 254 21.13 -7.56 29.66
N GLU A 255 21.08 -6.28 30.01
CA GLU A 255 21.04 -5.94 31.44
C GLU A 255 19.70 -5.35 31.82
N TYR A 256 19.35 -4.29 31.09
CA TYR A 256 18.09 -3.59 31.29
C TYR A 256 17.17 -3.91 30.14
N ALA A 257 15.89 -3.95 30.46
CA ALA A 257 14.79 -4.11 29.50
C ALA A 257 13.62 -3.17 29.84
N TYR A 258 12.62 -3.09 28.96
CA TYR A 258 11.55 -2.10 29.10
C TYR A 258 10.13 -2.69 29.34
N LYS A 259 9.54 -2.34 30.48
CA LYS A 259 8.13 -2.62 30.70
C LYS A 259 7.30 -1.64 29.91
N ILE A 260 6.31 -2.17 29.21
CA ILE A 260 5.41 -1.33 28.46
C ILE A 260 4.31 -0.94 29.40
N VAL A 261 4.49 0.23 30.02
CA VAL A 261 3.63 0.60 31.13
C VAL A 261 2.29 1.14 30.73
N LYS A 262 2.24 1.99 29.72
CA LYS A 262 0.96 2.36 29.16
C LYS A 262 1.11 2.61 27.68
N LYS A 263 0.08 2.20 26.96
CA LYS A 263 -0.05 2.24 25.51
C LYS A 263 -1.08 3.28 25.12
N GLY A 264 -0.93 3.86 23.94
CA GLY A 264 -1.84 4.87 23.43
C GLY A 264 -1.38 5.47 22.12
N ASP A 265 -2.02 6.55 21.67
CA ASP A 265 -1.62 7.26 20.44
C ASP A 265 -0.33 8.01 20.68
N SER A 266 0.65 7.78 19.84
CA SER A 266 1.79 8.70 19.73
C SER A 266 2.36 8.54 18.35
N THR A 267 3.48 9.21 18.11
CA THR A 267 4.10 9.21 16.80
C THR A 267 5.54 9.53 17.02
N ILE A 268 6.41 9.22 16.05
CA ILE A 268 7.79 9.69 16.09
C ILE A 268 7.91 10.80 15.04
N MET A 269 7.84 12.06 15.48
CA MET A 269 8.04 13.17 14.56
C MET A 269 9.50 13.38 14.15
N LYS A 270 9.71 13.77 12.89
CA LYS A 270 11.04 14.13 12.46
C LYS A 270 11.00 15.63 12.41
N SER A 271 11.74 16.24 13.33
CA SER A 271 11.90 17.70 13.41
C SER A 271 13.25 18.05 14.01
N GLU A 272 13.88 19.11 13.49
CA GLU A 272 15.11 19.59 14.13
C GLU A 272 14.90 20.46 15.36
N LEU A 273 13.69 20.95 15.57
CA LEU A 273 13.44 21.82 16.71
C LEU A 273 13.56 21.19 18.13
N GLU A 274 13.57 22.08 19.13
CA GLU A 274 13.71 21.74 20.55
C GLU A 274 12.45 22.24 21.27
N TYR A 275 12.32 21.88 22.55
CA TYR A 275 11.18 22.31 23.37
C TYR A 275 10.93 23.83 23.59
N GLY A 276 9.68 24.21 23.36
CA GLY A 276 9.16 25.58 23.36
C GLY A 276 8.33 26.12 24.53
N ASN A 277 8.20 25.39 25.63
CA ASN A 277 7.41 25.84 26.79
C ASN A 277 5.98 26.26 26.57
N CYS A 278 5.19 25.42 25.92
CA CYS A 278 3.85 25.82 25.51
C CYS A 278 2.96 24.59 25.44
N ASN A 279 1.70 24.80 25.07
CA ASN A 279 0.75 23.72 25.04
C ASN A 279 -0.14 23.81 23.80
N THR A 280 -0.55 22.67 23.25
CA THR A 280 -1.60 22.58 22.21
C THR A 280 -2.39 21.30 22.18
N LYS A 281 -3.48 21.34 21.42
CA LYS A 281 -4.22 20.15 21.03
C LYS A 281 -3.68 19.63 19.72
N CYS A 282 -2.81 20.43 19.10
CA CYS A 282 -2.27 20.06 17.79
C CYS A 282 -0.83 20.48 17.49
N GLN A 283 -0.01 19.48 17.17
CA GLN A 283 1.41 19.76 16.98
C GLN A 283 1.89 19.33 15.61
N THR A 284 2.76 20.16 15.05
CA THR A 284 3.31 19.96 13.72
C THR A 284 4.82 20.03 13.80
N PRO A 285 5.52 19.27 12.96
CA PRO A 285 6.97 19.31 12.90
C PRO A 285 7.53 20.70 12.65
N MET A 286 6.74 21.63 12.12
CA MET A 286 7.24 23.00 11.96
C MET A 286 6.78 23.91 13.09
N GLY A 287 5.88 23.42 13.93
CA GLY A 287 5.31 24.20 15.02
C GLY A 287 3.88 23.89 15.39
N ALA A 288 3.42 24.39 16.54
CA ALA A 288 2.09 24.07 17.06
C ALA A 288 1.00 24.91 16.40
N ILE A 289 -0.20 24.37 16.38
CA ILE A 289 -1.35 25.08 15.84
C ILE A 289 -2.45 25.38 16.83
N ASN A 290 -2.95 26.59 16.78
CA ASN A 290 -3.99 27.00 17.69
C ASN A 290 -5.12 27.62 16.87
N SER A 291 -6.07 26.82 16.41
CA SER A 291 -7.00 27.31 15.39
C SER A 291 -8.31 26.57 15.47
N SER A 292 -9.37 27.32 15.17
CA SER A 292 -10.70 26.78 14.93
C SER A 292 -10.96 26.43 13.49
N MET A 293 -10.03 26.75 12.60
CA MET A 293 -10.30 26.62 11.16
C MET A 293 -10.51 25.13 10.81
N PRO A 294 -11.33 24.82 9.79
CA PRO A 294 -11.43 23.42 9.37
C PRO A 294 -10.20 22.86 8.66
N PHE A 295 -9.46 23.73 7.97
CA PHE A 295 -8.28 23.33 7.22
C PHE A 295 -6.98 24.00 7.64
N HIS A 296 -5.86 23.34 7.35
CA HIS A 296 -4.56 24.02 7.40
C HIS A 296 -3.65 23.47 6.30
N ASN A 297 -2.58 24.20 6.01
CA ASN A 297 -1.68 23.79 4.95
C ASN A 297 -0.22 23.80 5.39
N ILE A 298 -0.05 23.61 6.71
CA ILE A 298 1.25 23.67 7.37
C ILE A 298 2.11 22.46 7.05
N HIS A 299 1.60 21.28 7.38
CA HIS A 299 2.36 20.06 7.26
C HIS A 299 1.40 18.89 7.51
N PRO A 300 1.53 17.80 6.71
CA PRO A 300 0.53 16.72 6.73
C PRO A 300 0.68 15.77 7.92
N LEU A 301 1.83 15.80 8.56
CA LEU A 301 2.08 14.85 9.61
C LEU A 301 1.85 15.53 10.94
N THR A 302 0.62 15.48 11.45
CA THR A 302 0.33 16.17 12.71
C THR A 302 -0.06 15.06 13.69
N ILE A 303 -0.12 15.43 14.97
CA ILE A 303 -0.71 14.58 16.00
C ILE A 303 -1.58 15.48 16.86
N GLY A 304 -2.63 14.88 17.44
CA GLY A 304 -3.58 15.59 18.27
C GLY A 304 -4.90 15.86 17.57
N GLU A 305 -5.63 16.85 18.07
CA GLU A 305 -6.95 17.14 17.58
C GLU A 305 -6.83 18.30 16.60
N CYS A 306 -6.58 17.99 15.34
CA CYS A 306 -6.15 19.01 14.40
C CYS A 306 -7.15 19.34 13.31
N PRO A 307 -6.92 20.47 12.64
CA PRO A 307 -7.71 20.62 11.42
C PRO A 307 -7.21 19.66 10.36
N LYS A 308 -7.87 19.69 9.22
CA LYS A 308 -7.56 18.69 8.21
C LYS A 308 -6.63 19.31 7.17
N TYR A 309 -5.56 18.60 6.81
CA TYR A 309 -4.53 19.18 5.94
C TYR A 309 -4.94 19.13 4.49
N VAL A 310 -4.72 20.23 3.78
CA VAL A 310 -4.88 20.30 2.32
C VAL A 310 -3.74 21.05 1.64
N LYS A 311 -3.45 20.79 0.35
CA LYS A 311 -2.38 21.56 -0.32
C LYS A 311 -2.69 23.01 -0.74
N SER A 312 -3.92 23.48 -0.57
CA SER A 312 -4.29 24.81 -1.10
C SER A 312 -3.57 25.96 -0.37
N ASN A 313 -3.36 27.06 -1.09
CA ASN A 313 -2.87 28.32 -0.57
C ASN A 313 -3.95 29.21 -0.06
N ARG A 314 -5.18 28.88 -0.42
CA ARG A 314 -6.29 29.78 -0.21
C ARG A 314 -7.59 29.04 -0.27
N LEU A 315 -8.42 29.27 0.75
CA LEU A 315 -9.77 28.75 0.82
C LEU A 315 -10.72 29.73 1.49
N VAL A 316 -11.64 30.34 0.73
CA VAL A 316 -12.52 31.33 1.32
C VAL A 316 -13.94 31.12 0.84
N LEU A 317 -14.85 30.93 1.80
CA LEU A 317 -16.28 30.81 1.53
C LEU A 317 -17.01 32.13 1.44
N ALA A 318 -17.98 32.20 0.54
CA ALA A 318 -18.85 33.36 0.52
C ALA A 318 -19.85 33.23 1.67
N THR A 319 -20.15 34.34 2.33
CA THR A 319 -21.29 34.39 3.25
C THR A 319 -22.28 35.47 2.85
N GLY A 320 -21.76 36.63 2.50
CA GLY A 320 -22.57 37.75 2.04
C GLY A 320 -22.80 37.62 0.54
N LEU A 321 -23.08 38.75 -0.11
CA LEU A 321 -23.56 38.75 -1.49
C LEU A 321 -22.58 39.61 -2.29
N ARG A 322 -22.76 39.68 -3.60
CA ARG A 322 -21.75 40.29 -4.44
C ARG A 322 -21.62 41.79 -4.24
N ASN A 323 -20.42 42.31 -3.97
CA ASN A 323 -20.39 43.72 -3.57
C ASN A 323 -20.16 44.79 -4.62
N SER A 324 -21.06 45.78 -4.58
CA SER A 324 -21.21 46.82 -5.60
C SER A 324 -19.92 47.65 -5.73
N PRO A 325 -19.81 48.56 -6.73
CA PRO A 325 -18.45 48.80 -7.25
C PRO A 325 -17.43 49.27 -6.19
N ASP B 2 -69.61 40.73 -8.39
CA ASP B 2 -69.76 39.28 -8.52
C ASP B 2 -68.44 38.65 -9.00
N PRO B 3 -68.04 37.47 -8.46
CA PRO B 3 -66.84 36.82 -9.00
C PRO B 3 -66.93 36.30 -10.45
N GLY B 4 -65.77 36.20 -11.11
CA GLY B 4 -65.67 35.74 -12.49
C GLY B 4 -65.03 34.36 -12.47
N ASP B 5 -65.04 33.62 -13.58
CA ASP B 5 -64.39 32.31 -13.58
C ASP B 5 -62.90 32.37 -13.20
N GLN B 6 -62.32 31.21 -12.91
CA GLN B 6 -60.92 31.12 -12.49
C GLN B 6 -60.24 29.86 -13.02
N ILE B 7 -58.93 29.98 -13.27
CA ILE B 7 -58.08 28.80 -13.43
C ILE B 7 -56.85 28.97 -12.55
N CYS B 8 -56.46 27.94 -11.83
CA CYS B 8 -55.31 28.06 -10.92
C CYS B 8 -54.18 27.09 -11.26
N ILE B 9 -52.94 27.50 -11.03
CA ILE B 9 -51.85 26.55 -11.18
C ILE B 9 -51.31 26.17 -9.80
N GLY B 10 -50.92 24.91 -9.65
CA GLY B 10 -50.64 24.36 -8.35
C GLY B 10 -49.88 23.06 -8.41
N TYR B 11 -49.70 22.42 -7.26
CA TYR B 11 -48.84 21.27 -7.20
C TYR B 11 -49.22 20.28 -6.15
N HIS B 12 -48.72 19.06 -6.34
CA HIS B 12 -49.12 17.95 -5.53
C HIS B 12 -48.66 18.04 -4.08
N ALA B 13 -49.54 17.68 -3.18
CA ALA B 13 -49.21 17.51 -1.78
C ALA B 13 -49.78 16.16 -1.35
N ASN B 14 -49.26 15.62 -0.25
CA ASN B 14 -49.76 14.37 0.29
C ASN B 14 -49.47 14.26 1.78
N ASN B 15 -49.63 13.05 2.33
CA ASN B 15 -49.50 12.86 3.76
C ASN B 15 -48.18 12.27 4.23
N SER B 16 -47.21 12.25 3.32
CA SER B 16 -45.85 11.80 3.61
C SER B 16 -45.13 12.69 4.63
N THR B 17 -44.42 12.01 5.52
CA THR B 17 -43.48 12.61 6.45
C THR B 17 -42.04 12.15 6.17
N GLU B 18 -41.81 11.60 4.97
CA GLU B 18 -40.46 11.30 4.48
C GLU B 18 -39.58 12.54 4.40
N GLN B 19 -38.31 12.37 4.75
CA GLN B 19 -37.48 13.55 4.94
C GLN B 19 -36.11 13.39 4.30
N VAL B 20 -35.62 14.44 3.63
CA VAL B 20 -34.31 14.39 3.00
C VAL B 20 -33.48 15.53 3.55
N ASP B 21 -32.16 15.37 3.58
CA ASP B 21 -31.28 16.48 3.89
C ASP B 21 -30.70 17.23 2.66
N THR B 22 -30.33 18.49 2.88
CA THR B 22 -29.87 19.43 1.87
C THR B 22 -28.71 20.24 2.46
N ILE B 23 -27.85 20.81 1.63
CA ILE B 23 -26.74 21.58 2.17
C ILE B 23 -27.18 22.79 2.98
N MET B 24 -28.32 23.37 2.61
CA MET B 24 -28.80 24.58 3.28
C MET B 24 -29.82 24.33 4.36
N GLU B 25 -30.37 23.13 4.37
CA GLU B 25 -31.49 22.85 5.24
C GLU B 25 -31.62 21.37 5.50
N LYS B 26 -31.69 20.98 6.77
CA LYS B 26 -31.79 19.58 7.15
C LYS B 26 -33.28 19.27 7.43
N ASN B 27 -33.57 17.94 7.39
CA ASN B 27 -34.92 17.44 7.67
C ASN B 27 -36.02 18.18 6.89
N VAL B 28 -35.84 18.37 5.53
CA VAL B 28 -36.89 18.91 4.67
C VAL B 28 -37.92 17.82 4.36
N THR B 29 -39.20 18.10 4.57
CA THR B 29 -40.21 17.07 4.43
C THR B 29 -40.70 16.99 2.99
N VAL B 30 -40.71 15.79 2.43
CA VAL B 30 -40.99 15.69 1.00
C VAL B 30 -42.11 14.76 0.63
N THR B 31 -42.80 15.12 -0.45
CA THR B 31 -43.86 14.30 -1.01
C THR B 31 -43.46 12.91 -1.33
N HIS B 32 -42.26 12.76 -1.85
CA HIS B 32 -41.73 11.46 -2.24
C HIS B 32 -40.24 11.37 -2.09
N ALA B 33 -39.77 10.16 -1.81
CA ALA B 33 -38.39 9.95 -1.50
C ALA B 33 -38.04 8.52 -1.90
N GLN B 34 -36.74 8.26 -1.92
CA GLN B 34 -36.16 6.99 -2.31
C GLN B 34 -34.96 6.73 -1.41
N ASP B 35 -35.08 5.68 -0.59
CA ASP B 35 -33.98 5.26 0.27
C ASP B 35 -33.02 4.55 -0.69
N ILE B 36 -31.72 4.75 -0.52
CA ILE B 36 -30.75 4.08 -1.38
C ILE B 36 -29.70 3.42 -0.52
N LEU B 37 -29.95 3.34 0.80
CA LEU B 37 -29.03 2.65 1.72
C LEU B 37 -29.70 1.42 2.28
N GLU B 38 -29.10 0.25 2.08
CA GLU B 38 -29.59 -0.98 2.68
C GLU B 38 -28.94 -1.15 4.04
N LYS B 39 -29.73 -1.27 5.10
CA LYS B 39 -29.16 -1.37 6.42
C LYS B 39 -29.46 -2.75 7.01
N LYS B 40 -30.14 -3.60 6.25
CA LYS B 40 -30.62 -4.89 6.76
C LYS B 40 -29.88 -6.07 6.15
N HIS B 41 -29.56 -7.02 7.01
CA HIS B 41 -29.10 -8.35 6.64
C HIS B 41 -29.80 -9.44 7.41
N ASN B 42 -29.52 -10.69 7.10
CA ASN B 42 -30.27 -11.79 7.69
C ASN B 42 -29.56 -12.61 8.80
N GLY B 43 -28.36 -12.19 9.17
CA GLY B 43 -27.61 -12.82 10.26
C GLY B 43 -27.11 -14.23 10.04
N LYS B 44 -27.11 -14.70 8.80
CA LYS B 44 -26.66 -16.07 8.49
C LYS B 44 -25.53 -16.10 7.45
N LEU B 45 -24.73 -17.16 7.48
CA LEU B 45 -23.80 -17.45 6.40
C LEU B 45 -24.49 -18.34 5.43
N CYS B 46 -24.46 -17.97 4.14
CA CYS B 46 -25.17 -18.69 3.09
C CYS B 46 -24.35 -19.18 1.91
N ASP B 47 -24.92 -20.11 1.18
CA ASP B 47 -24.50 -20.39 -0.18
C ASP B 47 -24.33 -19.10 -0.91
N LEU B 48 -23.33 -19.04 -1.78
CA LEU B 48 -23.24 -17.85 -2.56
C LEU B 48 -23.95 -18.15 -3.86
N ASP B 49 -23.39 -18.04 -5.05
CA ASP B 49 -24.37 -18.04 -6.15
C ASP B 49 -25.05 -19.40 -6.30
N GLY B 50 -24.32 -20.46 -6.04
CA GLY B 50 -24.86 -21.80 -6.10
C GLY B 50 -24.23 -22.55 -4.95
N VAL B 51 -23.04 -22.09 -4.66
CA VAL B 51 -22.00 -22.85 -4.02
C VAL B 51 -21.87 -22.67 -2.51
N LYS B 52 -22.11 -23.73 -1.75
CA LYS B 52 -21.88 -23.67 -0.29
C LYS B 52 -20.44 -23.35 0.04
N PRO B 53 -20.26 -22.48 1.04
CA PRO B 53 -18.91 -22.21 1.49
C PRO B 53 -18.34 -23.33 2.33
N LEU B 54 -17.02 -23.40 2.39
CA LEU B 54 -16.32 -24.27 3.31
C LEU B 54 -16.33 -23.57 4.64
N ILE B 55 -17.25 -23.91 5.51
CA ILE B 55 -17.20 -23.34 6.85
C ILE B 55 -16.37 -24.24 7.73
N LEU B 56 -15.08 -23.93 7.89
CA LEU B 56 -14.25 -24.55 8.93
C LEU B 56 -14.90 -24.24 10.27
N ARG B 57 -14.87 -25.14 11.22
CA ARG B 57 -15.63 -24.75 12.36
C ARG B 57 -14.67 -24.18 13.37
N ASP B 58 -14.18 -25.04 14.25
CA ASP B 58 -13.16 -24.67 15.19
C ASP B 58 -11.81 -24.97 14.61
N CYS B 59 -11.78 -25.25 13.32
CA CYS B 59 -10.46 -25.42 12.71
C CYS B 59 -9.98 -24.10 12.13
N SER B 60 -8.65 -23.98 12.09
CA SER B 60 -7.98 -22.91 11.37
C SER B 60 -7.66 -23.40 9.98
N VAL B 61 -7.24 -22.48 9.12
CA VAL B 61 -6.85 -22.82 7.75
C VAL B 61 -5.63 -23.73 7.76
N ALA B 62 -4.72 -23.48 8.70
CA ALA B 62 -3.52 -24.29 8.85
C ALA B 62 -3.94 -25.69 9.24
N GLY B 63 -4.68 -25.74 10.34
CA GLY B 63 -5.31 -26.93 10.85
C GLY B 63 -5.95 -27.81 9.81
N TRP B 64 -6.61 -27.17 8.86
CA TRP B 64 -7.33 -27.91 7.85
C TRP B 64 -6.37 -28.53 6.86
N LEU B 65 -5.45 -27.70 6.35
CA LEU B 65 -4.51 -28.12 5.32
C LEU B 65 -3.50 -29.16 5.78
N LEU B 66 -2.97 -28.97 6.98
CA LEU B 66 -2.03 -29.89 7.57
C LEU B 66 -2.73 -31.12 8.07
N GLY B 67 -3.98 -30.96 8.45
CA GLY B 67 -4.81 -32.09 8.82
C GLY B 67 -4.63 -32.43 10.29
N ASN B 68 -4.75 -31.42 11.14
CA ASN B 68 -4.90 -31.63 12.57
C ASN B 68 -5.98 -32.71 12.72
N PRO B 69 -5.71 -33.73 13.54
CA PRO B 69 -6.62 -34.86 13.81
C PRO B 69 -8.04 -34.41 14.17
N MET B 70 -8.15 -33.26 14.84
CA MET B 70 -9.44 -32.73 15.24
C MET B 70 -10.24 -32.13 14.10
N CYS B 71 -9.61 -32.02 12.94
CA CYS B 71 -10.28 -31.43 11.82
C CYS B 71 -10.66 -32.50 10.86
N ASP B 72 -10.86 -33.71 11.32
CA ASP B 72 -11.08 -34.78 10.35
C ASP B 72 -12.28 -34.52 9.47
N GLU B 73 -13.25 -33.78 10.00
CA GLU B 73 -14.48 -33.50 9.27
C GLU B 73 -14.19 -32.91 7.86
N PHE B 74 -13.01 -32.34 7.69
CA PHE B 74 -12.66 -31.54 6.51
C PHE B 74 -11.64 -32.26 5.65
N ILE B 75 -11.55 -33.58 5.79
CA ILE B 75 -10.57 -34.37 5.05
C ILE B 75 -10.70 -34.21 3.53
N ASN B 76 -11.91 -34.17 2.98
CA ASN B 76 -12.05 -34.07 1.53
C ASN B 76 -13.20 -33.22 0.99
N VAL B 77 -12.96 -31.93 0.95
CA VAL B 77 -14.02 -30.96 0.76
C VAL B 77 -14.30 -30.67 -0.72
N PRO B 78 -15.59 -30.49 -1.04
CA PRO B 78 -16.15 -30.16 -2.35
C PRO B 78 -15.84 -28.75 -2.71
N GLU B 79 -16.05 -28.39 -3.98
CA GLU B 79 -15.80 -27.03 -4.41
C GLU B 79 -16.59 -26.09 -3.51
N TRP B 80 -15.96 -24.97 -3.17
CA TRP B 80 -16.49 -24.02 -2.19
C TRP B 80 -16.52 -22.64 -2.86
N SER B 81 -17.26 -21.73 -2.26
CA SER B 81 -17.37 -20.38 -2.79
C SER B 81 -16.54 -19.39 -2.00
N TYR B 82 -16.57 -19.51 -0.68
CA TYR B 82 -15.63 -18.78 0.19
C TYR B 82 -15.32 -19.64 1.41
N ILE B 83 -14.23 -19.36 2.10
CA ILE B 83 -13.89 -20.07 3.32
C ILE B 83 -14.27 -19.15 4.50
N VAL B 84 -14.79 -19.74 5.57
CA VAL B 84 -15.12 -18.99 6.77
C VAL B 84 -14.29 -19.52 7.92
N GLU B 85 -13.61 -18.63 8.61
CA GLU B 85 -12.66 -18.98 9.66
C GLU B 85 -12.97 -18.13 10.87
N LYS B 86 -12.94 -18.76 12.03
CA LYS B 86 -13.19 -18.05 13.26
C LYS B 86 -11.99 -17.17 13.60
N ALA B 87 -12.18 -16.24 14.53
CA ALA B 87 -11.12 -15.31 14.85
C ALA B 87 -9.95 -16.02 15.47
N ASN B 88 -10.25 -16.92 16.40
CA ASN B 88 -9.25 -17.69 17.13
C ASN B 88 -9.66 -19.17 17.20
N PRO B 89 -9.46 -19.93 16.11
CA PRO B 89 -9.72 -21.37 15.97
C PRO B 89 -9.11 -22.16 17.07
N VAL B 90 -9.94 -22.97 17.72
CA VAL B 90 -9.44 -23.81 18.79
C VAL B 90 -8.44 -24.87 18.24
N ASN B 91 -8.66 -25.32 17.02
CA ASN B 91 -7.84 -26.37 16.45
C ASN B 91 -6.92 -25.82 15.37
N ASP B 92 -5.69 -25.48 15.76
CA ASP B 92 -4.76 -24.79 14.87
C ASP B 92 -3.48 -25.63 14.85
N LEU B 93 -2.40 -25.13 15.43
CA LEU B 93 -1.18 -25.91 15.46
C LEU B 93 -1.06 -26.69 16.77
N CYS B 94 -1.77 -27.81 16.84
CA CYS B 94 -1.81 -28.65 18.04
C CYS B 94 -0.37 -28.90 18.59
N TYR B 95 0.53 -29.31 17.71
CA TYR B 95 1.95 -29.31 18.00
C TYR B 95 2.48 -27.93 17.71
N PRO B 96 2.97 -27.21 18.72
CA PRO B 96 3.32 -25.80 18.55
C PRO B 96 4.34 -25.62 17.47
N GLY B 97 4.37 -24.44 16.87
CA GLY B 97 5.28 -24.20 15.78
C GLY B 97 4.96 -22.94 15.01
N ASP B 98 5.11 -23.07 13.70
CA ASP B 98 5.16 -21.92 12.80
C ASP B 98 4.87 -22.38 11.37
N PHE B 99 4.28 -21.52 10.56
CA PHE B 99 3.84 -21.94 9.24
C PHE B 99 4.43 -20.90 8.30
N ASN B 100 5.37 -21.33 7.44
CA ASN B 100 6.14 -20.39 6.65
C ASN B 100 5.29 -19.69 5.61
N ASP B 101 5.48 -18.38 5.42
CA ASP B 101 4.69 -17.61 4.44
C ASP B 101 3.21 -17.96 4.50
N TYR B 102 2.71 -18.07 5.72
CA TYR B 102 1.35 -18.51 5.96
C TYR B 102 0.36 -17.55 5.38
N GLU B 103 0.66 -16.26 5.48
CA GLU B 103 -0.26 -15.29 4.95
C GLU B 103 -0.22 -15.33 3.41
N GLU B 104 0.97 -15.51 2.83
CA GLU B 104 1.08 -15.57 1.37
C GLU B 104 0.33 -16.77 0.78
N LEU B 105 0.24 -17.85 1.55
CA LEU B 105 -0.50 -19.04 1.14
C LEU B 105 -2.00 -18.78 1.27
N LYS B 106 -2.37 -18.12 2.35
CA LYS B 106 -3.75 -17.75 2.57
C LYS B 106 -4.17 -16.86 1.43
N HIS B 107 -3.22 -16.06 0.95
CA HIS B 107 -3.52 -15.19 -0.14
C HIS B 107 -3.80 -16.06 -1.35
N LEU B 108 -3.02 -17.12 -1.55
CA LEU B 108 -3.27 -18.08 -2.65
C LEU B 108 -4.65 -18.74 -2.62
N LEU B 109 -5.13 -19.10 -1.42
CA LEU B 109 -6.44 -19.70 -1.26
C LEU B 109 -7.58 -18.81 -1.64
N SER B 110 -7.37 -17.52 -1.50
CA SER B 110 -8.37 -16.54 -1.91
C SER B 110 -8.65 -16.63 -3.44
N ARG B 111 -7.75 -17.29 -4.18
CA ARG B 111 -7.96 -17.51 -5.59
C ARG B 111 -8.32 -18.96 -5.97
N ILE B 112 -8.55 -19.84 -5.00
CA ILE B 112 -8.82 -21.25 -5.30
C ILE B 112 -10.21 -21.67 -4.87
N ASN B 113 -10.91 -22.38 -5.75
CA ASN B 113 -12.29 -22.82 -5.48
C ASN B 113 -12.44 -24.32 -5.27
N HIS B 114 -11.39 -25.09 -5.56
CA HIS B 114 -11.45 -26.54 -5.31
C HIS B 114 -10.13 -27.27 -5.21
N PHE B 115 -9.94 -27.93 -4.07
CA PHE B 115 -8.87 -28.92 -3.95
C PHE B 115 -9.42 -30.29 -4.11
N GLU B 116 -8.64 -31.17 -4.77
CA GLU B 116 -8.77 -32.62 -4.67
C GLU B 116 -7.52 -33.18 -4.05
N LYS B 117 -7.66 -33.83 -2.92
CA LYS B 117 -6.53 -34.32 -2.17
C LYS B 117 -5.99 -35.61 -2.81
N ILE B 118 -4.69 -35.67 -3.11
CA ILE B 118 -4.12 -36.93 -3.59
C ILE B 118 -2.92 -37.35 -2.75
N GLN B 119 -2.64 -38.66 -2.74
CA GLN B 119 -1.47 -39.22 -2.06
C GLN B 119 -0.26 -39.22 -2.97
N ILE B 120 0.85 -38.64 -2.54
CA ILE B 120 2.04 -38.55 -3.39
C ILE B 120 3.19 -39.35 -2.77
N ILE B 121 3.18 -39.48 -1.45
CA ILE B 121 4.11 -40.40 -0.76
C ILE B 121 3.34 -41.26 0.21
N PRO B 122 3.11 -42.53 -0.15
CA PRO B 122 2.29 -43.33 0.77
C PRO B 122 3.02 -43.55 2.09
N LYS B 123 2.27 -43.53 3.18
CA LYS B 123 2.85 -43.75 4.49
C LYS B 123 3.49 -45.13 4.53
N SER B 124 2.82 -46.08 3.88
CA SER B 124 3.28 -47.45 3.83
C SER B 124 4.59 -47.68 3.09
N SER B 125 5.02 -46.72 2.27
CA SER B 125 6.19 -46.90 1.43
C SER B 125 7.51 -46.64 2.18
N TRP B 126 7.44 -46.33 3.46
CA TRP B 126 8.65 -46.00 4.20
C TRP B 126 9.26 -47.23 4.82
N SER B 127 10.14 -47.88 4.05
CA SER B 127 10.63 -49.20 4.47
C SER B 127 11.69 -49.13 5.58
N SER B 128 12.73 -48.33 5.35
CA SER B 128 13.81 -48.22 6.32
C SER B 128 13.66 -47.09 7.36
N HIS B 129 12.44 -46.58 7.55
CA HIS B 129 12.15 -45.65 8.65
C HIS B 129 10.81 -45.93 9.30
N GLU B 130 10.72 -45.69 10.61
CA GLU B 130 9.43 -45.86 11.29
C GLU B 130 8.48 -44.71 10.98
N ALA B 131 7.29 -45.08 10.53
CA ALA B 131 6.32 -44.08 10.15
C ALA B 131 5.17 -44.02 11.11
N SER B 132 4.99 -45.07 11.90
CA SER B 132 3.83 -45.11 12.76
C SER B 132 4.15 -44.69 14.17
N LEU B 133 5.39 -44.29 14.41
CA LEU B 133 5.78 -43.98 15.78
C LEU B 133 5.84 -42.46 15.93
N GLY B 134 5.39 -41.76 14.90
CA GLY B 134 5.58 -40.32 14.84
C GLY B 134 4.38 -39.54 15.35
N VAL B 135 4.16 -39.56 16.66
CA VAL B 135 2.87 -39.23 17.25
C VAL B 135 3.15 -38.43 18.54
N SER B 136 2.18 -37.70 19.07
CA SER B 136 2.48 -36.82 20.20
C SER B 136 1.25 -36.47 21.02
N SER B 137 1.46 -36.34 22.32
CA SER B 137 0.44 -35.93 23.27
C SER B 137 -0.14 -34.53 22.99
N ALA B 138 0.63 -33.67 22.33
CA ALA B 138 0.13 -32.35 21.92
C ALA B 138 -1.01 -32.45 20.88
N CYS B 139 -1.14 -33.58 20.21
CA CYS B 139 -2.20 -33.78 19.20
C CYS B 139 -3.07 -34.97 19.49
N PRO B 140 -3.88 -34.87 20.54
CA PRO B 140 -4.78 -35.96 20.91
C PRO B 140 -5.85 -36.11 19.86
N TYR B 141 -6.17 -37.35 19.51
CA TYR B 141 -7.32 -37.61 18.65
C TYR B 141 -8.54 -38.02 19.50
N GLN B 142 -8.44 -39.11 20.25
CA GLN B 142 -9.48 -39.43 21.22
C GLN B 142 -8.88 -40.31 22.30
N GLY B 143 -8.18 -39.69 23.24
CA GLY B 143 -7.35 -40.49 24.11
C GLY B 143 -6.05 -40.62 23.36
N LYS B 144 -5.91 -41.75 22.66
CA LYS B 144 -4.81 -42.01 21.72
C LYS B 144 -4.17 -40.76 21.12
N SER B 145 -2.94 -40.44 21.58
CA SER B 145 -2.25 -39.26 21.06
C SER B 145 -1.80 -39.47 19.60
N SER B 146 -1.96 -38.44 18.79
CA SER B 146 -1.92 -38.61 17.34
C SER B 146 -0.98 -37.61 16.66
N PHE B 147 -1.34 -37.22 15.45
CA PHE B 147 -0.60 -36.25 14.65
C PHE B 147 -1.36 -35.76 13.42
N PHE B 148 -0.85 -34.67 12.85
CA PHE B 148 -1.28 -34.16 11.56
C PHE B 148 -1.46 -35.31 10.57
N ARG B 149 -2.64 -35.42 9.95
CA ARG B 149 -3.00 -36.54 9.05
C ARG B 149 -2.34 -36.47 7.67
N ASN B 150 -1.95 -35.28 7.22
CA ASN B 150 -1.48 -35.14 5.86
C ASN B 150 0.03 -35.23 5.76
N VAL B 151 0.72 -35.34 6.88
CA VAL B 151 2.18 -35.49 6.85
C VAL B 151 2.66 -36.53 7.84
N VAL B 152 3.79 -37.16 7.53
CA VAL B 152 4.30 -38.22 8.39
C VAL B 152 5.49 -37.75 9.20
N TRP B 153 5.48 -38.00 10.52
CA TRP B 153 6.63 -37.69 11.34
C TRP B 153 7.59 -38.87 11.33
N LEU B 154 8.52 -38.90 10.37
CA LEU B 154 9.40 -40.07 10.24
C LEU B 154 10.42 -40.10 11.35
N ILE B 155 10.81 -41.31 11.72
CA ILE B 155 11.62 -41.53 12.91
C ILE B 155 12.55 -42.73 12.65
N LYS B 156 13.62 -42.84 13.43
CA LYS B 156 14.66 -43.82 13.20
C LYS B 156 14.17 -45.26 13.34
N LYS B 157 14.62 -46.11 12.42
CA LYS B 157 14.28 -47.54 12.45
C LYS B 157 15.56 -48.23 12.80
N ASN B 158 15.45 -49.34 13.64
CA ASN B 158 16.59 -49.93 14.34
C ASN B 158 17.19 -48.82 15.18
N SER B 159 18.51 -48.65 15.12
CA SER B 159 19.14 -47.51 15.76
C SER B 159 19.49 -46.42 14.77
N THR B 160 19.01 -46.49 13.55
CA THR B 160 19.59 -45.66 12.50
C THR B 160 18.57 -44.88 11.65
N TYR B 161 19.09 -43.91 10.88
CA TYR B 161 18.27 -43.02 10.06
C TYR B 161 19.02 -42.83 8.73
N PRO B 162 18.81 -43.75 7.78
CA PRO B 162 19.48 -43.69 6.47
C PRO B 162 19.13 -42.40 5.76
N THR B 163 20.00 -41.88 4.91
CA THR B 163 19.65 -40.70 4.13
C THR B 163 18.44 -40.99 3.24
N ILE B 164 17.38 -40.19 3.41
CA ILE B 164 16.20 -40.25 2.55
C ILE B 164 16.40 -39.48 1.25
N LYS B 165 15.99 -40.10 0.14
CA LYS B 165 16.00 -39.48 -1.18
C LYS B 165 14.75 -39.90 -1.95
N ARG B 166 13.70 -39.09 -1.85
CA ARG B 166 12.41 -39.42 -2.43
C ARG B 166 12.03 -38.27 -3.35
N SER B 167 11.32 -38.58 -4.43
CA SER B 167 10.85 -37.50 -5.31
C SER B 167 9.54 -37.83 -6.04
N TYR B 168 8.70 -36.81 -6.17
CA TYR B 168 7.41 -36.96 -6.84
C TYR B 168 7.36 -36.12 -8.13
N ASN B 169 6.79 -36.68 -9.19
CA ASN B 169 6.71 -35.98 -10.46
C ASN B 169 5.22 -35.75 -10.67
N ASN B 170 4.88 -34.54 -11.11
CA ASN B 170 3.49 -34.12 -11.22
C ASN B 170 2.93 -34.46 -12.58
N THR B 171 2.53 -35.70 -12.73
CA THR B 171 1.97 -36.18 -13.97
C THR B 171 0.55 -35.67 -14.22
N ASN B 172 -0.02 -34.98 -13.23
CA ASN B 172 -1.32 -34.33 -13.42
C ASN B 172 -1.28 -33.15 -14.38
N GLN B 173 -2.44 -32.54 -14.64
CA GLN B 173 -2.56 -31.42 -15.58
C GLN B 173 -2.65 -30.10 -14.86
N GLU B 174 -2.79 -30.17 -13.54
CA GLU B 174 -3.05 -28.99 -12.72
C GLU B 174 -1.97 -28.79 -11.66
N ASP B 175 -1.81 -27.54 -11.25
CA ASP B 175 -0.86 -27.20 -10.19
C ASP B 175 -1.07 -28.01 -8.92
N LEU B 176 0.02 -28.32 -8.24
CA LEU B 176 -0.07 -29.16 -7.08
C LEU B 176 0.54 -28.47 -5.82
N LEU B 177 -0.25 -28.38 -4.75
CA LEU B 177 0.20 -27.83 -3.47
C LEU B 177 0.82 -28.87 -2.59
N VAL B 178 2.12 -28.77 -2.34
CA VAL B 178 2.83 -29.75 -1.51
C VAL B 178 3.22 -29.16 -0.14
N LEU B 179 2.97 -29.89 0.94
CA LEU B 179 3.33 -29.44 2.28
C LEU B 179 4.32 -30.38 2.93
N TRP B 180 5.25 -29.84 3.72
CA TRP B 180 6.14 -30.68 4.52
C TRP B 180 6.69 -29.93 5.73
N GLY B 181 7.51 -30.57 6.54
CA GLY B 181 7.95 -29.86 7.70
C GLY B 181 9.28 -30.30 8.27
N ILE B 182 9.76 -29.53 9.23
CA ILE B 182 10.98 -29.84 9.93
C ILE B 182 10.72 -29.78 11.42
N HIS B 183 11.38 -30.65 12.16
CA HIS B 183 11.31 -30.66 13.62
C HIS B 183 12.50 -29.97 14.28
N HIS B 184 12.19 -28.98 15.11
CA HIS B 184 13.19 -28.32 15.93
C HIS B 184 13.11 -28.89 17.34
N PRO B 185 14.09 -29.71 17.72
CA PRO B 185 14.00 -30.38 19.03
C PRO B 185 14.51 -29.50 20.20
N ASN B 186 14.29 -29.98 21.42
CA ASN B 186 14.72 -29.31 22.64
C ASN B 186 16.22 -29.26 22.91
N ASP B 187 16.89 -30.37 22.66
CA ASP B 187 18.31 -30.57 22.98
C ASP B 187 18.97 -31.70 22.17
N ALA B 188 20.30 -31.82 22.25
CA ALA B 188 21.04 -32.83 21.52
C ALA B 188 20.53 -34.22 21.90
N ALA B 189 20.13 -34.35 23.15
CA ALA B 189 19.56 -35.60 23.66
C ALA B 189 18.35 -36.09 22.89
N GLU B 190 17.36 -35.22 22.78
CA GLU B 190 16.10 -35.57 22.12
C GLU B 190 16.38 -35.77 20.63
N GLN B 191 17.34 -34.99 20.12
CA GLN B 191 17.74 -35.07 18.72
C GLN B 191 18.22 -36.48 18.48
N THR B 192 19.09 -36.91 19.37
CA THR B 192 19.69 -38.20 19.23
C THR B 192 18.68 -39.29 19.63
N LYS B 193 17.91 -39.12 20.71
CA LYS B 193 16.79 -40.04 21.01
C LYS B 193 15.87 -40.39 19.81
N LEU B 194 15.47 -39.40 19.00
CA LEU B 194 14.46 -39.61 17.93
C LEU B 194 14.96 -39.89 16.51
N TYR B 195 16.18 -39.43 16.25
CA TYR B 195 16.80 -39.45 14.93
C TYR B 195 18.13 -39.93 15.46
N GLN B 196 19.18 -40.02 14.70
CA GLN B 196 20.33 -40.58 15.39
C GLN B 196 21.42 -39.55 15.22
N ASN B 197 21.56 -39.23 13.95
CA ASN B 197 22.58 -38.38 13.41
C ASN B 197 22.35 -37.00 14.05
N PRO B 198 23.42 -36.43 14.63
CA PRO B 198 23.38 -35.21 15.43
C PRO B 198 23.39 -33.98 14.53
N THR B 199 23.89 -34.12 13.31
CA THR B 199 23.99 -33.00 12.39
C THR B 199 23.21 -33.34 11.12
N THR B 200 22.03 -32.71 11.00
CA THR B 200 21.05 -33.01 9.96
C THR B 200 20.61 -31.82 9.11
N TYR B 201 19.77 -32.12 8.14
CA TYR B 201 19.39 -31.15 7.14
C TYR B 201 18.24 -31.76 6.35
N ILE B 202 17.41 -30.90 5.75
CA ILE B 202 16.42 -31.31 4.77
C ILE B 202 16.62 -30.46 3.55
N SER B 203 16.85 -31.10 2.40
CA SER B 203 17.01 -30.39 1.14
C SER B 203 15.81 -30.70 0.23
N VAL B 204 15.31 -29.65 -0.41
CA VAL B 204 14.11 -29.72 -1.24
C VAL B 204 14.37 -28.96 -2.53
N GLY B 205 13.99 -29.55 -3.67
CA GLY B 205 14.30 -28.91 -4.94
C GLY B 205 13.18 -29.05 -5.95
N THR B 206 13.01 -28.00 -6.74
CA THR B 206 12.03 -28.03 -7.79
C THR B 206 12.73 -27.40 -8.97
N SER B 207 12.02 -27.10 -10.04
CA SER B 207 12.57 -26.26 -11.08
C SER B 207 12.83 -24.84 -10.55
N THR B 208 12.16 -24.50 -9.46
CA THR B 208 12.28 -23.17 -8.85
C THR B 208 12.77 -23.16 -7.41
N LEU B 209 12.52 -24.23 -6.68
CA LEU B 209 12.85 -24.24 -5.25
C LEU B 209 14.25 -24.70 -4.98
N ASN B 210 14.92 -24.04 -4.02
CA ASN B 210 16.27 -24.45 -3.65
C ASN B 210 16.45 -24.31 -2.13
N GLN B 211 15.72 -25.13 -1.39
CA GLN B 211 15.70 -25.06 0.08
C GLN B 211 16.56 -26.10 0.78
N ARG B 212 17.37 -25.68 1.73
CA ARG B 212 18.02 -26.61 2.65
C ARG B 212 17.75 -26.21 4.10
N LEU B 213 16.81 -26.89 4.74
CA LEU B 213 16.43 -26.58 6.09
C LEU B 213 17.30 -27.30 7.05
N VAL B 214 17.60 -26.64 8.17
CA VAL B 214 18.49 -27.20 9.19
C VAL B 214 17.81 -27.01 10.52
N PRO B 215 17.62 -28.12 11.26
CA PRO B 215 16.95 -28.01 12.55
C PRO B 215 17.71 -27.08 13.46
N ARG B 216 16.97 -26.42 14.34
CA ARG B 216 17.55 -25.37 15.15
C ARG B 216 17.26 -25.70 16.57
N ILE B 217 18.32 -25.89 17.36
CA ILE B 217 18.10 -26.19 18.76
C ILE B 217 18.25 -24.93 19.67
N ALA B 218 17.38 -24.87 20.67
CA ALA B 218 17.24 -23.74 21.60
C ALA B 218 16.27 -24.17 22.69
N THR B 219 16.37 -23.57 23.87
CA THR B 219 15.54 -24.02 24.98
C THR B 219 14.36 -23.05 25.05
N ARG B 220 13.14 -23.57 24.94
CA ARG B 220 11.94 -22.74 24.73
C ARG B 220 10.84 -23.13 25.67
N SER B 221 9.96 -22.19 25.99
CA SER B 221 8.81 -22.45 26.87
C SER B 221 7.84 -23.49 26.31
N LYS B 222 7.19 -24.26 27.19
CA LYS B 222 6.25 -25.26 26.72
C LYS B 222 4.99 -24.61 26.20
N VAL B 223 4.49 -25.17 25.10
CA VAL B 223 3.21 -24.76 24.58
C VAL B 223 2.46 -26.03 24.20
N ASN B 224 1.25 -26.22 24.73
CA ASN B 224 0.60 -27.53 24.70
C ASN B 224 1.54 -28.64 25.15
N GLY B 225 2.29 -28.33 26.20
CA GLY B 225 3.19 -29.30 26.79
C GLY B 225 4.46 -29.63 26.04
N GLN B 226 4.67 -29.04 24.87
CA GLN B 226 5.86 -29.33 24.11
C GLN B 226 6.76 -28.11 24.07
N SER B 227 8.03 -28.29 24.37
CA SER B 227 9.00 -27.23 24.19
C SER B 227 9.65 -27.30 22.81
N GLY B 228 9.39 -28.40 22.09
CA GLY B 228 9.85 -28.51 20.73
C GLY B 228 8.93 -27.70 19.82
N ARG B 229 9.35 -27.52 18.58
CA ARG B 229 8.59 -26.75 17.60
C ARG B 229 8.58 -27.45 16.25
N MET B 230 7.53 -27.20 15.48
CA MET B 230 7.41 -27.82 14.18
C MET B 230 7.30 -26.67 13.19
N GLU B 231 8.05 -26.69 12.09
CA GLU B 231 8.03 -25.57 11.16
C GLU B 231 7.73 -26.09 9.78
N PHE B 232 6.58 -25.68 9.25
CA PHE B 232 6.10 -26.28 8.01
C PHE B 232 6.37 -25.38 6.79
N PHE B 233 6.54 -26.01 5.62
CA PHE B 233 6.84 -25.24 4.43
C PHE B 233 5.98 -25.72 3.27
N TRP B 234 5.98 -24.99 2.16
CA TRP B 234 5.14 -25.40 1.05
C TRP B 234 5.62 -24.78 -0.24
N THR B 235 5.16 -25.36 -1.34
CA THR B 235 5.44 -24.83 -2.66
C THR B 235 4.38 -25.31 -3.63
N ILE B 236 4.31 -24.64 -4.77
CA ILE B 236 3.42 -25.05 -5.83
C ILE B 236 4.23 -25.70 -6.92
N LEU B 237 3.91 -26.96 -7.14
CA LEU B 237 4.69 -27.82 -8.00
C LEU B 237 3.94 -27.91 -9.31
N LYS B 238 4.52 -27.27 -10.33
CA LYS B 238 3.85 -27.09 -11.60
C LYS B 238 3.61 -28.44 -12.27
N PRO B 239 2.62 -28.54 -13.16
CA PRO B 239 2.48 -29.80 -13.88
C PRO B 239 3.69 -30.19 -14.70
N ASN B 240 4.05 -31.47 -14.64
CA ASN B 240 5.18 -32.09 -15.38
C ASN B 240 6.52 -31.80 -14.72
N ASP B 241 6.47 -31.23 -13.53
CA ASP B 241 7.66 -30.89 -12.78
C ASP B 241 7.70 -31.82 -11.61
N ALA B 242 8.87 -31.90 -10.99
CA ALA B 242 9.02 -32.75 -9.83
C ALA B 242 9.63 -32.03 -8.66
N ILE B 243 9.37 -32.59 -7.50
CA ILE B 243 9.88 -32.11 -6.24
C ILE B 243 10.77 -33.22 -5.69
N ASN B 244 11.97 -32.83 -5.27
CA ASN B 244 12.98 -33.78 -4.78
C ASN B 244 13.35 -33.50 -3.35
N PHE B 245 13.03 -34.42 -2.46
CA PHE B 245 13.46 -34.29 -1.07
C PHE B 245 14.73 -35.09 -0.85
N GLU B 246 15.54 -34.65 0.10
CA GLU B 246 16.65 -35.44 0.61
C GLU B 246 16.78 -35.10 2.08
N SER B 247 16.96 -36.08 2.94
CA SER B 247 17.05 -35.72 4.34
C SER B 247 17.67 -36.78 5.17
N ASN B 248 17.98 -36.36 6.39
CA ASN B 248 19.00 -36.99 7.12
C ASN B 248 18.54 -37.02 8.56
N GLY B 249 17.33 -36.52 8.77
CA GLY B 249 16.83 -36.35 10.11
C GLY B 249 15.89 -35.20 10.28
N ASN B 250 15.01 -35.28 11.29
CA ASN B 250 14.10 -34.19 11.65
C ASN B 250 13.13 -33.85 10.53
N PHE B 251 13.03 -34.75 9.55
CA PHE B 251 12.15 -34.55 8.41
C PHE B 251 10.72 -34.94 8.78
N ILE B 252 9.78 -34.08 8.43
CA ILE B 252 8.37 -34.41 8.53
C ILE B 252 7.89 -34.49 7.10
N ALA B 253 7.71 -35.71 6.62
CA ALA B 253 7.53 -35.94 5.19
C ALA B 253 6.06 -35.81 4.77
N PRO B 254 5.85 -35.42 3.49
CA PRO B 254 4.48 -35.38 2.95
C PRO B 254 3.84 -36.77 2.82
N GLU B 255 2.55 -36.89 3.09
CA GLU B 255 1.79 -38.04 2.59
C GLU B 255 0.77 -37.62 1.53
N TYR B 256 -0.05 -36.65 1.90
CA TYR B 256 -1.06 -36.11 1.02
C TYR B 256 -0.67 -34.70 0.53
N ALA B 257 -1.05 -34.38 -0.70
CA ALA B 257 -0.90 -33.04 -1.24
C ALA B 257 -2.16 -32.65 -2.02
N TYR B 258 -2.27 -31.38 -2.42
CA TYR B 258 -3.53 -30.89 -2.97
C TYR B 258 -3.48 -30.48 -4.44
N LYS B 259 -4.29 -31.14 -5.27
CA LYS B 259 -4.49 -30.66 -6.64
C LYS B 259 -5.40 -29.47 -6.68
N ILE B 260 -4.99 -28.44 -7.41
CA ILE B 260 -5.75 -27.24 -7.61
C ILE B 260 -6.67 -27.46 -8.78
N VAL B 261 -7.88 -27.92 -8.47
CA VAL B 261 -8.77 -28.44 -9.49
C VAL B 261 -9.47 -27.31 -10.25
N LYS B 262 -9.95 -26.30 -9.56
CA LYS B 262 -10.42 -25.13 -10.28
C LYS B 262 -10.13 -23.86 -9.48
N LYS B 263 -9.78 -22.84 -10.24
CA LYS B 263 -9.36 -21.55 -9.73
C LYS B 263 -10.43 -20.54 -10.03
N GLY B 264 -10.54 -19.52 -9.18
CA GLY B 264 -11.55 -18.50 -9.37
C GLY B 264 -11.58 -17.51 -8.22
N ASP B 265 -12.60 -16.68 -8.21
CA ASP B 265 -12.81 -15.70 -7.17
C ASP B 265 -13.27 -16.39 -5.87
N SER B 266 -12.58 -16.13 -4.77
CA SER B 266 -13.11 -16.39 -3.43
C SER B 266 -12.41 -15.47 -2.44
N THR B 267 -12.67 -15.69 -1.16
CA THR B 267 -12.14 -14.86 -0.07
C THR B 267 -12.16 -15.69 1.22
N ILE B 268 -11.39 -15.29 2.25
CA ILE B 268 -11.48 -15.89 3.59
C ILE B 268 -12.17 -14.92 4.54
N MET B 269 -13.46 -15.12 4.76
CA MET B 269 -14.21 -14.30 5.72
C MET B 269 -13.87 -14.67 7.15
N LYS B 270 -13.82 -13.67 8.03
CA LYS B 270 -13.67 -13.97 9.45
C LYS B 270 -15.01 -13.74 10.05
N SER B 271 -15.65 -14.83 10.48
CA SER B 271 -16.95 -14.77 11.16
C SER B 271 -17.12 -15.92 12.11
N GLU B 272 -17.73 -15.64 13.25
CA GLU B 272 -18.08 -16.71 14.16
C GLU B 272 -19.36 -17.46 13.75
N LEU B 273 -20.16 -16.92 12.85
CA LEU B 273 -21.41 -17.62 12.51
C LEU B 273 -21.31 -18.97 11.78
N GLU B 274 -22.43 -19.67 11.71
CA GLU B 274 -22.50 -20.99 11.08
C GLU B 274 -23.50 -20.97 9.92
N TYR B 275 -23.51 -22.04 9.14
CA TYR B 275 -24.40 -22.18 8.00
C TYR B 275 -25.90 -22.10 8.24
N GLY B 276 -26.52 -21.25 7.43
CA GLY B 276 -27.92 -20.84 7.47
C GLY B 276 -28.96 -21.41 6.49
N ASN B 277 -28.62 -22.38 5.64
CA ASN B 277 -29.57 -22.97 4.66
C ASN B 277 -30.27 -22.01 3.77
N CYS B 278 -29.50 -21.14 3.14
CA CYS B 278 -30.09 -20.04 2.40
C CYS B 278 -29.13 -19.70 1.29
N ASN B 279 -29.53 -18.71 0.51
CA ASN B 279 -28.79 -18.30 -0.63
C ASN B 279 -28.74 -16.80 -0.79
N THR B 280 -27.64 -16.29 -1.34
CA THR B 280 -27.56 -14.90 -1.76
C THR B 280 -26.63 -14.65 -2.94
N LYS B 281 -26.75 -13.46 -3.48
CA LYS B 281 -25.76 -12.97 -4.41
C LYS B 281 -24.69 -12.22 -3.64
N CYS B 282 -24.96 -11.96 -2.36
CA CYS B 282 -24.02 -11.19 -1.57
C CYS B 282 -23.88 -11.56 -0.11
N GLN B 283 -22.67 -11.85 0.33
CA GLN B 283 -22.50 -12.31 1.71
C GLN B 283 -21.55 -11.44 2.52
N THR B 284 -21.93 -11.26 3.79
CA THR B 284 -21.20 -10.44 4.74
C THR B 284 -20.92 -11.23 5.99
N PRO B 285 -19.80 -10.91 6.67
CA PRO B 285 -19.43 -11.56 7.92
C PRO B 285 -20.49 -11.40 9.00
N MET B 286 -21.42 -10.47 8.82
CA MET B 286 -22.53 -10.33 9.77
C MET B 286 -23.81 -10.95 9.25
N GLY B 287 -23.81 -11.40 8.01
CA GLY B 287 -25.02 -11.95 7.44
C GLY B 287 -25.17 -11.64 5.97
N ALA B 288 -26.12 -12.32 5.33
CA ALA B 288 -26.31 -12.24 3.88
C ALA B 288 -27.10 -10.99 3.52
N ILE B 289 -27.00 -10.57 2.26
CA ILE B 289 -27.77 -9.40 1.85
C ILE B 289 -28.66 -9.68 0.64
N ASN B 290 -29.95 -9.36 0.77
CA ASN B 290 -30.89 -9.46 -0.34
C ASN B 290 -31.45 -8.08 -0.63
N SER B 291 -30.82 -7.35 -1.62
CA SER B 291 -31.14 -5.94 -1.85
C SER B 291 -30.86 -5.46 -3.25
N SER B 292 -31.72 -4.56 -3.71
CA SER B 292 -31.48 -3.76 -4.89
C SER B 292 -30.78 -2.43 -4.62
N MET B 293 -30.59 -2.07 -3.36
CA MET B 293 -30.10 -0.73 -3.05
C MET B 293 -28.67 -0.57 -3.63
N PRO B 294 -28.28 0.65 -4.05
CA PRO B 294 -26.91 0.94 -4.49
C PRO B 294 -25.88 0.96 -3.33
N PHE B 295 -26.33 1.28 -2.13
CA PHE B 295 -25.42 1.33 -0.97
C PHE B 295 -25.80 0.40 0.17
N HIS B 296 -24.84 0.04 0.99
CA HIS B 296 -25.14 -0.57 2.28
C HIS B 296 -24.12 -0.14 3.34
N ASN B 297 -24.44 -0.39 4.59
CA ASN B 297 -23.55 0.04 5.66
C ASN B 297 -23.29 -1.09 6.66
N ILE B 298 -23.41 -2.32 6.15
CA ILE B 298 -23.28 -3.51 6.98
C ILE B 298 -21.85 -3.79 7.37
N HIS B 299 -21.00 -3.97 6.38
CA HIS B 299 -19.62 -4.38 6.63
C HIS B 299 -18.82 -4.29 5.33
N PRO B 300 -17.57 -3.81 5.42
CA PRO B 300 -16.86 -3.49 4.17
C PRO B 300 -16.29 -4.71 3.44
N LEU B 301 -16.18 -5.85 4.09
CA LEU B 301 -15.51 -7.00 3.48
C LEU B 301 -16.61 -7.87 2.97
N THR B 302 -17.05 -7.69 1.73
CA THR B 302 -18.18 -8.50 1.28
C THR B 302 -17.65 -9.39 0.17
N ILE B 303 -18.42 -10.39 -0.22
CA ILE B 303 -18.11 -11.12 -1.44
C ILE B 303 -19.38 -11.31 -2.23
N GLY B 304 -19.25 -11.40 -3.54
CA GLY B 304 -20.42 -11.58 -4.38
C GLY B 304 -20.80 -10.30 -5.05
N GLU B 305 -22.05 -10.24 -5.49
CA GLU B 305 -22.53 -9.12 -6.26
C GLU B 305 -23.26 -8.15 -5.31
N CYS B 306 -22.52 -7.22 -4.72
CA CYS B 306 -23.02 -6.47 -3.61
C CYS B 306 -23.25 -5.04 -3.92
N PRO B 307 -24.01 -4.36 -3.05
CA PRO B 307 -24.00 -2.91 -3.13
C PRO B 307 -22.67 -2.40 -2.62
N LYS B 308 -22.54 -1.07 -2.66
CA LYS B 308 -21.25 -0.45 -2.37
C LYS B 308 -21.27 0.02 -0.94
N TYR B 309 -20.21 -0.26 -0.19
CA TYR B 309 -20.21 -0.02 1.26
C TYR B 309 -19.96 1.43 1.54
N VAL B 310 -20.70 2.02 2.46
CA VAL B 310 -20.38 3.35 2.93
C VAL B 310 -20.45 3.52 4.43
N LYS B 311 -19.73 4.48 4.99
CA LYS B 311 -19.86 4.71 6.43
C LYS B 311 -21.14 5.40 6.88
N SER B 312 -21.99 5.84 5.96
CA SER B 312 -23.14 6.67 6.34
C SER B 312 -24.20 5.87 7.14
N ASN B 313 -24.91 6.59 8.01
CA ASN B 313 -26.07 6.05 8.72
C ASN B 313 -27.39 6.15 7.97
N ARG B 314 -27.41 7.01 6.95
CA ARG B 314 -28.63 7.41 6.30
C ARG B 314 -28.30 8.02 4.95
N LEU B 315 -28.97 7.56 3.91
CA LEU B 315 -28.84 8.16 2.57
C LEU B 315 -30.16 8.11 1.86
N VAL B 316 -30.79 9.27 1.65
CA VAL B 316 -32.13 9.31 1.02
C VAL B 316 -32.17 10.44 0.02
N LEU B 317 -32.49 10.07 -1.22
CA LEU B 317 -32.69 10.99 -2.33
C LEU B 317 -34.09 11.54 -2.34
N ALA B 318 -34.23 12.80 -2.70
CA ALA B 318 -35.54 13.39 -2.92
C ALA B 318 -35.98 12.87 -4.27
N THR B 319 -37.26 12.56 -4.44
CA THR B 319 -37.79 12.31 -5.76
C THR B 319 -38.93 13.27 -6.00
N GLY B 320 -39.76 13.44 -4.99
CA GLY B 320 -40.87 14.37 -5.00
C GLY B 320 -40.44 15.77 -4.58
N LEU B 321 -41.41 16.55 -4.12
CA LEU B 321 -41.23 17.99 -3.91
C LEU B 321 -41.52 18.40 -2.46
N ARG B 322 -41.31 19.67 -2.14
CA ARG B 322 -41.40 20.03 -0.74
C ARG B 322 -42.86 19.92 -0.23
N ASN B 323 -43.09 19.20 0.86
CA ASN B 323 -44.48 18.91 1.25
C ASN B 323 -45.02 19.96 2.22
N SER B 324 -46.20 20.46 1.87
CA SER B 324 -46.86 21.62 2.48
C SER B 324 -47.09 21.40 4.00
N PRO B 325 -47.54 22.43 4.78
CA PRO B 325 -47.10 22.42 6.20
C PRO B 325 -47.46 21.15 6.99
N ASP C 2 -54.47 46.03 -39.14
CA ASP C 2 -53.13 46.00 -39.71
C ASP C 2 -52.06 45.62 -38.66
N PRO C 3 -51.06 44.79 -39.03
CA PRO C 3 -49.96 44.49 -38.09
C PRO C 3 -49.03 45.64 -37.68
N GLY C 4 -48.41 45.55 -36.50
CA GLY C 4 -47.50 46.59 -36.03
C GLY C 4 -46.07 46.06 -36.05
N ASP C 5 -45.06 46.93 -35.89
CA ASP C 5 -43.66 46.44 -35.88
C ASP C 5 -43.42 45.41 -34.76
N GLN C 6 -42.29 44.70 -34.81
CA GLN C 6 -41.97 43.66 -33.83
C GLN C 6 -40.48 43.60 -33.51
N ILE C 7 -40.17 43.24 -32.26
CA ILE C 7 -38.82 42.80 -31.89
C ILE C 7 -38.90 41.51 -31.11
N CYS C 8 -38.02 40.56 -31.43
CA CYS C 8 -38.04 39.25 -30.78
C CYS C 8 -36.72 39.01 -30.09
N ILE C 9 -36.74 38.28 -28.99
CA ILE C 9 -35.50 37.87 -28.35
C ILE C 9 -35.34 36.37 -28.66
N GLY C 10 -34.12 35.91 -28.88
CA GLY C 10 -33.91 34.58 -29.42
C GLY C 10 -32.49 34.12 -29.25
N TYR C 11 -32.13 32.98 -29.80
CA TYR C 11 -30.84 32.43 -29.51
C TYR C 11 -30.30 31.56 -30.64
N HIS C 12 -29.00 31.32 -30.64
CA HIS C 12 -28.36 30.64 -31.75
C HIS C 12 -28.77 29.16 -31.91
N ALA C 13 -28.97 28.75 -33.15
CA ALA C 13 -29.12 27.34 -33.50
C ALA C 13 -28.18 27.08 -34.68
N ASN C 14 -27.82 25.83 -34.93
CA ASN C 14 -26.97 25.51 -36.08
C ASN C 14 -27.15 24.06 -36.50
N ASN C 15 -26.24 23.57 -37.34
CA ASN C 15 -26.36 22.23 -37.87
C ASN C 15 -25.47 21.25 -37.14
N SER C 16 -25.02 21.67 -35.96
CA SER C 16 -24.23 20.81 -35.11
C SER C 16 -25.06 19.62 -34.69
N THR C 17 -24.44 18.45 -34.69
CA THR C 17 -25.06 17.28 -34.08
C THR C 17 -24.23 16.81 -32.90
N GLU C 18 -23.35 17.69 -32.40
CA GLU C 18 -22.62 17.47 -31.13
C GLU C 18 -23.54 17.31 -29.92
N GLN C 19 -23.13 16.39 -29.03
CA GLN C 19 -23.98 15.91 -27.97
C GLN C 19 -23.25 15.84 -26.63
N VAL C 20 -23.91 16.29 -25.57
CA VAL C 20 -23.34 16.28 -24.22
C VAL C 20 -24.27 15.52 -23.31
N ASP C 21 -23.74 14.90 -22.27
CA ASP C 21 -24.59 14.31 -21.23
C ASP C 21 -24.80 15.22 -20.00
N THR C 22 -25.89 14.99 -19.28
CA THR C 22 -26.35 15.82 -18.13
C THR C 22 -26.85 14.84 -17.06
N ILE C 23 -26.92 15.22 -15.79
CA ILE C 23 -27.39 14.25 -14.80
C ILE C 23 -28.85 13.80 -15.01
N MET C 24 -29.66 14.69 -15.54
CA MET C 24 -31.09 14.50 -15.75
C MET C 24 -31.43 14.06 -17.16
N GLU C 25 -30.46 14.17 -18.04
CA GLU C 25 -30.74 13.95 -19.43
C GLU C 25 -29.48 13.59 -20.20
N LYS C 26 -29.53 12.45 -20.90
CA LYS C 26 -28.41 11.99 -21.72
C LYS C 26 -28.57 12.45 -23.16
N ASN C 27 -27.46 12.50 -23.88
CA ASN C 27 -27.46 12.83 -25.31
C ASN C 27 -28.19 14.14 -25.65
N VAL C 28 -27.87 15.21 -24.94
CA VAL C 28 -28.40 16.53 -25.28
C VAL C 28 -27.63 17.15 -26.44
N THR C 29 -28.35 17.55 -27.48
CA THR C 29 -27.72 18.10 -28.67
C THR C 29 -27.49 19.59 -28.49
N VAL C 30 -26.21 20.01 -28.69
CA VAL C 30 -25.79 21.37 -28.40
C VAL C 30 -25.14 22.05 -29.59
N THR C 31 -25.34 23.37 -29.66
CA THR C 31 -24.73 24.24 -30.67
C THR C 31 -23.20 24.18 -30.75
N HIS C 32 -22.55 24.08 -29.60
CA HIS C 32 -21.09 24.03 -29.54
C HIS C 32 -20.64 23.17 -28.37
N ALA C 33 -19.47 22.54 -28.53
CA ALA C 33 -19.01 21.56 -27.58
C ALA C 33 -17.49 21.52 -27.54
N GLN C 34 -16.97 20.84 -26.54
CA GLN C 34 -15.55 20.76 -26.34
C GLN C 34 -15.22 19.38 -25.83
N ASP C 35 -14.51 18.62 -26.66
CA ASP C 35 -14.04 17.30 -26.28
C ASP C 35 -12.84 17.52 -25.34
N ILE C 36 -12.70 16.72 -24.29
CA ILE C 36 -11.54 16.90 -23.43
C ILE C 36 -10.85 15.56 -23.22
N LEU C 37 -11.20 14.54 -24.01
CA LEU C 37 -10.52 13.24 -23.89
C LEU C 37 -9.72 12.84 -25.12
N GLU C 38 -8.44 12.60 -24.93
CA GLU C 38 -7.65 12.10 -26.03
C GLU C 38 -7.71 10.57 -26.09
N LYS C 39 -8.14 10.02 -27.21
CA LYS C 39 -8.31 8.58 -27.34
C LYS C 39 -7.33 8.00 -28.35
N LYS C 40 -6.49 8.88 -28.91
CA LYS C 40 -5.59 8.49 -30.00
C LYS C 40 -4.12 8.48 -29.57
N HIS C 41 -3.43 7.45 -30.03
CA HIS C 41 -1.99 7.40 -29.96
C HIS C 41 -1.40 6.93 -31.28
N ASN C 42 -0.06 6.94 -31.37
CA ASN C 42 0.57 6.65 -32.65
C ASN C 42 1.21 5.26 -32.82
N GLY C 43 1.07 4.42 -31.81
CA GLY C 43 1.54 3.04 -31.90
C GLY C 43 3.01 2.71 -32.00
N LYS C 44 3.87 3.68 -31.71
CA LYS C 44 5.33 3.48 -31.77
C LYS C 44 5.95 3.82 -30.43
N LEU C 45 7.13 3.26 -30.14
CA LEU C 45 7.96 3.69 -29.00
C LEU C 45 8.93 4.74 -29.47
N CYS C 46 9.00 5.85 -28.75
CA CYS C 46 9.84 6.97 -29.18
C CYS C 46 10.91 7.54 -28.26
N ASP C 47 11.84 8.26 -28.88
CA ASP C 47 12.65 9.22 -28.18
C ASP C 47 11.69 9.99 -27.32
N LEU C 48 12.13 10.30 -26.11
CA LEU C 48 11.32 11.15 -25.28
C LEU C 48 11.86 12.54 -25.50
N ASP C 49 12.32 13.30 -24.54
CA ASP C 49 12.46 14.70 -24.94
C ASP C 49 13.56 14.91 -25.96
N GLY C 50 14.62 14.13 -25.90
CA GLY C 50 15.69 14.23 -26.87
C GLY C 50 16.13 12.81 -27.08
N VAL C 51 15.93 12.09 -25.99
CA VAL C 51 16.66 10.90 -25.64
C VAL C 51 16.01 9.57 -25.99
N LYS C 52 16.65 8.83 -26.88
CA LYS C 52 16.19 7.49 -27.19
C LYS C 52 16.17 6.59 -25.97
N PRO C 53 15.11 5.78 -25.85
CA PRO C 53 15.05 4.81 -24.77
C PRO C 53 15.96 3.64 -25.01
N LEU C 54 16.36 2.95 -23.94
CA LEU C 54 17.08 1.69 -24.05
C LEU C 54 16.02 0.67 -24.31
N ILE C 55 15.81 0.31 -25.57
CA ILE C 55 14.89 -0.77 -25.85
C ILE C 55 15.64 -2.10 -25.87
N LEU C 56 15.66 -2.80 -24.76
CA LEU C 56 16.09 -4.19 -24.73
C LEU C 56 15.22 -5.04 -25.66
N ARG C 57 15.78 -6.02 -26.32
CA ARG C 57 14.91 -6.70 -27.23
C ARG C 57 14.41 -7.95 -26.59
N ASP C 58 15.13 -9.03 -26.83
CA ASP C 58 14.82 -10.27 -26.17
C ASP C 58 15.64 -10.41 -24.93
N CYS C 59 16.30 -9.33 -24.51
CA CYS C 59 16.98 -9.41 -23.24
C CYS C 59 16.06 -8.87 -22.14
N SER C 60 16.27 -9.39 -20.94
CA SER C 60 15.69 -8.94 -19.69
C SER C 60 16.59 -7.94 -19.00
N VAL C 61 16.07 -7.29 -17.96
CA VAL C 61 16.91 -6.36 -17.22
C VAL C 61 18.07 -7.12 -16.57
N ALA C 62 17.80 -8.33 -16.09
CA ALA C 62 18.84 -9.17 -15.48
C ALA C 62 19.88 -9.55 -16.51
N GLY C 63 19.37 -10.15 -17.57
CA GLY C 63 20.13 -10.50 -18.76
C GLY C 63 21.08 -9.40 -19.17
N TRP C 64 20.61 -8.16 -19.09
CA TRP C 64 21.44 -7.04 -19.54
C TRP C 64 22.56 -6.72 -18.55
N LEU C 65 22.19 -6.58 -17.28
CA LEU C 65 23.11 -6.18 -16.22
C LEU C 65 24.16 -7.24 -15.96
N LEU C 66 23.75 -8.50 -15.96
CA LEU C 66 24.72 -9.58 -15.75
C LEU C 66 25.53 -9.83 -17.03
N GLY C 67 24.94 -9.52 -18.17
CA GLY C 67 25.62 -9.55 -19.46
C GLY C 67 25.56 -10.96 -20.03
N ASN C 68 24.37 -11.55 -20.04
CA ASN C 68 24.12 -12.75 -20.80
C ASN C 68 24.69 -12.52 -22.20
N PRO C 69 25.46 -13.49 -22.69
CA PRO C 69 26.12 -13.50 -23.99
C PRO C 69 25.18 -13.14 -25.16
N MET C 70 23.92 -13.52 -25.05
CA MET C 70 22.99 -13.20 -26.10
C MET C 70 22.59 -11.73 -26.09
N CYS C 71 23.01 -11.01 -25.05
CA CYS C 71 22.64 -9.60 -24.94
C CYS C 71 23.79 -8.71 -25.28
N ASP C 72 24.69 -9.19 -26.10
CA ASP C 72 25.90 -8.42 -26.32
C ASP C 72 25.59 -7.05 -26.89
N GLU C 73 24.49 -6.92 -27.63
CA GLU C 73 24.20 -5.62 -28.24
C GLU C 73 24.18 -4.50 -27.19
N PHE C 74 23.99 -4.85 -25.92
CA PHE C 74 23.74 -3.84 -24.87
C PHE C 74 24.92 -3.74 -23.93
N ILE C 75 26.09 -4.18 -24.37
CA ILE C 75 27.29 -4.18 -23.55
C ILE C 75 27.58 -2.77 -23.05
N ASN C 76 27.44 -1.74 -23.89
CA ASN C 76 27.78 -0.42 -23.40
C ASN C 76 26.94 0.77 -23.84
N VAL C 77 25.81 0.94 -23.16
CA VAL C 77 24.75 1.83 -23.62
C VAL C 77 24.97 3.26 -23.12
N PRO C 78 24.68 4.25 -23.96
CA PRO C 78 24.67 5.72 -23.85
C PRO C 78 23.49 6.08 -22.99
N GLU C 79 23.38 7.32 -22.52
CA GLU C 79 22.25 7.73 -21.69
C GLU C 79 20.90 7.46 -22.34
N TRP C 80 19.93 7.03 -21.54
CA TRP C 80 18.64 6.57 -22.02
C TRP C 80 17.57 7.39 -21.28
N SER C 81 16.33 7.39 -21.80
CA SER C 81 15.19 8.10 -21.22
C SER C 81 14.26 7.17 -20.50
N TYR C 82 13.96 6.02 -21.10
CA TYR C 82 13.29 4.96 -20.37
C TYR C 82 13.74 3.56 -20.85
N ILE C 83 13.53 2.54 -20.05
CA ILE C 83 13.84 1.19 -20.48
C ILE C 83 12.55 0.47 -20.90
N VAL C 84 12.61 -0.32 -21.96
CA VAL C 84 11.48 -1.12 -22.43
C VAL C 84 11.80 -2.60 -22.39
N GLU C 85 10.96 -3.40 -21.74
CA GLU C 85 11.24 -4.81 -21.52
C GLU C 85 10.03 -5.62 -21.94
N LYS C 86 10.28 -6.71 -22.64
CA LYS C 86 9.18 -7.56 -23.06
C LYS C 86 8.61 -8.35 -21.90
N ALA C 87 7.44 -8.94 -22.08
CA ALA C 87 6.82 -9.61 -20.96
C ALA C 87 7.68 -10.79 -20.58
N ASN C 88 8.12 -11.55 -21.58
CA ASN C 88 8.97 -12.72 -21.30
C ASN C 88 10.16 -12.81 -22.22
N PRO C 89 11.19 -12.00 -21.93
CA PRO C 89 12.46 -11.98 -22.63
C PRO C 89 13.01 -13.37 -22.71
N VAL C 90 13.34 -13.79 -23.94
CA VAL C 90 13.92 -15.11 -24.19
C VAL C 90 15.31 -15.20 -23.56
N ASN C 91 16.02 -14.08 -23.51
CA ASN C 91 17.41 -14.06 -23.03
C ASN C 91 17.52 -13.43 -21.65
N ASP C 92 17.47 -14.29 -20.63
CA ASP C 92 17.39 -13.85 -19.25
C ASP C 92 18.53 -14.53 -18.48
N LEU C 93 18.23 -15.48 -17.61
CA LEU C 93 19.28 -16.17 -16.87
C LEU C 93 19.61 -17.46 -17.59
N CYS C 94 20.40 -17.40 -18.65
CA CYS C 94 20.69 -18.61 -19.43
C CYS C 94 21.03 -19.80 -18.52
N TYR C 95 21.94 -19.59 -17.55
CA TYR C 95 22.15 -20.54 -16.46
C TYR C 95 21.14 -20.35 -15.35
N PRO C 96 20.29 -21.34 -15.09
CA PRO C 96 19.16 -21.16 -14.18
C PRO C 96 19.60 -20.70 -12.80
N GLY C 97 18.71 -19.99 -12.11
CA GLY C 97 19.06 -19.45 -10.82
C GLY C 97 18.05 -18.43 -10.39
N ASP C 98 18.59 -17.36 -9.81
CA ASP C 98 17.84 -16.38 -9.05
C ASP C 98 18.62 -15.05 -8.88
N PHE C 99 17.94 -13.93 -8.78
CA PHE C 99 18.59 -12.62 -8.74
C PHE C 99 18.01 -11.94 -7.53
N ASN C 100 18.86 -11.74 -6.52
CA ASN C 100 18.42 -11.29 -5.22
C ASN C 100 17.91 -9.86 -5.23
N ASP C 101 16.81 -9.62 -4.51
CA ASP C 101 16.18 -8.29 -4.46
C ASP C 101 16.12 -7.72 -5.87
N TYR C 102 15.74 -8.60 -6.79
CA TYR C 102 15.74 -8.25 -8.18
C TYR C 102 14.78 -7.10 -8.43
N GLU C 103 13.64 -7.14 -7.77
CA GLU C 103 12.65 -6.09 -7.96
C GLU C 103 13.11 -4.78 -7.33
N GLU C 104 13.75 -4.87 -6.16
CA GLU C 104 14.25 -3.66 -5.50
C GLU C 104 15.31 -3.00 -6.34
N LEU C 105 16.03 -3.82 -7.10
CA LEU C 105 17.05 -3.27 -7.98
C LEU C 105 16.47 -2.61 -9.17
N LYS C 106 15.44 -3.24 -9.72
CA LYS C 106 14.73 -2.70 -10.87
C LYS C 106 14.15 -1.34 -10.48
N HIS C 107 13.74 -1.25 -9.21
CA HIS C 107 13.19 -0.02 -8.68
C HIS C 107 14.26 1.06 -8.71
N LEU C 108 15.48 0.68 -8.34
CA LEU C 108 16.62 1.60 -8.42
C LEU C 108 16.80 2.12 -9.85
N LEU C 109 16.64 1.24 -10.85
CA LEU C 109 16.76 1.64 -12.26
C LEU C 109 15.75 2.65 -12.71
N SER C 110 14.59 2.61 -12.07
CA SER C 110 13.58 3.59 -12.39
C SER C 110 14.04 5.02 -12.10
N ARG C 111 15.11 5.14 -11.31
CA ARG C 111 15.70 6.47 -11.06
C ARG C 111 17.06 6.78 -11.77
N ILE C 112 17.51 5.89 -12.66
CA ILE C 112 18.81 6.05 -13.30
C ILE C 112 18.69 6.26 -14.81
N ASN C 113 19.42 7.21 -15.36
CA ASN C 113 19.39 7.52 -16.80
C ASN C 113 20.66 7.14 -17.55
N HIS C 114 21.70 6.79 -16.82
CA HIS C 114 22.96 6.38 -17.46
C HIS C 114 23.97 5.57 -16.68
N PHE C 115 24.31 4.41 -17.24
CA PHE C 115 25.46 3.70 -16.76
C PHE C 115 26.67 3.91 -17.64
N GLU C 116 27.86 4.00 -17.03
CA GLU C 116 29.15 3.76 -17.69
C GLU C 116 29.77 2.54 -17.02
N LYS C 117 29.98 1.51 -17.78
CA LYS C 117 30.48 0.24 -17.28
C LYS C 117 31.99 0.30 -17.04
N ILE C 118 32.43 -0.06 -15.85
CA ILE C 118 33.88 -0.12 -15.63
C ILE C 118 34.34 -1.48 -15.12
N GLN C 119 35.62 -1.76 -15.35
CA GLN C 119 36.26 -2.97 -14.84
C GLN C 119 36.84 -2.73 -13.45
N ILE C 120 36.48 -3.58 -12.49
CA ILE C 120 36.93 -3.39 -11.12
C ILE C 120 37.80 -4.54 -10.70
N ILE C 121 37.57 -5.70 -11.31
CA ILE C 121 38.48 -6.84 -11.17
C ILE C 121 38.79 -7.44 -12.54
N PRO C 122 40.00 -7.21 -13.07
CA PRO C 122 40.25 -7.74 -14.42
C PRO C 122 40.23 -9.27 -14.43
N LYS C 123 39.71 -9.86 -15.52
CA LYS C 123 39.64 -11.32 -15.66
C LYS C 123 41.04 -11.93 -15.64
N SER C 124 41.95 -11.19 -16.25
CA SER C 124 43.34 -11.58 -16.35
C SER C 124 44.13 -11.62 -15.01
N SER C 125 43.62 -10.96 -13.98
CA SER C 125 44.31 -10.82 -12.69
C SER C 125 44.15 -12.03 -11.78
N TRP C 126 43.43 -13.06 -12.24
CA TRP C 126 43.17 -14.23 -11.40
C TRP C 126 44.27 -15.28 -11.58
N SER C 127 45.31 -15.12 -10.77
CA SER C 127 46.55 -15.88 -10.92
C SER C 127 46.45 -17.28 -10.42
N SER C 128 46.01 -17.43 -9.18
CA SER C 128 45.94 -18.74 -8.59
C SER C 128 44.59 -19.47 -8.78
N HIS C 129 43.78 -19.02 -9.74
CA HIS C 129 42.55 -19.73 -10.12
C HIS C 129 42.26 -19.77 -11.61
N GLU C 130 41.65 -20.86 -12.10
CA GLU C 130 41.26 -20.87 -13.51
C GLU C 130 40.03 -19.97 -13.72
N ALA C 131 40.18 -19.02 -14.64
CA ALA C 131 39.14 -18.05 -14.93
C ALA C 131 38.54 -18.31 -16.29
N SER C 132 39.25 -19.07 -17.09
CA SER C 132 38.79 -19.28 -18.45
C SER C 132 38.06 -20.61 -18.63
N LEU C 133 37.89 -21.33 -17.52
CA LEU C 133 37.30 -22.65 -17.60
C LEU C 133 35.88 -22.52 -17.10
N GLY C 134 35.47 -21.28 -16.86
CA GLY C 134 34.21 -21.03 -16.18
C GLY C 134 33.03 -20.75 -17.10
N VAL C 135 32.57 -21.82 -17.76
CA VAL C 135 31.75 -21.69 -18.94
C VAL C 135 30.69 -22.78 -18.96
N SER C 136 29.63 -22.64 -19.74
CA SER C 136 28.54 -23.63 -19.62
C SER C 136 27.69 -23.70 -20.88
N SER C 137 27.25 -24.93 -21.17
CA SER C 137 26.35 -25.23 -22.26
C SER C 137 24.99 -24.54 -22.11
N ALA C 138 24.62 -24.22 -20.87
CA ALA C 138 23.42 -23.46 -20.59
C ALA C 138 23.53 -22.05 -21.17
N CYS C 139 24.73 -21.58 -21.47
CA CYS C 139 24.92 -20.22 -22.03
C CYS C 139 25.65 -20.23 -23.35
N PRO C 140 25.04 -20.77 -24.41
CA PRO C 140 25.72 -20.77 -25.71
C PRO C 140 25.82 -19.36 -26.24
N TYR C 141 26.98 -19.01 -26.81
CA TYR C 141 27.15 -17.77 -27.54
C TYR C 141 27.01 -18.06 -29.03
N GLN C 142 27.85 -18.93 -29.58
CA GLN C 142 27.66 -19.40 -30.95
C GLN C 142 28.30 -20.74 -31.18
N GLY C 143 27.61 -21.78 -30.73
CA GLY C 143 28.23 -23.10 -30.65
C GLY C 143 28.93 -23.13 -29.32
N LYS C 144 30.23 -22.87 -29.37
CA LYS C 144 31.09 -22.66 -28.19
C LYS C 144 30.28 -22.14 -27.01
N SER C 145 30.09 -23.02 -26.03
CA SER C 145 29.34 -22.67 -24.84
C SER C 145 30.05 -21.65 -23.93
N SER C 146 29.26 -20.71 -23.40
CA SER C 146 29.88 -19.51 -22.84
C SER C 146 29.36 -19.18 -21.39
N PHE C 147 29.31 -17.88 -21.05
CA PHE C 147 28.82 -17.40 -19.75
C PHE C 147 28.59 -15.91 -19.72
N PHE C 148 27.88 -15.49 -18.68
CA PHE C 148 27.71 -14.07 -18.33
C PHE C 148 29.01 -13.32 -18.51
N ARG C 149 28.95 -12.24 -19.28
CA ARG C 149 30.14 -11.48 -19.61
C ARG C 149 30.68 -10.65 -18.48
N ASN C 150 29.84 -10.26 -17.54
CA ASN C 150 30.27 -9.30 -16.52
C ASN C 150 30.77 -9.91 -15.22
N VAL C 151 30.71 -11.24 -15.12
CA VAL C 151 31.20 -11.95 -13.95
C VAL C 151 31.99 -13.22 -14.35
N VAL C 152 32.94 -13.62 -13.52
CA VAL C 152 33.81 -14.75 -13.84
C VAL C 152 33.43 -16.00 -13.05
N TRP C 153 33.29 -17.13 -13.72
CA TRP C 153 33.04 -18.34 -12.95
C TRP C 153 34.37 -18.96 -12.56
N LEU C 154 34.93 -18.57 -11.41
CA LEU C 154 36.27 -19.07 -11.05
C LEU C 154 36.22 -20.53 -10.61
N ILE C 155 37.31 -21.23 -10.92
CA ILE C 155 37.39 -22.69 -10.77
C ILE C 155 38.83 -23.08 -10.38
N LYS C 156 39.00 -24.29 -9.83
CA LYS C 156 40.28 -24.71 -9.26
C LYS C 156 41.42 -24.81 -10.29
N LYS C 157 42.60 -24.33 -9.85
CA LYS C 157 43.81 -24.38 -10.65
C LYS C 157 44.75 -25.36 -9.98
N ASN C 158 45.42 -26.16 -10.81
CA ASN C 158 46.11 -27.36 -10.34
C ASN C 158 45.05 -28.19 -9.66
N SER C 159 45.37 -28.81 -8.54
CA SER C 159 44.32 -29.51 -7.86
C SER C 159 43.61 -28.63 -6.82
N THR C 160 43.89 -27.34 -6.75
CA THR C 160 43.57 -26.58 -5.52
C THR C 160 42.81 -25.25 -5.67
N TYR C 161 42.27 -24.73 -4.55
CA TYR C 161 41.46 -23.49 -4.55
C TYR C 161 41.82 -22.62 -3.34
N PRO C 162 42.87 -21.78 -3.48
CA PRO C 162 43.36 -20.89 -2.42
C PRO C 162 42.28 -19.95 -1.95
N THR C 163 42.31 -19.51 -0.70
CA THR C 163 41.37 -18.51 -0.23
C THR C 163 41.55 -17.22 -1.04
N ILE C 164 40.49 -16.74 -1.67
CA ILE C 164 40.52 -15.46 -2.36
C ILE C 164 40.31 -14.32 -1.37
N LYS C 165 41.12 -13.26 -1.50
CA LYS C 165 40.97 -12.06 -0.70
C LYS C 165 41.22 -10.86 -1.62
N ARG C 166 40.16 -10.34 -2.20
CA ARG C 166 40.28 -9.27 -3.19
C ARG C 166 39.44 -8.08 -2.74
N SER C 167 39.87 -6.88 -3.06
CA SER C 167 39.03 -5.75 -2.72
C SER C 167 39.17 -4.58 -3.67
N TYR C 168 38.04 -3.89 -3.95
CA TYR C 168 38.03 -2.73 -4.84
C TYR C 168 37.66 -1.48 -4.05
N ASN C 169 38.34 -0.36 -4.30
CA ASN C 169 38.05 0.87 -3.56
C ASN C 169 37.51 1.80 -4.62
N ASN C 170 36.46 2.51 -4.25
CA ASN C 170 35.72 3.32 -5.19
C ASN C 170 36.28 4.73 -5.25
N THR C 171 37.36 4.87 -6.00
CA THR C 171 38.01 6.15 -6.18
C THR C 171 37.24 7.13 -7.08
N ASN C 172 36.17 6.63 -7.70
CA ASN C 172 35.27 7.47 -8.49
C ASN C 172 34.48 8.44 -7.67
N GLN C 173 33.69 9.27 -8.35
CA GLN C 173 32.88 10.30 -7.69
C GLN C 173 31.45 9.89 -7.59
N GLU C 174 31.10 8.79 -8.24
CA GLU C 174 29.71 8.40 -8.33
C GLU C 174 29.49 7.02 -7.74
N ASP C 175 28.26 6.80 -7.28
CA ASP C 175 27.83 5.50 -6.72
C ASP C 175 28.13 4.38 -7.69
N LEU C 176 28.45 3.21 -7.18
CA LEU C 176 28.83 2.14 -8.06
C LEU C 176 27.97 0.87 -7.85
N LEU C 177 27.37 0.38 -8.92
CA LEU C 177 26.59 -0.85 -8.84
C LEU C 177 27.48 -2.03 -9.05
N VAL C 178 27.65 -2.81 -8.00
CA VAL C 178 28.51 -4.00 -8.07
C VAL C 178 27.72 -5.32 -8.05
N LEU C 179 28.07 -6.24 -8.95
CA LEU C 179 27.40 -7.53 -8.98
C LEU C 179 28.33 -8.71 -8.75
N TRP C 180 27.84 -9.76 -8.09
CA TRP C 180 28.58 -11.03 -7.93
C TRP C 180 27.60 -12.20 -7.68
N GLY C 181 28.14 -13.42 -7.51
CA GLY C 181 27.26 -14.56 -7.34
C GLY C 181 27.78 -15.78 -6.62
N ILE C 182 26.90 -16.73 -6.37
CA ILE C 182 27.31 -17.98 -5.75
C ILE C 182 26.77 -19.14 -6.58
N HIS C 183 27.55 -20.21 -6.68
CA HIS C 183 27.13 -21.42 -7.36
C HIS C 183 26.64 -22.48 -6.41
N HIS C 184 25.41 -22.91 -6.67
CA HIS C 184 24.83 -24.03 -5.95
C HIS C 184 24.88 -25.30 -6.79
N PRO C 185 25.78 -26.24 -6.45
CA PRO C 185 25.97 -27.44 -7.27
C PRO C 185 24.97 -28.54 -6.95
N ASN C 186 24.98 -29.60 -7.74
CA ASN C 186 24.11 -30.78 -7.56
C ASN C 186 24.39 -31.70 -6.37
N ASP C 187 25.67 -31.97 -6.11
CA ASP C 187 26.12 -32.93 -5.09
C ASP C 187 27.57 -32.69 -4.63
N ALA C 188 28.00 -33.38 -3.57
CA ALA C 188 29.36 -33.22 -3.04
C ALA C 188 30.42 -33.52 -4.10
N ALA C 189 30.09 -34.50 -4.96
CA ALA C 189 30.93 -34.89 -6.06
C ALA C 189 31.25 -33.74 -7.01
N GLU C 190 30.19 -33.08 -7.49
CA GLU C 190 30.36 -31.99 -8.43
C GLU C 190 31.03 -30.84 -7.69
N GLN C 191 30.72 -30.73 -6.40
CA GLN C 191 31.31 -29.68 -5.57
C GLN C 191 32.79 -29.88 -5.57
N THR C 192 33.19 -31.10 -5.33
CA THR C 192 34.58 -31.37 -5.24
C THR C 192 35.24 -31.41 -6.64
N LYS C 193 34.62 -32.00 -7.65
CA LYS C 193 35.12 -31.87 -9.03
C LYS C 193 35.53 -30.43 -9.47
N LEU C 194 34.72 -29.42 -9.15
CA LEU C 194 34.94 -28.05 -9.66
C LEU C 194 35.73 -27.04 -8.79
N TYR C 195 35.70 -27.24 -7.49
CA TYR C 195 36.26 -26.32 -6.50
C TYR C 195 36.86 -27.47 -5.78
N GLN C 196 37.48 -27.34 -4.63
CA GLN C 196 38.07 -28.56 -4.15
C GLN C 196 37.52 -28.76 -2.77
N ASN C 197 37.65 -27.69 -2.04
CA ASN C 197 37.35 -27.56 -0.65
C ASN C 197 35.84 -27.79 -0.54
N PRO C 198 35.41 -28.71 0.34
CA PRO C 198 34.03 -29.20 0.44
C PRO C 198 33.12 -28.29 1.24
N THR C 199 33.69 -27.50 2.13
CA THR C 199 32.91 -26.65 2.98
C THR C 199 33.37 -25.24 2.68
N THR C 200 32.50 -24.53 1.98
CA THR C 200 32.82 -23.21 1.44
C THR C 200 31.86 -22.08 1.82
N TYR C 201 32.22 -20.87 1.39
CA TYR C 201 31.54 -19.66 1.83
C TYR C 201 32.02 -18.50 0.97
N ILE C 202 31.21 -17.47 0.85
CA ILE C 202 31.67 -16.21 0.28
C ILE C 202 31.34 -15.09 1.22
N SER C 203 32.33 -14.34 1.66
CA SER C 203 32.04 -13.22 2.54
C SER C 203 32.32 -11.92 1.80
N VAL C 204 31.41 -10.97 1.99
CA VAL C 204 31.40 -9.68 1.31
C VAL C 204 31.13 -8.56 2.31
N GLY C 205 31.90 -7.49 2.23
CA GLY C 205 31.77 -6.43 3.22
C GLY C 205 31.89 -5.04 2.64
N THR C 206 31.09 -4.13 3.18
CA THR C 206 31.14 -2.74 2.78
C THR C 206 31.10 -1.95 4.08
N SER C 207 30.94 -0.63 4.02
CA SER C 207 30.63 0.10 5.23
C SER C 207 29.24 -0.28 5.77
N THR C 208 28.41 -0.84 4.90
CA THR C 208 27.05 -1.20 5.27
C THR C 208 26.77 -2.69 5.11
N LEU C 209 27.48 -3.37 4.21
CA LEU C 209 27.21 -4.79 3.94
C LEU C 209 27.96 -5.73 4.86
N ASN C 210 27.27 -6.78 5.27
CA ASN C 210 27.87 -7.81 6.12
C ASN C 210 27.36 -9.17 5.69
N GLN C 211 27.76 -9.57 4.48
CA GLN C 211 27.25 -10.80 3.88
C GLN C 211 28.23 -11.97 3.94
N ARG C 212 27.74 -13.13 4.38
CA ARG C 212 28.48 -14.37 4.21
C ARG C 212 27.61 -15.42 3.53
N LEU C 213 27.80 -15.64 2.23
CA LEU C 213 26.97 -16.59 1.48
C LEU C 213 27.51 -17.98 1.56
N VAL C 214 26.62 -18.95 1.60
CA VAL C 214 27.04 -20.34 1.72
C VAL C 214 26.27 -21.16 0.71
N PRO C 215 27.01 -21.87 -0.14
CA PRO C 215 26.37 -22.68 -1.17
C PRO C 215 25.45 -23.71 -0.58
N ARG C 216 24.40 -24.04 -1.32
CA ARG C 216 23.32 -24.85 -0.81
C ARG C 216 23.16 -26.01 -1.75
N ILE C 217 23.34 -27.25 -1.28
CA ILE C 217 23.16 -28.39 -2.17
C ILE C 217 21.80 -29.09 -2.06
N ALA C 218 21.28 -29.51 -3.22
CA ALA C 218 19.94 -30.10 -3.36
C ALA C 218 19.77 -30.66 -4.79
N THR C 219 18.90 -31.64 -4.91
CA THR C 219 18.74 -32.33 -6.19
C THR C 219 17.54 -31.69 -6.83
N ARG C 220 17.75 -31.14 -8.01
CA ARG C 220 16.73 -30.29 -8.61
C ARG C 220 16.50 -30.66 -10.07
N SER C 221 15.29 -30.37 -10.55
CA SER C 221 14.94 -30.62 -11.94
C SER C 221 15.79 -29.78 -12.90
N LYS C 222 16.07 -30.30 -14.09
CA LYS C 222 16.87 -29.52 -15.05
C LYS C 222 16.10 -28.35 -15.64
N VAL C 223 16.82 -27.24 -15.78
CA VAL C 223 16.30 -26.07 -16.44
C VAL C 223 17.38 -25.56 -17.34
N ASN C 224 17.09 -25.40 -18.63
CA ASN C 224 18.18 -25.21 -19.61
C ASN C 224 19.30 -26.22 -19.43
N GLY C 225 18.92 -27.47 -19.17
CA GLY C 225 19.90 -28.53 -19.03
C GLY C 225 20.75 -28.59 -17.78
N GLN C 226 20.57 -27.64 -16.88
CA GLN C 226 21.37 -27.62 -15.67
C GLN C 226 20.50 -27.94 -14.47
N SER C 227 20.99 -28.87 -13.66
CA SER C 227 20.35 -29.16 -12.40
C SER C 227 20.98 -28.28 -11.31
N GLY C 228 22.07 -27.60 -11.67
CA GLY C 228 22.69 -26.64 -10.78
C GLY C 228 21.98 -25.29 -10.79
N ARG C 229 22.31 -24.41 -9.86
CA ARG C 229 21.68 -23.09 -9.81
C ARG C 229 22.73 -22.02 -9.53
N MET C 230 22.47 -20.81 -10.00
CA MET C 230 23.39 -19.71 -9.84
C MET C 230 22.59 -18.60 -9.13
N GLU C 231 23.12 -17.99 -8.07
CA GLU C 231 22.33 -16.98 -7.33
C GLU C 231 23.11 -15.68 -7.23
N PHE C 232 22.60 -14.61 -7.84
CA PHE C 232 23.40 -13.40 -7.95
C PHE C 232 23.00 -12.37 -6.91
N PHE C 233 23.94 -11.53 -6.50
CA PHE C 233 23.71 -10.53 -5.46
C PHE C 233 24.27 -9.19 -5.89
N TRP C 234 23.97 -8.14 -5.15
CA TRP C 234 24.44 -6.84 -5.61
C TRP C 234 24.46 -5.87 -4.45
N THR C 235 25.15 -4.77 -4.63
CA THR C 235 25.17 -3.71 -3.65
C THR C 235 25.55 -2.42 -4.34
N ILE C 236 25.28 -1.31 -3.70
CA ILE C 236 25.72 -0.02 -4.21
C ILE C 236 26.88 0.47 -3.39
N LEU C 237 28.03 0.67 -4.03
CA LEU C 237 29.23 0.97 -3.27
C LEU C 237 29.47 2.46 -3.36
N LYS C 238 29.28 3.14 -2.23
CA LYS C 238 29.29 4.59 -2.20
C LYS C 238 30.66 5.10 -2.62
N PRO C 239 30.77 6.35 -3.10
CA PRO C 239 32.11 6.86 -3.39
C PRO C 239 33.03 6.88 -2.15
N ASN C 240 34.29 6.47 -2.33
CA ASN C 240 35.33 6.48 -1.27
C ASN C 240 35.23 5.33 -0.32
N ASP C 241 34.37 4.38 -0.64
CA ASP C 241 34.15 3.22 0.18
C ASP C 241 34.68 1.99 -0.54
N ALA C 242 34.90 0.89 0.17
CA ALA C 242 35.39 -0.29 -0.52
C ALA C 242 34.59 -1.54 -0.22
N ILE C 243 34.69 -2.48 -1.15
CA ILE C 243 34.03 -3.76 -1.01
C ILE C 243 35.09 -4.84 -0.94
N ASN C 244 34.96 -5.71 0.06
CA ASN C 244 35.95 -6.74 0.31
C ASN C 244 35.34 -8.11 0.18
N PHE C 245 35.80 -8.89 -0.79
CA PHE C 245 35.33 -10.25 -0.90
C PHE C 245 36.32 -11.20 -0.26
N GLU C 246 35.81 -12.32 0.22
CA GLU C 246 36.69 -13.41 0.59
C GLU C 246 35.99 -14.71 0.29
N SER C 247 36.69 -15.64 -0.30
CA SER C 247 36.06 -16.90 -0.62
C SER C 247 37.06 -17.99 -0.90
N ASN C 248 36.52 -19.19 -0.91
CA ASN C 248 37.26 -20.40 -0.64
C ASN C 248 36.69 -21.43 -1.58
N GLY C 249 35.77 -20.97 -2.43
CA GLY C 249 35.00 -21.84 -3.31
C GLY C 249 33.61 -21.36 -3.65
N ASN C 250 33.13 -21.79 -4.82
CA ASN C 250 31.78 -21.54 -5.38
C ASN C 250 31.54 -20.04 -5.66
N PHE C 251 32.59 -19.24 -5.66
CA PHE C 251 32.50 -17.80 -5.88
C PHE C 251 32.39 -17.48 -7.35
N ILE C 252 31.43 -16.61 -7.70
CA ILE C 252 31.33 -16.02 -9.04
C ILE C 252 31.63 -14.54 -8.91
N ALA C 253 32.84 -14.17 -9.31
CA ALA C 253 33.44 -12.88 -9.00
C ALA C 253 33.09 -11.80 -9.99
N PRO C 254 33.09 -10.54 -9.54
CA PRO C 254 32.88 -9.44 -10.48
C PRO C 254 33.99 -9.28 -11.49
N GLU C 255 33.68 -8.95 -12.73
CA GLU C 255 34.70 -8.37 -13.60
C GLU C 255 34.38 -6.92 -13.90
N TYR C 256 33.17 -6.71 -14.42
CA TYR C 256 32.69 -5.39 -14.76
C TYR C 256 31.65 -4.95 -13.75
N ALA C 257 31.60 -3.65 -13.50
CA ALA C 257 30.58 -3.05 -12.69
C ALA C 257 30.08 -1.75 -13.29
N TYR C 258 29.01 -1.19 -12.72
CA TYR C 258 28.34 -0.06 -13.34
C TYR C 258 28.40 1.23 -12.50
N LYS C 259 29.00 2.28 -13.05
CA LYS C 259 28.91 3.63 -12.50
C LYS C 259 27.58 4.27 -12.79
N ILE C 260 26.98 4.85 -11.77
CA ILE C 260 25.71 5.55 -11.89
C ILE C 260 26.10 6.95 -12.28
N VAL C 261 26.12 7.16 -13.58
CA VAL C 261 26.72 8.36 -14.10
C VAL C 261 25.81 9.55 -13.99
N LYS C 262 24.53 9.36 -14.29
CA LYS C 262 23.56 10.40 -13.98
C LYS C 262 22.21 9.80 -13.60
N LYS C 263 21.56 10.46 -12.65
CA LYS C 263 20.29 10.03 -12.07
C LYS C 263 19.19 10.96 -12.53
N GLY C 264 17.96 10.44 -12.61
CA GLY C 264 16.81 11.21 -13.06
C GLY C 264 15.53 10.39 -13.21
N ASP C 265 14.50 10.99 -13.82
CA ASP C 265 13.23 10.29 -14.07
C ASP C 265 13.40 9.29 -15.16
N SER C 266 13.02 8.05 -14.90
CA SER C 266 12.77 7.06 -15.96
C SER C 266 11.83 6.00 -15.45
N THR C 267 11.61 4.98 -16.26
CA THR C 267 10.66 3.93 -15.91
C THR C 267 11.01 2.67 -16.66
N ILE C 268 10.51 1.52 -16.19
CA ILE C 268 10.63 0.30 -16.97
C ILE C 268 9.28 -0.06 -17.57
N MET C 269 9.07 0.31 -18.83
CA MET C 269 7.85 -0.03 -19.54
C MET C 269 7.76 -1.46 -19.99
N LYS C 270 6.56 -2.04 -19.95
CA LYS C 270 6.36 -3.36 -20.49
C LYS C 270 5.67 -3.17 -21.78
N SER C 271 6.40 -3.46 -22.85
CA SER C 271 5.84 -3.39 -24.19
C SER C 271 6.49 -4.38 -25.13
N GLU C 272 5.68 -4.97 -26.00
CA GLU C 272 6.24 -5.80 -27.04
C GLU C 272 6.77 -4.99 -28.19
N LEU C 273 6.40 -3.72 -28.27
CA LEU C 273 6.86 -2.91 -29.40
C LEU C 273 8.36 -2.58 -29.47
N GLU C 274 8.77 -2.06 -30.63
CA GLU C 274 10.14 -1.68 -30.95
C GLU C 274 10.24 -0.15 -31.30
N TYR C 275 11.46 0.35 -31.45
CA TYR C 275 11.69 1.74 -31.81
C TYR C 275 11.08 2.25 -33.14
N GLY C 276 10.40 3.38 -33.00
CA GLY C 276 9.60 4.08 -33.98
C GLY C 276 10.11 5.32 -34.70
N ASN C 277 11.37 5.73 -34.55
CA ASN C 277 11.90 6.96 -35.23
C ASN C 277 11.12 8.21 -35.04
N CYS C 278 10.83 8.54 -33.80
CA CYS C 278 9.93 9.63 -33.53
C CYS C 278 10.22 10.29 -32.20
N ASN C 279 9.44 11.29 -31.90
CA ASN C 279 9.66 12.05 -30.70
C ASN C 279 8.35 12.43 -30.02
N THR C 280 8.39 12.49 -28.69
CA THR C 280 7.30 13.06 -27.90
C THR C 280 7.65 13.69 -26.59
N LYS C 281 6.63 14.39 -26.09
CA LYS C 281 6.64 14.82 -24.70
C LYS C 281 5.96 13.76 -23.88
N CYS C 282 5.33 12.79 -24.56
CA CYS C 282 4.59 11.75 -23.84
C CYS C 282 4.56 10.33 -24.43
N GLN C 283 4.97 9.34 -23.65
CA GLN C 283 5.04 7.98 -24.18
C GLN C 283 4.23 6.98 -23.38
N THR C 284 3.59 6.06 -24.08
CA THR C 284 2.72 5.04 -23.51
C THR C 284 3.19 3.70 -24.00
N PRO C 285 3.02 2.64 -23.21
CA PRO C 285 3.41 1.30 -23.66
C PRO C 285 2.77 0.85 -24.98
N MET C 286 1.67 1.48 -25.41
CA MET C 286 1.04 1.18 -26.68
C MET C 286 1.39 2.20 -27.73
N GLY C 287 2.04 3.27 -27.33
CA GLY C 287 2.37 4.34 -28.26
C GLY C 287 2.39 5.76 -27.72
N ALA C 288 2.94 6.66 -28.50
CA ALA C 288 3.14 8.04 -28.08
C ALA C 288 1.88 8.86 -28.20
N ILE C 289 1.79 9.90 -27.37
CA ILE C 289 0.68 10.88 -27.41
C ILE C 289 1.14 12.26 -27.75
N ASN C 290 0.41 12.89 -28.64
CA ASN C 290 0.73 14.23 -29.09
C ASN C 290 -0.55 15.00 -28.95
N SER C 291 -0.80 15.61 -27.79
CA SER C 291 -2.16 16.08 -27.56
C SER C 291 -2.21 17.26 -26.59
N SER C 292 -3.15 18.15 -26.84
CA SER C 292 -3.49 19.19 -25.87
C SER C 292 -4.58 18.87 -24.85
N MET C 293 -5.24 17.73 -25.00
CA MET C 293 -6.40 17.43 -24.20
C MET C 293 -5.93 17.29 -22.73
N PRO C 294 -6.79 17.61 -21.76
CA PRO C 294 -6.54 17.41 -20.32
C PRO C 294 -6.58 15.93 -19.91
N PHE C 295 -7.33 15.12 -20.63
CA PHE C 295 -7.41 13.70 -20.30
C PHE C 295 -6.99 12.75 -21.43
N HIS C 296 -6.62 11.52 -21.09
CA HIS C 296 -6.55 10.47 -22.10
C HIS C 296 -6.96 9.11 -21.55
N ASN C 297 -7.23 8.15 -22.42
CA ASN C 297 -7.70 6.85 -21.94
C ASN C 297 -6.93 5.69 -22.53
N ILE C 298 -5.68 5.98 -22.91
CA ILE C 298 -4.83 5.01 -23.58
C ILE C 298 -4.33 3.93 -22.65
N HIS C 299 -3.62 4.34 -21.61
CA HIS C 299 -2.94 3.41 -20.72
C HIS C 299 -2.45 4.20 -19.52
N PRO C 300 -2.56 3.60 -18.32
CA PRO C 300 -2.33 4.41 -17.15
C PRO C 300 -0.84 4.65 -16.86
N LEU C 301 0.04 3.85 -17.44
CA LEU C 301 1.45 3.92 -17.09
C LEU C 301 2.16 4.75 -18.14
N THR C 302 2.27 6.07 -17.95
CA THR C 302 2.88 6.87 -19.00
C THR C 302 4.17 7.44 -18.45
N ILE C 303 5.02 8.01 -19.30
CA ILE C 303 6.13 8.81 -18.80
C ILE C 303 6.20 10.06 -19.64
N GLY C 304 6.69 11.13 -19.04
CA GLY C 304 6.79 12.39 -19.74
C GLY C 304 5.70 13.31 -19.29
N GLU C 305 5.40 14.31 -20.12
CA GLU C 305 4.46 15.37 -19.76
C GLU C 305 3.09 15.02 -20.35
N CYS C 306 2.29 14.27 -19.60
CA CYS C 306 1.13 13.64 -20.21
C CYS C 306 -0.16 14.21 -19.72
N PRO C 307 -1.24 13.94 -20.47
CA PRO C 307 -2.52 14.22 -19.86
C PRO C 307 -2.76 13.21 -18.80
N LYS C 308 -3.90 13.39 -18.14
CA LYS C 308 -4.20 12.60 -16.97
C LYS C 308 -5.12 11.47 -17.36
N TYR C 309 -4.79 10.26 -16.93
CA TYR C 309 -5.48 9.06 -17.39
C TYR C 309 -6.79 8.88 -16.68
N VAL C 310 -7.84 8.54 -17.43
CA VAL C 310 -9.12 8.14 -16.84
C VAL C 310 -9.66 6.93 -17.56
N LYS C 311 -10.50 6.15 -16.88
CA LYS C 311 -11.14 4.98 -17.51
C LYS C 311 -12.27 5.30 -18.51
N SER C 312 -12.67 6.56 -18.64
CA SER C 312 -13.86 6.91 -19.44
C SER C 312 -13.66 6.67 -20.95
N ASN C 313 -14.75 6.35 -21.63
CA ASN C 313 -14.74 6.28 -23.08
C ASN C 313 -15.02 7.58 -23.80
N ARG C 314 -15.54 8.56 -23.08
CA ARG C 314 -16.09 9.77 -23.69
C ARG C 314 -16.17 10.85 -22.60
N LEU C 315 -15.66 12.04 -22.93
CA LEU C 315 -15.79 13.19 -22.03
C LEU C 315 -15.97 14.47 -22.81
N VAL C 316 -17.15 15.07 -22.74
CA VAL C 316 -17.39 16.27 -23.55
C VAL C 316 -18.11 17.33 -22.74
N LEU C 317 -17.49 18.51 -22.67
CA LEU C 317 -18.10 19.64 -22.04
C LEU C 317 -19.00 20.40 -22.98
N ALA C 318 -20.12 20.87 -22.44
CA ALA C 318 -20.97 21.78 -23.18
C ALA C 318 -20.28 23.12 -23.13
N THR C 319 -20.33 23.84 -24.22
CA THR C 319 -19.94 25.23 -24.19
C THR C 319 -21.01 26.19 -24.66
N GLY C 320 -21.63 25.77 -25.75
CA GLY C 320 -22.74 26.47 -26.37
C GLY C 320 -24.01 26.04 -25.69
N LEU C 321 -25.11 26.17 -26.40
CA LEU C 321 -26.41 26.05 -25.80
C LEU C 321 -27.17 24.96 -26.52
N ARG C 322 -28.35 24.70 -25.99
CA ARG C 322 -29.14 23.56 -26.41
C ARG C 322 -29.63 23.70 -27.83
N ASN C 323 -29.38 22.70 -28.67
CA ASN C 323 -29.67 22.87 -30.09
C ASN C 323 -31.05 22.39 -30.48
N SER C 324 -31.77 23.25 -31.22
CA SER C 324 -33.20 23.09 -31.49
C SER C 324 -33.48 21.73 -32.18
N PRO C 325 -33.50 21.69 -33.54
CA PRO C 325 -34.36 20.73 -34.25
C PRO C 325 -34.11 19.27 -33.89
N ASP D 1 17.71 26.16 -42.87
CA ASP D 1 19.03 25.67 -42.54
C ASP D 1 19.60 26.41 -41.32
N ILE D 2 20.17 25.66 -40.36
CA ILE D 2 20.83 26.24 -39.20
C ILE D 2 22.32 26.32 -39.46
N VAL D 3 22.80 27.45 -39.95
CA VAL D 3 24.20 27.55 -40.31
C VAL D 3 25.10 27.51 -39.06
N LEU D 4 26.00 26.53 -39.06
CA LEU D 4 26.95 26.36 -37.98
C LEU D 4 28.31 26.89 -38.42
N THR D 5 28.86 27.82 -37.62
CA THR D 5 30.14 28.47 -37.88
C THR D 5 31.13 28.28 -36.73
N GLN D 6 32.19 27.51 -36.94
CA GLN D 6 33.19 27.25 -35.89
C GLN D 6 34.29 28.29 -35.89
N SER D 7 34.85 28.55 -34.72
CA SER D 7 35.93 29.52 -34.64
C SER D 7 36.87 29.20 -33.48
N PRO D 8 38.19 29.26 -33.74
CA PRO D 8 38.82 29.68 -34.99
C PRO D 8 39.01 28.56 -36.00
N GLY D 9 39.41 28.89 -37.23
CA GLY D 9 39.55 27.87 -38.25
C GLY D 9 40.67 26.88 -38.00
N SER D 10 41.79 27.42 -37.53
CA SER D 10 42.96 26.62 -37.19
C SER D 10 43.51 27.11 -35.86
N LEU D 11 43.92 26.15 -35.06
CA LEU D 11 44.32 26.46 -33.73
C LEU D 11 45.58 25.69 -33.44
N THR D 12 46.62 26.41 -33.05
CA THR D 12 47.86 25.77 -32.63
C THR D 12 48.04 26.03 -31.15
N VAL D 13 48.11 24.95 -30.40
CA VAL D 13 48.23 25.06 -28.96
C VAL D 13 49.41 24.23 -28.47
N SER D 14 50.08 24.74 -27.43
CA SER D 14 51.29 24.11 -26.89
C SER D 14 50.90 22.78 -26.25
N LEU D 15 51.80 21.82 -26.22
CA LEU D 15 51.49 20.54 -25.61
C LEU D 15 51.18 20.74 -24.12
N GLY D 16 50.27 19.96 -23.55
CA GLY D 16 49.93 20.06 -22.13
C GLY D 16 49.18 21.33 -21.74
N GLN D 17 48.64 22.04 -22.71
CA GLN D 17 47.85 23.25 -22.44
C GLN D 17 46.34 23.08 -22.71
N ARG D 18 45.66 24.17 -23.03
CA ARG D 18 44.21 24.09 -23.27
C ARG D 18 43.83 24.56 -24.67
N ALA D 19 43.17 23.66 -25.40
CA ALA D 19 42.57 24.01 -26.68
C ALA D 19 41.13 24.39 -26.40
N THR D 20 40.68 25.49 -27.01
CA THR D 20 39.32 25.98 -26.82
C THR D 20 38.72 26.34 -28.17
N ILE D 21 37.92 25.42 -28.71
CA ILE D 21 37.22 25.59 -30.00
C ILE D 21 35.75 25.98 -29.85
N SER D 22 35.34 27.00 -30.58
CA SER D 22 33.98 27.50 -30.43
C SER D 22 33.07 27.11 -31.60
N CYS D 23 31.78 27.13 -31.30
CA CYS D 23 30.73 26.90 -32.29
C CYS D 23 29.67 27.96 -32.10
N ARG D 24 29.08 28.42 -33.19
CA ARG D 24 28.03 29.44 -33.14
C ARG D 24 26.90 29.08 -34.09
N ALA D 25 25.68 28.97 -33.58
CA ALA D 25 24.55 28.59 -34.44
C ALA D 25 23.77 29.81 -34.90
N SER D 26 23.33 29.81 -36.15
CA SER D 26 22.56 30.95 -36.69
C SER D 26 21.27 31.15 -35.88
N GLU D 27 20.52 30.08 -35.66
CA GLU D 27 19.38 30.13 -34.76
C GLU D 27 19.64 29.13 -33.64
N SER D 28 18.85 29.14 -32.57
CA SER D 28 19.11 28.25 -31.45
C SER D 28 19.01 26.79 -31.88
N VAL D 29 19.69 25.93 -31.14
CA VAL D 29 19.73 24.50 -31.35
C VAL D 29 19.38 23.82 -30.00
N ASP D 30 18.34 24.33 -29.37
CA ASP D 30 18.25 24.18 -27.93
C ASP D 30 16.83 24.16 -27.46
N ASN D 31 16.05 23.15 -27.80
CA ASN D 31 14.77 23.09 -27.08
C ASN D 31 14.61 21.77 -26.32
N PHE D 32 13.48 21.59 -25.64
CA PHE D 32 13.29 20.49 -24.67
C PHE D 32 14.23 20.62 -23.48
N GLY D 33 14.86 21.78 -23.37
CA GLY D 33 15.76 22.03 -22.27
C GLY D 33 17.17 21.52 -22.49
N LYS D 34 17.37 20.70 -23.51
CA LYS D 34 18.71 20.19 -23.85
C LYS D 34 19.24 20.83 -25.13
N SER D 35 20.56 20.87 -25.29
CA SER D 35 21.19 21.42 -26.49
C SER D 35 21.42 20.27 -27.47
N PHE D 36 20.99 20.39 -28.74
CA PHE D 36 21.22 19.28 -29.66
C PHE D 36 22.43 19.50 -30.58
N MET D 37 23.58 19.68 -29.92
CA MET D 37 24.87 19.90 -30.55
C MET D 37 25.72 18.68 -30.39
N HIS D 38 26.60 18.44 -31.34
CA HIS D 38 27.48 17.28 -31.20
C HIS D 38 28.88 17.58 -31.65
N TRP D 39 29.85 17.06 -30.93
CA TRP D 39 31.20 17.27 -31.39
C TRP D 39 31.78 15.99 -32.00
N TYR D 40 32.49 16.17 -33.10
CA TYR D 40 33.16 15.10 -33.80
C TYR D 40 34.65 15.33 -34.02
N GLN D 41 35.42 14.25 -33.88
CA GLN D 41 36.85 14.30 -34.07
C GLN D 41 37.32 13.49 -35.28
N GLN D 42 37.99 14.17 -36.20
CA GLN D 42 38.57 13.47 -37.33
C GLN D 42 40.07 13.51 -37.25
N LYS D 43 40.63 12.45 -36.67
CA LYS D 43 42.07 12.27 -36.70
C LYS D 43 42.46 12.09 -38.19
N PRO D 44 43.60 12.67 -38.62
CA PRO D 44 43.95 12.69 -40.04
C PRO D 44 43.92 11.33 -40.68
N GLY D 45 43.44 11.26 -41.91
CA GLY D 45 43.52 10.03 -42.64
C GLY D 45 42.55 8.95 -42.21
N GLN D 46 41.52 9.32 -41.46
CA GLN D 46 40.48 8.35 -41.13
C GLN D 46 39.15 9.07 -40.93
N SER D 47 38.09 8.27 -40.86
CA SER D 47 36.72 8.76 -40.72
C SER D 47 36.57 9.52 -39.41
N PRO D 48 35.59 10.41 -39.33
CA PRO D 48 35.29 11.14 -38.09
C PRO D 48 34.85 10.21 -36.96
N LYS D 49 34.95 10.74 -35.75
CA LYS D 49 34.74 9.99 -34.52
C LYS D 49 33.81 10.81 -33.62
N LEU D 50 32.96 10.13 -32.86
CA LEU D 50 32.02 10.82 -32.01
C LEU D 50 32.64 11.17 -30.65
N LEU D 51 32.66 12.46 -30.30
CA LEU D 51 33.16 12.82 -28.98
C LEU D 51 32.03 13.10 -27.98
N ILE D 52 31.26 14.16 -28.26
CA ILE D 52 30.24 14.63 -27.35
C ILE D 52 28.85 14.58 -28.00
N TYR D 53 27.87 14.05 -27.27
CA TYR D 53 26.48 14.18 -27.69
C TYR D 53 25.75 15.15 -26.79
N ARG D 54 24.69 15.75 -27.36
CA ARG D 54 23.90 16.85 -26.84
C ARG D 54 24.75 17.82 -26.02
N ALA D 55 25.85 18.23 -26.62
CA ALA D 55 26.67 19.39 -26.26
C ALA D 55 27.49 19.26 -24.99
N SER D 56 27.20 18.29 -24.12
CA SER D 56 27.88 18.24 -22.85
C SER D 56 28.38 16.87 -22.42
N ASN D 57 27.74 15.78 -22.85
CA ASN D 57 28.11 14.46 -22.33
C ASN D 57 29.03 13.66 -23.24
N ARG D 58 30.06 13.07 -22.64
CA ARG D 58 31.05 12.31 -23.38
C ARG D 58 30.51 10.94 -23.81
N GLU D 59 30.85 10.55 -25.04
CA GLU D 59 30.55 9.21 -25.52
C GLU D 59 31.48 8.25 -24.83
N PHE D 60 30.99 7.03 -24.61
CA PHE D 60 31.76 6.03 -23.91
C PHE D 60 33.13 5.77 -24.52
N GLY D 61 34.15 5.86 -23.70
CA GLY D 61 35.49 5.64 -24.19
C GLY D 61 36.12 6.95 -24.64
N ILE D 62 35.67 8.05 -24.06
CA ILE D 62 36.29 9.30 -24.40
C ILE D 62 36.89 9.83 -23.12
N PRO D 63 38.19 10.19 -23.17
CA PRO D 63 38.89 10.73 -21.99
C PRO D 63 38.31 12.05 -21.51
N ALA D 64 38.48 12.31 -20.21
CA ALA D 64 37.84 13.46 -19.59
C ALA D 64 38.40 14.78 -20.07
N ARG D 65 39.56 14.73 -20.73
CA ARG D 65 40.25 15.91 -21.25
C ARG D 65 39.34 16.77 -22.14
N PHE D 66 38.27 16.15 -22.65
CA PHE D 66 37.31 16.83 -23.50
C PHE D 66 36.13 17.39 -22.72
N ASN D 67 36.05 18.71 -22.72
CA ASN D 67 34.99 19.37 -22.00
C ASN D 67 34.02 19.95 -23.00
N GLY D 68 32.86 19.32 -23.02
CA GLY D 68 31.75 19.81 -23.80
C GLY D 68 31.01 20.85 -22.99
N SER D 69 30.81 22.03 -23.54
CA SER D 69 30.12 23.07 -22.83
C SER D 69 29.38 23.94 -23.80
N GLY D 70 28.40 24.67 -23.25
CA GLY D 70 27.59 25.59 -24.03
C GLY D 70 26.08 25.42 -23.93
N SER D 71 25.36 26.39 -24.47
CA SER D 71 23.90 26.36 -24.46
C SER D 71 23.35 27.35 -25.47
N GLY D 72 22.35 26.92 -26.22
CA GLY D 72 21.63 27.85 -27.07
C GLY D 72 22.18 28.15 -28.45
N THR D 73 22.91 29.25 -28.56
CA THR D 73 23.37 29.66 -29.86
C THR D 73 24.86 29.37 -29.99
N ASP D 74 25.61 29.37 -28.88
CA ASP D 74 27.07 29.15 -28.94
C ASP D 74 27.57 28.13 -27.95
N PHE D 75 28.53 27.34 -28.39
CA PHE D 75 29.09 26.27 -27.57
C PHE D 75 30.59 26.24 -27.65
N ALA D 76 31.17 25.28 -26.94
CA ALA D 76 32.60 25.16 -26.93
C ALA D 76 33.10 23.81 -26.51
N LEU D 77 33.98 23.27 -27.35
CA LEU D 77 34.69 22.06 -27.03
C LEU D 77 36.01 22.49 -26.43
N THR D 78 36.28 22.04 -25.21
CA THR D 78 37.51 22.36 -24.52
C THR D 78 38.36 21.13 -24.33
N ILE D 79 39.54 21.13 -24.95
CA ILE D 79 40.48 20.04 -24.76
C ILE D 79 41.58 20.52 -23.84
N ASN D 80 41.67 19.88 -22.68
CA ASN D 80 42.60 20.31 -21.66
C ASN D 80 42.73 19.26 -20.55
N PRO D 81 43.93 18.67 -20.39
CA PRO D 81 45.19 18.99 -21.09
C PRO D 81 45.30 18.45 -22.53
N VAL D 82 45.97 19.19 -23.42
CA VAL D 82 46.15 18.74 -24.81
C VAL D 82 47.23 17.67 -24.86
N GLU D 83 46.93 16.54 -25.50
CA GLU D 83 47.92 15.47 -25.60
C GLU D 83 48.48 15.39 -27.01
N ALA D 84 49.32 14.39 -27.25
CA ALA D 84 49.98 14.29 -28.54
C ALA D 84 49.02 13.86 -29.62
N ASP D 85 48.27 12.78 -29.35
CA ASP D 85 47.25 12.18 -30.25
C ASP D 85 45.91 12.94 -30.29
N ASP D 86 46.01 14.23 -30.46
CA ASP D 86 44.85 15.11 -30.49
C ASP D 86 44.88 15.92 -31.76
N VAL D 87 45.89 15.68 -32.59
CA VAL D 87 45.89 16.31 -33.88
C VAL D 87 44.76 15.75 -34.65
N ALA D 88 43.85 16.65 -34.99
CA ALA D 88 42.68 16.28 -35.73
C ALA D 88 41.97 17.55 -36.09
N THR D 89 40.96 17.38 -36.94
CA THR D 89 40.02 18.45 -37.22
C THR D 89 38.74 18.09 -36.48
N TYR D 90 38.24 19.07 -35.73
CA TYR D 90 37.07 18.89 -34.87
C TYR D 90 35.81 19.53 -35.47
N PHE D 91 34.71 18.77 -35.46
CA PHE D 91 33.48 19.27 -36.04
C PHE D 91 32.34 19.31 -35.06
N CYS D 92 31.58 20.40 -35.09
CA CYS D 92 30.31 20.46 -34.38
C CYS D 92 29.19 20.36 -35.41
N GLN D 93 28.16 19.60 -35.05
CA GLN D 93 27.00 19.37 -35.89
C GLN D 93 25.72 19.38 -35.06
N GLN D 94 24.69 20.05 -35.56
CA GLN D 94 23.43 20.15 -34.84
C GLN D 94 22.37 19.12 -35.32
N SER D 95 21.48 18.69 -34.43
CA SER D 95 20.44 17.71 -34.79
C SER D 95 19.07 18.26 -34.46
N ASN D 96 19.05 19.47 -33.93
CA ASN D 96 17.85 20.18 -33.55
C ASN D 96 16.84 20.30 -34.69
N GLU D 97 17.32 20.36 -35.91
CA GLU D 97 16.42 20.61 -37.03
C GLU D 97 17.03 20.29 -38.41
N ASP D 98 16.44 19.35 -39.13
CA ASP D 98 16.88 19.07 -40.49
C ASP D 98 16.83 20.35 -41.31
N PRO D 99 17.73 20.50 -42.29
CA PRO D 99 18.66 19.43 -42.64
C PRO D 99 19.89 19.47 -41.72
N ARG D 100 20.35 18.29 -41.27
CA ARG D 100 21.49 18.18 -40.37
C ARG D 100 22.61 18.97 -40.94
N THR D 101 23.16 19.87 -40.15
CA THR D 101 24.20 20.71 -40.65
C THR D 101 25.45 20.59 -39.74
N PHE D 102 26.64 20.66 -40.36
CA PHE D 102 27.92 20.59 -39.65
C PHE D 102 28.61 21.95 -39.61
N GLY D 103 29.63 22.05 -38.78
CA GLY D 103 30.49 23.23 -38.77
C GLY D 103 31.52 23.18 -39.90
N GLY D 104 32.27 24.27 -40.07
CA GLY D 104 33.33 24.27 -41.08
C GLY D 104 34.34 23.22 -40.64
N GLY D 105 34.62 23.21 -39.34
CA GLY D 105 35.58 22.29 -38.79
C GLY D 105 36.76 23.11 -38.31
N THR D 106 37.42 22.64 -37.26
CA THR D 106 38.61 23.32 -36.75
C THR D 106 39.79 22.37 -36.67
N LYS D 107 40.89 22.72 -37.35
CA LYS D 107 42.10 21.91 -37.33
C LYS D 107 43.02 22.32 -36.18
N LEU D 108 43.39 21.32 -35.39
CA LEU D 108 44.22 21.50 -34.22
C LEU D 108 45.66 21.07 -34.46
N GLU D 109 46.61 21.94 -34.09
CA GLU D 109 48.03 21.63 -34.27
C GLU D 109 48.74 21.72 -32.93
N ILE D 110 49.73 20.86 -32.73
CA ILE D 110 50.48 20.82 -31.48
C ILE D 110 51.81 21.57 -31.61
N LYS D 111 52.08 22.51 -30.68
CA LYS D 111 53.36 23.20 -30.64
C LYS D 111 54.31 22.35 -29.81
N ARG D 112 55.44 21.98 -30.42
CA ARG D 112 56.45 21.18 -29.74
C ARG D 112 57.83 21.79 -29.93
N ALA D 113 58.83 21.02 -29.53
CA ALA D 113 60.21 21.42 -29.61
C ALA D 113 60.67 21.50 -31.06
N ASP D 114 61.27 22.62 -31.44
CA ASP D 114 61.76 22.79 -32.80
C ASP D 114 62.71 21.68 -33.13
N ALA D 115 62.34 20.83 -34.08
CA ALA D 115 63.20 19.75 -34.49
C ALA D 115 63.78 20.09 -35.87
N ALA D 116 64.94 19.52 -36.18
CA ALA D 116 65.62 19.78 -37.45
C ALA D 116 65.36 18.66 -38.47
N PRO D 117 65.22 19.05 -39.73
CA PRO D 117 64.86 18.14 -40.83
C PRO D 117 65.94 17.12 -41.17
N THR D 118 65.61 15.85 -41.10
CA THR D 118 66.60 14.84 -41.47
C THR D 118 66.60 14.60 -42.99
N VAL D 119 67.31 15.49 -43.70
CA VAL D 119 67.40 15.50 -45.14
C VAL D 119 68.13 14.28 -45.67
N SER D 120 67.76 13.82 -46.84
CA SER D 120 68.44 12.71 -47.48
C SER D 120 68.12 12.74 -48.96
N ILE D 121 69.16 12.82 -49.81
CA ILE D 121 68.99 12.96 -51.27
C ILE D 121 69.18 11.64 -52.04
N PHE D 122 68.41 11.46 -53.10
CA PHE D 122 68.43 10.19 -53.80
C PHE D 122 68.51 10.40 -55.31
N PRO D 123 69.41 9.67 -55.96
CA PRO D 123 69.51 9.67 -57.42
C PRO D 123 68.41 8.83 -58.01
N PRO D 124 68.06 9.10 -59.27
CA PRO D 124 67.05 8.36 -60.00
C PRO D 124 67.40 6.91 -60.19
N SER D 125 66.39 6.05 -60.23
CA SER D 125 66.64 4.64 -60.39
C SER D 125 67.19 4.32 -61.74
N SER D 126 67.98 3.26 -61.82
CA SER D 126 68.52 2.81 -63.09
C SER D 126 67.38 2.28 -63.97
N GLU D 127 66.42 1.61 -63.34
CA GLU D 127 65.27 1.04 -64.03
C GLU D 127 64.40 2.13 -64.64
N GLN D 128 64.29 3.24 -63.94
CA GLN D 128 63.55 4.41 -64.42
C GLN D 128 64.28 5.05 -65.59
N LEU D 129 65.61 5.11 -65.50
CA LEU D 129 66.43 5.75 -66.53
C LEU D 129 66.41 4.99 -67.84
N THR D 130 66.27 3.67 -67.77
CA THR D 130 66.11 2.86 -68.98
C THR D 130 64.73 3.08 -69.60
N SER D 131 63.82 3.64 -68.82
CA SER D 131 62.48 3.99 -69.29
C SER D 131 62.46 5.40 -69.87
N GLY D 132 63.45 6.21 -69.51
CA GLY D 132 63.67 7.50 -70.17
C GLY D 132 63.64 8.78 -69.34
N GLY D 133 63.28 8.64 -68.07
CA GLY D 133 63.13 9.78 -67.18
C GLY D 133 63.97 9.70 -65.93
N ALA D 134 64.26 10.87 -65.40
CA ALA D 134 65.06 11.01 -64.20
C ALA D 134 64.23 11.57 -63.07
N SER D 135 64.46 11.10 -61.86
CA SER D 135 63.70 11.59 -60.73
C SER D 135 64.58 11.69 -59.50
N VAL D 136 64.91 12.93 -59.17
CA VAL D 136 65.68 13.19 -57.98
C VAL D 136 64.80 13.45 -56.77
N VAL D 137 64.75 12.49 -55.85
CA VAL D 137 63.91 12.59 -54.66
C VAL D 137 64.66 13.07 -53.44
N CYS D 138 63.99 13.82 -52.59
CA CYS D 138 64.71 14.38 -51.47
C CYS D 138 63.76 14.54 -50.28
N PHE D 139 63.84 13.60 -49.33
CA PHE D 139 62.99 13.60 -48.16
C PHE D 139 63.48 14.56 -47.10
N LEU D 140 62.56 15.11 -46.33
CA LEU D 140 62.85 16.05 -45.27
C LEU D 140 61.98 15.66 -44.07
N ASN D 141 62.39 14.60 -43.38
CA ASN D 141 61.53 13.99 -42.36
C ASN D 141 61.66 14.59 -40.97
N ASN D 142 60.57 14.46 -40.22
CA ASN D 142 60.53 14.74 -38.79
C ASN D 142 61.10 16.10 -38.40
N PHE D 143 60.26 17.13 -38.54
CA PHE D 143 60.66 18.47 -38.13
C PHE D 143 59.48 19.29 -37.60
N TYR D 144 59.80 20.46 -37.09
CA TYR D 144 58.82 21.38 -36.54
C TYR D 144 59.60 22.68 -36.38
N PRO D 145 58.99 23.84 -36.66
CA PRO D 145 57.63 24.14 -37.12
C PRO D 145 57.35 23.59 -38.51
N LYS D 146 56.12 23.80 -39.00
CA LYS D 146 55.65 23.22 -40.25
C LYS D 146 56.42 23.79 -41.44
N ASP D 147 56.62 25.10 -41.37
CA ASP D 147 57.21 25.87 -42.46
C ASP D 147 58.62 25.48 -42.69
N ILE D 148 58.92 25.21 -43.95
CA ILE D 148 60.23 24.80 -44.39
C ILE D 148 60.34 25.36 -45.79
N ASN D 149 61.56 25.39 -46.34
CA ASN D 149 61.74 25.93 -47.68
C ASN D 149 62.78 25.13 -48.49
N VAL D 150 62.35 24.25 -49.37
CA VAL D 150 63.30 23.47 -50.19
C VAL D 150 63.70 24.25 -51.44
N LYS D 151 64.99 24.22 -51.76
CA LYS D 151 65.57 24.80 -52.99
C LYS D 151 66.25 23.68 -53.76
N TRP D 152 66.16 23.68 -55.08
CA TRP D 152 66.91 22.72 -55.84
C TRP D 152 68.02 23.43 -56.60
N LYS D 153 69.22 22.87 -56.60
CA LYS D 153 70.30 23.46 -57.38
C LYS D 153 70.92 22.41 -58.30
N ILE D 154 71.04 22.72 -59.58
CA ILE D 154 71.73 21.83 -60.49
C ILE D 154 72.96 22.58 -60.98
N ASP D 155 74.13 22.10 -60.55
CA ASP D 155 75.43 22.70 -60.84
C ASP D 155 75.48 24.17 -60.46
N GLY D 156 75.09 24.46 -59.22
CA GLY D 156 75.12 25.79 -58.66
C GLY D 156 73.95 26.67 -59.04
N SER D 157 73.30 26.39 -60.17
CA SER D 157 72.17 27.20 -60.63
C SER D 157 70.83 26.60 -60.17
N GLU D 158 69.99 27.48 -59.59
CA GLU D 158 68.70 27.11 -59.00
C GLU D 158 67.73 26.56 -60.07
N ARG D 159 66.66 25.89 -59.63
CA ARG D 159 65.62 25.37 -60.52
C ARG D 159 64.30 25.12 -59.78
N GLN D 160 63.16 25.52 -60.35
CA GLN D 160 61.86 25.25 -59.72
C GLN D 160 61.01 24.29 -60.58
N ASN D 161 61.18 24.40 -61.88
CA ASN D 161 60.31 23.67 -62.79
C ASN D 161 60.63 22.19 -62.84
N GLY D 162 59.65 21.37 -62.47
CA GLY D 162 59.82 19.93 -62.37
C GLY D 162 59.70 19.39 -60.95
N VAL D 163 59.58 20.33 -60.01
CA VAL D 163 59.45 20.06 -58.57
C VAL D 163 58.00 19.75 -58.13
N LEU D 164 57.85 18.71 -57.30
CA LEU D 164 56.58 18.31 -56.66
C LEU D 164 56.81 18.07 -55.17
N ASN D 165 56.15 18.86 -54.33
CA ASN D 165 56.28 18.76 -52.86
C ASN D 165 55.08 18.11 -52.21
N SER D 166 55.29 17.47 -51.06
CA SER D 166 54.22 16.74 -50.40
C SER D 166 54.48 16.65 -48.90
N TRP D 167 53.64 17.27 -48.08
CA TRP D 167 53.87 17.18 -46.63
C TRP D 167 52.96 16.13 -46.01
N THR D 168 53.36 15.47 -44.94
CA THR D 168 52.39 14.62 -44.23
C THR D 168 51.73 15.46 -43.18
N ASP D 169 50.61 14.98 -42.65
CA ASP D 169 50.02 15.68 -41.53
C ASP D 169 50.86 15.51 -40.30
N GLN D 170 50.78 16.49 -39.39
CA GLN D 170 51.47 16.41 -38.12
C GLN D 170 51.28 15.02 -37.50
N ASP D 171 52.38 14.30 -37.25
CA ASP D 171 52.25 12.92 -36.79
C ASP D 171 51.58 12.87 -35.42
N SER D 172 50.59 11.99 -35.29
CA SER D 172 49.81 11.91 -34.06
C SER D 172 50.68 11.53 -32.87
N LYS D 173 51.78 10.82 -33.13
CA LYS D 173 52.60 10.28 -32.07
C LYS D 173 53.75 11.23 -31.59
N ASP D 174 54.49 11.87 -32.50
CA ASP D 174 55.63 12.73 -32.10
C ASP D 174 55.45 14.20 -32.41
N SER D 175 54.34 14.53 -33.08
CA SER D 175 53.99 15.90 -33.48
C SER D 175 55.00 16.61 -34.42
N THR D 176 55.55 15.81 -35.34
CA THR D 176 56.52 16.28 -36.32
C THR D 176 56.06 16.06 -37.76
N TYR D 177 56.28 17.06 -38.62
CA TYR D 177 55.92 16.96 -40.04
C TYR D 177 57.00 16.24 -40.82
N SER D 178 56.69 15.83 -42.02
CA SER D 178 57.68 15.25 -42.91
C SER D 178 57.38 15.81 -44.29
N MET D 179 58.36 15.76 -45.20
CA MET D 179 58.15 16.31 -46.54
C MET D 179 58.88 15.55 -47.67
N SER D 180 58.23 15.33 -48.79
CA SER D 180 58.86 14.78 -49.98
C SER D 180 59.18 15.94 -50.93
N SER D 181 60.11 15.78 -51.86
CA SER D 181 60.38 16.84 -52.83
C SER D 181 61.04 16.28 -54.06
N THR D 182 60.22 15.74 -54.95
CA THR D 182 60.70 15.08 -56.13
C THR D 182 61.02 16.10 -57.20
N LEU D 183 62.06 15.81 -58.00
CA LEU D 183 62.42 16.66 -59.14
C LEU D 183 62.52 15.79 -60.40
N THR D 184 61.55 15.90 -61.31
CA THR D 184 61.50 15.01 -62.49
C THR D 184 62.09 15.68 -63.75
N LEU D 185 62.94 14.93 -64.46
CA LEU D 185 63.60 15.31 -65.72
C LEU D 185 63.65 14.14 -66.69
N THR D 186 63.97 14.41 -67.96
CA THR D 186 64.21 13.32 -68.89
C THR D 186 65.68 12.94 -68.93
N LYS D 187 65.95 11.68 -69.30
CA LYS D 187 67.30 11.12 -69.27
C LYS D 187 68.30 12.08 -69.88
N ASP D 188 67.98 12.57 -71.07
CA ASP D 188 68.83 13.51 -71.83
C ASP D 188 68.99 14.87 -71.14
N GLU D 189 67.91 15.42 -70.57
CA GLU D 189 67.93 16.68 -69.81
C GLU D 189 68.78 16.58 -68.58
N TYR D 190 68.85 15.33 -68.10
CA TYR D 190 69.55 14.94 -66.89
C TYR D 190 71.04 14.72 -67.10
N GLU D 191 71.36 14.03 -68.19
CA GLU D 191 72.75 13.68 -68.51
C GLU D 191 73.54 14.87 -69.03
N ARG D 192 72.97 16.06 -68.90
CA ARG D 192 73.63 17.23 -69.41
C ARG D 192 74.02 18.09 -68.23
N HIS D 193 74.24 17.46 -67.08
CA HIS D 193 74.67 18.15 -65.86
C HIS D 193 75.41 17.19 -64.93
N ASN D 194 75.81 17.67 -63.76
CA ASN D 194 76.57 16.83 -62.84
C ASN D 194 76.04 16.83 -61.41
N SER D 195 76.09 17.98 -60.73
CA SER D 195 75.78 18.02 -59.30
C SER D 195 74.32 18.40 -58.98
N TYR D 196 73.67 17.56 -58.18
CA TYR D 196 72.30 17.80 -57.82
C TYR D 196 72.14 18.01 -56.33
N THR D 197 71.68 19.21 -55.96
CA THR D 197 71.67 19.69 -54.57
C THR D 197 70.24 19.91 -54.03
N CYS D 198 70.11 20.11 -52.72
CA CYS D 198 68.82 20.14 -52.11
C CYS D 198 68.82 21.00 -50.86
N GLU D 199 68.85 22.32 -51.00
CA GLU D 199 69.03 23.23 -49.87
C GLU D 199 67.80 23.60 -49.04
N ALA D 200 67.67 22.99 -47.86
CA ALA D 200 66.52 23.24 -47.01
C ALA D 200 66.79 24.33 -46.00
N THR D 201 65.94 25.33 -45.93
CA THR D 201 66.21 26.46 -45.06
C THR D 201 65.18 26.48 -43.94
N HIS D 202 65.61 26.06 -42.75
CA HIS D 202 64.72 25.99 -41.60
C HIS D 202 65.01 27.10 -40.58
N LYS D 203 64.09 27.32 -39.66
CA LYS D 203 64.31 28.25 -38.55
C LYS D 203 65.25 27.59 -37.54
N THR D 204 65.34 26.27 -37.62
CA THR D 204 66.23 25.50 -36.75
C THR D 204 67.70 25.89 -36.98
N SER D 205 68.22 25.60 -38.17
CA SER D 205 69.59 25.95 -38.55
C SER D 205 69.61 27.36 -39.15
N THR D 206 70.51 28.22 -38.68
CA THR D 206 70.57 29.57 -39.25
C THR D 206 71.24 29.56 -40.65
N SER D 207 71.78 28.41 -41.02
CA SER D 207 72.42 28.22 -42.30
C SER D 207 71.84 26.98 -42.98
N PRO D 208 71.64 27.09 -44.30
CA PRO D 208 70.97 26.04 -45.08
C PRO D 208 71.56 24.62 -44.95
N ILE D 209 70.68 23.67 -44.63
CA ILE D 209 71.01 22.25 -44.60
C ILE D 209 71.08 21.79 -46.05
N VAL D 210 72.14 21.10 -46.39
CA VAL D 210 72.36 20.71 -47.77
C VAL D 210 72.61 19.21 -47.86
N LYS D 211 72.19 18.61 -48.95
CA LYS D 211 72.60 17.26 -49.23
C LYS D 211 72.60 17.20 -50.74
N SER D 212 73.70 16.72 -51.31
CA SER D 212 73.81 16.67 -52.76
C SER D 212 74.53 15.40 -53.21
N PHE D 213 74.49 15.16 -54.51
CA PHE D 213 75.19 14.02 -55.06
C PHE D 213 75.64 14.35 -56.48
N ASN D 214 76.78 13.79 -56.91
CA ASN D 214 77.27 14.05 -58.25
C ASN D 214 76.97 12.89 -59.18
N ARG D 215 76.64 13.23 -60.42
CA ARG D 215 76.11 12.27 -61.37
C ARG D 215 77.02 11.07 -61.61
N ASN D 216 78.28 11.35 -61.93
CA ASN D 216 79.23 10.29 -62.17
C ASN D 216 80.12 10.10 -60.94
N GLU D 217 80.11 8.88 -60.41
CA GLU D 217 80.89 8.50 -59.22
C GLU D 217 81.60 7.15 -59.47
N ASP E 1 -43.15 -27.69 -11.43
CA ASP E 1 -42.31 -28.89 -11.50
C ASP E 1 -41.45 -28.92 -12.76
N ILE E 2 -40.17 -29.24 -12.59
CA ILE E 2 -39.25 -29.32 -13.70
C ILE E 2 -39.08 -30.75 -14.17
N VAL E 3 -39.86 -31.15 -15.17
CA VAL E 3 -39.86 -32.54 -15.58
C VAL E 3 -38.54 -32.97 -16.19
N LEU E 4 -37.95 -34.05 -15.67
CA LEU E 4 -36.70 -34.58 -16.24
C LEU E 4 -36.93 -35.84 -17.07
N THR E 5 -36.49 -35.79 -18.32
CA THR E 5 -36.67 -36.92 -19.24
C THR E 5 -35.33 -37.46 -19.79
N GLN E 6 -34.94 -38.65 -19.33
CA GLN E 6 -33.67 -39.26 -19.73
C GLN E 6 -33.83 -40.09 -21.00
N SER E 7 -32.74 -40.22 -21.76
CA SER E 7 -32.77 -41.00 -22.99
C SER E 7 -31.38 -41.55 -23.34
N PRO E 8 -31.30 -42.83 -23.72
CA PRO E 8 -32.43 -43.78 -23.84
C PRO E 8 -32.78 -44.45 -22.53
N GLY E 9 -33.88 -45.19 -22.51
CA GLY E 9 -34.31 -45.86 -21.30
C GLY E 9 -33.33 -46.94 -20.90
N SER E 10 -32.82 -47.63 -21.90
CA SER E 10 -31.84 -48.68 -21.69
C SER E 10 -30.75 -48.61 -22.75
N LEU E 11 -29.52 -48.86 -22.32
CA LEU E 11 -28.37 -48.80 -23.21
C LEU E 11 -27.43 -49.95 -22.92
N THR E 12 -27.15 -50.76 -23.94
CA THR E 12 -26.18 -51.84 -23.79
C THR E 12 -25.00 -51.54 -24.71
N VAL E 13 -23.82 -51.31 -24.14
CA VAL E 13 -22.64 -51.02 -24.94
C VAL E 13 -21.46 -51.89 -24.45
N SER E 14 -20.61 -52.29 -25.40
CA SER E 14 -19.47 -53.17 -25.16
C SER E 14 -18.39 -52.53 -24.30
N LEU E 15 -17.56 -53.35 -23.67
CA LEU E 15 -16.46 -52.85 -22.85
C LEU E 15 -15.49 -51.99 -23.65
N GLY E 16 -14.90 -51.00 -23.00
CA GLY E 16 -13.93 -50.15 -23.65
C GLY E 16 -14.54 -49.22 -24.68
N GLN E 17 -15.85 -49.06 -24.65
CA GLN E 17 -16.50 -48.15 -25.58
C GLN E 17 -16.99 -46.91 -24.86
N ARG E 18 -17.96 -46.22 -25.46
CA ARG E 18 -18.47 -45.00 -24.88
C ARG E 18 -19.97 -45.09 -24.61
N ALA E 19 -20.30 -44.90 -23.34
CA ALA E 19 -21.67 -44.82 -22.89
C ALA E 19 -22.08 -43.36 -22.89
N THR E 20 -23.24 -43.09 -23.47
CA THR E 20 -23.68 -41.72 -23.61
C THR E 20 -25.16 -41.61 -23.23
N ILE E 21 -25.41 -41.24 -21.98
CA ILE E 21 -26.78 -41.07 -21.50
C ILE E 21 -27.15 -39.59 -21.48
N SER E 22 -28.31 -39.24 -22.02
CA SER E 22 -28.75 -37.84 -22.12
C SER E 22 -29.85 -37.50 -21.09
N CYS E 23 -29.97 -36.20 -20.81
CA CYS E 23 -31.00 -35.67 -19.92
C CYS E 23 -31.66 -34.47 -20.58
N ARG E 24 -32.97 -34.30 -20.42
CA ARG E 24 -33.64 -33.13 -21.00
C ARG E 24 -34.67 -32.55 -20.04
N ALA E 25 -34.47 -31.28 -19.67
CA ALA E 25 -35.36 -30.64 -18.71
C ALA E 25 -36.40 -29.79 -19.40
N SER E 26 -37.63 -29.83 -18.87
CA SER E 26 -38.77 -29.09 -19.42
C SER E 26 -38.44 -27.61 -19.48
N GLU E 27 -38.01 -27.08 -18.36
CA GLU E 27 -37.54 -25.71 -18.31
C GLU E 27 -36.08 -25.64 -17.86
N SER E 28 -35.48 -24.48 -18.03
CA SER E 28 -34.07 -24.31 -17.73
C SER E 28 -33.79 -24.63 -16.29
N VAL E 29 -32.59 -25.12 -16.07
CA VAL E 29 -32.14 -25.52 -14.75
C VAL E 29 -30.74 -24.92 -14.57
N ASP E 30 -30.63 -23.65 -14.94
CA ASP E 30 -29.34 -23.06 -15.26
C ASP E 30 -29.31 -21.57 -15.02
N ASN E 31 -29.45 -21.13 -13.78
CA ASN E 31 -29.22 -19.70 -13.56
C ASN E 31 -28.07 -19.49 -12.57
N PHE E 32 -27.70 -18.22 -12.32
CA PHE E 32 -26.45 -17.88 -11.64
C PHE E 32 -25.22 -18.25 -12.46
N GLY E 33 -25.43 -18.56 -13.74
CA GLY E 33 -24.33 -18.90 -14.61
C GLY E 33 -23.94 -20.37 -14.50
N LYS E 34 -24.46 -21.03 -13.48
CA LYS E 34 -24.18 -22.44 -13.25
C LYS E 34 -25.37 -23.34 -13.58
N SER E 35 -25.08 -24.59 -13.93
CA SER E 35 -26.13 -25.59 -14.20
C SER E 35 -26.41 -26.41 -12.94
N PHE E 36 -27.67 -26.46 -12.48
CA PHE E 36 -27.95 -27.21 -11.26
C PHE E 36 -28.53 -28.61 -11.49
N MET E 37 -27.74 -29.39 -12.22
CA MET E 37 -28.02 -30.78 -12.54
C MET E 37 -27.10 -31.69 -11.75
N HIS E 38 -27.56 -32.90 -11.41
CA HIS E 38 -26.72 -33.84 -10.68
C HIS E 38 -26.94 -35.24 -11.18
N TRP E 39 -25.86 -36.01 -11.30
CA TRP E 39 -26.01 -37.38 -11.76
C TRP E 39 -25.80 -38.36 -10.62
N TYR E 40 -26.61 -39.41 -10.60
CA TYR E 40 -26.51 -40.44 -9.58
C TYR E 40 -26.44 -41.82 -10.20
N GLN E 41 -25.65 -42.70 -9.57
CA GLN E 41 -25.48 -44.09 -10.03
C GLN E 41 -26.08 -45.10 -9.04
N GLN E 42 -27.01 -45.93 -9.50
CA GLN E 42 -27.52 -46.98 -8.64
C GLN E 42 -27.11 -48.36 -9.18
N LYS E 43 -26.00 -48.85 -8.64
CA LYS E 43 -25.53 -50.22 -8.86
C LYS E 43 -26.62 -51.11 -8.28
N PRO E 44 -26.89 -52.26 -8.92
CA PRO E 44 -28.06 -53.09 -8.54
C PRO E 44 -28.11 -53.48 -7.06
N GLY E 45 -29.31 -53.40 -6.49
CA GLY E 45 -29.57 -53.92 -5.15
C GLY E 45 -29.05 -53.12 -3.97
N GLN E 46 -28.70 -51.86 -4.20
CA GLN E 46 -28.22 -51.00 -3.12
C GLN E 46 -28.56 -49.52 -3.37
N SER E 47 -28.23 -48.67 -2.39
CA SER E 47 -28.55 -47.22 -2.44
C SER E 47 -27.90 -46.52 -3.64
N PRO E 48 -28.52 -45.43 -4.08
CA PRO E 48 -27.91 -44.61 -5.13
C PRO E 48 -26.63 -43.96 -4.63
N LYS E 49 -25.80 -43.53 -5.57
CA LYS E 49 -24.46 -43.01 -5.30
C LYS E 49 -24.32 -41.70 -6.10
N LEU E 50 -23.64 -40.73 -5.52
CA LEU E 50 -23.47 -39.45 -6.20
C LEU E 50 -22.26 -39.42 -7.15
N LEU E 51 -22.51 -39.10 -8.41
CA LEU E 51 -21.43 -39.00 -9.39
C LEU E 51 -21.00 -37.55 -9.59
N ILE E 52 -21.90 -36.76 -10.15
CA ILE E 52 -21.60 -35.39 -10.54
C ILE E 52 -22.52 -34.38 -9.83
N TYR E 53 -21.92 -33.30 -9.32
CA TYR E 53 -22.66 -32.14 -8.84
C TYR E 53 -22.46 -30.96 -9.80
N ARG E 54 -23.41 -30.02 -9.79
CA ARG E 54 -23.47 -28.91 -10.75
C ARG E 54 -23.00 -29.34 -12.14
N ALA E 55 -23.50 -30.46 -12.63
CA ALA E 55 -23.47 -30.82 -14.04
C ALA E 55 -22.10 -31.18 -14.65
N SER E 56 -20.99 -30.82 -14.00
CA SER E 56 -19.69 -31.02 -14.64
C SER E 56 -18.59 -31.62 -13.75
N ASN E 57 -18.66 -31.42 -12.44
CA ASN E 57 -17.56 -31.82 -11.55
C ASN E 57 -17.76 -33.12 -10.79
N ARG E 58 -16.72 -33.94 -10.79
CA ARG E 58 -16.79 -35.23 -10.11
C ARG E 58 -16.67 -35.07 -8.58
N GLU E 59 -17.51 -35.82 -7.86
CA GLU E 59 -17.42 -35.93 -6.41
C GLU E 59 -16.18 -36.75 -6.16
N PHE E 60 -15.50 -36.45 -5.06
CA PHE E 60 -14.25 -37.13 -4.73
C PHE E 60 -14.36 -38.64 -4.66
N GLY E 61 -13.47 -39.33 -5.36
CA GLY E 61 -13.48 -40.78 -5.38
C GLY E 61 -14.26 -41.33 -6.57
N ILE E 62 -14.30 -40.53 -7.63
CA ILE E 62 -14.93 -40.95 -8.86
C ILE E 62 -13.93 -40.87 -10.00
N PRO E 63 -13.80 -41.98 -10.75
CA PRO E 63 -12.89 -42.05 -11.90
C PRO E 63 -13.25 -41.09 -13.03
N ALA E 64 -12.22 -40.73 -13.79
CA ALA E 64 -12.35 -39.74 -14.85
C ALA E 64 -13.16 -40.26 -16.04
N ARG E 65 -13.45 -41.57 -16.04
CA ARG E 65 -14.26 -42.20 -17.08
C ARG E 65 -15.63 -41.54 -17.15
N PHE E 66 -16.03 -40.92 -16.05
CA PHE E 66 -17.30 -40.21 -15.96
C PHE E 66 -17.14 -38.74 -16.32
N ASN E 67 -17.76 -38.36 -17.43
CA ASN E 67 -17.71 -36.99 -17.91
C ASN E 67 -19.06 -36.32 -17.76
N GLY E 68 -19.14 -35.38 -16.83
CA GLY E 68 -20.34 -34.58 -16.67
C GLY E 68 -20.26 -33.42 -17.64
N SER E 69 -21.28 -33.30 -18.51
CA SER E 69 -21.31 -32.28 -19.56
C SER E 69 -22.72 -31.82 -19.90
N GLY E 70 -22.84 -30.62 -20.48
CA GLY E 70 -24.14 -30.06 -20.84
C GLY E 70 -24.35 -28.64 -20.32
N SER E 71 -25.44 -28.01 -20.74
CA SER E 71 -25.76 -26.65 -20.30
C SER E 71 -27.21 -26.26 -20.61
N GLY E 72 -27.87 -25.63 -19.65
CA GLY E 72 -29.19 -25.09 -19.89
C GLY E 72 -30.38 -26.03 -19.67
N THR E 73 -30.92 -26.58 -20.74
CA THR E 73 -32.13 -27.38 -20.59
C THR E 73 -31.76 -28.83 -20.71
N ASP E 74 -30.66 -29.14 -21.40
CA ASP E 74 -30.26 -30.55 -21.58
C ASP E 74 -28.78 -30.83 -21.30
N PHE E 75 -28.52 -32.02 -20.75
CA PHE E 75 -27.18 -32.45 -20.36
C PHE E 75 -26.91 -33.87 -20.83
N ALA E 76 -25.71 -34.36 -20.54
CA ALA E 76 -25.32 -35.70 -20.93
C ALA E 76 -24.18 -36.19 -20.05
N LEU E 77 -24.39 -37.35 -19.46
CA LEU E 77 -23.36 -38.04 -18.71
C LEU E 77 -22.63 -39.00 -19.63
N THR E 78 -21.32 -38.86 -19.73
CA THR E 78 -20.55 -39.71 -20.63
C THR E 78 -19.64 -40.66 -19.87
N ILE E 79 -19.84 -41.98 -20.05
CA ILE E 79 -18.95 -42.96 -19.44
C ILE E 79 -18.06 -43.56 -20.52
N ASN E 80 -16.76 -43.29 -20.41
CA ASN E 80 -15.79 -43.70 -21.42
C ASN E 80 -14.37 -43.60 -20.87
N PRO E 81 -13.66 -44.74 -20.79
CA PRO E 81 -14.07 -46.09 -21.23
C PRO E 81 -15.02 -46.82 -20.28
N VAL E 82 -15.90 -47.65 -20.85
CA VAL E 82 -16.85 -48.45 -20.05
C VAL E 82 -16.15 -49.63 -19.40
N GLU E 83 -16.31 -49.77 -18.09
CA GLU E 83 -15.70 -50.85 -17.34
C GLU E 83 -16.71 -51.92 -16.94
N ALA E 84 -16.24 -52.87 -16.13
CA ALA E 84 -17.05 -54.00 -15.67
C ALA E 84 -18.09 -53.60 -14.59
N ASP E 85 -17.65 -52.91 -13.54
CA ASP E 85 -18.55 -52.42 -12.49
C ASP E 85 -19.26 -51.10 -12.89
N ASP E 86 -19.94 -51.12 -14.03
CA ASP E 86 -20.66 -49.95 -14.52
C ASP E 86 -22.12 -50.30 -14.82
N VAL E 87 -22.47 -51.57 -14.63
CA VAL E 87 -23.86 -51.96 -14.72
C VAL E 87 -24.59 -51.32 -13.58
N ALA E 88 -25.53 -50.47 -13.92
CA ALA E 88 -26.30 -49.75 -12.92
C ALA E 88 -27.44 -49.07 -13.62
N THR E 89 -28.30 -48.47 -12.81
CA THR E 89 -29.32 -47.61 -13.34
C THR E 89 -28.87 -46.18 -13.02
N TYR E 90 -28.86 -45.32 -14.04
CA TYR E 90 -28.37 -43.96 -13.84
C TYR E 90 -29.50 -42.93 -13.80
N PHE E 91 -29.40 -42.02 -12.84
CA PHE E 91 -30.41 -41.02 -12.62
C PHE E 91 -29.82 -39.61 -12.75
N CYS E 92 -30.55 -38.69 -13.39
CA CYS E 92 -30.23 -37.27 -13.31
C CYS E 92 -31.31 -36.58 -12.47
N GLN E 93 -30.91 -35.62 -11.65
CA GLN E 93 -31.81 -34.89 -10.76
C GLN E 93 -31.51 -33.40 -10.73
N GLN E 94 -32.55 -32.56 -10.75
CA GLN E 94 -32.32 -31.12 -10.75
C GLN E 94 -32.46 -30.52 -9.33
N SER E 95 -31.74 -29.43 -9.06
CA SER E 95 -31.86 -28.78 -7.73
C SER E 95 -32.15 -27.30 -7.88
N ASN E 96 -32.23 -26.85 -9.12
CA ASN E 96 -32.48 -25.45 -9.45
C ASN E 96 -33.72 -24.84 -8.78
N GLU E 97 -34.74 -25.66 -8.57
CA GLU E 97 -36.03 -25.14 -8.12
C GLU E 97 -36.92 -26.26 -7.57
N ASP E 98 -37.34 -26.13 -6.32
CA ASP E 98 -38.26 -27.10 -5.74
C ASP E 98 -39.54 -27.13 -6.57
N PRO E 99 -40.18 -28.32 -6.66
CA PRO E 99 -39.75 -29.51 -5.94
C PRO E 99 -38.67 -30.27 -6.69
N ARG E 100 -37.71 -30.82 -5.93
CA ARG E 100 -36.63 -31.63 -6.47
C ARG E 100 -37.17 -32.73 -7.32
N THR E 101 -36.66 -32.84 -8.53
CA THR E 101 -37.14 -33.88 -9.40
C THR E 101 -35.99 -34.70 -10.00
N PHE E 102 -36.23 -36.01 -10.15
CA PHE E 102 -35.27 -36.93 -10.74
C PHE E 102 -35.65 -37.35 -12.15
N GLY E 103 -34.70 -37.96 -12.86
CA GLY E 103 -35.00 -38.52 -14.17
C GLY E 103 -35.70 -39.87 -14.07
N GLY E 104 -36.14 -40.38 -15.22
CA GLY E 104 -36.78 -41.67 -15.26
C GLY E 104 -35.79 -42.73 -14.85
N GLY E 105 -34.58 -42.55 -15.34
CA GLY E 105 -33.51 -43.48 -15.04
C GLY E 105 -33.08 -44.22 -16.30
N THR E 106 -31.78 -44.51 -16.39
CA THR E 106 -31.25 -45.27 -17.53
C THR E 106 -30.49 -46.48 -17.01
N LYS E 107 -30.89 -47.67 -17.47
CA LYS E 107 -30.21 -48.93 -17.13
C LYS E 107 -29.13 -49.20 -18.15
N LEU E 108 -27.93 -49.42 -17.65
CA LEU E 108 -26.80 -49.73 -18.49
C LEU E 108 -26.43 -51.20 -18.39
N GLU E 109 -26.24 -51.82 -19.54
CA GLU E 109 -25.85 -53.23 -19.63
C GLU E 109 -24.57 -53.35 -20.46
N ILE E 110 -23.78 -54.36 -20.14
CA ILE E 110 -22.51 -54.60 -20.80
C ILE E 110 -22.67 -55.63 -21.92
N LYS E 111 -22.18 -55.29 -23.12
CA LYS E 111 -22.10 -56.24 -24.24
C LYS E 111 -20.77 -56.96 -24.12
N ARG E 112 -20.84 -58.28 -23.92
CA ARG E 112 -19.67 -59.14 -23.76
C ARG E 112 -19.79 -60.37 -24.65
N ALA E 113 -18.88 -61.33 -24.44
CA ALA E 113 -18.86 -62.57 -25.20
C ALA E 113 -20.02 -63.48 -24.84
N ASP E 114 -20.75 -63.93 -25.85
CA ASP E 114 -21.92 -64.79 -25.63
C ASP E 114 -21.59 -66.07 -24.86
N ALA E 115 -22.09 -66.19 -23.65
CA ALA E 115 -21.77 -67.34 -22.80
C ALA E 115 -22.93 -68.32 -22.73
N ALA E 116 -22.60 -69.57 -22.43
CA ALA E 116 -23.61 -70.61 -22.35
C ALA E 116 -24.02 -70.90 -20.91
N PRO E 117 -25.31 -71.24 -20.72
CA PRO E 117 -25.87 -71.50 -19.38
C PRO E 117 -25.38 -72.77 -18.69
N THR E 118 -24.78 -72.63 -17.51
CA THR E 118 -24.35 -73.81 -16.77
C THR E 118 -25.51 -74.37 -15.93
N VAL E 119 -26.37 -75.13 -16.61
CA VAL E 119 -27.60 -75.67 -16.02
C VAL E 119 -27.42 -76.77 -14.97
N SER E 120 -28.31 -76.83 -14.00
CA SER E 120 -28.26 -77.86 -12.95
C SER E 120 -29.61 -78.10 -12.27
N ILE E 121 -30.15 -79.31 -12.35
CA ILE E 121 -31.49 -79.59 -11.82
C ILE E 121 -31.45 -80.23 -10.42
N PHE E 122 -32.45 -79.95 -9.58
CA PHE E 122 -32.47 -80.42 -8.20
C PHE E 122 -33.79 -81.02 -7.77
N PRO E 123 -33.76 -82.22 -7.22
CA PRO E 123 -34.95 -82.93 -6.79
C PRO E 123 -35.55 -82.29 -5.57
N PRO E 124 -36.82 -82.59 -5.31
CA PRO E 124 -37.41 -82.08 -4.08
C PRO E 124 -36.72 -82.59 -2.80
N SER E 125 -36.76 -81.75 -1.77
CA SER E 125 -36.21 -82.11 -0.48
C SER E 125 -37.11 -83.14 0.19
N SER E 126 -36.50 -84.02 0.96
CA SER E 126 -37.24 -85.03 1.69
C SER E 126 -38.14 -84.40 2.77
N GLU E 127 -37.65 -83.34 3.39
CA GLU E 127 -38.39 -82.61 4.44
C GLU E 127 -39.63 -81.94 3.85
N GLN E 128 -39.46 -81.43 2.64
CA GLN E 128 -40.55 -80.78 1.94
C GLN E 128 -41.61 -81.80 1.54
N LEU E 129 -41.13 -82.97 1.12
CA LEU E 129 -42.00 -84.02 0.65
C LEU E 129 -42.84 -84.58 1.79
N THR E 130 -42.22 -84.66 2.97
CA THR E 130 -42.91 -85.08 4.18
C THR E 130 -43.88 -83.97 4.62
N SER E 131 -43.66 -82.77 4.10
CA SER E 131 -44.55 -81.65 4.41
C SER E 131 -45.80 -81.67 3.49
N GLY E 132 -45.66 -82.33 2.34
CA GLY E 132 -46.79 -82.55 1.47
C GLY E 132 -46.65 -81.99 0.07
N GLY E 133 -45.57 -81.28 -0.19
CA GLY E 133 -45.38 -80.65 -1.48
C GLY E 133 -44.05 -81.00 -2.13
N ALA E 134 -43.99 -80.97 -3.46
CA ALA E 134 -42.75 -81.22 -4.17
C ALA E 134 -42.28 -80.01 -5.01
N SER E 135 -40.97 -79.76 -5.08
CA SER E 135 -40.48 -78.58 -5.80
C SER E 135 -39.21 -78.87 -6.57
N VAL E 136 -39.34 -78.98 -7.87
CA VAL E 136 -38.19 -79.23 -8.72
C VAL E 136 -37.53 -77.91 -9.16
N VAL E 137 -36.31 -77.69 -8.69
CA VAL E 137 -35.55 -76.47 -8.99
C VAL E 137 -34.61 -76.62 -10.18
N CYS E 138 -34.27 -75.53 -10.85
CA CYS E 138 -33.37 -75.64 -11.96
C CYS E 138 -32.59 -74.34 -12.19
N PHE E 139 -31.34 -74.29 -11.74
CA PHE E 139 -30.53 -73.09 -11.87
C PHE E 139 -29.91 -73.01 -13.24
N LEU E 140 -29.73 -71.80 -13.73
CA LEU E 140 -29.15 -71.58 -15.05
C LEU E 140 -28.11 -70.47 -14.98
N ASN E 141 -26.95 -70.76 -14.40
CA ASN E 141 -26.03 -69.69 -14.04
C ASN E 141 -25.06 -69.24 -15.11
N ASN E 142 -24.70 -67.96 -15.01
CA ASN E 142 -23.65 -67.37 -15.81
C ASN E 142 -23.76 -67.60 -17.30
N PHE E 143 -24.54 -66.74 -17.95
CA PHE E 143 -24.74 -66.82 -19.39
C PHE E 143 -24.92 -65.44 -20.03
N TYR E 144 -25.03 -65.42 -21.36
CA TYR E 144 -25.25 -64.18 -22.11
C TYR E 144 -25.64 -64.51 -23.55
N PRO E 145 -26.54 -63.72 -24.17
CA PRO E 145 -27.27 -62.54 -23.68
C PRO E 145 -28.29 -62.85 -22.58
N LYS E 146 -29.01 -61.83 -22.11
CA LYS E 146 -29.92 -61.99 -20.98
C LYS E 146 -31.10 -62.92 -21.25
N ASP E 147 -31.75 -62.75 -22.41
CA ASP E 147 -32.97 -63.48 -22.74
C ASP E 147 -32.69 -64.97 -22.94
N ILE E 148 -33.51 -65.78 -22.28
CA ILE E 148 -33.40 -67.23 -22.37
C ILE E 148 -34.78 -67.85 -22.22
N ASN E 149 -34.91 -69.11 -22.60
CA ASN E 149 -36.19 -69.79 -22.59
C ASN E 149 -36.20 -71.20 -21.99
N VAL E 150 -36.63 -71.29 -20.75
CA VAL E 150 -36.75 -72.56 -20.04
C VAL E 150 -38.09 -73.22 -20.31
N LYS E 151 -38.07 -74.52 -20.58
CA LYS E 151 -39.28 -75.34 -20.70
C LYS E 151 -39.21 -76.48 -19.72
N TRP E 152 -40.35 -76.85 -19.17
CA TRP E 152 -40.40 -78.00 -18.27
C TRP E 152 -41.14 -79.15 -18.90
N LYS E 153 -40.57 -80.35 -18.77
CA LYS E 153 -41.20 -81.57 -19.28
C LYS E 153 -41.33 -82.65 -18.18
N ILE E 154 -42.52 -83.21 -18.06
CA ILE E 154 -42.74 -84.31 -17.13
C ILE E 154 -43.05 -85.59 -17.90
N ASP E 155 -42.12 -86.55 -17.82
CA ASP E 155 -42.21 -87.76 -18.60
C ASP E 155 -42.32 -87.38 -20.07
N GLY E 156 -41.42 -86.51 -20.52
CA GLY E 156 -41.35 -86.15 -21.94
C GLY E 156 -42.36 -85.15 -22.47
N SER E 157 -43.50 -85.03 -21.77
CA SER E 157 -44.58 -84.15 -22.16
C SER E 157 -44.43 -82.79 -21.49
N GLU E 158 -44.69 -81.73 -22.24
CA GLU E 158 -44.49 -80.36 -21.74
C GLU E 158 -45.45 -80.00 -20.60
N ARG E 159 -45.14 -78.91 -19.91
CA ARG E 159 -45.95 -78.48 -18.78
C ARG E 159 -45.88 -76.95 -18.66
N GLN E 160 -47.01 -76.34 -18.33
CA GLN E 160 -47.20 -74.87 -18.31
C GLN E 160 -47.13 -74.24 -16.91
N ASN E 161 -48.08 -74.59 -16.05
CA ASN E 161 -48.21 -73.98 -14.73
C ASN E 161 -47.11 -74.36 -13.72
N GLY E 162 -47.33 -73.99 -12.46
CA GLY E 162 -46.44 -74.22 -11.33
C GLY E 162 -45.06 -73.63 -11.43
N VAL E 163 -44.71 -73.12 -12.60
CA VAL E 163 -43.39 -72.56 -12.86
C VAL E 163 -43.28 -71.12 -12.40
N LEU E 164 -42.16 -70.81 -11.73
CA LEU E 164 -41.83 -69.45 -11.32
C LEU E 164 -40.40 -69.13 -11.70
N ASN E 165 -40.21 -68.14 -12.56
CA ASN E 165 -38.88 -67.81 -13.05
C ASN E 165 -38.33 -66.53 -12.41
N SER E 166 -37.01 -66.42 -12.35
CA SER E 166 -36.38 -65.31 -11.67
C SER E 166 -34.97 -65.06 -12.20
N TRP E 167 -34.75 -63.90 -12.80
CA TRP E 167 -33.41 -63.56 -13.27
C TRP E 167 -32.70 -62.64 -12.29
N THR E 168 -31.38 -62.73 -12.20
CA THR E 168 -30.64 -61.71 -11.46
C THR E 168 -30.17 -60.63 -12.42
N ASP E 169 -29.83 -59.48 -11.87
CA ASP E 169 -29.31 -58.41 -12.70
C ASP E 169 -27.94 -58.79 -13.19
N GLN E 170 -27.53 -58.24 -14.33
CA GLN E 170 -26.20 -58.49 -14.88
C GLN E 170 -25.13 -58.31 -13.79
N ASP E 171 -24.39 -59.38 -13.49
CA ASP E 171 -23.41 -59.36 -12.41
C ASP E 171 -22.29 -58.37 -12.75
N SER E 172 -21.95 -57.52 -11.78
CA SER E 172 -21.01 -56.43 -12.00
C SER E 172 -19.59 -56.86 -12.41
N LYS E 173 -19.18 -58.05 -11.96
CA LYS E 173 -17.80 -58.50 -12.13
C LYS E 173 -17.61 -59.22 -13.47
N ASP E 174 -18.52 -60.13 -13.83
CA ASP E 174 -18.34 -60.96 -15.03
C ASP E 174 -19.37 -60.70 -16.14
N SER E 175 -20.34 -59.83 -15.87
CA SER E 175 -21.38 -59.45 -16.83
C SER E 175 -22.18 -60.65 -17.35
N THR E 176 -22.44 -61.60 -16.45
CA THR E 176 -23.22 -62.78 -16.79
C THR E 176 -24.49 -62.87 -15.92
N TYR E 177 -25.61 -63.14 -16.57
CA TYR E 177 -26.89 -63.26 -15.88
C TYR E 177 -27.03 -64.67 -15.34
N SER E 178 -27.95 -64.84 -14.39
CA SER E 178 -28.24 -66.16 -13.83
C SER E 178 -29.74 -66.28 -13.67
N MET E 179 -30.26 -67.50 -13.64
CA MET E 179 -31.71 -67.68 -13.61
C MET E 179 -32.18 -68.85 -12.75
N SER E 180 -33.22 -68.63 -11.95
CA SER E 180 -33.86 -69.71 -11.21
C SER E 180 -35.07 -70.15 -12.00
N SER E 181 -35.59 -71.34 -11.72
CA SER E 181 -36.80 -71.78 -12.38
C SER E 181 -37.41 -72.91 -11.55
N THR E 182 -38.26 -72.55 -10.60
CA THR E 182 -38.86 -73.52 -9.70
C THR E 182 -40.07 -74.20 -10.35
N LEU E 183 -40.32 -75.44 -9.97
CA LEU E 183 -41.51 -76.16 -10.39
C LEU E 183 -42.22 -76.75 -9.18
N THR E 184 -43.33 -76.16 -8.80
CA THR E 184 -43.98 -76.59 -7.57
C THR E 184 -45.09 -77.62 -7.90
N LEU E 185 -45.13 -78.71 -7.14
CA LEU E 185 -46.16 -79.75 -7.26
C LEU E 185 -46.61 -80.23 -5.88
N THR E 186 -47.73 -80.93 -5.80
CA THR E 186 -48.12 -81.57 -4.54
C THR E 186 -47.52 -82.98 -4.56
N LYS E 187 -47.31 -83.57 -3.38
CA LYS E 187 -46.69 -84.89 -3.24
C LYS E 187 -47.34 -85.92 -4.16
N ASP E 188 -48.68 -85.99 -4.13
CA ASP E 188 -49.42 -86.98 -4.93
C ASP E 188 -49.31 -86.72 -6.41
N GLU E 189 -49.41 -85.44 -6.78
CA GLU E 189 -49.24 -84.96 -8.14
C GLU E 189 -47.82 -85.30 -8.63
N TYR E 190 -46.89 -85.34 -7.69
CA TYR E 190 -45.47 -85.60 -7.97
C TYR E 190 -45.21 -87.07 -8.09
N GLU E 191 -45.83 -87.82 -7.18
CA GLU E 191 -45.68 -89.26 -7.08
C GLU E 191 -46.48 -90.03 -8.12
N ARG E 192 -46.99 -89.36 -9.16
CA ARG E 192 -47.64 -90.06 -10.24
C ARG E 192 -46.84 -89.88 -11.53
N HIS E 193 -45.53 -89.75 -11.42
CA HIS E 193 -44.70 -89.56 -12.60
C HIS E 193 -43.27 -90.10 -12.40
N ASN E 194 -42.43 -89.96 -13.42
CA ASN E 194 -41.08 -90.47 -13.32
C ASN E 194 -40.02 -89.45 -13.74
N SER E 195 -40.02 -89.04 -15.01
CA SER E 195 -38.93 -88.21 -15.52
C SER E 195 -39.19 -86.70 -15.50
N TYR E 196 -38.32 -85.93 -14.86
CA TYR E 196 -38.49 -84.48 -14.81
C TYR E 196 -37.35 -83.81 -15.55
N THR E 197 -37.69 -83.06 -16.60
CA THR E 197 -36.73 -82.51 -17.55
C THR E 197 -36.72 -80.99 -17.55
N CYS E 198 -35.66 -80.38 -18.06
CA CYS E 198 -35.52 -78.94 -17.90
C CYS E 198 -34.81 -78.30 -19.10
N GLU E 199 -35.50 -78.21 -20.23
CA GLU E 199 -34.89 -77.83 -21.50
C GLU E 199 -34.69 -76.34 -21.68
N ALA E 200 -33.44 -75.90 -21.55
CA ALA E 200 -33.11 -74.49 -21.72
C ALA E 200 -32.66 -74.25 -23.13
N THR E 201 -33.23 -73.22 -23.74
CA THR E 201 -32.95 -72.91 -25.12
C THR E 201 -32.27 -71.57 -25.23
N HIS E 202 -30.98 -71.55 -25.58
CA HIS E 202 -30.27 -70.29 -25.71
C HIS E 202 -30.08 -69.91 -27.18
N LYS E 203 -29.67 -68.67 -27.39
CA LYS E 203 -29.28 -68.13 -28.68
C LYS E 203 -27.89 -68.67 -29.11
N THR E 204 -27.11 -69.10 -28.12
CA THR E 204 -25.81 -69.71 -28.37
C THR E 204 -25.95 -71.03 -29.13
N SER E 205 -26.56 -72.02 -28.47
CA SER E 205 -26.77 -73.36 -29.07
C SER E 205 -28.05 -73.45 -29.89
N THR E 206 -27.94 -73.91 -31.14
CA THR E 206 -29.14 -74.05 -31.97
C THR E 206 -29.93 -75.27 -31.50
N SER E 207 -29.36 -75.97 -30.52
CA SER E 207 -30.01 -77.14 -29.94
C SER E 207 -30.09 -77.01 -28.42
N PRO E 208 -31.25 -77.37 -27.86
CA PRO E 208 -31.55 -77.27 -26.43
C PRO E 208 -30.60 -78.04 -25.52
N ILE E 209 -30.06 -77.34 -24.52
CA ILE E 209 -29.31 -77.97 -23.43
C ILE E 209 -30.33 -78.57 -22.49
N VAL E 210 -30.13 -79.82 -22.08
CA VAL E 210 -31.12 -80.54 -21.30
C VAL E 210 -30.53 -81.00 -19.99
N LYS E 211 -31.35 -81.04 -18.95
CA LYS E 211 -30.96 -81.69 -17.73
C LYS E 211 -32.17 -82.24 -17.01
N SER E 212 -32.12 -83.52 -16.66
CA SER E 212 -33.24 -84.16 -16.01
C SER E 212 -32.76 -85.16 -14.98
N PHE E 213 -33.70 -85.66 -14.21
CA PHE E 213 -33.44 -86.70 -13.21
C PHE E 213 -34.68 -87.58 -13.11
N ASN E 214 -34.52 -88.86 -12.80
CA ASN E 214 -35.69 -89.74 -12.64
C ASN E 214 -36.00 -90.00 -11.18
N ARG E 215 -37.28 -90.00 -10.85
CA ARG E 215 -37.74 -90.15 -9.46
C ARG E 215 -37.29 -91.46 -8.84
N ASN E 216 -37.34 -92.53 -9.64
CA ASN E 216 -37.03 -93.89 -9.18
C ASN E 216 -35.54 -94.25 -9.34
N GLU E 217 -34.87 -94.52 -8.22
CA GLU E 217 -33.44 -94.85 -8.20
C GLU E 217 -33.14 -96.03 -7.27
N ASP F 1 -6.62 32.05 41.84
CA ASP F 1 -5.89 31.11 42.68
C ASP F 1 -6.76 29.86 42.90
N ILE F 2 -6.15 28.69 42.80
CA ILE F 2 -6.87 27.42 43.04
C ILE F 2 -6.52 26.87 44.43
N VAL F 3 -7.39 27.12 45.41
CA VAL F 3 -7.13 26.75 46.80
C VAL F 3 -7.09 25.24 47.02
N LEU F 4 -5.99 24.76 47.60
CA LEU F 4 -5.85 23.35 47.92
C LEU F 4 -5.97 23.06 49.42
N THR F 5 -6.91 22.18 49.78
CA THR F 5 -7.19 21.89 51.18
C THR F 5 -6.97 20.43 51.53
N GLN F 6 -5.92 20.13 52.29
CA GLN F 6 -5.65 18.74 52.62
C GLN F 6 -6.36 18.26 53.87
N SER F 7 -6.66 16.96 53.95
CA SER F 7 -7.28 16.41 55.15
C SER F 7 -6.92 14.93 55.34
N PRO F 8 -6.52 14.56 56.56
CA PRO F 8 -6.40 15.39 57.76
C PRO F 8 -5.09 16.15 57.84
N GLY F 9 -4.98 17.07 58.80
CA GLY F 9 -3.76 17.84 59.00
C GLY F 9 -2.63 16.95 59.47
N SER F 10 -2.99 15.99 60.31
CA SER F 10 -2.03 15.02 60.82
C SER F 10 -2.67 13.63 60.88
N LEU F 11 -1.89 12.62 60.55
CA LEU F 11 -2.42 11.28 60.53
C LEU F 11 -1.40 10.29 61.08
N THR F 12 -1.80 9.57 62.12
CA THR F 12 -0.97 8.54 62.72
C THR F 12 -1.60 7.16 62.53
N VAL F 13 -0.94 6.31 61.77
CA VAL F 13 -1.46 4.96 61.53
C VAL F 13 -0.35 3.92 61.71
N SER F 14 -0.75 2.74 62.18
CA SER F 14 0.18 1.66 62.51
C SER F 14 0.93 1.08 61.30
N LEU F 15 2.08 0.45 61.56
CA LEU F 15 2.90 -0.16 60.53
C LEU F 15 2.13 -1.29 59.81
N GLY F 16 2.35 -1.43 58.50
CA GLY F 16 1.68 -2.44 57.73
C GLY F 16 0.20 -2.16 57.48
N GLN F 17 -0.22 -0.92 57.71
CA GLN F 17 -1.62 -0.55 57.49
C GLN F 17 -1.81 0.35 56.28
N ARG F 18 -2.92 1.10 56.27
CA ARG F 18 -3.24 1.97 55.12
C ARG F 18 -3.39 3.44 55.53
N ALA F 19 -2.52 4.28 54.97
CA ALA F 19 -2.61 5.74 55.13
C ALA F 19 -3.37 6.34 53.96
N THR F 20 -4.31 7.23 54.28
CA THR F 20 -5.18 7.79 53.26
C THR F 20 -5.25 9.30 53.38
N ILE F 21 -4.41 9.99 52.63
CA ILE F 21 -4.41 11.44 52.66
C ILE F 21 -5.19 12.02 51.50
N SER F 22 -6.09 12.96 51.79
CA SER F 22 -6.99 13.53 50.78
C SER F 22 -6.61 14.95 50.37
N CYS F 23 -7.08 15.34 49.19
CA CYS F 23 -6.90 16.69 48.68
C CYS F 23 -8.21 17.22 48.12
N ARG F 24 -8.43 18.52 48.26
CA ARG F 24 -9.64 19.17 47.75
C ARG F 24 -9.33 20.52 47.09
N ALA F 25 -9.69 20.65 45.83
CA ALA F 25 -9.44 21.87 45.08
C ALA F 25 -10.67 22.74 45.01
N SER F 26 -10.45 24.04 45.13
CA SER F 26 -11.53 25.04 45.12
C SER F 26 -12.35 24.97 43.84
N GLU F 27 -11.65 25.01 42.71
CA GLU F 27 -12.26 24.81 41.41
C GLU F 27 -11.59 23.59 40.77
N SER F 28 -12.20 23.06 39.70
CA SER F 28 -11.74 21.82 39.09
C SER F 28 -10.31 22.00 38.65
N VAL F 29 -9.56 20.91 38.65
CA VAL F 29 -8.16 20.94 38.29
C VAL F 29 -7.93 19.81 37.26
N ASP F 30 -8.80 19.79 36.26
CA ASP F 30 -8.98 18.58 35.48
C ASP F 30 -9.50 18.81 34.07
N ASN F 31 -8.74 19.45 33.19
CA ASN F 31 -9.17 19.43 31.79
C ASN F 31 -8.13 18.74 30.88
N PHE F 32 -8.43 18.68 29.58
CA PHE F 32 -7.69 17.85 28.62
C PHE F 32 -7.87 16.38 28.90
N GLY F 33 -8.84 16.04 29.75
CA GLY F 33 -9.11 14.65 30.07
C GLY F 33 -8.22 14.08 31.16
N LYS F 34 -7.17 14.83 31.51
CA LYS F 34 -6.25 14.43 32.56
C LYS F 34 -6.41 15.32 33.80
N SER F 35 -6.04 14.76 34.95
CA SER F 35 -6.04 15.49 36.23
C SER F 35 -4.66 16.07 36.55
N PHE F 36 -4.56 17.38 36.75
CA PHE F 36 -3.25 17.99 36.95
C PHE F 36 -2.88 18.22 38.43
N MET F 37 -2.90 17.13 39.18
CA MET F 37 -2.58 17.09 40.59
C MET F 37 -1.24 16.40 40.76
N HIS F 38 -0.46 16.78 41.77
CA HIS F 38 0.85 16.14 41.98
C HIS F 38 1.12 15.91 43.45
N TRP F 39 1.67 14.77 43.82
CA TRP F 39 1.95 14.53 45.22
C TRP F 39 3.46 14.60 45.49
N TYR F 40 3.79 15.20 46.63
CA TYR F 40 5.18 15.34 47.05
C TYR F 40 5.41 14.81 48.48
N GLN F 41 6.55 14.20 48.70
CA GLN F 41 6.89 13.65 50.01
C GLN F 41 8.04 14.46 50.61
N GLN F 42 7.85 15.04 51.79
CA GLN F 42 8.95 15.71 52.47
C GLN F 42 9.31 14.97 53.74
N LYS F 43 10.27 14.06 53.60
CA LYS F 43 10.84 13.37 54.75
C LYS F 43 11.50 14.46 55.59
N PRO F 44 11.42 14.33 56.93
CA PRO F 44 11.90 15.39 57.84
C PRO F 44 13.36 15.79 57.64
N GLY F 45 13.61 17.09 57.68
CA GLY F 45 14.96 17.62 57.61
C GLY F 45 15.58 17.61 56.22
N GLN F 46 14.76 17.44 55.19
CA GLN F 46 15.28 17.48 53.83
C GLN F 46 14.24 17.95 52.79
N SER F 47 14.72 18.21 51.58
CA SER F 47 13.91 18.77 50.48
C SER F 47 12.72 17.87 50.10
N PRO F 48 11.67 18.47 49.49
CA PRO F 48 10.49 17.72 49.03
C PRO F 48 10.86 16.73 47.95
N LYS F 49 10.07 15.70 47.76
CA LYS F 49 10.42 14.62 46.83
C LYS F 49 9.19 14.36 45.97
N LEU F 50 9.37 14.03 44.70
CA LEU F 50 8.21 13.84 43.86
C LEU F 50 7.70 12.40 43.93
N LEU F 51 6.42 12.24 44.22
CA LEU F 51 5.76 10.94 44.19
C LEU F 51 4.91 10.72 42.93
N ILE F 52 3.81 11.46 42.80
CA ILE F 52 2.88 11.20 41.72
C ILE F 52 2.78 12.44 40.82
N TYR F 53 2.78 12.23 39.50
CA TYR F 53 2.41 13.28 38.53
C TYR F 53 1.10 12.93 37.85
N ARG F 54 0.42 13.99 37.40
CA ARG F 54 -0.96 14.00 36.90
C ARG F 54 -1.85 12.94 37.59
N ALA F 55 -1.78 12.94 38.92
CA ALA F 55 -2.75 12.29 39.82
C ALA F 55 -2.72 10.78 39.90
N SER F 56 -2.08 10.11 38.95
CA SER F 56 -2.24 8.67 38.92
C SER F 56 -0.96 7.86 38.75
N ASN F 57 0.05 8.45 38.12
CA ASN F 57 1.26 7.71 37.74
C ASN F 57 2.52 7.96 38.56
N ARG F 58 3.18 6.87 38.95
CA ARG F 58 4.38 6.94 39.78
C ARG F 58 5.61 7.42 39.04
N GLU F 59 6.36 8.30 39.67
CA GLU F 59 7.66 8.69 39.15
C GLU F 59 8.58 7.49 39.34
N PHE F 60 9.56 7.35 38.45
CA PHE F 60 10.48 6.23 38.51
C PHE F 60 11.22 6.15 39.84
N GLY F 61 11.20 4.97 40.46
CA GLY F 61 11.86 4.74 41.73
C GLY F 61 10.96 4.94 42.94
N ILE F 62 9.67 4.75 42.72
CA ILE F 62 8.70 4.85 43.79
C ILE F 62 7.95 3.53 43.90
N PRO F 63 7.97 2.92 45.10
CA PRO F 63 7.30 1.64 45.32
C PRO F 63 5.81 1.73 45.07
N ALA F 64 5.22 0.59 44.73
CA ALA F 64 3.81 0.52 44.36
C ALA F 64 2.90 0.81 45.55
N ARG F 65 3.50 0.83 46.75
CA ARG F 65 2.76 1.08 47.98
C ARG F 65 2.02 2.39 47.87
N PHE F 66 2.51 3.29 47.01
CA PHE F 66 1.88 4.59 46.80
C PHE F 66 0.89 4.54 45.63
N ASN F 67 -0.38 4.73 45.96
CA ASN F 67 -1.45 4.74 44.98
C ASN F 67 -2.00 6.15 44.80
N GLY F 68 -1.68 6.75 43.66
CA GLY F 68 -2.21 8.04 43.30
C GLY F 68 -3.57 7.80 42.66
N SER F 69 -4.60 8.44 43.19
CA SER F 69 -5.96 8.22 42.73
C SER F 69 -6.80 9.48 42.88
N GLY F 70 -7.93 9.53 42.18
CA GLY F 70 -8.83 10.66 42.27
C GLY F 70 -9.16 11.21 40.88
N SER F 71 -10.11 12.13 40.82
CA SER F 71 -10.50 12.76 39.56
C SER F 71 -11.31 14.02 39.81
N GLY F 72 -11.01 15.07 39.06
CA GLY F 72 -11.79 16.28 39.12
C GLY F 72 -11.44 17.33 40.18
N THR F 73 -12.20 17.35 41.26
CA THR F 73 -12.06 18.40 42.28
C THR F 73 -11.33 17.86 43.51
N ASP F 74 -11.42 16.56 43.75
CA ASP F 74 -10.77 15.94 44.92
C ASP F 74 -10.03 14.63 44.64
N PHE F 75 -8.88 14.45 45.30
CA PHE F 75 -8.03 13.29 45.08
C PHE F 75 -7.60 12.67 46.41
N ALA F 76 -6.81 11.61 46.33
CA ALA F 76 -6.37 10.93 47.54
C ALA F 76 -5.10 10.12 47.29
N LEU F 77 -4.07 10.38 48.09
CA LEU F 77 -2.85 9.59 48.04
C LEU F 77 -2.96 8.45 49.02
N THR F 78 -2.77 7.23 48.56
CA THR F 78 -2.89 6.07 49.42
C THR F 78 -1.54 5.40 49.66
N ILE F 79 -1.12 5.29 50.92
CA ILE F 79 0.09 4.53 51.22
C ILE F 79 -0.26 3.20 51.90
N ASN F 80 0.05 2.10 51.23
CA ASN F 80 -0.36 0.76 51.67
C ASN F 80 0.43 -0.34 50.96
N PRO F 81 1.22 -1.13 51.73
CA PRO F 81 1.36 -1.09 53.19
C PRO F 81 2.23 0.06 53.69
N VAL F 82 1.93 0.58 54.88
CA VAL F 82 2.73 1.66 55.46
C VAL F 82 4.01 1.04 56.02
N GLU F 83 5.16 1.63 55.68
CA GLU F 83 6.45 1.16 56.16
C GLU F 83 7.02 2.13 57.20
N ALA F 84 8.22 1.83 57.68
CA ALA F 84 8.85 2.67 58.70
C ALA F 84 9.33 3.98 58.07
N ASP F 85 10.04 3.90 56.95
CA ASP F 85 10.57 5.08 56.26
C ASP F 85 9.47 5.79 55.46
N ASP F 86 8.35 6.06 56.12
CA ASP F 86 7.20 6.70 55.50
C ASP F 86 6.84 7.96 56.26
N VAL F 87 7.60 8.21 57.30
CA VAL F 87 7.46 9.44 58.03
C VAL F 87 7.89 10.63 57.19
N ALA F 88 6.93 11.50 56.94
CA ALA F 88 7.15 12.67 56.15
C ALA F 88 5.93 13.54 56.25
N THR F 89 6.05 14.73 55.68
CA THR F 89 4.90 15.57 55.45
C THR F 89 4.60 15.54 53.95
N TYR F 90 3.36 15.19 53.60
CA TYR F 90 2.97 14.99 52.20
C TYR F 90 2.19 16.17 51.66
N PHE F 91 2.51 16.57 50.44
CA PHE F 91 1.88 17.74 49.84
C PHE F 91 1.16 17.47 48.54
N CYS F 92 0.01 18.09 48.34
CA CYS F 92 -0.58 18.05 47.01
C CYS F 92 -0.44 19.41 46.36
N GLN F 93 -0.16 19.40 45.06
CA GLN F 93 0.01 20.64 44.32
C GLN F 93 -0.63 20.58 42.94
N GLN F 94 -1.32 21.66 42.56
CA GLN F 94 -1.98 21.72 41.26
C GLN F 94 -1.13 22.49 40.26
N SER F 95 -1.23 22.09 38.98
CA SER F 95 -0.49 22.74 37.90
C SER F 95 -1.42 23.13 36.78
N ASN F 96 -2.70 22.81 36.94
CA ASN F 96 -3.77 23.10 35.98
C ASN F 96 -3.84 24.59 35.57
N GLU F 97 -3.47 25.49 36.48
CA GLU F 97 -3.65 26.92 36.22
C GLU F 97 -2.84 27.80 37.15
N ASP F 98 -2.00 28.66 36.58
CA ASP F 98 -1.24 29.60 37.41
C ASP F 98 -2.19 30.47 38.25
N PRO F 99 -1.76 30.84 39.48
CA PRO F 99 -0.44 30.54 40.06
C PRO F 99 -0.41 29.16 40.69
N ARG F 100 0.71 28.46 40.57
CA ARG F 100 0.87 27.14 41.18
C ARG F 100 0.52 27.18 42.67
N THR F 101 -0.34 26.26 43.10
CA THR F 101 -0.79 26.28 44.48
C THR F 101 -0.48 24.98 45.17
N PHE F 102 -0.08 25.06 46.43
CA PHE F 102 0.13 23.83 47.18
C PHE F 102 -0.90 23.63 48.27
N GLY F 103 -0.97 22.41 48.80
CA GLY F 103 -1.79 22.12 49.94
C GLY F 103 -1.08 22.54 51.22
N GLY F 104 -1.84 22.50 52.31
CA GLY F 104 -1.32 22.84 53.62
C GLY F 104 -0.22 21.89 54.06
N GLY F 105 -0.43 20.61 53.74
CA GLY F 105 0.51 19.58 54.12
C GLY F 105 -0.14 18.62 55.09
N THR F 106 0.25 17.36 55.01
CA THR F 106 -0.25 16.32 55.92
C THR F 106 0.94 15.66 56.58
N LYS F 107 1.01 15.71 57.91
CA LYS F 107 2.11 15.06 58.63
C LYS F 107 1.71 13.63 58.98
N LEU F 108 2.57 12.68 58.61
CA LEU F 108 2.30 11.27 58.84
C LEU F 108 3.16 10.71 59.97
N GLU F 109 2.53 9.99 60.89
CA GLU F 109 3.22 9.40 62.05
C GLU F 109 2.96 7.88 62.12
N ILE F 110 3.95 7.14 62.60
CA ILE F 110 3.84 5.67 62.71
C ILE F 110 3.44 5.25 64.12
N LYS F 111 2.37 4.46 64.23
CA LYS F 111 1.91 3.87 65.49
C LYS F 111 2.68 2.57 65.71
N ARG F 112 3.50 2.56 66.75
CA ARG F 112 4.34 1.40 67.04
C ARG F 112 4.22 0.95 68.48
N ALA F 113 5.09 0.01 68.86
CA ALA F 113 5.10 -0.53 70.20
C ALA F 113 5.59 0.50 71.21
N ASP F 114 4.85 0.68 72.29
CA ASP F 114 5.19 1.66 73.32
C ASP F 114 6.58 1.40 73.89
N ALA F 115 7.52 2.32 73.68
CA ALA F 115 8.87 2.18 74.22
C ALA F 115 9.07 3.19 75.36
N ALA F 116 9.95 2.84 76.31
CA ALA F 116 10.18 3.67 77.48
C ALA F 116 11.42 4.55 77.29
N PRO F 117 11.37 5.79 77.77
CA PRO F 117 12.46 6.76 77.54
C PRO F 117 13.75 6.42 78.26
N THR F 118 14.86 6.27 77.52
CA THR F 118 16.16 5.96 78.13
C THR F 118 16.89 7.23 78.61
N VAL F 119 16.46 7.67 79.80
CA VAL F 119 16.90 8.91 80.43
C VAL F 119 18.36 8.86 80.86
N SER F 120 19.02 10.00 80.82
CA SER F 120 20.39 10.13 81.28
C SER F 120 20.67 11.59 81.62
N ILE F 121 21.01 11.86 82.87
CA ILE F 121 21.18 13.24 83.32
C ILE F 121 22.67 13.62 83.34
N PHE F 122 22.95 14.89 83.05
CA PHE F 122 24.32 15.39 82.95
C PHE F 122 24.55 16.71 83.68
N PRO F 123 25.59 16.77 84.53
CA PRO F 123 25.99 18.01 85.21
C PRO F 123 26.70 18.97 84.25
N PRO F 124 26.66 20.27 84.56
CA PRO F 124 27.35 21.24 83.71
C PRO F 124 28.85 20.98 83.67
N SER F 125 29.48 21.35 82.57
CA SER F 125 30.92 21.17 82.42
C SER F 125 31.69 22.11 83.33
N SER F 126 32.89 21.68 83.71
CA SER F 126 33.77 22.50 84.55
C SER F 126 34.19 23.79 83.83
N GLU F 127 34.42 23.69 82.52
CA GLU F 127 34.79 24.83 81.67
C GLU F 127 33.66 25.85 81.55
N GLN F 128 32.44 25.35 81.49
CA GLN F 128 31.26 26.20 81.42
C GLN F 128 31.09 26.96 82.74
N LEU F 129 31.38 26.26 83.83
CA LEU F 129 31.23 26.83 85.17
C LEU F 129 32.26 27.94 85.41
N THR F 130 33.47 27.76 84.87
CA THR F 130 34.53 28.76 84.94
C THR F 130 34.16 29.95 84.04
N SER F 131 33.25 29.72 83.11
CA SER F 131 32.77 30.76 82.22
C SER F 131 31.65 31.56 82.87
N GLY F 132 30.97 30.97 83.86
CA GLY F 132 30.01 31.71 84.65
C GLY F 132 28.58 31.17 84.66
N GLY F 133 28.34 30.13 83.87
CA GLY F 133 27.00 29.59 83.76
C GLY F 133 26.91 28.11 84.03
N ALA F 134 25.74 27.68 84.48
CA ALA F 134 25.50 26.26 84.73
C ALA F 134 24.38 25.73 83.85
N SER F 135 24.52 24.50 83.38
CA SER F 135 23.49 23.93 82.53
C SER F 135 23.33 22.46 82.83
N VAL F 136 22.19 22.11 83.41
CA VAL F 136 21.88 20.72 83.66
C VAL F 136 21.13 20.11 82.48
N VAL F 137 21.78 19.23 81.70
CA VAL F 137 21.17 18.63 80.51
C VAL F 137 20.58 17.26 80.80
N CYS F 138 19.48 16.91 80.14
CA CYS F 138 18.84 15.66 80.45
C CYS F 138 18.13 15.07 79.21
N PHE F 139 18.78 14.07 78.61
CA PHE F 139 18.31 13.38 77.40
C PHE F 139 17.28 12.31 77.68
N LEU F 140 16.30 12.18 76.79
CA LEU F 140 15.26 11.18 76.93
C LEU F 140 15.06 10.48 75.59
N ASN F 141 15.96 9.56 75.28
CA ASN F 141 16.05 9.01 73.94
C ASN F 141 15.16 7.79 73.67
N ASN F 142 14.74 7.68 72.41
CA ASN F 142 14.09 6.49 71.86
C ASN F 142 12.90 5.96 72.66
N PHE F 143 11.74 6.59 72.42
CA PHE F 143 10.50 6.19 73.08
C PHE F 143 9.27 6.40 72.19
N TYR F 144 8.12 5.94 72.69
CA TYR F 144 6.84 6.09 72.00
C TYR F 144 5.73 5.77 72.98
N PRO F 145 4.61 6.53 72.96
CA PRO F 145 4.28 7.69 72.13
C PRO F 145 5.11 8.96 72.34
N LYS F 146 4.80 9.98 71.56
CA LYS F 146 5.54 11.25 71.55
C LYS F 146 5.36 11.97 72.87
N ASP F 147 4.15 11.88 73.42
CA ASP F 147 3.76 12.61 74.63
C ASP F 147 4.58 12.19 75.84
N ILE F 148 5.18 13.18 76.48
CA ILE F 148 6.03 12.98 77.64
C ILE F 148 5.91 14.22 78.52
N ASN F 149 6.27 14.09 79.81
CA ASN F 149 6.15 15.19 80.78
C ASN F 149 7.37 15.27 81.67
N VAL F 150 8.30 16.16 81.34
CA VAL F 150 9.48 16.35 82.17
C VAL F 150 9.19 17.43 83.22
N LYS F 151 9.62 17.16 84.46
CA LYS F 151 9.62 18.13 85.57
C LYS F 151 11.01 18.24 86.17
N TRP F 152 11.39 19.46 86.49
CA TRP F 152 12.65 19.68 87.14
C TRP F 152 12.43 20.06 88.61
N LYS F 153 13.21 19.44 89.49
CA LYS F 153 13.15 19.72 90.92
C LYS F 153 14.53 20.05 91.45
N ILE F 154 14.62 21.15 92.19
CA ILE F 154 15.88 21.55 92.80
C ILE F 154 15.76 21.40 94.31
N ASP F 155 16.49 20.42 94.85
CA ASP F 155 16.44 20.03 96.24
C ASP F 155 15.01 19.67 96.61
N GLY F 156 14.38 18.83 95.78
CA GLY F 156 13.04 18.37 96.08
C GLY F 156 11.93 19.35 95.70
N SER F 157 12.28 20.62 95.55
CA SER F 157 11.30 21.65 95.21
C SER F 157 11.28 21.86 93.69
N GLU F 158 10.06 21.95 93.15
CA GLU F 158 9.86 22.08 91.70
C GLU F 158 10.45 23.40 91.17
N ARG F 159 10.57 23.51 89.84
CA ARG F 159 11.17 24.71 89.24
C ARG F 159 10.57 24.92 87.85
N GLN F 160 10.39 26.19 87.47
CA GLN F 160 9.73 26.53 86.20
C GLN F 160 10.71 27.01 85.12
N ASN F 161 10.80 28.32 84.89
CA ASN F 161 11.58 28.80 83.74
C ASN F 161 13.10 28.62 83.90
N GLY F 162 13.78 28.62 82.76
CA GLY F 162 15.20 28.31 82.62
C GLY F 162 15.31 27.00 81.86
N VAL F 163 14.16 26.34 81.70
CA VAL F 163 14.05 25.07 80.98
C VAL F 163 13.85 25.30 79.47
N LEU F 164 14.60 24.56 78.66
CA LEU F 164 14.45 24.59 77.20
C LEU F 164 14.33 23.17 76.66
N ASN F 165 13.19 22.90 76.06
CA ASN F 165 12.88 21.58 75.51
C ASN F 165 12.97 21.54 73.98
N SER F 166 13.36 20.38 73.47
CA SER F 166 13.54 20.20 72.04
C SER F 166 13.46 18.73 71.69
N TRP F 167 12.45 18.38 70.90
CA TRP F 167 12.27 17.01 70.44
C TRP F 167 12.81 16.86 69.02
N THR F 168 13.28 15.66 68.68
CA THR F 168 13.58 15.36 67.29
C THR F 168 12.36 14.71 66.67
N ASP F 169 12.24 14.79 65.35
CA ASP F 169 11.13 14.16 64.66
C ASP F 169 11.24 12.65 64.65
N GLN F 170 10.09 11.98 64.59
CA GLN F 170 10.05 10.52 64.61
C GLN F 170 11.08 9.92 63.68
N ASP F 171 11.98 9.09 64.23
CA ASP F 171 13.06 8.51 63.44
C ASP F 171 12.53 7.57 62.35
N SER F 172 13.05 7.77 61.14
CA SER F 172 12.59 7.04 59.97
C SER F 172 12.81 5.53 60.09
N LYS F 173 13.85 5.14 60.83
CA LYS F 173 14.27 3.75 60.92
C LYS F 173 13.54 2.94 62.02
N ASP F 174 13.44 3.50 63.23
CA ASP F 174 12.84 2.76 64.37
C ASP F 174 11.53 3.34 64.90
N SER F 175 11.10 4.46 64.31
CA SER F 175 9.86 5.14 64.70
C SER F 175 9.84 5.55 66.20
N THR F 176 11.01 5.98 66.68
CA THR F 176 11.18 6.42 68.07
C THR F 176 11.64 7.88 68.20
N TYR F 177 11.03 8.63 69.11
CA TYR F 177 11.38 10.02 69.32
C TYR F 177 12.52 10.14 70.32
N SER F 178 13.14 11.32 70.37
CA SER F 178 14.15 11.60 71.37
C SER F 178 13.95 13.03 71.85
N MET F 179 14.40 13.34 73.06
CA MET F 179 14.14 14.67 73.59
C MET F 179 15.28 15.25 74.42
N SER F 180 15.59 16.51 74.18
CA SER F 180 16.55 17.23 75.01
C SER F 180 15.78 18.12 75.98
N SER F 181 16.46 18.51 77.06
CA SER F 181 15.86 19.34 78.09
C SER F 181 16.96 20.01 78.89
N THR F 182 17.43 21.14 78.41
CA THR F 182 18.51 21.83 79.10
C THR F 182 17.91 22.75 80.18
N LEU F 183 18.63 22.92 81.28
CA LEU F 183 18.26 23.83 82.36
C LEU F 183 19.42 24.76 82.68
N THR F 184 19.30 26.03 82.29
CA THR F 184 20.39 26.98 82.42
C THR F 184 20.27 27.79 83.73
N LEU F 185 21.38 27.87 84.48
CA LEU F 185 21.49 28.64 85.71
C LEU F 185 22.86 29.35 85.76
N THR F 186 23.01 30.35 86.63
CA THR F 186 24.31 31.00 86.84
C THR F 186 25.06 30.25 87.96
N LYS F 187 26.39 30.29 87.95
CA LYS F 187 27.19 29.54 88.94
C LYS F 187 26.67 29.76 90.36
N ASP F 188 26.41 31.03 90.72
CA ASP F 188 25.92 31.42 92.05
C ASP F 188 24.51 30.90 92.35
N GLU F 189 23.64 31.02 91.36
CA GLU F 189 22.27 30.50 91.41
C GLU F 189 22.32 28.98 91.56
N TYR F 190 23.39 28.39 90.99
CA TYR F 190 23.65 26.94 91.00
C TYR F 190 24.34 26.45 92.27
N GLU F 191 25.35 27.20 92.71
CA GLU F 191 26.19 26.81 93.84
C GLU F 191 25.48 26.99 95.17
N ARG F 192 24.18 27.29 95.11
CA ARG F 192 23.37 27.52 96.30
C ARG F 192 22.35 26.42 96.44
N HIS F 193 22.66 25.24 95.90
CA HIS F 193 21.77 24.09 96.03
C HIS F 193 22.61 22.81 95.91
N ASN F 194 21.94 21.66 96.04
CA ASN F 194 22.64 20.39 96.06
C ASN F 194 22.06 19.34 95.12
N SER F 195 20.83 18.89 95.35
CA SER F 195 20.26 17.79 94.55
C SER F 195 19.38 18.27 93.36
N TYR F 196 19.67 17.81 92.15
CA TYR F 196 18.90 18.17 90.97
C TYR F 196 18.30 16.96 90.27
N THR F 197 16.98 16.95 90.11
CA THR F 197 16.31 15.76 89.62
C THR F 197 15.59 15.97 88.25
N CYS F 198 15.20 14.88 87.61
CA CYS F 198 14.70 14.94 86.25
C CYS F 198 13.56 13.93 86.05
N GLU F 199 12.37 14.30 86.52
CA GLU F 199 11.24 13.37 86.54
C GLU F 199 10.47 13.26 85.23
N ALA F 200 10.60 12.12 84.53
CA ALA F 200 9.87 11.89 83.27
C ALA F 200 8.62 11.06 83.49
N THR F 201 7.51 11.52 82.93
CA THR F 201 6.22 10.85 83.12
C THR F 201 5.66 10.28 81.82
N HIS F 202 5.78 8.96 81.65
CA HIS F 202 5.33 8.31 80.42
C HIS F 202 4.06 7.47 80.63
N LYS F 203 3.42 7.08 79.53
CA LYS F 203 2.29 6.15 79.58
C LYS F 203 2.81 4.72 79.77
N THR F 204 4.09 4.52 79.46
CA THR F 204 4.74 3.22 79.64
C THR F 204 4.77 2.83 81.12
N SER F 205 5.53 3.56 81.91
CA SER F 205 5.61 3.34 83.34
C SER F 205 4.54 4.20 84.07
N THR F 206 3.72 3.57 84.90
CA THR F 206 2.67 4.25 85.65
C THR F 206 3.27 5.08 86.80
N SER F 207 4.58 4.95 86.95
CA SER F 207 5.36 5.64 87.95
C SER F 207 6.53 6.40 87.30
N PRO F 208 6.81 7.62 87.78
CA PRO F 208 7.83 8.50 87.21
C PRO F 208 9.24 7.91 87.12
N ILE F 209 9.84 7.92 85.93
CA ILE F 209 11.24 7.55 85.76
C ILE F 209 12.09 8.74 86.17
N VAL F 210 13.06 8.51 87.03
CA VAL F 210 13.82 9.63 87.59
C VAL F 210 15.30 9.42 87.34
N LYS F 211 16.03 10.52 87.17
CA LYS F 211 17.47 10.43 87.21
C LYS F 211 18.01 11.74 87.77
N SER F 212 18.88 11.63 88.77
CA SER F 212 19.39 12.79 89.50
C SER F 212 20.88 12.72 89.82
N PHE F 213 21.42 13.85 90.26
CA PHE F 213 22.83 13.95 90.65
C PHE F 213 23.01 15.01 91.78
N ASN F 214 23.96 14.80 92.69
CA ASN F 214 24.26 15.74 93.79
C ASN F 214 25.51 16.60 93.49
N ARG F 215 25.43 17.89 93.81
CA ARG F 215 26.42 18.88 93.38
C ARG F 215 27.86 18.58 93.78
N ASN F 216 28.07 18.32 95.06
CA ASN F 216 29.40 18.08 95.57
C ASN F 216 29.72 16.59 95.67
N GLU F 217 30.74 16.17 94.92
CA GLU F 217 31.16 14.78 94.95
C GLU F 217 32.69 14.61 94.92
N GLY G 1 -27.06 37.86 -11.60
CA GLY G 1 -26.25 36.77 -12.10
C GLY G 1 -27.09 35.76 -12.84
N LEU G 2 -27.70 34.84 -12.11
CA LEU G 2 -28.55 33.85 -12.76
C LEU G 2 -29.98 34.29 -12.78
N PHE G 3 -30.32 35.07 -11.76
CA PHE G 3 -31.70 35.50 -11.58
C PHE G 3 -31.81 36.95 -11.96
N GLY G 4 -30.69 37.56 -12.29
CA GLY G 4 -30.76 38.85 -12.95
C GLY G 4 -31.15 39.98 -12.04
N ALA G 5 -31.08 39.79 -10.73
CA ALA G 5 -31.57 40.84 -9.86
C ALA G 5 -30.45 41.62 -9.25
N ILE G 6 -29.61 40.96 -8.48
CA ILE G 6 -28.46 41.61 -7.92
C ILE G 6 -27.49 41.93 -9.05
N ALA G 7 -27.10 43.20 -9.13
CA ALA G 7 -26.30 43.70 -10.25
C ALA G 7 -26.91 43.28 -11.58
N GLY G 8 -28.23 43.37 -11.68
CA GLY G 8 -28.94 43.19 -12.94
C GLY G 8 -29.96 44.29 -13.06
N PHE G 9 -31.26 43.98 -13.00
CA PHE G 9 -32.25 45.04 -13.19
C PHE G 9 -32.30 46.00 -12.00
N ILE G 10 -31.91 45.52 -10.82
CA ILE G 10 -31.52 46.40 -9.73
C ILE G 10 -30.02 46.62 -9.77
N GLU G 11 -29.56 47.77 -10.24
CA GLU G 11 -28.13 47.95 -10.46
C GLU G 11 -27.51 48.54 -9.21
N GLY G 12 -26.54 47.83 -8.63
CA GLY G 12 -25.92 48.21 -7.37
C GLY G 12 -26.78 48.24 -6.11
N GLY G 13 -26.11 48.06 -4.95
CA GLY G 13 -26.74 47.91 -3.65
C GLY G 13 -26.68 49.18 -2.82
N TRP G 14 -27.20 49.12 -1.60
CA TRP G 14 -27.41 50.33 -0.79
C TRP G 14 -26.43 50.33 0.37
N GLN G 15 -25.45 51.21 0.29
CA GLN G 15 -24.45 51.37 1.34
C GLN G 15 -25.07 51.71 2.70
N GLY G 16 -26.26 52.30 2.66
CA GLY G 16 -26.91 52.86 3.82
C GLY G 16 -27.93 51.92 4.45
N MET G 17 -28.00 50.67 4.01
CA MET G 17 -28.83 49.68 4.71
C MET G 17 -28.03 48.61 5.39
N VAL G 18 -27.88 48.81 6.69
CA VAL G 18 -26.90 48.09 7.49
C VAL G 18 -27.50 46.92 8.29
N ASP G 19 -28.81 46.89 8.49
CA ASP G 19 -29.39 45.91 9.41
C ASP G 19 -29.98 44.67 8.73
N GLY G 20 -29.46 44.37 7.53
CA GLY G 20 -29.90 43.20 6.79
C GLY G 20 -29.26 43.06 5.40
N TRP G 21 -29.55 41.96 4.73
CA TRP G 21 -28.98 41.79 3.40
C TRP G 21 -29.93 42.30 2.34
N TYR G 22 -31.23 42.20 2.64
CA TYR G 22 -32.24 42.61 1.69
C TYR G 22 -33.28 43.47 2.41
N GLY G 23 -33.90 44.38 1.69
CA GLY G 23 -34.87 45.25 2.32
C GLY G 23 -35.46 46.28 1.39
N TYR G 24 -35.91 47.38 1.99
CA TYR G 24 -36.74 48.33 1.28
C TYR G 24 -36.21 49.74 1.45
N HIS G 25 -36.43 50.54 0.43
CA HIS G 25 -36.30 51.98 0.56
C HIS G 25 -37.67 52.49 0.16
N HIS G 26 -38.25 53.36 0.97
CA HIS G 26 -39.58 53.89 0.70
C HIS G 26 -39.45 55.39 0.64
N SER G 27 -40.40 56.04 -0.01
CA SER G 27 -40.29 57.48 -0.17
C SER G 27 -41.67 58.13 -0.34
N ASN G 28 -42.03 59.00 0.59
CA ASN G 28 -43.33 59.69 0.55
C ASN G 28 -43.15 61.06 1.20
N GLU G 29 -44.25 61.81 1.26
CA GLU G 29 -44.27 63.15 1.83
C GLU G 29 -43.56 63.28 3.18
N GLN G 30 -43.79 62.29 4.05
CA GLN G 30 -43.24 62.23 5.40
C GLN G 30 -41.76 61.85 5.48
N GLY G 31 -41.13 61.69 4.32
CA GLY G 31 -39.72 61.38 4.27
C GLY G 31 -39.36 60.14 3.49
N SER G 32 -38.24 59.55 3.89
CA SER G 32 -37.61 58.43 3.23
C SER G 32 -36.85 57.64 4.29
N GLY G 33 -36.30 56.50 3.88
CA GLY G 33 -35.64 55.62 4.82
C GLY G 33 -35.39 54.21 4.32
N TYR G 34 -34.49 53.52 5.01
CA TYR G 34 -34.19 52.16 4.66
C TYR G 34 -34.75 51.26 5.74
N ALA G 35 -35.06 50.02 5.38
CA ALA G 35 -35.61 49.06 6.30
C ALA G 35 -35.30 47.65 5.80
N ALA G 36 -34.71 46.83 6.67
CA ALA G 36 -34.37 45.47 6.28
C ALA G 36 -35.63 44.62 6.32
N ASP G 37 -35.73 43.60 5.47
CA ASP G 37 -36.79 42.60 5.60
C ASP G 37 -36.17 41.53 6.49
N LYS G 38 -36.68 41.44 7.71
CA LYS G 38 -36.09 40.59 8.75
C LYS G 38 -36.18 39.12 8.37
N GLU G 39 -37.30 38.74 7.78
CA GLU G 39 -37.62 37.34 7.58
C GLU G 39 -36.74 36.72 6.49
N SER G 40 -36.62 37.40 5.34
CA SER G 40 -35.73 36.96 4.26
C SER G 40 -34.28 36.97 4.74
N THR G 41 -33.85 38.08 5.38
CA THR G 41 -32.48 38.15 5.90
C THR G 41 -32.20 36.99 6.85
N GLN G 42 -33.16 36.64 7.71
CA GLN G 42 -32.90 35.57 8.66
C GLN G 42 -32.80 34.22 7.92
N LYS G 43 -33.68 34.00 6.95
CA LYS G 43 -33.64 32.77 6.16
C LYS G 43 -32.31 32.64 5.44
N ALA G 44 -31.83 33.75 4.89
CA ALA G 44 -30.52 33.76 4.26
C ALA G 44 -29.44 33.39 5.28
N ILE G 45 -29.48 34.00 6.45
CA ILE G 45 -28.45 33.71 7.46
C ILE G 45 -28.51 32.26 7.91
N ASP G 46 -29.72 31.78 8.12
CA ASP G 46 -29.98 30.38 8.46
C ASP G 46 -29.41 29.44 7.39
N GLY G 47 -29.61 29.85 6.14
CA GLY G 47 -29.27 29.07 4.96
C GLY G 47 -27.78 28.94 4.81
N VAL G 48 -27.09 30.09 4.86
CA VAL G 48 -25.65 30.13 4.70
C VAL G 48 -24.95 29.47 5.87
N THR G 49 -25.51 29.66 7.07
CA THR G 49 -24.92 29.09 8.27
C THR G 49 -24.97 27.56 8.27
N ASN G 50 -26.13 26.99 8.00
CA ASN G 50 -26.24 25.55 7.83
C ASN G 50 -25.30 25.03 6.74
N LYS G 51 -25.20 25.78 5.64
CA LYS G 51 -24.31 25.40 4.54
C LYS G 51 -22.87 25.31 5.01
N VAL G 52 -22.40 26.33 5.71
CA VAL G 52 -21.02 26.32 6.14
C VAL G 52 -20.73 25.23 7.13
N ASN G 53 -21.70 24.96 7.99
CA ASN G 53 -21.55 23.91 8.99
C ASN G 53 -21.55 22.56 8.30
N SER G 54 -22.37 22.43 7.25
CA SER G 54 -22.46 21.18 6.52
C SER G 54 -21.15 20.91 5.82
N ILE G 55 -20.57 21.95 5.21
CA ILE G 55 -19.23 21.82 4.64
C ILE G 55 -18.18 21.39 5.67
N ILE G 56 -18.10 22.08 6.81
CA ILE G 56 -17.15 21.71 7.86
C ILE G 56 -17.32 20.26 8.32
N ASP G 57 -18.57 19.91 8.55
CA ASP G 57 -18.97 18.60 9.11
C ASP G 57 -18.62 17.41 8.14
N LYS G 58 -18.93 17.55 6.85
CA LYS G 58 -18.63 16.48 5.86
C LYS G 58 -17.14 16.29 5.66
N MET G 59 -16.37 17.34 5.91
CA MET G 59 -14.92 17.25 5.82
C MET G 59 -14.33 16.80 7.16
N ASN G 60 -15.14 16.24 8.05
CA ASN G 60 -14.68 15.97 9.41
C ASN G 60 -13.79 14.73 9.51
N THR G 61 -14.27 13.63 8.93
CA THR G 61 -13.42 12.48 8.64
C THR G 61 -12.87 12.67 7.23
N GLN G 62 -11.62 12.29 7.04
CA GLN G 62 -10.81 12.66 5.89
C GLN G 62 -9.40 12.18 6.15
N PHE G 63 -8.63 11.88 5.12
CA PHE G 63 -7.40 11.16 5.35
C PHE G 63 -6.42 11.96 6.22
N GLU G 64 -5.75 11.22 7.09
CA GLU G 64 -4.81 11.70 8.10
C GLU G 64 -3.54 10.87 7.91
N ALA G 65 -2.52 11.51 7.35
CA ALA G 65 -1.23 10.86 7.17
C ALA G 65 -0.61 10.41 8.47
N VAL G 66 0.16 9.33 8.39
CA VAL G 66 0.91 8.79 9.53
C VAL G 66 2.31 8.51 9.09
N GLY G 67 3.27 8.74 9.97
CA GLY G 67 4.61 8.44 9.58
C GLY G 67 4.95 6.98 9.73
N ARG G 68 5.49 6.43 8.67
CA ARG G 68 6.05 5.11 8.74
C ARG G 68 7.44 5.16 8.14
N GLU G 69 8.38 4.46 8.76
CA GLU G 69 9.74 4.42 8.27
C GLU G 69 10.07 3.09 7.54
N PHE G 70 11.04 3.13 6.63
CA PHE G 70 11.42 1.99 5.81
C PHE G 70 12.90 1.99 5.57
N ASN G 71 13.51 0.80 5.51
CA ASN G 71 14.96 0.67 5.28
C ASN G 71 15.40 0.69 3.81
N ASN G 72 16.71 0.59 3.57
CA ASN G 72 17.25 0.73 2.21
C ASN G 72 16.88 -0.36 1.20
N LEU G 73 16.25 -1.45 1.63
CA LEU G 73 15.76 -2.43 0.68
C LEU G 73 14.26 -2.60 0.73
N GLU G 74 13.60 -1.54 1.16
CA GLU G 74 12.14 -1.48 1.15
C GLU G 74 11.77 -0.24 0.40
N ARG G 75 12.44 -0.03 -0.71
CA ARG G 75 12.25 1.18 -1.46
C ARG G 75 10.90 1.10 -2.15
N ARG G 76 10.52 -0.10 -2.58
CA ARG G 76 9.24 -0.21 -3.22
C ARG G 76 8.02 0.06 -2.32
N ILE G 77 8.02 -0.45 -1.10
CA ILE G 77 6.88 -0.12 -0.26
C ILE G 77 6.99 1.28 0.29
N GLU G 78 8.19 1.85 0.32
CA GLU G 78 8.31 3.21 0.84
C GLU G 78 7.70 4.12 -0.16
N ASN G 79 7.95 3.83 -1.42
CA ASN G 79 7.34 4.60 -2.48
C ASN G 79 5.82 4.45 -2.56
N LEU G 80 5.37 3.20 -2.47
CA LEU G 80 3.95 2.93 -2.45
C LEU G 80 3.31 3.64 -1.25
N ASN G 81 3.99 3.68 -0.10
CA ASN G 81 3.45 4.44 1.02
C ASN G 81 3.40 5.90 0.70
N LYS G 82 4.44 6.44 0.11
CA LYS G 82 4.41 7.87 -0.18
C LYS G 82 3.32 8.26 -1.15
N LYS G 83 3.23 7.54 -2.25
CA LYS G 83 2.32 7.90 -3.32
C LYS G 83 0.91 7.73 -2.85
N MET G 84 0.69 6.71 -2.05
CA MET G 84 -0.61 6.51 -1.46
C MET G 84 -1.05 7.68 -0.60
N GLU G 85 -0.19 8.09 0.34
CA GLU G 85 -0.50 9.20 1.24
C GLU G 85 -0.64 10.50 0.47
N ASP G 86 0.24 10.76 -0.48
CA ASP G 86 0.06 11.88 -1.41
C ASP G 86 -1.19 11.78 -2.22
N GLY G 87 -1.57 10.55 -2.53
CA GLY G 87 -2.71 10.32 -3.38
C GLY G 87 -3.97 10.83 -2.76
N PHE G 88 -4.08 10.62 -1.47
CA PHE G 88 -5.23 11.06 -0.73
C PHE G 88 -5.17 12.56 -0.50
N LEU G 89 -4.01 13.13 -0.17
CA LEU G 89 -3.94 14.59 -0.02
C LEU G 89 -4.45 15.29 -1.24
N ASP G 90 -4.20 14.71 -2.40
CA ASP G 90 -4.61 15.35 -3.64
C ASP G 90 -6.10 15.27 -3.83
N VAL G 91 -6.66 14.12 -3.49
CA VAL G 91 -8.08 13.91 -3.66
C VAL G 91 -8.83 14.88 -2.75
N TRP G 92 -8.40 14.99 -1.50
CA TRP G 92 -9.11 15.80 -0.52
C TRP G 92 -8.94 17.26 -0.85
N THR G 93 -7.74 17.64 -1.30
CA THR G 93 -7.50 19.00 -1.74
C THR G 93 -8.42 19.34 -2.91
N TYR G 94 -8.53 18.43 -3.86
CA TYR G 94 -9.48 18.64 -4.93
C TYR G 94 -10.87 18.79 -4.39
N ASN G 95 -11.25 17.88 -3.52
CA ASN G 95 -12.59 17.92 -2.94
C ASN G 95 -12.85 19.26 -2.24
N ALA G 96 -11.90 19.72 -1.45
CA ALA G 96 -12.12 20.97 -0.74
C ALA G 96 -12.20 22.18 -1.64
N GLU G 97 -11.31 22.25 -2.60
CA GLU G 97 -11.27 23.43 -3.43
C GLU G 97 -12.50 23.54 -4.31
N LEU G 98 -12.87 22.42 -4.91
CA LEU G 98 -14.00 22.35 -5.84
C LEU G 98 -15.32 22.57 -5.09
N LEU G 99 -15.39 22.08 -3.86
CA LEU G 99 -16.56 22.33 -3.04
C LEU G 99 -16.74 23.81 -2.78
N VAL G 100 -15.65 24.48 -2.45
CA VAL G 100 -15.70 25.91 -2.20
C VAL G 100 -16.18 26.65 -3.46
N LEU G 101 -15.56 26.35 -4.59
CA LEU G 101 -15.96 27.02 -5.83
C LEU G 101 -17.43 26.75 -6.19
N MET G 102 -17.91 25.52 -6.04
CA MET G 102 -19.26 25.26 -6.49
C MET G 102 -20.25 25.93 -5.55
N GLU G 103 -20.03 25.80 -4.25
CA GLU G 103 -20.89 26.45 -3.25
C GLU G 103 -20.81 28.00 -3.25
N ASN G 104 -19.69 28.58 -3.63
CA ASN G 104 -19.66 30.03 -3.75
C ASN G 104 -20.65 30.46 -4.82
N GLU G 105 -20.65 29.77 -5.94
CA GLU G 105 -21.61 30.07 -7.00
C GLU G 105 -23.02 29.94 -6.49
N ARG G 106 -23.28 28.88 -5.74
CA ARG G 106 -24.62 28.61 -5.21
C ARG G 106 -25.02 29.68 -4.23
N THR G 107 -24.11 30.03 -3.32
CA THR G 107 -24.34 31.12 -2.40
C THR G 107 -24.64 32.45 -3.10
N LEU G 108 -23.82 32.85 -4.06
CA LEU G 108 -24.06 34.11 -4.76
C LEU G 108 -25.36 34.10 -5.53
N ASP G 109 -25.66 32.97 -6.16
CA ASP G 109 -26.92 32.82 -6.87
C ASP G 109 -28.11 32.71 -5.93
N PHE G 110 -27.89 32.09 -4.76
CA PHE G 110 -28.86 32.10 -3.68
C PHE G 110 -29.32 33.52 -3.34
N HIS G 111 -28.38 34.43 -3.10
CA HIS G 111 -28.75 35.81 -2.76
C HIS G 111 -29.54 36.49 -3.85
N ASP G 112 -29.08 36.29 -5.09
CA ASP G 112 -29.72 36.87 -6.26
C ASP G 112 -31.17 36.38 -6.20
N SER G 113 -31.37 35.09 -5.92
CA SER G 113 -32.72 34.54 -5.84
C SER G 113 -33.52 35.20 -4.75
N ASN G 114 -32.88 35.46 -3.62
CA ASN G 114 -33.63 36.04 -2.52
C ASN G 114 -34.15 37.43 -2.83
N VAL G 115 -33.34 38.23 -3.50
CA VAL G 115 -33.79 39.55 -3.88
C VAL G 115 -34.87 39.54 -4.91
N LYS G 116 -34.73 38.77 -5.99
CA LYS G 116 -35.82 38.62 -6.95
C LYS G 116 -37.13 38.25 -6.28
N ASN G 117 -37.06 37.25 -5.38
CA ASN G 117 -38.28 36.74 -4.77
C ASN G 117 -38.92 37.80 -3.87
N LEU G 118 -38.11 38.61 -3.19
CA LEU G 118 -38.62 39.68 -2.36
C LEU G 118 -39.33 40.77 -3.16
N TYR G 119 -38.71 41.17 -4.28
CA TYR G 119 -39.27 42.12 -5.25
C TYR G 119 -40.61 41.57 -5.76
N ASP G 120 -40.60 40.31 -6.18
CA ASP G 120 -41.82 39.64 -6.64
C ASP G 120 -42.89 39.49 -5.53
N LYS G 121 -42.50 39.54 -4.25
CA LYS G 121 -43.53 39.44 -3.20
C LYS G 121 -44.30 40.77 -3.23
N VAL G 122 -43.57 41.87 -3.44
CA VAL G 122 -44.18 43.18 -3.49
C VAL G 122 -44.97 43.32 -4.78
N ARG G 123 -44.38 42.91 -5.89
CA ARG G 123 -45.01 43.03 -7.19
C ARG G 123 -46.38 42.42 -7.24
N LEU G 124 -46.51 41.18 -6.76
CA LEU G 124 -47.81 40.50 -6.87
C LEU G 124 -48.79 40.93 -5.81
N GLN G 125 -48.30 41.65 -4.80
CA GLN G 125 -49.24 42.33 -3.92
C GLN G 125 -49.88 43.57 -4.57
N LEU G 126 -49.04 44.53 -4.98
CA LEU G 126 -49.53 45.79 -5.55
C LEU G 126 -50.25 45.66 -6.90
N ARG G 127 -49.74 44.84 -7.81
CA ARG G 127 -50.38 44.74 -9.15
C ARG G 127 -50.56 46.13 -9.77
N ASP G 128 -51.74 46.43 -10.30
CA ASP G 128 -51.93 47.72 -10.96
C ASP G 128 -52.30 48.90 -10.04
N ASN G 129 -52.15 48.70 -8.74
CA ASN G 129 -52.27 49.82 -7.80
C ASN G 129 -50.97 50.60 -7.71
N ALA G 130 -49.92 50.05 -8.33
CA ALA G 130 -48.62 50.71 -8.45
C ALA G 130 -47.98 50.43 -9.83
N LYS G 131 -47.00 51.24 -10.21
CA LYS G 131 -46.40 51.13 -11.53
C LYS G 131 -44.97 50.60 -11.40
N GLU G 132 -44.66 49.54 -12.16
CA GLU G 132 -43.34 48.92 -12.13
C GLU G 132 -42.42 49.82 -12.94
N LEU G 133 -41.32 50.26 -12.33
CA LEU G 133 -40.52 51.28 -13.01
C LEU G 133 -39.35 50.70 -13.75
N GLY G 134 -38.88 49.54 -13.31
CA GLY G 134 -38.03 48.71 -14.11
C GLY G 134 -36.66 48.66 -13.47
N ASN G 135 -36.52 49.38 -12.34
CA ASN G 135 -35.21 49.53 -11.70
C ASN G 135 -35.20 48.97 -10.27
N GLY G 136 -36.24 48.21 -9.93
CA GLY G 136 -36.41 47.72 -8.57
C GLY G 136 -37.40 48.47 -7.72
N CYS G 137 -37.98 49.53 -8.28
CA CYS G 137 -38.87 50.38 -7.53
C CYS G 137 -40.30 50.33 -8.04
N PHE G 138 -41.22 50.60 -7.13
CA PHE G 138 -42.62 50.76 -7.49
C PHE G 138 -43.07 52.18 -7.20
N GLU G 139 -43.81 52.77 -8.13
CA GLU G 139 -44.39 54.09 -7.87
C GLU G 139 -45.89 53.88 -7.74
N PHE G 140 -46.40 54.25 -6.56
CA PHE G 140 -47.79 54.05 -6.23
C PHE G 140 -48.69 54.98 -7.04
N TYR G 141 -49.89 54.52 -7.38
CA TYR G 141 -50.89 55.41 -7.97
C TYR G 141 -51.72 56.08 -6.86
N HIS G 142 -51.47 55.71 -5.61
CA HIS G 142 -52.20 56.31 -4.50
C HIS G 142 -51.25 56.72 -3.38
N LYS G 143 -51.74 57.49 -2.43
CA LYS G 143 -50.90 57.91 -1.33
C LYS G 143 -50.71 56.70 -0.41
N CYS G 144 -49.47 56.45 -0.04
CA CYS G 144 -49.14 55.34 0.86
C CYS G 144 -48.22 55.88 1.98
N ASP G 145 -48.81 56.12 3.15
CA ASP G 145 -48.08 56.69 4.30
C ASP G 145 -47.25 55.65 5.05
N ASN G 146 -46.61 56.08 6.13
CA ASN G 146 -45.67 55.24 6.86
C ASN G 146 -46.30 53.95 7.36
N GLU G 147 -47.55 54.01 7.76
CA GLU G 147 -48.28 52.84 8.19
C GLU G 147 -48.53 51.85 7.07
N CYS G 148 -49.00 52.38 5.95
CA CYS G 148 -49.25 51.63 4.72
C CYS G 148 -47.96 50.97 4.20
N MET G 149 -46.84 51.68 4.30
CA MET G 149 -45.54 51.13 3.88
C MET G 149 -45.25 49.86 4.68
N GLU G 150 -45.29 49.97 6.00
CA GLU G 150 -45.14 48.81 6.86
C GLU G 150 -46.04 47.61 6.50
N SER G 151 -47.28 47.87 6.09
CA SER G 151 -48.17 46.77 5.72
C SER G 151 -47.68 45.96 4.53
N VAL G 152 -47.16 46.66 3.52
CA VAL G 152 -46.47 46.07 2.37
C VAL G 152 -45.25 45.24 2.72
N ARG G 153 -44.44 45.74 3.64
CA ARG G 153 -43.15 45.11 3.94
C ARG G 153 -43.33 43.79 4.67
N ASN G 154 -44.48 43.63 5.32
CA ASN G 154 -44.73 42.48 6.20
C ASN G 154 -45.88 41.59 5.72
N GLY G 155 -46.36 41.81 4.51
CA GLY G 155 -47.37 40.93 3.95
C GLY G 155 -48.82 41.35 4.13
N THR G 156 -49.04 42.55 4.66
CA THR G 156 -50.36 42.88 5.19
C THR G 156 -51.07 43.86 4.24
N TYR G 157 -50.40 44.28 3.18
CA TYR G 157 -50.99 45.24 2.24
C TYR G 157 -52.36 44.75 1.75
N ASP G 158 -53.38 45.59 1.98
CA ASP G 158 -54.75 45.36 1.52
C ASP G 158 -54.99 45.95 0.12
N TYR G 159 -55.07 45.10 -0.90
CA TYR G 159 -55.27 45.62 -2.27
C TYR G 159 -56.67 46.25 -2.44
N PRO G 160 -57.78 45.52 -2.14
CA PRO G 160 -59.09 46.15 -2.31
C PRO G 160 -59.24 47.56 -1.69
N GLN G 161 -58.57 47.81 -0.55
CA GLN G 161 -58.69 49.07 0.20
C GLN G 161 -58.17 50.30 -0.52
N TYR G 162 -57.18 50.12 -1.39
CA TYR G 162 -56.65 51.26 -2.11
C TYR G 162 -57.08 51.22 -3.58
N SER G 163 -57.64 50.09 -4.02
CA SER G 163 -57.87 49.83 -5.44
C SER G 163 -58.75 50.89 -6.08
N GLU G 164 -59.63 51.48 -5.27
CA GLU G 164 -60.53 52.51 -5.74
C GLU G 164 -59.79 53.83 -6.08
N GLU G 165 -58.88 54.20 -5.19
CA GLU G 165 -58.07 55.41 -5.30
C GLU G 165 -57.11 55.39 -6.48
N ALA G 166 -56.56 54.22 -6.72
CA ALA G 166 -55.66 53.93 -7.84
C ALA G 166 -56.31 54.13 -9.23
N ARG G 167 -57.53 53.61 -9.41
CA ARG G 167 -58.20 53.65 -10.73
C ARG G 167 -58.57 55.10 -11.10
N LEU G 168 -58.81 55.91 -10.07
CA LEU G 168 -59.14 57.33 -10.20
C LEU G 168 -57.94 58.14 -10.72
N LYS G 169 -56.75 57.77 -10.21
CA LYS G 169 -55.49 58.40 -10.57
C LYS G 169 -55.09 58.08 -12.00
N ARG G 170 -55.14 56.79 -12.37
CA ARG G 170 -54.91 56.31 -13.74
C ARG G 170 -55.75 57.06 -14.78
N GLU G 171 -56.93 57.52 -14.38
CA GLU G 171 -57.80 58.25 -15.30
C GLU G 171 -57.21 59.63 -15.56
N GLU G 172 -56.73 60.29 -14.50
CA GLU G 172 -56.10 61.61 -14.69
C GLU G 172 -54.85 61.53 -15.56
N ILE G 173 -54.08 60.47 -15.35
CA ILE G 173 -52.81 60.18 -16.05
C ILE G 173 -53.12 60.02 -17.57
N SER G 174 -54.18 59.27 -17.87
CA SER G 174 -54.70 59.07 -19.23
C SER G 174 -55.03 60.41 -19.93
N SER G 175 -55.59 61.38 -19.19
CA SER G 175 -55.94 62.69 -19.76
C SER G 175 -54.64 63.41 -20.14
N GLY G 176 -53.56 63.05 -19.46
CA GLY G 176 -52.22 63.54 -19.76
C GLY G 176 -51.63 64.55 -18.81
N ARG G 177 -52.42 64.91 -17.77
CA ARG G 177 -52.14 65.91 -16.69
C ARG G 177 -53.21 67.03 -16.71
N GLY H 1 -38.70 28.13 -3.43
CA GLY H 1 -37.35 28.08 -2.91
C GLY H 1 -36.44 29.09 -3.61
N LEU H 2 -35.95 28.67 -4.79
CA LEU H 2 -35.08 29.50 -5.61
C LEU H 2 -35.90 30.24 -6.64
N PHE H 3 -36.99 29.61 -7.02
CA PHE H 3 -37.82 30.14 -8.08
C PHE H 3 -39.08 30.74 -7.50
N GLY H 4 -39.23 30.60 -6.18
CA GLY H 4 -40.23 31.35 -5.45
C GLY H 4 -41.67 30.91 -5.63
N ALA H 5 -41.87 29.72 -6.16
CA ALA H 5 -43.23 29.28 -6.48
C ALA H 5 -43.72 28.31 -5.43
N ILE H 6 -43.04 27.17 -5.30
CA ILE H 6 -43.42 26.24 -4.25
C ILE H 6 -43.07 26.86 -2.93
N ALA H 7 -44.09 26.93 -2.07
CA ALA H 7 -44.03 27.64 -0.79
C ALA H 7 -43.50 29.07 -0.93
N GLY H 8 -43.94 29.75 -1.99
CA GLY H 8 -43.65 31.16 -2.15
C GLY H 8 -44.91 31.89 -2.57
N PHE H 9 -44.98 32.40 -3.79
CA PHE H 9 -46.16 33.16 -4.17
C PHE H 9 -47.34 32.21 -4.33
N ILE H 10 -47.08 30.95 -4.66
CA ILE H 10 -48.06 29.89 -4.43
C ILE H 10 -47.83 29.24 -3.07
N GLU H 11 -48.65 29.58 -2.07
CA GLU H 11 -48.39 29.16 -0.70
C GLU H 11 -49.09 27.84 -0.46
N GLY H 12 -48.35 26.80 -0.10
CA GLY H 12 -48.94 25.48 0.06
C GLY H 12 -49.56 24.80 -1.16
N GLY H 13 -49.58 23.47 -1.12
CA GLY H 13 -49.99 22.63 -2.24
C GLY H 13 -51.40 22.07 -2.10
N TRP H 14 -51.81 21.27 -3.09
CA TRP H 14 -53.20 20.85 -3.16
C TRP H 14 -53.20 19.38 -2.82
N GLN H 15 -53.71 19.08 -1.63
CA GLN H 15 -53.83 17.70 -1.16
C GLN H 15 -54.68 16.86 -2.13
N GLY H 16 -55.53 17.54 -2.89
CA GLY H 16 -56.54 16.90 -3.70
C GLY H 16 -56.21 16.67 -5.17
N MET H 17 -54.97 16.89 -5.56
CA MET H 17 -54.55 16.48 -6.89
C MET H 17 -53.58 15.34 -6.89
N VAL H 18 -54.11 14.15 -7.16
CA VAL H 18 -53.39 12.93 -6.87
C VAL H 18 -52.73 12.28 -8.08
N ASP H 19 -53.13 12.66 -9.28
CA ASP H 19 -52.67 11.93 -10.47
C ASP H 19 -51.51 12.61 -11.23
N GLY H 20 -50.74 13.44 -10.50
CA GLY H 20 -49.58 14.11 -11.06
C GLY H 20 -48.93 15.04 -10.04
N TRP H 21 -47.81 15.66 -10.40
CA TRP H 21 -47.13 16.58 -9.49
C TRP H 21 -47.56 18.03 -9.66
N TYR H 22 -47.93 18.35 -10.89
CA TYR H 22 -48.36 19.70 -11.20
C TYR H 22 -49.65 19.73 -12.01
N GLY H 23 -50.41 20.79 -11.82
CA GLY H 23 -51.67 20.88 -12.51
C GLY H 23 -52.50 22.10 -12.20
N TYR H 24 -53.79 21.94 -12.41
CA TYR H 24 -54.67 23.07 -12.43
C TYR H 24 -55.89 22.85 -11.54
N HIS H 25 -56.40 23.94 -10.99
CA HIS H 25 -57.73 23.94 -10.39
C HIS H 25 -58.52 25.00 -11.12
N HIS H 26 -59.69 24.62 -11.60
CA HIS H 26 -60.50 25.56 -12.35
C HIS H 26 -61.84 25.67 -11.68
N SER H 27 -62.54 26.74 -11.96
CA SER H 27 -63.81 26.95 -11.29
C SER H 27 -64.73 27.82 -12.16
N ASN H 28 -65.86 27.29 -12.58
CA ASN H 28 -66.77 28.05 -13.43
C ASN H 28 -68.21 27.64 -13.16
N GLU H 29 -69.13 28.25 -13.89
CA GLU H 29 -70.56 27.98 -13.74
C GLU H 29 -70.87 26.47 -13.70
N GLN H 30 -70.22 25.73 -14.60
CA GLN H 30 -70.34 24.27 -14.78
C GLN H 30 -69.66 23.36 -13.77
N GLY H 31 -69.08 23.98 -12.75
CA GLY H 31 -68.43 23.28 -11.64
C GLY H 31 -66.99 23.66 -11.36
N SER H 32 -66.26 22.72 -10.79
CA SER H 32 -64.90 22.95 -10.34
C SER H 32 -64.18 21.60 -10.42
N GLY H 33 -62.87 21.60 -10.19
CA GLY H 33 -62.10 20.39 -10.36
C GLY H 33 -60.59 20.55 -10.46
N TYR H 34 -59.90 19.42 -10.27
CA TYR H 34 -58.46 19.40 -10.37
C TYR H 34 -58.08 18.66 -11.64
N ALA H 35 -56.92 18.97 -12.19
CA ALA H 35 -56.45 18.32 -13.41
C ALA H 35 -54.95 18.42 -13.47
N ALA H 36 -54.28 17.29 -13.67
CA ALA H 36 -52.83 17.28 -13.76
C ALA H 36 -52.40 17.77 -15.16
N ASP H 37 -51.23 18.40 -15.25
CA ASP H 37 -50.62 18.66 -16.57
C ASP H 37 -49.74 17.46 -16.88
N LYS H 38 -50.12 16.66 -17.86
CA LYS H 38 -49.43 15.40 -18.10
C LYS H 38 -48.00 15.55 -18.55
N GLU H 39 -47.73 16.51 -19.43
CA GLU H 39 -46.42 16.60 -20.08
C GLU H 39 -45.33 17.09 -19.12
N SER H 40 -45.62 18.16 -18.38
CA SER H 40 -44.70 18.67 -17.36
C SER H 40 -44.48 17.62 -16.29
N THR H 41 -45.56 17.02 -15.79
CA THR H 41 -45.39 15.97 -14.78
C THR H 41 -44.48 14.87 -15.34
N GLN H 42 -44.65 14.53 -16.61
CA GLN H 42 -43.85 13.44 -17.20
C GLN H 42 -42.38 13.81 -17.33
N LYS H 43 -42.12 15.05 -17.74
CA LYS H 43 -40.75 15.56 -17.88
C LYS H 43 -40.04 15.50 -16.53
N ALA H 44 -40.77 15.86 -15.48
CA ALA H 44 -40.25 15.77 -14.12
C ALA H 44 -39.90 14.34 -13.81
N ILE H 45 -40.81 13.42 -14.13
CA ILE H 45 -40.55 12.03 -13.83
C ILE H 45 -39.36 11.47 -14.60
N ASP H 46 -39.27 11.82 -15.89
CA ASP H 46 -38.14 11.42 -16.74
C ASP H 46 -36.81 11.91 -16.14
N GLY H 47 -36.84 13.15 -15.65
CA GLY H 47 -35.69 13.84 -15.12
C GLY H 47 -35.20 13.21 -13.84
N VAL H 48 -36.13 13.04 -12.91
CA VAL H 48 -35.78 12.52 -11.62
C VAL H 48 -35.36 11.06 -11.77
N THR H 49 -36.03 10.35 -12.69
CA THR H 49 -35.71 8.95 -12.92
C THR H 49 -34.31 8.76 -13.51
N ASN H 50 -34.01 9.50 -14.58
CA ASN H 50 -32.66 9.52 -15.12
C ASN H 50 -31.64 9.95 -14.06
N LYS H 51 -32.00 10.95 -13.24
CA LYS H 51 -31.10 11.42 -12.19
C LYS H 51 -30.76 10.34 -11.19
N VAL H 52 -31.77 9.63 -10.71
CA VAL H 52 -31.53 8.60 -9.71
C VAL H 52 -30.69 7.44 -10.29
N ASN H 53 -30.94 7.14 -11.55
CA ASN H 53 -30.22 6.10 -12.27
C ASN H 53 -28.78 6.49 -12.49
N SER H 54 -28.55 7.78 -12.77
CA SER H 54 -27.21 8.27 -13.04
C SER H 54 -26.41 8.19 -11.76
N ILE H 55 -27.03 8.55 -10.64
CA ILE H 55 -26.37 8.35 -9.35
C ILE H 55 -25.99 6.88 -9.11
N ILE H 56 -26.94 5.98 -9.29
CA ILE H 56 -26.67 4.54 -9.14
C ILE H 56 -25.51 4.11 -10.06
N ASP H 57 -25.58 4.56 -11.31
CA ASP H 57 -24.62 4.19 -12.33
C ASP H 57 -23.20 4.71 -12.07
N LYS H 58 -23.05 5.98 -11.70
CA LYS H 58 -21.72 6.54 -11.45
C LYS H 58 -21.07 5.92 -10.22
N MET H 59 -21.89 5.43 -9.31
CA MET H 59 -21.31 4.77 -8.16
C MET H 59 -21.07 3.27 -8.41
N ASN H 60 -21.07 2.86 -9.66
CA ASN H 60 -21.01 1.43 -9.99
C ASN H 60 -19.61 0.87 -9.82
N THR H 61 -18.63 1.56 -10.41
CA THR H 61 -17.25 1.27 -10.06
C THR H 61 -16.89 2.17 -8.91
N GLN H 62 -16.13 1.64 -7.97
CA GLN H 62 -15.97 2.28 -6.67
C GLN H 62 -15.20 1.28 -5.82
N PHE H 63 -14.46 1.77 -4.83
CA PHE H 63 -13.50 0.92 -4.16
C PHE H 63 -14.21 -0.23 -3.45
N GLU H 64 -13.57 -1.39 -3.50
CA GLU H 64 -14.08 -2.66 -2.97
C GLU H 64 -12.96 -3.19 -2.09
N ALA H 65 -13.14 -3.12 -0.77
CA ALA H 65 -12.15 -3.68 0.13
C ALA H 65 -11.95 -5.18 -0.05
N VAL H 66 -10.72 -5.64 0.21
CA VAL H 66 -10.38 -7.08 0.16
C VAL H 66 -9.61 -7.41 1.43
N GLY H 67 -9.84 -8.59 1.96
CA GLY H 67 -9.12 -8.99 3.13
C GLY H 67 -7.76 -9.53 2.80
N ARG H 68 -6.78 -9.00 3.49
CA ARG H 68 -5.44 -9.56 3.43
C ARG H 68 -4.96 -9.72 4.86
N GLU H 69 -4.27 -10.81 5.15
CA GLU H 69 -3.74 -11.03 6.49
C GLU H 69 -2.25 -10.77 6.53
N PHE H 70 -1.75 -10.43 7.71
CA PHE H 70 -0.35 -10.07 7.92
C PHE H 70 0.10 -10.60 9.26
N ASN H 71 1.37 -11.03 9.34
CA ASN H 71 1.89 -11.57 10.59
C ASN H 71 2.39 -10.46 11.52
N ASN H 72 2.84 -10.87 12.70
CA ASN H 72 3.22 -9.95 13.77
C ASN H 72 4.46 -9.11 13.46
N LEU H 73 5.15 -9.42 12.38
CA LEU H 73 6.23 -8.53 11.97
C LEU H 73 5.99 -7.92 10.62
N GLU H 74 4.72 -7.79 10.27
CA GLU H 74 4.34 -7.09 9.06
C GLU H 74 3.35 -6.03 9.47
N ARG H 75 3.65 -5.34 10.56
CA ARG H 75 2.73 -4.39 11.13
C ARG H 75 2.65 -3.11 10.32
N ARG H 76 3.78 -2.69 9.75
CA ARG H 76 3.76 -1.48 8.95
C ARG H 76 2.94 -1.60 7.67
N ILE H 77 3.05 -2.71 6.97
CA ILE H 77 2.20 -2.85 5.79
C ILE H 77 0.80 -3.20 6.18
N GLU H 78 0.61 -3.73 7.38
CA GLU H 78 -0.73 -4.06 7.81
C GLU H 78 -1.46 -2.78 8.10
N ASN H 79 -0.75 -1.85 8.73
CA ASN H 79 -1.27 -0.51 8.99
C ASN H 79 -1.49 0.29 7.70
N LEU H 80 -0.51 0.21 6.82
CA LEU H 80 -0.62 0.84 5.52
C LEU H 80 -1.84 0.27 4.76
N ASN H 81 -2.08 -1.03 4.89
CA ASN H 81 -3.27 -1.60 4.31
C ASN H 81 -4.53 -1.07 4.93
N LYS H 82 -4.57 -0.97 6.25
CA LYS H 82 -5.79 -0.45 6.88
C LYS H 82 -6.07 0.97 6.46
N LYS H 83 -5.05 1.82 6.55
CA LYS H 83 -5.27 3.24 6.34
C LYS H 83 -5.64 3.46 4.90
N MET H 84 -5.02 2.69 4.01
CA MET H 84 -5.39 2.77 2.61
C MET H 84 -6.86 2.43 2.36
N GLU H 85 -7.30 1.28 2.85
CA GLU H 85 -8.68 0.86 2.66
C GLU H 85 -9.66 1.79 3.33
N ASP H 86 -9.37 2.22 4.56
CA ASP H 86 -10.16 3.28 5.20
C ASP H 86 -10.16 4.58 4.43
N GLY H 87 -9.04 4.89 3.78
CA GLY H 87 -8.91 6.15 3.10
C GLY H 87 -9.90 6.28 1.98
N PHE H 88 -10.10 5.17 1.27
CA PHE H 88 -11.02 5.10 0.17
C PHE H 88 -12.47 5.03 0.72
N LEU H 89 -12.72 4.25 1.78
CA LEU H 89 -14.08 4.24 2.36
C LEU H 89 -14.49 5.63 2.72
N ASP H 90 -13.54 6.46 3.15
CA ASP H 90 -13.89 7.81 3.56
C ASP H 90 -14.18 8.64 2.34
N VAL H 91 -13.39 8.44 1.29
CA VAL H 91 -13.59 9.21 0.07
C VAL H 91 -14.94 8.90 -0.57
N TRP H 92 -15.29 7.63 -0.68
CA TRP H 92 -16.53 7.27 -1.37
C TRP H 92 -17.69 7.70 -0.55
N THR H 93 -17.56 7.57 0.77
CA THR H 93 -18.61 8.03 1.65
C THR H 93 -18.83 9.53 1.51
N TYR H 94 -17.76 10.31 1.48
CA TYR H 94 -17.91 11.74 1.23
C TYR H 94 -18.59 11.98 -0.11
N ASN H 95 -18.09 11.34 -1.15
CA ASN H 95 -18.66 11.51 -2.49
C ASN H 95 -20.14 11.15 -2.47
N ALA H 96 -20.47 10.03 -1.85
CA ALA H 96 -21.86 9.63 -1.81
C ALA H 96 -22.72 10.56 -0.99
N GLU H 97 -22.25 10.95 0.18
CA GLU H 97 -23.10 11.77 1.04
C GLU H 97 -23.30 13.12 0.41
N LEU H 98 -22.21 13.68 -0.09
CA LEU H 98 -22.22 15.03 -0.69
C LEU H 98 -23.01 15.06 -2.00
N LEU H 99 -22.95 13.99 -2.78
CA LEU H 99 -23.76 13.92 -4.00
C LEU H 99 -25.24 13.98 -3.68
N VAL H 100 -25.64 13.22 -2.65
CA VAL H 100 -27.04 13.19 -2.22
C VAL H 100 -27.48 14.56 -1.75
N LEU H 101 -26.68 15.19 -0.89
CA LEU H 101 -27.09 16.50 -0.42
C LEU H 101 -27.21 17.46 -1.57
N MET H 102 -26.27 17.43 -2.50
CA MET H 102 -26.30 18.44 -3.55
C MET H 102 -27.45 18.22 -4.51
N GLU H 103 -27.65 16.96 -4.92
CA GLU H 103 -28.74 16.64 -5.81
C GLU H 103 -30.15 16.78 -5.19
N ASN H 104 -30.28 16.64 -3.87
CA ASN H 104 -31.60 16.91 -3.32
C ASN H 104 -31.95 18.36 -3.54
N GLU H 105 -31.00 19.25 -3.29
CA GLU H 105 -31.22 20.67 -3.51
C GLU H 105 -31.60 20.89 -4.95
N ARG H 106 -30.90 20.22 -5.84
CA ARG H 106 -31.19 20.41 -7.24
C ARG H 106 -32.57 19.91 -7.60
N THR H 107 -32.91 18.70 -7.13
CA THR H 107 -34.25 18.14 -7.32
C THR H 107 -35.39 19.02 -6.79
N LEU H 108 -35.28 19.51 -5.55
CA LEU H 108 -36.35 20.34 -5.00
C LEU H 108 -36.56 21.64 -5.80
N ASP H 109 -35.45 22.26 -6.20
CA ASP H 109 -35.46 23.47 -7.01
C ASP H 109 -35.92 23.21 -8.42
N PHE H 110 -35.57 22.03 -8.94
CA PHE H 110 -36.13 21.59 -10.19
C PHE H 110 -37.63 21.67 -10.15
N HIS H 111 -38.26 21.11 -9.13
CA HIS H 111 -39.70 21.17 -9.05
C HIS H 111 -40.21 22.59 -8.98
N ASP H 112 -39.55 23.40 -8.14
CA ASP H 112 -39.92 24.79 -7.94
C ASP H 112 -39.91 25.44 -9.33
N SER H 113 -38.88 25.17 -10.10
CA SER H 113 -38.76 25.70 -11.45
C SER H 113 -39.87 25.26 -12.35
N ASN H 114 -40.21 24.00 -12.23
CA ASN H 114 -41.21 23.41 -13.09
C ASN H 114 -42.56 24.05 -12.92
N VAL H 115 -42.85 24.34 -11.67
CA VAL H 115 -44.10 25.00 -11.35
C VAL H 115 -44.19 26.44 -11.83
N LYS H 116 -43.16 27.25 -11.57
CA LYS H 116 -43.10 28.61 -12.09
C LYS H 116 -43.30 28.57 -13.57
N ASN H 117 -42.60 27.66 -14.23
CA ASN H 117 -42.63 27.57 -15.67
C ASN H 117 -44.03 27.19 -16.16
N LEU H 118 -44.70 26.31 -15.43
CA LEU H 118 -46.07 25.95 -15.81
C LEU H 118 -47.00 27.16 -15.65
N TYR H 119 -46.84 27.87 -14.54
CA TYR H 119 -47.57 29.11 -14.26
C TYR H 119 -47.35 30.18 -15.34
N ASP H 120 -46.10 30.42 -15.69
CA ASP H 120 -45.72 31.31 -16.80
C ASP H 120 -46.30 30.84 -18.16
N LYS H 121 -46.56 29.54 -18.33
CA LYS H 121 -47.13 29.06 -19.58
C LYS H 121 -48.50 29.59 -19.76
N VAL H 122 -49.28 29.55 -18.69
CA VAL H 122 -50.65 30.02 -18.72
C VAL H 122 -50.63 31.55 -18.84
N ARG H 123 -49.77 32.20 -18.04
CA ARG H 123 -49.70 33.66 -18.01
C ARG H 123 -49.54 34.27 -19.36
N LEU H 124 -48.57 33.77 -20.14
CA LEU H 124 -48.29 34.37 -21.44
C LEU H 124 -49.27 33.94 -22.51
N GLN H 125 -50.05 32.89 -22.25
CA GLN H 125 -51.19 32.62 -23.13
C GLN H 125 -52.32 33.64 -22.93
N LEU H 126 -52.83 33.71 -21.71
CA LEU H 126 -53.97 34.58 -21.37
C LEU H 126 -53.65 36.08 -21.47
N ARG H 127 -52.48 36.53 -21.02
CA ARG H 127 -52.19 37.98 -21.05
C ARG H 127 -53.30 38.81 -20.37
N ASP H 128 -53.78 39.87 -21.01
CA ASP H 128 -54.80 40.74 -20.41
C ASP H 128 -56.27 40.28 -20.62
N ASN H 129 -56.46 39.04 -21.07
CA ASN H 129 -57.77 38.40 -21.11
C ASN H 129 -58.15 37.82 -19.76
N ALA H 130 -57.18 37.85 -18.84
CA ALA H 130 -57.35 37.44 -17.45
C ALA H 130 -56.58 38.34 -16.48
N LYS H 131 -56.93 38.25 -15.19
CA LYS H 131 -56.32 39.11 -14.19
C LYS H 131 -55.46 38.24 -13.26
N GLU H 132 -54.21 38.65 -13.07
CA GLU H 132 -53.27 37.90 -12.22
C GLU H 132 -53.63 38.20 -10.77
N LEU H 133 -53.90 37.16 -9.99
CA LEU H 133 -54.43 37.41 -8.67
C LEU H 133 -53.38 37.40 -7.59
N GLY H 134 -52.29 36.69 -7.83
CA GLY H 134 -51.11 36.93 -7.03
C GLY H 134 -50.89 35.69 -6.20
N ASN H 135 -51.79 34.74 -6.38
CA ASN H 135 -51.76 33.56 -5.53
C ASN H 135 -51.59 32.28 -6.32
N GLY H 136 -51.24 32.41 -7.59
CA GLY H 136 -51.19 31.23 -8.44
C GLY H 136 -52.40 31.09 -9.31
N CYS H 137 -53.36 32.01 -9.18
CA CYS H 137 -54.61 31.89 -9.94
C CYS H 137 -54.81 33.01 -10.95
N PHE H 138 -55.55 32.69 -12.00
CA PHE H 138 -55.98 33.67 -12.97
C PHE H 138 -57.49 33.76 -12.98
N GLU H 139 -58.03 34.97 -13.03
CA GLU H 139 -59.47 35.14 -13.18
C GLU H 139 -59.76 35.69 -14.57
N PHE H 140 -60.53 34.94 -15.34
CA PHE H 140 -60.81 35.33 -16.71
C PHE H 140 -61.71 36.57 -16.76
N TYR H 141 -61.52 37.40 -17.77
CA TYR H 141 -62.44 38.49 -18.02
C TYR H 141 -63.57 38.03 -18.92
N HIS H 142 -63.52 36.78 -19.34
CA HIS H 142 -64.57 36.24 -20.19
C HIS H 142 -65.01 34.86 -19.71
N LYS H 143 -66.12 34.35 -20.24
CA LYS H 143 -66.59 33.03 -19.83
C LYS H 143 -65.67 31.95 -20.45
N CYS H 144 -65.25 31.02 -19.58
CA CYS H 144 -64.39 29.95 -20.01
C CYS H 144 -64.96 28.64 -19.51
N ASP H 145 -65.62 27.94 -20.43
CA ASP H 145 -66.29 26.69 -20.15
C ASP H 145 -65.29 25.53 -20.14
N ASN H 146 -65.80 24.32 -19.95
CA ASN H 146 -64.95 23.14 -19.80
C ASN H 146 -64.05 22.91 -21.03
N GLU H 147 -64.57 23.22 -22.21
CA GLU H 147 -63.84 23.13 -23.49
C GLU H 147 -62.72 24.15 -23.55
N CYS H 148 -63.06 25.39 -23.17
CA CYS H 148 -62.10 26.50 -23.07
C CYS H 148 -61.00 26.24 -22.02
N MET H 149 -61.38 25.65 -20.90
CA MET H 149 -60.44 25.33 -19.85
C MET H 149 -59.40 24.37 -20.38
N GLU H 150 -59.87 23.26 -20.96
CA GLU H 150 -58.98 22.30 -21.61
C GLU H 150 -58.02 22.92 -22.62
N SER H 151 -58.48 23.94 -23.34
CA SER H 151 -57.63 24.61 -24.34
C SER H 151 -56.42 25.32 -23.68
N VAL H 152 -56.65 25.95 -22.54
CA VAL H 152 -55.56 26.52 -21.72
C VAL H 152 -54.57 25.48 -21.26
N ARG H 153 -55.08 24.33 -20.82
CA ARG H 153 -54.25 23.30 -20.19
C ARG H 153 -53.36 22.58 -21.20
N ASN H 154 -53.76 22.61 -22.46
CA ASN H 154 -53.06 21.82 -23.45
C ASN H 154 -52.40 22.66 -24.55
N GLY H 155 -52.35 23.98 -24.39
CA GLY H 155 -51.62 24.79 -25.33
C GLY H 155 -52.40 25.37 -26.50
N THR H 156 -53.73 25.19 -26.50
CA THR H 156 -54.53 25.40 -27.70
C THR H 156 -55.35 26.68 -27.54
N TYR H 157 -55.23 27.33 -26.39
CA TYR H 157 -56.01 28.53 -26.12
C TYR H 157 -55.86 29.57 -27.22
N ASP H 158 -56.99 29.92 -27.81
CA ASP H 158 -57.08 30.95 -28.85
C ASP H 158 -57.33 32.33 -28.23
N TYR H 159 -56.32 33.19 -28.18
CA TYR H 159 -56.49 34.51 -27.59
C TYR H 159 -57.42 35.37 -28.43
N PRO H 160 -57.12 35.54 -29.75
CA PRO H 160 -58.02 36.37 -30.58
C PRO H 160 -59.52 36.09 -30.47
N GLN H 161 -59.89 34.83 -30.29
CA GLN H 161 -61.28 34.39 -30.26
C GLN H 161 -62.05 34.94 -29.06
N TYR H 162 -61.36 35.16 -27.96
CA TYR H 162 -62.00 35.67 -26.77
C TYR H 162 -61.65 37.13 -26.50
N SER H 163 -60.66 37.66 -27.22
CA SER H 163 -60.10 38.96 -26.88
C SER H 163 -61.15 40.07 -26.88
N GLU H 164 -62.18 39.88 -27.72
CA GLU H 164 -63.28 40.85 -27.84
C GLU H 164 -64.18 40.91 -26.60
N GLU H 165 -64.51 39.72 -26.08
CA GLU H 165 -65.34 39.58 -24.90
C GLU H 165 -64.65 40.11 -23.65
N ALA H 166 -63.34 39.86 -23.59
CA ALA H 166 -62.49 40.34 -22.52
C ALA H 166 -62.42 41.88 -22.43
N ARG H 167 -62.21 42.52 -23.57
CA ARG H 167 -62.00 43.97 -23.62
C ARG H 167 -63.29 44.70 -23.24
N LEU H 168 -64.41 44.04 -23.52
CA LEU H 168 -65.75 44.54 -23.23
C LEU H 168 -65.99 44.60 -21.71
N LYS H 169 -65.51 43.59 -21.00
CA LYS H 169 -65.64 43.51 -19.55
C LYS H 169 -64.80 44.56 -18.82
N ARG H 170 -63.51 44.63 -19.17
CA ARG H 170 -62.59 45.65 -18.65
C ARG H 170 -63.11 47.06 -18.78
N GLU H 171 -63.80 47.32 -19.88
CA GLU H 171 -64.41 48.62 -20.11
C GLU H 171 -65.44 48.95 -19.02
N GLU H 172 -66.39 48.02 -18.78
CA GLU H 172 -67.40 48.18 -17.72
C GLU H 172 -66.73 48.39 -16.38
N ILE H 173 -65.68 47.58 -16.19
CA ILE H 173 -64.89 47.48 -14.99
C ILE H 173 -64.08 48.74 -14.68
N SER H 174 -63.43 49.27 -15.72
CA SER H 174 -62.69 50.52 -15.59
C SER H 174 -63.48 51.78 -15.17
N SER H 175 -64.71 51.94 -15.68
CA SER H 175 -65.54 53.10 -15.31
C SER H 175 -66.01 53.02 -13.84
N GLY H 176 -66.10 51.78 -13.35
CA GLY H 176 -66.43 51.44 -11.99
C GLY H 176 -67.85 50.89 -11.94
N ARG H 177 -68.50 50.85 -13.13
CA ARG H 177 -69.89 50.40 -13.37
C ARG H 177 -70.25 50.48 -14.86
N GLY I 1 -35.67 25.11 -19.80
CA GLY I 1 -35.22 24.10 -18.85
C GLY I 1 -35.48 24.57 -17.43
N LEU I 2 -34.56 25.35 -16.88
CA LEU I 2 -34.80 25.84 -15.53
C LEU I 2 -35.37 27.22 -15.58
N PHE I 3 -35.01 27.97 -16.60
CA PHE I 3 -35.47 29.34 -16.65
C PHE I 3 -36.56 29.50 -17.67
N GLY I 4 -36.85 28.42 -18.38
CA GLY I 4 -38.07 28.36 -19.17
C GLY I 4 -38.07 29.20 -20.44
N ALA I 5 -36.89 29.65 -20.85
CA ALA I 5 -36.82 30.55 -21.97
C ALA I 5 -36.36 29.73 -23.14
N ILE I 6 -35.17 29.16 -23.06
CA ILE I 6 -34.72 28.30 -24.14
C ILE I 6 -35.51 27.00 -24.18
N ALA I 7 -36.04 26.72 -25.36
CA ALA I 7 -36.96 25.61 -25.60
C ALA I 7 -38.04 25.65 -24.56
N GLY I 8 -38.50 26.85 -24.27
CA GLY I 8 -39.64 27.04 -23.40
C GLY I 8 -40.58 28.05 -24.01
N PHE I 9 -40.71 29.23 -23.41
CA PHE I 9 -41.68 30.15 -23.97
C PHE I 9 -41.17 30.70 -25.30
N ILE I 10 -39.86 30.73 -25.49
CA ILE I 10 -39.30 30.84 -26.84
C ILE I 10 -39.02 29.48 -27.43
N GLU I 11 -39.85 29.00 -28.33
CA GLU I 11 -39.69 27.61 -28.73
C GLU I 11 -38.71 27.57 -29.91
N GLY I 12 -37.62 26.85 -29.74
CA GLY I 12 -36.57 26.82 -30.75
C GLY I 12 -35.83 28.12 -31.07
N GLY I 13 -34.60 27.93 -31.56
CA GLY I 13 -33.66 29.00 -31.81
C GLY I 13 -33.54 29.40 -33.27
N TRP I 14 -32.65 30.37 -33.54
CA TRP I 14 -32.60 31.00 -34.87
C TRP I 14 -31.35 30.58 -35.59
N GLN I 15 -31.53 29.74 -36.62
CA GLN I 15 -30.43 29.31 -37.47
C GLN I 15 -29.77 30.50 -38.10
N GLY I 16 -30.50 31.58 -38.24
CA GLY I 16 -30.02 32.68 -39.03
C GLY I 16 -29.37 33.73 -38.18
N MET I 17 -29.15 33.45 -36.93
CA MET I 17 -28.34 34.37 -36.17
C MET I 17 -27.01 33.73 -35.83
N VAL I 18 -26.01 34.12 -36.62
CA VAL I 18 -24.75 33.40 -36.66
C VAL I 18 -23.69 34.15 -35.83
N ASP I 19 -23.93 35.42 -35.54
CA ASP I 19 -22.89 36.24 -34.92
C ASP I 19 -23.06 36.37 -33.40
N GLY I 20 -23.72 35.38 -32.82
CA GLY I 20 -23.88 35.35 -31.38
C GLY I 20 -24.73 34.20 -30.84
N TRP I 21 -24.78 34.13 -29.52
CA TRP I 21 -25.55 33.09 -28.89
C TRP I 21 -26.95 33.57 -28.57
N TYR I 22 -27.05 34.89 -28.32
CA TYR I 22 -28.32 35.47 -27.98
C TYR I 22 -28.52 36.73 -28.77
N GLY I 23 -29.76 37.07 -29.07
CA GLY I 23 -29.96 38.26 -29.88
C GLY I 23 -31.38 38.60 -30.24
N TYR I 24 -31.54 39.32 -31.33
CA TYR I 24 -32.82 39.91 -31.62
C TYR I 24 -33.22 39.61 -33.06
N HIS I 25 -34.52 39.52 -33.28
CA HIS I 25 -35.05 39.57 -34.65
C HIS I 25 -36.01 40.73 -34.71
N HIS I 26 -35.86 41.59 -35.69
CA HIS I 26 -36.75 42.73 -35.72
C HIS I 26 -37.46 42.74 -37.02
N SER I 27 -38.59 43.43 -37.09
CA SER I 27 -39.34 43.41 -38.32
C SER I 27 -40.17 44.71 -38.36
N ASN I 28 -39.90 45.56 -39.34
CA ASN I 28 -40.59 46.82 -39.51
C ASN I 28 -40.61 47.18 -40.98
N GLU I 29 -41.16 48.34 -41.27
CA GLU I 29 -41.29 48.81 -42.64
C GLU I 29 -40.04 48.70 -43.53
N GLN I 30 -38.87 49.04 -42.99
CA GLN I 30 -37.61 48.99 -43.73
C GLN I 30 -37.02 47.59 -43.94
N GLY I 31 -37.74 46.57 -43.51
CA GLY I 31 -37.35 45.19 -43.68
C GLY I 31 -37.33 44.41 -42.40
N SER I 32 -36.51 43.37 -42.33
CA SER I 32 -36.52 42.49 -41.20
C SER I 32 -35.09 41.99 -41.11
N GLY I 33 -34.77 41.25 -40.05
CA GLY I 33 -33.38 40.91 -39.85
C GLY I 33 -33.03 40.43 -38.45
N TYR I 34 -31.85 39.85 -38.36
CA TYR I 34 -31.23 39.32 -37.17
C TYR I 34 -30.12 40.27 -36.78
N ALA I 35 -29.75 40.24 -35.50
CA ALA I 35 -28.72 41.09 -34.92
C ALA I 35 -28.22 40.27 -33.73
N ALA I 36 -27.36 40.78 -32.86
CA ALA I 36 -26.92 39.95 -31.75
C ALA I 36 -26.65 40.92 -30.61
N ASP I 37 -26.86 40.54 -29.35
CA ASP I 37 -26.33 41.41 -28.30
C ASP I 37 -24.96 40.84 -28.04
N LYS I 38 -23.95 41.60 -28.43
CA LYS I 38 -22.56 41.17 -28.38
C LYS I 38 -22.14 41.00 -26.94
N GLU I 39 -22.61 41.93 -26.11
CA GLU I 39 -22.13 42.09 -24.76
C GLU I 39 -22.59 40.95 -23.86
N SER I 40 -23.88 40.62 -23.91
CA SER I 40 -24.39 39.47 -23.17
C SER I 40 -23.74 38.20 -23.65
N THR I 41 -23.67 38.02 -24.97
CA THR I 41 -23.03 36.85 -25.59
C THR I 41 -21.59 36.77 -25.09
N GLN I 42 -20.93 37.93 -24.97
CA GLN I 42 -19.53 37.93 -24.57
C GLN I 42 -19.36 37.48 -23.12
N LYS I 43 -20.25 37.94 -22.26
CA LYS I 43 -20.18 37.56 -20.86
C LYS I 43 -20.33 36.04 -20.78
N ALA I 44 -21.24 35.49 -21.57
CA ALA I 44 -21.40 34.03 -21.64
C ALA I 44 -20.11 33.37 -22.10
N ILE I 45 -19.50 33.91 -23.15
CA ILE I 45 -18.29 33.27 -23.61
C ILE I 45 -17.21 33.36 -22.54
N ASP I 46 -17.09 34.52 -21.90
CA ASP I 46 -16.15 34.69 -20.80
C ASP I 46 -16.41 33.67 -19.69
N GLY I 47 -17.69 33.48 -19.39
CA GLY I 47 -18.09 32.64 -18.28
C GLY I 47 -17.74 31.21 -18.57
N VAL I 48 -18.15 30.73 -19.74
CA VAL I 48 -17.95 29.34 -20.13
C VAL I 48 -16.45 29.09 -20.30
N THR I 49 -15.74 30.10 -20.79
CA THR I 49 -14.32 29.93 -20.98
C THR I 49 -13.62 29.77 -19.63
N ASN I 50 -13.89 30.66 -18.67
CA ASN I 50 -13.36 30.48 -17.31
C ASN I 50 -13.70 29.14 -16.69
N LYS I 51 -14.94 28.68 -16.90
CA LYS I 51 -15.39 27.41 -16.39
C LYS I 51 -14.54 26.27 -16.94
N VAL I 52 -14.31 26.26 -18.25
CA VAL I 52 -13.53 25.16 -18.84
C VAL I 52 -12.08 25.16 -18.33
N ASN I 53 -11.51 26.35 -18.15
CA ASN I 53 -10.16 26.44 -17.63
C ASN I 53 -10.10 26.01 -16.17
N SER I 54 -11.15 26.36 -15.43
CA SER I 54 -11.21 26.05 -14.02
C SER I 54 -11.31 24.56 -13.88
N ILE I 55 -12.12 23.90 -14.70
CA ILE I 55 -12.11 22.44 -14.69
C ILE I 55 -10.72 21.84 -15.00
N ILE I 56 -10.09 22.28 -16.09
CA ILE I 56 -8.76 21.81 -16.47
C ILE I 56 -7.74 22.04 -15.35
N ASP I 57 -7.76 23.24 -14.77
CA ASP I 57 -6.78 23.62 -13.76
C ASP I 57 -6.90 22.79 -12.48
N LYS I 58 -8.12 22.60 -11.97
CA LYS I 58 -8.27 21.82 -10.75
C LYS I 58 -7.92 20.35 -10.94
N MET I 59 -8.04 19.86 -12.17
CA MET I 59 -7.66 18.47 -12.46
C MET I 59 -6.18 18.30 -12.83
N ASN I 60 -5.38 19.29 -12.52
CA ASN I 60 -4.00 19.34 -12.97
C ASN I 60 -3.09 18.43 -12.19
N THR I 61 -3.20 18.50 -10.87
CA THR I 61 -2.64 17.49 -10.00
C THR I 61 -3.71 16.46 -9.79
N GLN I 62 -3.28 15.20 -9.76
CA GLN I 62 -4.14 14.05 -9.88
C GLN I 62 -3.26 12.82 -9.96
N PHE I 63 -3.78 11.68 -9.51
CA PHE I 63 -2.92 10.52 -9.32
C PHE I 63 -2.33 10.05 -10.64
N GLU I 64 -1.07 9.65 -10.54
CA GLU I 64 -0.24 9.20 -11.63
C GLU I 64 0.35 7.86 -11.23
N ALA I 65 -0.16 6.82 -11.85
CA ALA I 65 0.37 5.48 -11.64
C ALA I 65 1.84 5.33 -12.02
N VAL I 66 2.52 4.44 -11.31
CA VAL I 66 3.93 4.06 -11.55
C VAL I 66 4.06 2.56 -11.53
N GLY I 67 4.92 2.01 -12.36
CA GLY I 67 5.09 0.57 -12.33
C GLY I 67 6.02 0.12 -11.25
N ARG I 68 5.59 -0.86 -10.48
CA ARG I 68 6.48 -1.53 -9.52
C ARG I 68 6.33 -3.01 -9.73
N GLU I 69 7.43 -3.75 -9.69
CA GLU I 69 7.33 -5.21 -9.86
C GLU I 69 7.49 -5.91 -8.56
N PHE I 70 6.93 -7.11 -8.46
CA PHE I 70 6.95 -7.85 -7.21
C PHE I 70 7.10 -9.29 -7.58
N ASN I 71 7.79 -10.03 -6.71
CA ASN I 71 8.03 -11.45 -6.95
C ASN I 71 6.90 -12.39 -6.50
N ASN I 72 7.09 -13.69 -6.74
CA ASN I 72 6.03 -14.69 -6.50
C ASN I 72 5.66 -14.90 -5.01
N LEU I 73 6.43 -14.34 -4.10
CA LEU I 73 6.03 -14.37 -2.70
C LEU I 73 5.79 -12.99 -2.06
N GLU I 74 5.44 -12.03 -2.89
CA GLU I 74 5.04 -10.70 -2.46
C GLU I 74 3.70 -10.48 -3.09
N ARG I 75 2.83 -11.48 -3.06
CA ARG I 75 1.56 -11.38 -3.77
C ARG I 75 0.63 -10.44 -3.06
N ARG I 76 0.71 -10.44 -1.74
CA ARG I 76 -0.13 -9.56 -0.96
C ARG I 76 0.18 -8.10 -1.19
N ILE I 77 1.46 -7.74 -1.25
CA ILE I 77 1.71 -6.33 -1.54
C ILE I 77 1.52 -6.00 -2.99
N GLU I 78 1.56 -7.00 -3.84
CA GLU I 78 1.36 -6.74 -5.24
C GLU I 78 -0.09 -6.44 -5.47
N ASN I 79 -0.94 -7.19 -4.78
CA ASN I 79 -2.37 -6.95 -4.85
C ASN I 79 -2.75 -5.61 -4.26
N LEU I 80 -2.18 -5.32 -3.10
CA LEU I 80 -2.36 -4.02 -2.44
C LEU I 80 -1.87 -2.89 -3.36
N ASN I 81 -0.78 -3.12 -4.07
CA ASN I 81 -0.36 -2.12 -5.05
C ASN I 81 -1.36 -1.96 -6.16
N LYS I 82 -1.87 -3.07 -6.67
CA LYS I 82 -2.83 -2.95 -7.76
C LYS I 82 -4.07 -2.21 -7.35
N LYS I 83 -4.61 -2.66 -6.23
CA LYS I 83 -5.88 -2.17 -5.75
C LYS I 83 -5.74 -0.74 -5.34
N MET I 84 -4.60 -0.39 -4.77
CA MET I 84 -4.40 0.99 -4.45
C MET I 84 -4.45 1.89 -5.69
N GLU I 85 -3.67 1.55 -6.70
CA GLU I 85 -3.61 2.31 -7.95
C GLU I 85 -4.92 2.32 -8.70
N ASP I 86 -5.58 1.18 -8.76
CA ASP I 86 -6.94 1.17 -9.30
C ASP I 86 -7.87 2.03 -8.53
N GLY I 87 -7.64 2.08 -7.23
CA GLY I 87 -8.55 2.80 -6.40
C GLY I 87 -8.63 4.26 -6.73
N PHE I 88 -7.47 4.85 -7.03
CA PHE I 88 -7.40 6.25 -7.37
C PHE I 88 -7.91 6.45 -8.77
N LEU I 89 -7.57 5.56 -9.70
CA LEU I 89 -8.13 5.72 -11.05
C LEU I 89 -9.65 5.76 -11.00
N ASP I 90 -10.24 5.02 -10.09
CA ASP I 90 -11.69 4.97 -10.06
C ASP I 90 -12.21 6.26 -9.50
N VAL I 91 -11.51 6.76 -8.47
CA VAL I 91 -11.87 8.00 -7.81
C VAL I 91 -11.77 9.17 -8.78
N TRP I 92 -10.67 9.28 -9.50
CA TRP I 92 -10.48 10.44 -10.37
C TRP I 92 -11.43 10.38 -11.56
N THR I 93 -11.65 9.17 -12.08
CA THR I 93 -12.59 8.98 -13.14
C THR I 93 -13.97 9.39 -12.67
N TYR I 94 -14.36 8.97 -11.47
CA TYR I 94 -15.61 9.45 -10.91
C TYR I 94 -15.61 10.97 -10.81
N ASN I 95 -14.58 11.56 -10.23
CA ASN I 95 -14.55 13.03 -10.10
C ASN I 95 -14.66 13.72 -11.43
N ALA I 96 -13.91 13.21 -12.40
CA ALA I 96 -13.94 13.82 -13.70
C ALA I 96 -15.27 13.64 -14.41
N GLU I 97 -15.83 12.45 -14.37
CA GLU I 97 -17.05 12.22 -15.13
C GLU I 97 -18.20 13.01 -14.55
N LEU I 98 -18.30 12.99 -13.23
CA LEU I 98 -19.37 13.66 -12.51
C LEU I 98 -19.26 15.15 -12.63
N LEU I 99 -18.04 15.65 -12.66
CA LEU I 99 -17.83 17.08 -12.86
C LEU I 99 -18.36 17.48 -14.22
N VAL I 100 -18.08 16.65 -15.21
CA VAL I 100 -18.56 16.96 -16.54
C VAL I 100 -20.09 17.00 -16.57
N LEU I 101 -20.71 15.94 -16.03
CA LEU I 101 -22.17 15.86 -16.02
C LEU I 101 -22.77 17.01 -15.24
N MET I 102 -22.17 17.36 -14.10
CA MET I 102 -22.78 18.38 -13.30
C MET I 102 -22.64 19.78 -13.90
N GLU I 103 -21.44 20.10 -14.37
CA GLU I 103 -21.25 21.40 -15.00
C GLU I 103 -21.97 21.56 -16.33
N ASN I 104 -22.23 20.47 -17.04
CA ASN I 104 -23.03 20.63 -18.24
C ASN I 104 -24.42 21.15 -17.90
N GLU I 105 -25.02 20.58 -16.88
CA GLU I 105 -26.31 21.07 -16.49
C GLU I 105 -26.22 22.55 -16.17
N ARG I 106 -25.19 22.95 -15.45
CA ARG I 106 -25.04 24.35 -15.06
C ARG I 106 -24.83 25.26 -16.26
N THR I 107 -23.97 24.82 -17.16
CA THR I 107 -23.72 25.51 -18.42
C THR I 107 -24.98 25.72 -19.27
N LEU I 108 -25.75 24.66 -19.48
CA LEU I 108 -26.98 24.77 -20.28
C LEU I 108 -28.05 25.69 -19.68
N ASP I 109 -28.21 25.60 -18.36
CA ASP I 109 -29.13 26.42 -17.59
C ASP I 109 -28.60 27.85 -17.51
N PHE I 110 -27.28 27.98 -17.46
CA PHE I 110 -26.66 29.28 -17.61
C PHE I 110 -27.14 29.99 -18.83
N HIS I 111 -27.08 29.32 -19.98
CA HIS I 111 -27.55 29.94 -21.22
C HIS I 111 -29.02 30.28 -21.16
N ASP I 112 -29.81 29.34 -20.65
CA ASP I 112 -31.26 29.48 -20.53
C ASP I 112 -31.47 30.78 -19.70
N SER I 113 -30.71 30.94 -18.60
CA SER I 113 -30.82 32.11 -17.73
C SER I 113 -30.50 33.40 -18.45
N ASN I 114 -29.47 33.31 -19.29
CA ASN I 114 -28.98 34.44 -20.03
C ASN I 114 -30.00 34.97 -21.03
N VAL I 115 -30.71 34.04 -21.68
CA VAL I 115 -31.76 34.45 -22.60
C VAL I 115 -32.94 35.08 -21.88
N LYS I 116 -33.43 34.46 -20.80
CA LYS I 116 -34.48 35.08 -19.99
C LYS I 116 -34.13 36.49 -19.52
N ASN I 117 -32.91 36.68 -19.03
CA ASN I 117 -32.50 37.97 -18.47
C ASN I 117 -32.43 39.04 -19.52
N LEU I 118 -32.02 38.63 -20.71
CA LEU I 118 -32.01 39.56 -21.82
C LEU I 118 -33.44 40.00 -22.19
N TYR I 119 -34.35 39.03 -22.28
CA TYR I 119 -35.77 39.28 -22.54
C TYR I 119 -36.35 40.23 -21.51
N ASP I 120 -36.17 39.88 -20.25
CA ASP I 120 -36.54 40.75 -19.13
C ASP I 120 -35.86 42.13 -19.19
N LYS I 121 -34.67 42.24 -19.78
CA LYS I 121 -34.02 43.55 -19.88
C LYS I 121 -34.86 44.42 -20.78
N VAL I 122 -35.28 43.81 -21.90
CA VAL I 122 -36.07 44.47 -22.91
C VAL I 122 -37.48 44.76 -22.38
N ARG I 123 -38.08 43.75 -21.73
CA ARG I 123 -39.45 43.83 -21.22
C ARG I 123 -39.62 45.07 -20.32
N LEU I 124 -38.69 45.26 -19.37
CA LEU I 124 -38.80 46.34 -18.40
C LEU I 124 -38.37 47.67 -18.99
N GLN I 125 -37.73 47.66 -20.15
CA GLN I 125 -37.56 48.89 -20.89
C GLN I 125 -38.87 49.37 -21.53
N LEU I 126 -39.46 48.53 -22.39
CA LEU I 126 -40.67 48.88 -23.14
C LEU I 126 -41.94 49.10 -22.31
N ARG I 127 -42.18 48.26 -21.30
CA ARG I 127 -43.40 48.38 -20.52
C ARG I 127 -44.65 48.40 -21.41
N ASP I 128 -45.56 49.34 -21.18
CA ASP I 128 -46.80 49.38 -21.95
C ASP I 128 -46.69 50.15 -23.25
N ASN I 129 -45.45 50.43 -23.67
CA ASN I 129 -45.22 50.98 -25.00
C ASN I 129 -45.17 49.90 -26.08
N ALA I 130 -45.16 48.66 -25.61
CA ALA I 130 -45.23 47.47 -26.43
C ALA I 130 -46.08 46.38 -25.79
N LYS I 131 -46.47 45.43 -26.62
CA LYS I 131 -47.35 44.39 -26.19
C LYS I 131 -46.56 43.07 -26.17
N GLU I 132 -46.59 42.38 -25.05
CA GLU I 132 -45.87 41.12 -24.91
C GLU I 132 -46.66 40.05 -25.60
N LEU I 133 -46.07 39.34 -26.57
CA LEU I 133 -46.89 38.44 -27.37
C LEU I 133 -46.80 37.04 -26.88
N GLY I 134 -45.71 36.69 -26.22
CA GLY I 134 -45.74 35.49 -25.42
C GLY I 134 -44.85 34.43 -26.01
N ASN I 135 -44.22 34.77 -27.13
CA ASN I 135 -43.45 33.75 -27.81
C ASN I 135 -42.03 34.25 -27.84
N GLY I 136 -41.77 35.29 -27.05
CA GLY I 136 -40.48 35.95 -27.07
C GLY I 136 -40.49 37.24 -27.84
N CYS I 137 -41.63 37.62 -28.41
CA CYS I 137 -41.70 38.79 -29.26
C CYS I 137 -42.50 39.82 -28.62
N PHE I 138 -42.21 41.04 -29.01
CA PHE I 138 -42.97 42.20 -28.63
C PHE I 138 -43.59 42.82 -29.87
N GLU I 139 -44.84 43.22 -29.78
CA GLU I 139 -45.43 43.96 -30.90
C GLU I 139 -45.62 45.41 -30.38
N PHE I 140 -44.96 46.35 -31.03
CA PHE I 140 -44.98 47.72 -30.59
C PHE I 140 -46.36 48.35 -30.82
N TYR I 141 -46.75 49.26 -29.92
CA TYR I 141 -47.96 50.08 -30.11
C TYR I 141 -47.60 51.35 -30.88
N HIS I 142 -46.32 51.50 -31.19
CA HIS I 142 -45.85 52.66 -31.94
C HIS I 142 -44.89 52.27 -33.07
N LYS I 143 -44.58 53.21 -33.96
CA LYS I 143 -43.65 52.89 -35.05
C LYS I 143 -42.21 52.83 -34.51
N CYS I 144 -41.50 51.76 -34.86
CA CYS I 144 -40.11 51.61 -34.41
C CYS I 144 -39.23 51.25 -35.63
N ASP I 145 -38.55 52.28 -36.13
CA ASP I 145 -37.68 52.23 -37.29
C ASP I 145 -36.34 51.64 -36.89
N ASN I 146 -35.40 51.55 -37.82
CA ASN I 146 -34.10 50.90 -37.58
C ASN I 146 -33.27 51.50 -36.44
N GLU I 147 -33.34 52.82 -36.28
CA GLU I 147 -32.67 53.58 -35.20
C GLU I 147 -33.26 53.24 -33.88
N CYS I 148 -34.59 53.25 -33.84
CA CYS I 148 -35.30 52.85 -32.63
C CYS I 148 -34.99 51.41 -32.22
N MET I 149 -34.89 50.49 -33.16
CA MET I 149 -34.57 49.12 -32.83
C MET I 149 -33.20 49.08 -32.16
N GLU I 150 -32.20 49.66 -32.80
CA GLU I 150 -30.88 49.73 -32.19
C GLU I 150 -30.88 50.30 -30.77
N SER I 151 -31.74 51.27 -30.50
CA SER I 151 -31.82 51.85 -29.16
C SER I 151 -32.31 50.82 -28.12
N VAL I 152 -33.28 49.99 -28.52
CA VAL I 152 -33.74 48.84 -27.71
C VAL I 152 -32.65 47.80 -27.45
N ARG I 153 -31.84 47.51 -28.47
CA ARG I 153 -30.81 46.48 -28.41
C ARG I 153 -29.67 46.89 -27.50
N ASN I 154 -29.51 48.21 -27.31
CA ASN I 154 -28.37 48.73 -26.58
C ASN I 154 -28.76 49.38 -25.26
N GLY I 155 -30.02 49.23 -24.87
CA GLY I 155 -30.44 49.67 -23.55
C GLY I 155 -30.73 51.16 -23.58
N THR I 156 -30.82 51.69 -24.79
CA THR I 156 -30.84 53.12 -25.04
C THR I 156 -32.29 53.57 -25.25
N TYR I 157 -33.20 52.56 -25.31
CA TYR I 157 -34.60 52.83 -25.68
C TYR I 157 -35.17 53.91 -24.77
N ASP I 158 -35.64 54.98 -25.39
CA ASP I 158 -36.29 56.07 -24.68
C ASP I 158 -37.80 55.83 -24.58
N TYR I 159 -38.30 55.46 -23.40
CA TYR I 159 -39.74 55.20 -23.22
C TYR I 159 -40.54 56.51 -23.38
N PRO I 160 -40.19 57.58 -22.60
CA PRO I 160 -40.94 58.85 -22.74
C PRO I 160 -41.20 59.34 -24.19
N GLN I 161 -40.26 59.11 -25.09
CA GLN I 161 -40.35 59.63 -26.45
C GLN I 161 -41.50 59.03 -27.26
N TYR I 162 -41.86 57.80 -26.97
CA TYR I 162 -42.94 57.14 -27.68
C TYR I 162 -44.24 56.99 -26.85
N SER I 163 -44.16 57.25 -25.53
CA SER I 163 -45.28 56.91 -24.63
C SER I 163 -46.56 57.62 -25.06
N GLU I 164 -46.39 58.78 -25.68
CA GLU I 164 -47.55 59.50 -26.13
C GLU I 164 -48.20 58.76 -27.31
N GLU I 165 -47.37 58.29 -28.24
CA GLU I 165 -47.86 57.55 -29.41
C GLU I 165 -48.45 56.18 -29.06
N ALA I 166 -47.82 55.52 -28.09
CA ALA I 166 -48.30 54.25 -27.59
C ALA I 166 -49.71 54.34 -26.98
N ARG I 167 -49.92 55.34 -26.11
CA ARG I 167 -51.20 55.49 -25.38
C ARG I 167 -52.37 55.85 -26.35
N LEU I 168 -52.02 56.53 -27.45
CA LEU I 168 -52.94 56.97 -28.52
C LEU I 168 -53.46 55.76 -29.31
N LYS I 169 -52.59 54.78 -29.53
CA LYS I 169 -52.93 53.53 -30.23
C LYS I 169 -53.85 52.65 -29.35
N ARG I 170 -53.46 52.42 -28.09
CA ARG I 170 -54.29 51.72 -27.11
C ARG I 170 -55.69 52.34 -27.05
N GLU I 171 -55.74 53.67 -27.17
CA GLU I 171 -56.98 54.43 -27.20
C GLU I 171 -57.79 53.96 -28.44
N GLU I 172 -57.15 53.86 -29.59
CA GLU I 172 -57.84 53.42 -30.80
C GLU I 172 -58.24 51.95 -30.68
N ILE I 173 -57.40 51.21 -29.96
CA ILE I 173 -57.57 49.77 -29.67
C ILE I 173 -58.83 49.52 -28.79
N SER I 174 -58.96 50.31 -27.72
CA SER I 174 -60.15 50.31 -26.85
C SER I 174 -61.46 50.61 -27.62
N SER I 175 -61.39 51.55 -28.58
CA SER I 175 -62.53 51.94 -29.42
C SER I 175 -62.90 50.80 -30.37
N GLY I 176 -61.93 49.95 -30.68
CA GLY I 176 -62.14 48.75 -31.49
C GLY I 176 -61.59 48.91 -32.89
N ARG I 177 -61.00 50.09 -33.17
CA ARG I 177 -60.38 50.59 -34.44
C ARG I 177 -61.09 51.87 -34.96
N GLU J 1 30.39 -6.21 -32.06
CA GLU J 1 30.89 -4.85 -32.29
C GLU J 1 29.92 -4.08 -33.21
N VAL J 2 30.16 -2.81 -33.49
CA VAL J 2 29.20 -2.06 -34.30
C VAL J 2 29.63 -1.79 -35.71
N HIS J 3 30.45 -2.65 -36.28
CA HIS J 3 31.12 -2.36 -37.55
C HIS J 3 30.22 -2.08 -38.77
N LEU J 4 30.61 -1.05 -39.52
CA LEU J 4 29.97 -0.75 -40.79
C LEU J 4 30.91 -0.94 -41.98
N GLN J 5 30.78 -2.03 -42.72
CA GLN J 5 31.67 -2.27 -43.83
C GLN J 5 31.12 -1.72 -45.11
N GLN J 6 31.82 -0.77 -45.73
CA GLN J 6 31.22 -0.26 -46.94
C GLN J 6 32.01 -0.56 -48.20
N SER J 7 31.41 -0.20 -49.34
CA SER J 7 31.91 -0.44 -50.70
C SER J 7 33.33 0.05 -50.95
N GLY J 8 33.96 -0.46 -52.01
CA GLY J 8 35.33 -0.05 -52.33
C GLY J 8 35.43 1.17 -53.23
N PRO J 9 36.53 1.94 -53.11
CA PRO J 9 36.65 3.17 -53.89
C PRO J 9 36.29 3.01 -55.36
N GLU J 10 35.61 4.02 -55.89
CA GLU J 10 35.06 3.96 -57.25
C GLU J 10 35.34 5.16 -58.14
N LEU J 11 35.27 4.87 -59.44
CA LEU J 11 35.55 5.84 -60.51
C LEU J 11 34.37 5.92 -61.44
N VAL J 12 33.88 7.12 -61.75
CA VAL J 12 32.77 7.19 -62.69
C VAL J 12 32.94 8.24 -63.72
N LYS J 13 32.63 7.86 -64.94
CA LYS J 13 32.63 8.78 -66.04
C LYS J 13 31.60 9.84 -65.75
N PRO J 14 31.92 11.11 -66.00
CA PRO J 14 30.96 12.18 -65.77
C PRO J 14 29.68 11.96 -66.56
N GLY J 15 28.55 12.02 -65.84
CA GLY J 15 27.24 11.79 -66.42
C GLY J 15 26.67 10.45 -66.03
N ALA J 16 27.53 9.53 -65.59
CA ALA J 16 27.11 8.18 -65.20
C ALA J 16 26.57 8.14 -63.78
N SER J 17 26.50 6.95 -63.21
CA SER J 17 25.91 6.80 -61.89
C SER J 17 26.65 5.77 -61.02
N VAL J 18 26.69 6.01 -59.70
CA VAL J 18 27.34 5.06 -58.80
C VAL J 18 26.39 4.48 -57.81
N LYS J 19 26.75 3.33 -57.27
CA LYS J 19 25.97 2.72 -56.21
C LYS J 19 26.87 2.07 -55.21
N MET J 20 27.26 2.86 -54.22
CA MET J 20 28.08 2.38 -53.14
C MET J 20 27.19 1.76 -52.08
N SER J 21 27.68 0.70 -51.45
CA SER J 21 26.91 -0.04 -50.47
C SER J 21 27.57 0.04 -49.11
N CYS J 22 26.75 -0.10 -48.06
CA CYS J 22 27.24 -0.17 -46.69
C CYS J 22 26.58 -1.33 -45.98
N LYS J 23 27.41 -2.27 -45.53
CA LYS J 23 26.93 -3.49 -44.88
C LYS J 23 27.00 -3.38 -43.35
N THR J 24 25.83 -3.48 -42.71
CA THR J 24 25.70 -3.34 -41.26
C THR J 24 26.01 -4.65 -40.57
N SER J 25 26.49 -4.59 -39.34
CA SER J 25 26.87 -5.79 -38.60
C SER J 25 27.08 -5.50 -37.13
N GLY J 26 26.53 -6.35 -36.27
CA GLY J 26 26.81 -6.24 -34.86
C GLY J 26 25.72 -5.67 -33.96
N TYR J 27 24.69 -5.15 -34.61
CA TYR J 27 23.56 -4.61 -33.88
C TYR J 27 22.32 -4.94 -34.72
N THR J 28 21.14 -4.50 -34.24
CA THR J 28 19.93 -4.76 -34.98
C THR J 28 19.67 -3.72 -36.01
N PHE J 29 19.90 -4.10 -37.26
CA PHE J 29 19.70 -3.21 -38.41
C PHE J 29 18.47 -2.28 -38.30
N THR J 30 17.36 -2.87 -37.84
CA THR J 30 16.03 -2.27 -37.86
C THR J 30 15.70 -1.33 -36.71
N GLU J 31 16.70 -1.00 -35.90
CA GLU J 31 16.50 -0.14 -34.75
C GLU J 31 17.07 1.22 -34.93
N TYR J 32 17.83 1.40 -35.98
CA TYR J 32 18.42 2.71 -36.10
C TYR J 32 18.42 3.15 -37.57
N THR J 33 18.29 4.45 -37.73
CA THR J 33 18.31 5.09 -39.01
C THR J 33 19.75 5.15 -39.49
N ILE J 34 19.99 4.83 -40.75
CA ILE J 34 21.35 4.89 -41.31
C ILE J 34 21.40 6.15 -42.19
N HIS J 35 22.54 6.83 -42.24
CA HIS J 35 22.64 8.07 -43.00
C HIS J 35 23.88 8.13 -43.88
N TRP J 36 23.93 9.12 -44.77
CA TRP J 36 25.09 9.26 -45.62
C TRP J 36 25.62 10.68 -45.52
N MET J 37 26.94 10.77 -45.46
CA MET J 37 27.62 12.05 -45.36
C MET J 37 28.63 12.17 -46.51
N LYS J 38 28.70 13.35 -47.11
CA LYS J 38 29.66 13.66 -48.16
C LYS J 38 30.69 14.65 -47.65
N GLN J 39 31.96 14.34 -47.89
CA GLN J 39 33.01 15.26 -47.50
C GLN J 39 33.83 15.66 -48.71
N SER J 40 33.65 16.91 -49.18
CA SER J 40 34.51 17.50 -50.21
C SER J 40 35.96 17.53 -49.78
N HIS J 41 36.85 16.85 -50.51
CA HIS J 41 38.23 16.56 -50.05
C HIS J 41 38.88 17.61 -49.12
N GLY J 42 38.99 17.22 -47.84
CA GLY J 42 39.56 18.03 -46.77
C GLY J 42 38.94 19.42 -46.68
N LYS J 43 37.64 19.46 -46.38
CA LYS J 43 36.94 20.74 -46.35
C LYS J 43 35.86 20.67 -45.27
N SER J 44 34.64 20.31 -45.68
CA SER J 44 33.48 20.34 -44.83
C SER J 44 32.56 19.16 -45.04
N LEU J 45 31.92 18.74 -43.95
CA LEU J 45 30.96 17.65 -43.98
C LEU J 45 29.54 18.13 -44.34
N GLU J 46 28.93 17.43 -45.29
CA GLU J 46 27.58 17.71 -45.74
C GLU J 46 26.67 16.52 -45.47
N TRP J 47 25.48 16.80 -44.96
CA TRP J 47 24.54 15.72 -44.74
C TRP J 47 23.75 15.41 -46.03
N ILE J 48 23.71 14.13 -46.41
CA ILE J 48 22.95 13.72 -47.60
C ILE J 48 21.56 13.28 -47.20
N GLY J 49 21.47 12.15 -46.52
CA GLY J 49 20.15 11.68 -46.14
C GLY J 49 20.10 10.63 -45.05
N GLY J 50 18.92 10.09 -44.80
CA GLY J 50 18.77 9.02 -43.83
C GLY J 50 17.69 8.05 -44.27
N ILE J 51 17.80 6.81 -43.82
CA ILE J 51 16.79 5.81 -44.12
C ILE J 51 16.62 4.87 -42.91
N PHE J 52 15.39 4.56 -42.55
CA PHE J 52 15.15 3.64 -41.45
C PHE J 52 14.80 2.28 -42.05
N PRO J 53 15.67 1.28 -41.84
CA PRO J 53 15.57 -0.07 -42.42
C PRO J 53 14.24 -0.75 -42.26
N ASN J 54 13.82 -0.89 -41.02
CA ASN J 54 12.60 -1.60 -40.67
C ASN J 54 11.34 -1.31 -41.57
N ASN J 55 11.22 -0.11 -42.12
CA ASN J 55 10.10 0.17 -43.02
C ASN J 55 10.49 0.95 -44.28
N GLY J 56 11.75 1.37 -44.33
CA GLY J 56 12.29 2.05 -45.50
C GLY J 56 11.87 3.48 -45.69
N ASP J 57 11.74 4.23 -44.61
CA ASP J 57 11.37 5.63 -44.75
C ASP J 57 12.62 6.45 -44.98
N THR J 58 12.57 7.41 -45.90
CA THR J 58 13.75 8.19 -46.23
C THR J 58 13.61 9.65 -45.81
N THR J 59 14.72 10.30 -45.54
CA THR J 59 14.74 11.70 -45.17
C THR J 59 15.95 12.42 -45.87
N TYR J 60 15.70 13.30 -46.84
CA TYR J 60 16.79 13.87 -47.67
C TYR J 60 17.12 15.32 -47.35
N ASN J 61 18.33 15.72 -47.73
CA ASN J 61 18.75 17.11 -47.71
C ASN J 61 18.20 17.80 -48.95
N GLN J 62 17.93 19.10 -48.89
CA GLN J 62 17.50 19.80 -50.09
C GLN J 62 18.42 19.54 -51.27
N LYS J 63 19.71 19.73 -51.03
CA LYS J 63 20.81 19.67 -52.01
C LYS J 63 20.86 18.36 -52.80
N PHE J 64 20.50 17.27 -52.16
CA PHE J 64 20.77 15.95 -52.73
C PHE J 64 19.51 15.22 -53.15
N LYS J 65 18.38 15.86 -52.87
CA LYS J 65 17.08 15.26 -53.10
C LYS J 65 17.02 14.52 -54.44
N VAL J 66 17.54 15.19 -55.47
CA VAL J 66 17.47 14.71 -56.84
C VAL J 66 18.47 13.58 -57.14
N ARG J 67 19.73 13.89 -56.86
CA ARG J 67 20.85 13.07 -57.27
C ARG J 67 21.00 11.84 -56.42
N ALA J 68 20.35 11.80 -55.28
CA ALA J 68 20.58 10.72 -54.35
C ALA J 68 19.36 9.86 -54.14
N THR J 69 19.59 8.66 -53.64
CA THR J 69 18.56 7.67 -53.45
C THR J 69 18.96 6.60 -52.44
N LEU J 70 18.50 6.74 -51.21
CA LEU J 70 18.84 5.74 -50.20
C LEU J 70 17.90 4.52 -50.29
N THR J 71 18.45 3.32 -50.25
CA THR J 71 17.64 2.11 -50.30
C THR J 71 18.18 1.13 -49.28
N VAL J 72 17.39 0.12 -48.90
CA VAL J 72 17.84 -0.81 -47.86
C VAL J 72 17.45 -2.25 -48.14
N GLY J 73 18.39 -3.17 -47.98
CA GLY J 73 18.11 -4.58 -48.15
C GLY J 73 18.04 -5.28 -46.81
N ARG J 74 16.83 -5.45 -46.28
CA ARG J 74 16.65 -5.96 -44.92
C ARG J 74 17.26 -7.34 -44.67
N SER J 75 17.07 -8.29 -45.59
CA SER J 75 17.66 -9.64 -45.44
C SER J 75 19.17 -9.50 -45.45
N SER J 76 19.64 -8.53 -46.24
CA SER J 76 21.06 -8.35 -46.48
C SER J 76 21.72 -7.58 -45.34
N SER J 77 20.89 -6.95 -44.50
CA SER J 77 21.37 -6.10 -43.43
C SER J 77 22.28 -5.00 -44.03
N THR J 78 21.85 -4.48 -45.18
CA THR J 78 22.65 -3.56 -45.98
C THR J 78 21.91 -2.31 -46.43
N ALA J 79 22.60 -1.17 -46.35
CA ALA J 79 22.08 0.10 -46.79
C ALA J 79 22.79 0.48 -48.05
N TYR J 80 22.07 1.06 -49.01
CA TYR J 80 22.70 1.44 -50.27
C TYR J 80 22.41 2.90 -50.48
N MET J 81 23.30 3.57 -51.22
CA MET J 81 23.08 4.92 -51.75
C MET J 81 23.37 4.90 -53.22
N ASP J 82 22.70 5.73 -53.99
CA ASP J 82 22.90 5.77 -55.41
C ASP J 82 23.00 7.23 -55.85
N LEU J 83 24.09 7.58 -56.53
CA LEU J 83 24.24 8.93 -57.05
C LEU J 83 24.08 8.90 -58.55
N ARG J 84 23.13 9.67 -59.06
CA ARG J 84 22.82 9.66 -60.47
C ARG J 84 23.32 10.95 -61.16
N SER J 85 23.82 10.77 -62.39
CA SER J 85 24.41 11.79 -63.27
C SER J 85 25.39 12.70 -62.56
N LEU J 86 26.61 12.18 -62.39
CA LEU J 86 27.65 12.85 -61.60
C LEU J 86 28.44 13.94 -62.31
N THR J 87 29.12 14.74 -61.50
CA THR J 87 29.96 15.78 -62.04
C THR J 87 31.23 15.82 -61.21
N SER J 88 32.10 16.78 -61.50
CA SER J 88 33.31 16.91 -60.72
C SER J 88 32.94 17.22 -59.28
N GLU J 89 31.79 17.88 -59.12
CA GLU J 89 31.27 18.26 -57.81
C GLU J 89 31.21 17.08 -56.86
N ASP J 90 30.73 15.95 -57.34
CA ASP J 90 30.51 14.77 -56.51
C ASP J 90 31.78 14.00 -56.21
N SER J 91 32.89 14.40 -56.80
CA SER J 91 34.14 13.73 -56.47
C SER J 91 34.55 14.07 -55.05
N ALA J 92 34.28 13.14 -54.14
CA ALA J 92 34.64 13.34 -52.75
C ALA J 92 34.41 12.03 -52.04
N VAL J 93 34.47 12.04 -50.70
CA VAL J 93 34.31 10.79 -49.96
C VAL J 93 32.94 10.65 -49.34
N TYR J 94 32.42 9.42 -49.34
CA TYR J 94 31.07 9.24 -48.82
C TYR J 94 31.05 8.26 -47.64
N TYR J 95 30.52 8.72 -46.51
CA TYR J 95 30.50 7.92 -45.30
C TYR J 95 29.12 7.40 -45.00
N CYS J 96 29.06 6.10 -44.82
CA CYS J 96 27.87 5.43 -44.34
C CYS J 96 27.90 5.42 -42.80
N VAL J 97 26.91 6.09 -42.20
CA VAL J 97 26.95 6.38 -40.76
C VAL J 97 25.67 6.02 -40.02
N ARG J 98 25.79 5.36 -38.87
CA ARG J 98 24.62 5.08 -38.04
C ARG J 98 24.38 6.22 -37.06
N ASN J 99 23.21 6.84 -37.17
CA ASN J 99 22.69 7.86 -36.26
C ASN J 99 21.90 7.18 -35.15
N TYR J 100 22.03 7.69 -33.94
CA TYR J 100 21.44 7.01 -32.77
C TYR J 100 19.90 7.12 -32.79
N GLY J 101 19.34 8.19 -32.28
CA GLY J 101 17.89 8.22 -32.20
C GLY J 101 17.18 9.31 -32.99
N SER J 102 16.51 8.96 -34.09
CA SER J 102 15.58 9.94 -34.69
C SER J 102 16.12 11.29 -35.15
N SER J 103 15.16 12.17 -35.35
CA SER J 103 15.35 13.51 -35.91
C SER J 103 16.32 14.32 -35.11
N TYR J 104 16.37 14.02 -33.82
CA TYR J 104 17.25 14.71 -32.88
C TYR J 104 18.34 13.79 -32.35
N GLY J 105 19.18 13.31 -33.26
CA GLY J 105 20.14 12.31 -32.87
C GLY J 105 21.54 12.59 -33.31
N TYR J 106 22.44 11.88 -32.64
CA TYR J 106 23.84 11.98 -32.93
C TYR J 106 24.32 10.75 -33.71
N PHE J 107 25.27 10.96 -34.63
CA PHE J 107 25.88 9.93 -35.44
C PHE J 107 27.01 9.29 -34.64
N ASP J 108 26.81 8.10 -34.08
CA ASP J 108 27.80 7.53 -33.16
C ASP J 108 28.81 6.60 -33.84
N VAL J 109 28.36 5.80 -34.79
CA VAL J 109 29.25 4.88 -35.47
C VAL J 109 29.41 5.27 -36.94
N TRP J 110 30.60 5.71 -37.31
CA TRP J 110 30.90 6.12 -38.68
C TRP J 110 31.65 5.02 -39.38
N GLY J 111 31.26 4.74 -40.63
CA GLY J 111 31.87 3.73 -41.47
C GLY J 111 33.23 4.20 -42.00
N ALA J 112 33.89 3.37 -42.80
CA ALA J 112 35.22 3.71 -43.31
C ALA J 112 35.24 4.95 -44.21
N GLY J 113 34.48 4.88 -45.30
CA GLY J 113 34.41 5.92 -46.32
C GLY J 113 34.62 5.35 -47.71
N THR J 114 33.60 5.39 -48.57
CA THR J 114 33.75 5.00 -49.98
C THR J 114 34.15 6.27 -50.74
N THR J 115 35.30 6.24 -51.38
CA THR J 115 35.78 7.45 -52.03
C THR J 115 35.57 7.35 -53.58
N VAL J 116 34.81 8.30 -54.11
CA VAL J 116 34.41 8.33 -55.52
C VAL J 116 35.24 9.32 -56.36
N THR J 117 35.70 8.89 -57.53
CA THR J 117 36.53 9.74 -58.38
C THR J 117 35.84 9.87 -59.72
N VAL J 118 35.46 11.09 -60.10
CA VAL J 118 34.75 11.30 -61.36
C VAL J 118 35.63 11.90 -62.40
N SER J 119 36.11 11.03 -63.30
CA SER J 119 36.93 11.48 -64.40
C SER J 119 36.83 10.52 -65.58
N SER J 120 36.90 11.15 -66.75
CA SER J 120 36.85 10.49 -68.04
C SER J 120 38.11 9.66 -68.31
N ALA J 121 39.14 9.89 -67.49
CA ALA J 121 40.46 9.28 -67.61
C ALA J 121 40.44 7.77 -67.54
N LYS J 122 41.45 7.15 -68.14
CA LYS J 122 41.54 5.69 -68.18
C LYS J 122 42.28 5.19 -66.94
N THR J 123 42.09 3.92 -66.61
CA THR J 123 42.76 3.33 -65.47
C THR J 123 44.20 3.03 -65.82
N THR J 124 45.13 3.49 -64.99
CA THR J 124 46.54 3.35 -65.32
C THR J 124 47.39 2.75 -64.18
N PRO J 125 48.02 1.58 -64.43
CA PRO J 125 48.90 0.96 -63.44
C PRO J 125 50.15 1.81 -63.21
N PRO J 126 50.74 1.75 -62.01
CA PRO J 126 51.85 2.64 -61.64
C PRO J 126 53.18 2.16 -62.19
N SER J 127 54.26 2.70 -61.66
CA SER J 127 55.60 2.23 -61.98
C SER J 127 56.41 2.45 -60.72
N VAL J 128 57.10 1.42 -60.23
CA VAL J 128 57.78 1.56 -58.95
C VAL J 128 59.27 1.58 -59.07
N TYR J 129 59.89 2.57 -58.44
CA TYR J 129 61.33 2.71 -58.51
C TYR J 129 62.03 2.79 -57.13
N PRO J 130 62.98 1.87 -56.86
CA PRO J 130 63.70 1.90 -55.58
C PRO J 130 64.60 3.10 -55.43
N LEU J 131 64.84 3.56 -54.19
CA LEU J 131 65.67 4.74 -53.90
C LEU J 131 66.83 4.42 -52.97
N ALA J 132 67.96 4.01 -53.56
CA ALA J 132 69.20 3.74 -52.85
C ALA J 132 69.99 5.03 -52.78
N PRO J 133 70.62 5.31 -51.63
CA PRO J 133 71.34 6.56 -51.35
C PRO J 133 72.54 6.79 -52.30
N GLY J 134 73.15 7.97 -52.28
CA GLY J 134 74.29 8.24 -53.15
C GLY J 134 75.48 7.33 -52.83
N SER J 135 76.26 6.98 -53.86
CA SER J 135 77.36 6.02 -53.72
C SER J 135 78.42 6.50 -52.72
N ALA J 136 78.51 7.80 -52.54
CA ALA J 136 79.53 8.37 -51.67
C ALA J 136 78.96 9.43 -50.75
N ALA J 137 78.03 9.01 -49.90
CA ALA J 137 77.41 9.84 -48.90
C ALA J 137 76.62 8.93 -47.99
N GLN J 138 76.71 9.11 -46.68
CA GLN J 138 75.96 8.27 -45.76
C GLN J 138 75.45 9.13 -44.58
N THR J 139 74.12 9.12 -44.34
CA THR J 139 73.47 9.80 -43.18
C THR J 139 73.88 8.97 -41.91
N ASN J 140 74.48 9.63 -40.91
CA ASN J 140 75.31 9.01 -39.84
C ASN J 140 74.86 7.70 -39.12
N SER J 141 74.03 7.83 -38.09
CA SER J 141 73.57 6.69 -37.28
C SER J 141 72.47 5.91 -38.01
N MET J 142 71.68 6.63 -38.82
CA MET J 142 70.53 6.05 -39.54
C MET J 142 70.48 6.31 -41.03
N VAL J 143 70.20 5.27 -41.80
CA VAL J 143 70.13 5.35 -43.25
C VAL J 143 68.69 5.49 -43.73
N THR J 144 68.37 6.54 -44.50
CA THR J 144 67.01 6.68 -45.02
C THR J 144 66.89 5.98 -46.39
N LEU J 145 65.89 5.11 -46.55
CA LEU J 145 65.67 4.42 -47.83
C LEU J 145 64.32 4.79 -48.39
N GLY J 146 64.10 4.52 -49.68
CA GLY J 146 62.88 4.96 -50.33
C GLY J 146 62.21 4.09 -51.39
N CYS J 147 61.05 4.56 -51.83
CA CYS J 147 60.30 3.87 -52.85
C CYS J 147 59.48 4.92 -53.57
N LEU J 148 59.48 4.87 -54.90
CA LEU J 148 58.82 5.91 -55.70
C LEU J 148 57.71 5.33 -56.56
N VAL J 149 56.48 5.79 -56.37
CA VAL J 149 55.36 5.36 -57.23
C VAL J 149 54.88 6.48 -58.14
N LYS J 150 55.03 6.28 -59.46
CA LYS J 150 54.78 7.35 -60.43
C LYS J 150 53.86 6.92 -61.57
N GLY J 151 52.99 7.83 -61.97
CA GLY J 151 52.13 7.66 -63.13
C GLY J 151 51.04 6.60 -63.04
N TYR J 152 50.07 6.86 -62.18
CA TYR J 152 48.95 5.95 -62.01
C TYR J 152 47.65 6.69 -61.74
N PHE J 153 46.55 6.02 -62.04
CA PHE J 153 45.21 6.57 -61.90
C PHE J 153 44.21 5.42 -61.89
N PRO J 154 43.22 5.47 -60.97
CA PRO J 154 43.03 6.56 -60.03
C PRO J 154 43.51 6.16 -58.66
N GLU J 155 43.40 7.06 -57.70
CA GLU J 155 43.71 6.77 -56.32
C GLU J 155 42.89 5.57 -55.87
N PRO J 156 43.37 4.81 -54.88
CA PRO J 156 44.62 5.03 -54.17
C PRO J 156 45.60 3.90 -54.34
N VAL J 157 46.72 4.01 -53.63
CA VAL J 157 47.68 2.90 -53.56
C VAL J 157 48.18 2.71 -52.14
N THR J 158 48.60 1.48 -51.84
CA THR J 158 49.05 1.11 -50.51
C THR J 158 50.51 0.76 -50.57
N VAL J 159 51.29 1.36 -49.69
CA VAL J 159 52.72 1.13 -49.65
C VAL J 159 53.12 0.47 -48.33
N THR J 160 53.80 -0.66 -48.41
CA THR J 160 54.26 -1.35 -47.21
C THR J 160 55.75 -1.66 -47.27
N TRP J 161 56.35 -1.86 -46.11
CA TRP J 161 57.76 -2.20 -46.06
C TRP J 161 58.03 -3.55 -45.37
N ASN J 162 58.65 -4.48 -46.12
CA ASN J 162 58.83 -5.86 -45.70
C ASN J 162 57.49 -6.53 -45.42
N SER J 163 56.60 -6.42 -46.40
CA SER J 163 55.26 -7.00 -46.34
C SER J 163 54.44 -6.50 -45.15
N GLY J 164 54.97 -5.50 -44.46
CA GLY J 164 54.28 -4.84 -43.36
C GLY J 164 54.97 -4.92 -42.02
N SER J 165 55.96 -5.80 -41.90
CA SER J 165 56.62 -6.03 -40.62
C SER J 165 57.42 -4.82 -40.13
N LEU J 166 57.82 -3.95 -41.07
CA LEU J 166 58.47 -2.69 -40.72
C LEU J 166 57.44 -1.56 -40.75
N SER J 167 57.23 -0.92 -39.62
CA SER J 167 56.13 0.03 -39.48
C SER J 167 56.57 1.20 -38.66
N SER J 168 57.88 1.39 -38.62
CA SER J 168 58.44 2.30 -37.64
C SER J 168 58.79 3.63 -38.24
N GLY J 169 59.97 3.70 -38.85
CA GLY J 169 60.49 4.90 -39.47
C GLY J 169 59.82 5.30 -40.77
N VAL J 170 58.65 4.73 -41.02
CA VAL J 170 58.01 4.84 -42.32
C VAL J 170 57.10 6.07 -42.46
N HIS J 171 57.26 6.77 -43.57
CA HIS J 171 56.39 7.85 -43.97
C HIS J 171 55.92 7.59 -45.37
N THR J 172 54.61 7.52 -45.57
CA THR J 172 54.11 7.49 -46.95
C THR J 172 53.42 8.84 -47.24
N PHE J 173 54.02 9.59 -48.15
CA PHE J 173 53.56 10.93 -48.47
C PHE J 173 52.32 10.90 -49.34
N PRO J 174 51.48 11.95 -49.24
CA PRO J 174 50.31 12.00 -50.11
C PRO J 174 50.64 12.12 -51.61
N ALA J 175 49.82 11.50 -52.45
CA ALA J 175 50.01 11.58 -53.89
C ALA J 175 49.85 13.01 -54.42
N VAL J 176 50.42 13.28 -55.59
CA VAL J 176 50.21 14.57 -56.26
C VAL J 176 49.94 14.37 -57.76
N LEU J 177 49.34 15.40 -58.39
CA LEU J 177 48.99 15.34 -59.81
C LEU J 177 50.07 15.92 -60.73
N GLN J 178 50.61 15.04 -61.57
CA GLN J 178 51.69 15.35 -62.50
C GLN J 178 51.29 14.83 -63.88
N SER J 179 51.07 15.74 -64.81
CA SER J 179 50.58 15.38 -66.13
C SER J 179 49.35 14.49 -66.01
N ASP J 180 48.39 14.91 -65.18
CA ASP J 180 47.13 14.19 -65.02
C ASP J 180 47.30 12.76 -64.52
N LEU J 181 48.40 12.49 -63.84
CA LEU J 181 48.56 11.20 -63.15
C LEU J 181 49.06 11.39 -61.71
N TYR J 182 48.86 10.39 -60.87
CA TYR J 182 49.27 10.53 -59.49
C TYR J 182 50.67 9.98 -59.35
N THR J 183 51.34 10.51 -58.35
CA THR J 183 52.71 10.18 -58.00
C THR J 183 52.97 10.37 -56.52
N LEU J 184 53.50 9.33 -55.89
CA LEU J 184 53.87 9.46 -54.50
C LEU J 184 55.10 8.65 -54.17
N SER J 185 55.60 8.94 -52.98
CA SER J 185 56.83 8.39 -52.48
C SER J 185 56.75 7.97 -51.01
N SER J 186 57.56 6.98 -50.66
CA SER J 186 57.65 6.44 -49.30
C SER J 186 59.10 6.47 -48.75
N SER J 187 59.24 6.59 -47.44
CA SER J 187 60.57 6.69 -46.85
C SER J 187 60.76 5.82 -45.60
N VAL J 188 61.36 4.64 -45.73
CA VAL J 188 61.66 3.81 -44.56
C VAL J 188 63.04 4.20 -43.98
N THR J 189 63.13 4.30 -42.66
CA THR J 189 64.37 4.69 -41.99
C THR J 189 64.81 3.62 -40.99
N VAL J 190 65.90 2.94 -41.31
CA VAL J 190 66.49 1.88 -40.49
C VAL J 190 67.89 2.27 -40.00
N PRO J 191 68.36 1.67 -38.89
CA PRO J 191 69.73 1.91 -38.39
C PRO J 191 70.81 1.56 -39.39
N SER J 192 71.84 2.41 -39.49
CA SER J 192 72.88 2.24 -40.50
C SER J 192 73.46 0.82 -40.58
N SER J 193 73.58 0.12 -39.45
CA SER J 193 74.13 -1.24 -39.46
C SER J 193 73.23 -2.26 -40.17
N THR J 194 71.91 -2.09 -40.06
CA THR J 194 70.96 -3.07 -40.62
C THR J 194 71.08 -3.12 -42.16
N TRP J 195 71.36 -1.99 -42.81
CA TRP J 195 71.44 -2.01 -44.29
C TRP J 195 72.88 -1.80 -44.81
N PRO J 196 73.25 -2.47 -45.92
CA PRO J 196 72.47 -3.34 -46.82
C PRO J 196 72.30 -4.79 -46.38
N SER J 197 72.65 -5.12 -45.14
CA SER J 197 72.54 -6.50 -44.68
C SER J 197 71.07 -6.92 -44.68
N GLU J 198 70.17 -6.03 -44.26
CA GLU J 198 68.77 -6.39 -44.13
C GLU J 198 68.02 -6.25 -45.45
N THR J 199 67.17 -7.25 -45.72
CA THR J 199 66.32 -7.26 -46.90
C THR J 199 65.25 -6.18 -46.74
N VAL J 200 65.40 -5.07 -47.47
CA VAL J 200 64.41 -4.01 -47.46
C VAL J 200 63.62 -4.07 -48.79
N THR J 201 62.38 -4.54 -48.72
CA THR J 201 61.58 -4.67 -49.93
C THR J 201 60.41 -3.69 -49.84
N CYS J 202 60.08 -3.09 -50.98
CA CYS J 202 58.95 -2.18 -51.04
C CYS J 202 57.72 -2.85 -51.67
N ASN J 203 56.64 -2.98 -50.90
CA ASN J 203 55.44 -3.66 -51.41
C ASN J 203 54.31 -2.67 -51.73
N VAL J 204 54.03 -2.49 -53.01
CA VAL J 204 53.03 -1.52 -53.47
C VAL J 204 51.84 -2.22 -54.12
N ALA J 205 50.64 -1.73 -53.84
CA ALA J 205 49.42 -2.33 -54.40
C ALA J 205 48.49 -1.27 -54.96
N HIS J 206 47.98 -1.54 -56.16
CA HIS J 206 47.02 -0.68 -56.85
C HIS J 206 45.84 -1.54 -57.30
N PRO J 207 44.75 -1.48 -56.55
CA PRO J 207 43.59 -2.34 -56.75
C PRO J 207 42.95 -2.09 -58.09
N ALA J 208 42.82 -0.82 -58.43
CA ALA J 208 42.08 -0.38 -59.60
C ALA J 208 42.57 -1.02 -60.90
N SER J 209 43.80 -1.51 -60.89
CA SER J 209 44.39 -2.15 -62.07
C SER J 209 44.76 -3.63 -61.82
N SER J 210 44.41 -4.13 -60.63
CA SER J 210 44.78 -5.48 -60.17
C SER J 210 46.29 -5.68 -60.24
N THR J 211 47.03 -4.73 -59.69
CA THR J 211 48.48 -4.73 -59.75
C THR J 211 49.08 -4.81 -58.35
N LYS J 212 50.05 -5.70 -58.15
CA LYS J 212 50.78 -5.78 -56.90
C LYS J 212 52.23 -5.95 -57.26
N VAL J 213 53.09 -5.04 -56.81
CA VAL J 213 54.49 -5.04 -57.22
C VAL J 213 55.43 -5.04 -56.00
N ASP J 214 56.58 -5.71 -56.12
CA ASP J 214 57.60 -5.61 -55.08
C ASP J 214 58.95 -5.12 -55.66
N LYS J 215 59.63 -4.21 -54.94
CA LYS J 215 60.96 -3.68 -55.31
C LYS J 215 61.92 -3.72 -54.13
N LYS J 216 63.07 -4.33 -54.33
CA LYS J 216 64.07 -4.47 -53.29
C LYS J 216 65.14 -3.39 -53.44
N ILE J 217 65.44 -2.70 -52.35
CA ILE J 217 66.43 -1.62 -52.38
C ILE J 217 67.88 -2.18 -52.40
N VAL J 218 68.47 -2.19 -53.61
CA VAL J 218 69.86 -2.61 -53.85
C VAL J 218 70.76 -1.37 -53.79
N PRO J 219 71.79 -1.41 -52.92
CA PRO J 219 72.75 -0.30 -52.72
C PRO J 219 73.39 0.17 -54.03
N ARG J 220 73.93 1.38 -54.05
CA ARG J 220 74.42 1.95 -55.29
C ARG J 220 75.65 1.25 -55.91
N ASP J 221 75.37 0.47 -56.96
CA ASP J 221 76.34 -0.32 -57.72
C ASP J 221 77.47 0.57 -58.23
N CYS J 222 78.45 0.80 -57.38
CA CYS J 222 79.61 1.61 -57.74
C CYS J 222 80.79 1.26 -56.84
N GLU K 1 -16.14 -42.58 7.75
CA GLU K 1 -16.46 -41.28 7.15
C GLU K 1 -17.89 -40.86 7.55
N VAL K 2 -18.73 -40.49 6.57
CA VAL K 2 -20.09 -39.99 6.83
C VAL K 2 -21.12 -41.09 6.58
N HIS K 3 -21.96 -41.34 7.57
CA HIS K 3 -22.88 -42.48 7.48
C HIS K 3 -24.28 -42.22 8.07
N LEU K 4 -25.29 -42.67 7.33
CA LEU K 4 -26.70 -42.59 7.74
C LEU K 4 -27.28 -44.00 7.97
N GLN K 5 -27.39 -44.42 9.23
CA GLN K 5 -27.93 -45.74 9.44
C GLN K 5 -29.39 -45.55 9.81
N GLN K 6 -30.27 -46.14 9.02
CA GLN K 6 -31.68 -45.92 9.25
C GLN K 6 -32.44 -47.13 9.72
N SER K 7 -33.70 -46.87 10.06
CA SER K 7 -34.64 -47.84 10.63
C SER K 7 -34.70 -49.14 9.80
N GLY K 8 -35.24 -50.19 10.40
CA GLY K 8 -35.40 -51.49 9.75
C GLY K 8 -36.72 -51.68 9.01
N PRO K 9 -36.73 -52.61 8.02
CA PRO K 9 -37.92 -52.88 7.21
C PRO K 9 -39.19 -53.10 8.01
N GLU K 10 -40.30 -52.52 7.55
CA GLU K 10 -41.54 -52.55 8.32
C GLU K 10 -42.76 -52.98 7.51
N LEU K 11 -43.77 -53.47 8.23
CA LEU K 11 -45.04 -53.86 7.61
C LEU K 11 -46.18 -53.14 8.30
N VAL K 12 -47.06 -52.53 7.51
CA VAL K 12 -48.18 -51.81 8.08
C VAL K 12 -49.48 -52.10 7.44
N LYS K 13 -50.47 -52.27 8.30
CA LYS K 13 -51.82 -52.44 7.84
C LYS K 13 -52.25 -51.22 7.05
N PRO K 14 -53.04 -51.43 6.01
CA PRO K 14 -53.55 -50.32 5.22
C PRO K 14 -54.32 -49.36 6.12
N GLY K 15 -54.00 -48.08 6.10
CA GLY K 15 -54.72 -47.14 6.92
C GLY K 15 -53.97 -46.69 8.16
N ALA K 16 -52.97 -47.47 8.53
CA ALA K 16 -52.16 -47.16 9.69
C ALA K 16 -51.05 -46.18 9.33
N SER K 17 -50.04 -46.12 10.19
CA SER K 17 -48.97 -45.15 10.04
C SER K 17 -47.61 -45.73 10.38
N VAL K 18 -46.56 -45.28 9.70
CA VAL K 18 -45.20 -45.76 9.98
C VAL K 18 -44.37 -44.61 10.46
N LYS K 19 -43.26 -44.92 11.12
CA LYS K 19 -42.37 -43.86 11.55
C LYS K 19 -40.96 -44.39 11.48
N MET K 20 -40.35 -44.28 10.31
CA MET K 20 -38.97 -44.72 10.17
C MET K 20 -38.01 -43.60 10.53
N SER K 21 -36.89 -43.98 11.14
CA SER K 21 -35.91 -43.06 11.66
C SER K 21 -34.56 -43.21 10.96
N CYS K 22 -33.78 -42.15 10.95
CA CYS K 22 -32.45 -42.16 10.35
C CYS K 22 -31.42 -41.51 11.27
N LYS K 23 -30.44 -42.29 11.71
CA LYS K 23 -29.41 -41.80 12.62
C LYS K 23 -28.14 -41.37 11.89
N THR K 24 -27.80 -40.11 12.11
CA THR K 24 -26.68 -39.50 11.43
C THR K 24 -25.36 -39.76 12.19
N SER K 25 -24.26 -39.73 11.44
CA SER K 25 -22.93 -40.00 11.99
C SER K 25 -21.80 -39.59 11.02
N GLY K 26 -20.75 -39.01 11.58
CA GLY K 26 -19.55 -38.68 10.82
C GLY K 26 -19.34 -37.20 10.54
N TYR K 27 -20.37 -36.41 10.82
CA TYR K 27 -20.31 -34.95 10.67
C TYR K 27 -21.19 -34.30 11.75
N THR K 28 -21.30 -32.97 11.71
CA THR K 28 -22.15 -32.23 12.64
C THR K 28 -23.55 -32.12 12.13
N PHE K 29 -24.46 -32.86 12.76
CA PHE K 29 -25.87 -32.87 12.38
C PHE K 29 -26.48 -31.54 11.87
N THR K 30 -26.20 -30.43 12.57
CA THR K 30 -26.85 -29.12 12.31
C THR K 30 -26.18 -28.25 11.26
N GLU K 31 -25.29 -28.84 10.48
CA GLU K 31 -24.57 -28.08 9.45
C GLU K 31 -25.10 -28.45 8.08
N TYR K 32 -25.92 -29.49 8.04
CA TYR K 32 -26.49 -29.90 6.77
C TYR K 32 -27.97 -30.24 6.96
N THR K 33 -28.73 -30.01 5.90
CA THR K 33 -30.14 -30.30 5.85
C THR K 33 -30.34 -31.78 5.48
N ILE K 34 -31.28 -32.46 6.14
CA ILE K 34 -31.49 -33.88 5.84
C ILE K 34 -32.81 -34.12 5.03
N HIS K 35 -32.77 -35.05 4.07
CA HIS K 35 -33.91 -35.25 3.15
C HIS K 35 -34.33 -36.72 3.02
N TRP K 36 -35.48 -36.92 2.39
CA TRP K 36 -36.03 -38.26 2.20
C TRP K 36 -36.44 -38.52 0.77
N MET K 37 -36.14 -39.70 0.27
CA MET K 37 -36.50 -40.08 -1.07
C MET K 37 -37.30 -41.36 -1.00
N LYS K 38 -38.32 -41.44 -1.83
CA LYS K 38 -39.13 -42.64 -1.99
C LYS K 38 -38.90 -43.22 -3.35
N GLN K 39 -38.65 -44.52 -3.40
CA GLN K 39 -38.47 -45.17 -4.68
C GLN K 39 -39.51 -46.28 -4.90
N SER K 40 -40.49 -46.03 -5.80
CA SER K 40 -41.42 -47.08 -6.22
C SER K 40 -40.69 -48.24 -6.87
N HIS K 41 -40.84 -49.43 -6.28
CA HIS K 41 -40.01 -50.62 -6.58
C HIS K 41 -39.56 -50.74 -8.04
N GLY K 42 -38.25 -50.53 -8.24
CA GLY K 42 -37.60 -50.59 -9.53
C GLY K 42 -38.28 -49.71 -10.57
N LYS K 43 -38.32 -48.40 -10.33
CA LYS K 43 -38.98 -47.48 -11.25
C LYS K 43 -38.26 -46.13 -11.22
N SER K 44 -38.79 -45.20 -10.44
CA SER K 44 -38.28 -43.85 -10.40
C SER K 44 -38.33 -43.26 -9.01
N LEU K 45 -37.34 -42.40 -8.77
CA LEU K 45 -37.14 -41.70 -7.52
C LEU K 45 -37.98 -40.44 -7.38
N GLU K 46 -38.67 -40.35 -6.25
CA GLU K 46 -39.51 -39.22 -5.93
C GLU K 46 -38.94 -38.51 -4.70
N TRP K 47 -38.94 -37.19 -4.72
CA TRP K 47 -38.51 -36.43 -3.55
C TRP K 47 -39.65 -36.21 -2.59
N ILE K 48 -39.47 -36.48 -1.30
CA ILE K 48 -40.53 -36.21 -0.35
C ILE K 48 -40.30 -34.86 0.31
N GLY K 49 -39.26 -34.74 1.11
CA GLY K 49 -39.03 -33.48 1.78
C GLY K 49 -37.64 -33.31 2.37
N GLY K 50 -37.41 -32.21 3.07
CA GLY K 50 -36.13 -32.03 3.71
C GLY K 50 -36.32 -31.33 5.03
N ILE K 51 -35.41 -31.56 5.95
CA ILE K 51 -35.49 -30.87 7.22
C ILE K 51 -34.11 -30.48 7.70
N PHE K 52 -34.03 -29.25 8.19
CA PHE K 52 -32.81 -28.73 8.76
C PHE K 52 -32.97 -28.79 10.27
N PRO K 53 -32.13 -29.63 10.90
CA PRO K 53 -32.10 -29.98 12.32
C PRO K 53 -32.06 -28.76 13.24
N ASN K 54 -31.01 -27.97 13.03
CA ASN K 54 -30.66 -26.81 13.84
C ASN K 54 -31.85 -25.88 14.23
N ASN K 55 -32.91 -25.85 13.43
CA ASN K 55 -34.10 -25.08 13.82
C ASN K 55 -35.43 -25.79 13.54
N GLY K 56 -35.33 -26.92 12.86
CA GLY K 56 -36.48 -27.77 12.55
C GLY K 56 -37.40 -27.26 11.45
N ASP K 57 -36.80 -26.69 10.43
CA ASP K 57 -37.58 -26.16 9.32
C ASP K 57 -37.85 -27.24 8.28
N THR K 58 -39.10 -27.30 7.83
CA THR K 58 -39.50 -28.35 6.93
C THR K 58 -39.73 -27.82 5.53
N THR K 59 -39.43 -28.65 4.54
CA THR K 59 -39.63 -28.30 3.13
C THR K 59 -40.14 -29.52 2.37
N TYR K 60 -41.41 -29.50 1.97
CA TYR K 60 -42.06 -30.68 1.40
C TYR K 60 -42.26 -30.61 -0.13
N ASN K 61 -42.50 -31.79 -0.70
CA ASN K 61 -43.05 -31.93 -2.04
C ASN K 61 -44.57 -31.84 -1.96
N GLN K 62 -45.21 -31.30 -3.00
CA GLN K 62 -46.67 -31.17 -3.02
C GLN K 62 -47.36 -32.50 -2.66
N LYS K 63 -46.97 -33.59 -3.33
CA LYS K 63 -47.59 -34.93 -3.21
C LYS K 63 -47.70 -35.45 -1.79
N PHE K 64 -46.73 -35.11 -0.95
CA PHE K 64 -46.64 -35.82 0.30
C PHE K 64 -47.02 -34.94 1.46
N LYS K 65 -47.18 -33.64 1.21
CA LYS K 65 -47.40 -32.68 2.28
C LYS K 65 -48.38 -33.18 3.36
N VAL K 66 -49.46 -33.81 2.95
CA VAL K 66 -50.48 -34.22 3.92
C VAL K 66 -50.06 -35.48 4.70
N ARG K 67 -49.64 -36.49 3.93
CA ARG K 67 -49.32 -37.82 4.46
C ARG K 67 -47.93 -37.94 5.11
N ALA K 68 -47.07 -36.95 4.94
CA ALA K 68 -45.73 -37.05 5.50
C ALA K 68 -45.51 -35.97 6.55
N THR K 69 -44.55 -36.21 7.43
CA THR K 69 -44.26 -35.32 8.55
C THR K 69 -42.83 -35.48 9.02
N LEU K 70 -41.95 -34.60 8.56
CA LEU K 70 -40.57 -34.67 9.00
C LEU K 70 -40.34 -34.04 10.38
N THR K 71 -39.65 -34.78 11.23
CA THR K 71 -39.33 -34.29 12.56
C THR K 71 -37.89 -34.67 12.86
N VAL K 72 -37.28 -34.00 13.83
CA VAL K 72 -35.88 -34.26 14.21
C VAL K 72 -35.76 -34.23 15.72
N GLY K 73 -35.00 -35.15 16.28
CA GLY K 73 -34.67 -35.16 17.70
C GLY K 73 -33.22 -34.69 17.82
N ARG K 74 -33.01 -33.40 18.09
CA ARG K 74 -31.67 -32.81 18.13
C ARG K 74 -30.79 -33.48 19.18
N SER K 75 -31.45 -33.79 20.31
CA SER K 75 -30.83 -34.47 21.44
C SER K 75 -30.22 -35.82 21.05
N SER K 76 -30.91 -36.56 20.17
CA SER K 76 -30.47 -37.89 19.75
C SER K 76 -29.59 -37.92 18.49
N SER K 77 -29.48 -36.80 17.77
CA SER K 77 -28.75 -36.75 16.48
C SER K 77 -29.33 -37.68 15.39
N THR K 78 -30.65 -37.70 15.33
CA THR K 78 -31.44 -38.60 14.50
C THR K 78 -32.57 -37.82 13.80
N ALA K 79 -32.79 -38.12 12.53
CA ALA K 79 -33.87 -37.48 11.77
C ALA K 79 -35.00 -38.46 11.57
N TYR K 80 -36.23 -37.99 11.62
CA TYR K 80 -37.37 -38.89 11.51
C TYR K 80 -38.29 -38.52 10.34
N MET K 81 -39.02 -39.52 9.86
CA MET K 81 -40.13 -39.34 8.93
C MET K 81 -41.34 -40.04 9.52
N ASP K 82 -42.54 -39.60 9.17
CA ASP K 82 -43.74 -40.26 9.62
C ASP K 82 -44.73 -40.31 8.44
N LEU K 83 -45.22 -41.49 8.09
CA LEU K 83 -46.18 -41.60 6.99
C LEU K 83 -47.59 -41.91 7.49
N ARG K 84 -48.55 -41.08 7.13
CA ARG K 84 -49.89 -41.16 7.70
C ARG K 84 -50.89 -41.84 6.75
N SER K 85 -51.77 -42.69 7.27
CA SER K 85 -52.80 -43.37 6.48
C SER K 85 -52.28 -43.95 5.17
N LEU K 86 -51.58 -45.07 5.20
CA LEU K 86 -50.93 -45.56 3.99
C LEU K 86 -51.86 -46.35 3.07
N THR K 87 -51.42 -46.57 1.85
CA THR K 87 -52.10 -47.48 0.92
C THR K 87 -51.05 -48.27 0.16
N SER K 88 -51.48 -49.09 -0.79
CA SER K 88 -50.53 -49.89 -1.55
C SER K 88 -49.57 -48.97 -2.26
N GLU K 89 -50.05 -47.78 -2.58
CA GLU K 89 -49.25 -46.77 -3.27
C GLU K 89 -47.93 -46.55 -2.55
N ASP K 90 -48.00 -46.43 -1.22
CA ASP K 90 -46.85 -46.08 -0.37
C ASP K 90 -45.90 -47.24 -0.12
N SER K 91 -46.27 -48.42 -0.59
CA SER K 91 -45.43 -49.58 -0.47
C SER K 91 -44.20 -49.34 -1.34
N ALA K 92 -43.08 -49.00 -0.73
CA ALA K 92 -41.86 -48.74 -1.46
C ALA K 92 -40.64 -48.65 -0.56
N VAL K 93 -39.52 -48.24 -1.13
CA VAL K 93 -38.29 -48.08 -0.35
C VAL K 93 -38.11 -46.63 -0.04
N TYR K 94 -37.60 -46.34 1.14
CA TYR K 94 -37.42 -44.95 1.50
C TYR K 94 -35.96 -44.71 1.86
N TYR K 95 -35.34 -43.73 1.23
CA TYR K 95 -33.95 -43.42 1.54
C TYR K 95 -33.86 -42.15 2.34
N CYS K 96 -33.21 -42.21 3.48
CA CYS K 96 -32.86 -41.02 4.22
C CYS K 96 -31.52 -40.50 3.74
N VAL K 97 -31.51 -39.29 3.18
CA VAL K 97 -30.33 -38.75 2.48
C VAL K 97 -29.94 -37.32 2.86
N ARG K 98 -28.63 -37.08 3.02
CA ARG K 98 -28.10 -35.75 3.31
C ARG K 98 -27.81 -34.96 2.03
N ASN K 99 -28.49 -33.82 1.92
CA ASN K 99 -28.33 -32.85 0.85
C ASN K 99 -27.24 -31.86 1.24
N TYR K 100 -26.41 -31.46 0.28
CA TYR K 100 -25.26 -30.62 0.60
C TYR K 100 -25.69 -29.20 1.01
N GLY K 101 -25.73 -28.30 0.05
CA GLY K 101 -25.97 -26.93 0.44
C GLY K 101 -27.28 -26.36 -0.07
N SER K 102 -28.25 -26.27 0.82
CA SER K 102 -29.48 -25.51 0.57
C SER K 102 -30.33 -25.91 -0.63
N SER K 103 -31.21 -25.00 -0.98
CA SER K 103 -32.21 -25.20 -2.00
C SER K 103 -31.61 -25.63 -3.32
N TYR K 104 -30.36 -25.21 -3.57
CA TYR K 104 -29.66 -25.58 -4.80
C TYR K 104 -28.55 -26.55 -4.48
N GLY K 105 -28.91 -27.73 -4.01
CA GLY K 105 -27.92 -28.67 -3.53
C GLY K 105 -27.98 -30.07 -4.09
N TYR K 106 -26.87 -30.77 -3.88
CA TYR K 106 -26.75 -32.15 -4.34
C TYR K 106 -26.81 -33.08 -3.12
N PHE K 107 -27.39 -34.26 -3.34
CA PHE K 107 -27.48 -35.33 -2.35
C PHE K 107 -26.19 -36.15 -2.38
N ASP K 108 -25.30 -35.95 -1.41
CA ASP K 108 -24.01 -36.59 -1.47
C ASP K 108 -23.96 -37.93 -0.70
N VAL K 109 -24.61 -37.98 0.46
CA VAL K 109 -24.60 -39.17 1.33
C VAL K 109 -25.95 -39.85 1.40
N TRP K 110 -26.06 -41.04 0.82
CA TRP K 110 -27.32 -41.77 0.80
C TRP K 110 -27.40 -42.88 1.84
N GLY K 111 -28.55 -42.96 2.53
CA GLY K 111 -28.79 -43.95 3.57
C GLY K 111 -28.99 -45.37 3.05
N ALA K 112 -29.20 -46.31 3.97
CA ALA K 112 -29.33 -47.72 3.61
C ALA K 112 -30.60 -47.98 2.79
N GLY K 113 -31.74 -47.64 3.38
CA GLY K 113 -33.04 -47.81 2.77
C GLY K 113 -33.97 -48.57 3.70
N THR K 114 -34.99 -47.89 4.22
CA THR K 114 -36.03 -48.54 4.99
C THR K 114 -37.12 -48.97 4.03
N THR K 115 -37.35 -50.27 3.91
CA THR K 115 -38.31 -50.71 2.92
C THR K 115 -39.68 -51.06 3.56
N VAL K 116 -40.72 -50.33 3.17
CA VAL K 116 -42.04 -50.47 3.79
C VAL K 116 -43.00 -51.30 2.91
N THR K 117 -43.72 -52.23 3.53
CA THR K 117 -44.67 -53.11 2.83
C THR K 117 -46.06 -52.95 3.43
N VAL K 118 -47.01 -52.55 2.59
CA VAL K 118 -48.35 -52.33 3.12
C VAL K 118 -49.28 -53.46 2.75
N SER K 119 -49.59 -54.32 3.72
CA SER K 119 -50.57 -55.39 3.50
C SER K 119 -51.24 -55.86 4.78
N SER K 120 -52.52 -56.22 4.63
CA SER K 120 -53.30 -56.73 5.75
C SER K 120 -52.88 -58.15 6.14
N ALA K 121 -52.13 -58.80 5.26
CA ALA K 121 -51.69 -60.18 5.47
C ALA K 121 -50.83 -60.27 6.69
N LYS K 122 -50.79 -61.45 7.29
CA LYS K 122 -50.05 -61.68 8.53
C LYS K 122 -48.60 -62.07 8.24
N THR K 123 -47.74 -61.92 9.25
CA THR K 123 -46.34 -62.26 9.09
C THR K 123 -46.21 -63.77 9.12
N THR K 124 -45.48 -64.31 8.15
CA THR K 124 -45.35 -65.76 8.00
C THR K 124 -43.87 -66.15 7.90
N PRO K 125 -43.40 -66.98 8.87
CA PRO K 125 -42.02 -67.48 8.89
C PRO K 125 -41.79 -68.43 7.73
N PRO K 126 -40.58 -68.47 7.18
CA PRO K 126 -40.40 -69.25 5.96
C PRO K 126 -40.30 -70.76 6.24
N SER K 127 -39.82 -71.52 5.25
CA SER K 127 -39.53 -72.95 5.37
C SER K 127 -38.31 -73.12 4.50
N VAL K 128 -37.28 -73.75 5.05
CA VAL K 128 -36.01 -73.87 4.33
C VAL K 128 -35.78 -75.32 3.90
N TYR K 129 -35.48 -75.52 2.62
CA TYR K 129 -35.20 -76.84 2.08
C TYR K 129 -33.87 -76.84 1.34
N PRO K 130 -32.98 -77.77 1.74
CA PRO K 130 -31.65 -77.95 1.14
C PRO K 130 -31.70 -78.54 -0.25
N LEU K 131 -30.71 -78.23 -1.08
CA LEU K 131 -30.70 -78.75 -2.46
C LEU K 131 -29.41 -79.50 -2.81
N ALA K 132 -29.44 -80.82 -2.56
CA ALA K 132 -28.36 -81.76 -2.91
C ALA K 132 -28.58 -82.35 -4.29
N PRO K 133 -27.52 -82.42 -5.12
CA PRO K 133 -27.79 -82.89 -6.49
C PRO K 133 -28.36 -84.32 -6.49
N GLY K 134 -28.98 -84.68 -7.61
CA GLY K 134 -29.64 -85.96 -7.80
C GLY K 134 -28.81 -87.25 -7.77
N SER K 135 -29.47 -88.34 -7.38
CA SER K 135 -28.83 -89.66 -7.32
C SER K 135 -28.38 -90.13 -8.71
N ALA K 136 -29.04 -89.56 -9.75
CA ALA K 136 -28.80 -89.87 -11.18
C ALA K 136 -27.31 -89.68 -11.59
N ALA K 137 -26.83 -88.45 -11.80
CA ALA K 137 -25.40 -88.30 -12.08
C ALA K 137 -24.72 -87.37 -11.05
N GLN K 138 -23.67 -86.70 -11.49
CA GLN K 138 -22.89 -85.78 -10.67
C GLN K 138 -22.46 -84.60 -11.53
N THR K 139 -22.67 -83.38 -11.03
CA THR K 139 -22.25 -82.17 -11.75
C THR K 139 -20.69 -82.24 -11.71
N ASN K 140 -20.06 -82.20 -12.89
CA ASN K 140 -18.69 -82.73 -13.05
C ASN K 140 -17.53 -81.86 -12.51
N SER K 141 -17.15 -80.80 -13.23
CA SER K 141 -15.96 -80.00 -12.86
C SER K 141 -16.16 -79.14 -11.58
N MET K 142 -17.39 -78.65 -11.36
CA MET K 142 -17.79 -77.86 -10.19
C MET K 142 -19.14 -78.35 -9.67
N VAL K 143 -19.31 -78.56 -8.37
CA VAL K 143 -20.61 -79.04 -7.86
C VAL K 143 -21.50 -77.90 -7.32
N THR K 144 -22.68 -77.73 -7.92
CA THR K 144 -23.60 -76.67 -7.49
C THR K 144 -24.59 -77.16 -6.43
N LEU K 145 -24.67 -76.46 -5.31
CA LEU K 145 -25.63 -76.81 -4.24
C LEU K 145 -26.59 -75.68 -3.99
N GLY K 146 -27.71 -75.99 -3.38
CA GLY K 146 -28.71 -74.95 -3.24
C GLY K 146 -29.52 -74.91 -1.97
N CYS K 147 -30.34 -73.88 -1.89
CA CYS K 147 -31.21 -73.69 -0.76
C CYS K 147 -32.48 -73.02 -1.23
N LEU K 148 -33.61 -73.55 -0.73
CA LEU K 148 -34.93 -73.07 -1.16
C LEU K 148 -35.74 -72.52 0.03
N VAL K 149 -36.10 -71.23 -0.05
CA VAL K 149 -36.92 -70.60 0.98
C VAL K 149 -38.29 -70.34 0.42
N LYS K 150 -39.28 -70.99 1.01
CA LYS K 150 -40.61 -70.93 0.43
C LYS K 150 -41.70 -70.55 1.46
N GLY K 151 -42.63 -69.71 1.02
CA GLY K 151 -43.82 -69.37 1.76
C GLY K 151 -43.55 -68.52 2.98
N TYR K 152 -43.15 -67.27 2.75
CA TYR K 152 -42.90 -66.35 3.85
C TYR K 152 -43.36 -64.94 3.54
N PHE K 153 -43.62 -64.17 4.59
CA PHE K 153 -44.10 -62.80 4.44
C PHE K 153 -43.86 -62.00 5.71
N PRO K 154 -43.38 -60.77 5.55
CA PRO K 154 -43.07 -60.15 4.25
C PRO K 154 -41.60 -60.08 3.99
N GLU K 155 -41.25 -59.50 2.84
CA GLU K 155 -39.86 -59.24 2.50
C GLU K 155 -39.20 -58.46 3.63
N PRO K 156 -37.87 -58.62 3.80
CA PRO K 156 -37.03 -59.54 3.02
C PRO K 156 -36.44 -60.67 3.85
N VAL K 157 -35.56 -61.44 3.22
CA VAL K 157 -34.79 -62.47 3.92
C VAL K 157 -33.34 -62.50 3.48
N THR K 158 -32.46 -62.99 4.37
CA THR K 158 -31.03 -63.06 4.12
C THR K 158 -30.49 -64.49 4.04
N VAL K 159 -29.74 -64.71 2.97
CA VAL K 159 -29.12 -66.00 2.72
C VAL K 159 -27.61 -65.91 2.62
N THR K 160 -26.96 -66.69 3.47
CA THR K 160 -25.51 -66.81 3.49
C THR K 160 -25.08 -68.28 3.53
N TRP K 161 -23.88 -68.51 3.03
CA TRP K 161 -23.35 -69.86 2.97
C TRP K 161 -22.11 -69.99 3.84
N ASN K 162 -22.21 -70.91 4.80
CA ASN K 162 -21.17 -71.12 5.82
C ASN K 162 -20.89 -69.81 6.59
N SER K 163 -21.97 -69.20 7.08
CA SER K 163 -21.93 -67.95 7.84
C SER K 163 -21.30 -66.80 7.06
N GLY K 164 -21.08 -66.98 5.76
CA GLY K 164 -20.61 -65.88 4.93
C GLY K 164 -19.29 -66.15 4.27
N SER K 165 -18.59 -67.18 4.74
CA SER K 165 -17.25 -67.46 4.24
C SER K 165 -17.28 -67.84 2.75
N LEU K 166 -18.42 -68.30 2.27
CA LEU K 166 -18.58 -68.60 0.86
C LEU K 166 -19.19 -67.40 0.16
N SER K 167 -18.47 -66.91 -0.83
CA SER K 167 -18.72 -65.59 -1.37
C SER K 167 -18.67 -65.47 -2.89
N SER K 168 -17.71 -66.14 -3.54
CA SER K 168 -17.42 -65.79 -4.94
C SER K 168 -18.12 -66.63 -6.01
N GLY K 169 -19.08 -67.46 -5.61
CA GLY K 169 -19.83 -68.30 -6.54
C GLY K 169 -21.31 -68.46 -6.23
N VAL K 170 -21.82 -67.61 -5.33
CA VAL K 170 -23.21 -67.68 -4.87
C VAL K 170 -24.10 -66.69 -5.64
N HIS K 171 -25.30 -67.14 -6.01
CA HIS K 171 -26.32 -66.29 -6.59
C HIS K 171 -27.58 -66.43 -5.75
N THR K 172 -28.06 -65.32 -5.22
CA THR K 172 -29.35 -65.34 -4.55
C THR K 172 -30.33 -64.60 -5.43
N PHE K 173 -31.29 -65.35 -5.92
CA PHE K 173 -32.27 -64.83 -6.83
C PHE K 173 -33.30 -63.99 -6.10
N PRO K 174 -33.89 -63.04 -6.83
CA PRO K 174 -34.98 -62.22 -6.30
C PRO K 174 -36.20 -63.07 -5.95
N ALA K 175 -36.87 -62.71 -4.86
CA ALA K 175 -38.05 -63.44 -4.43
C ALA K 175 -39.15 -63.33 -5.48
N VAL K 176 -40.10 -64.27 -5.46
CA VAL K 176 -41.24 -64.15 -6.35
C VAL K 176 -42.50 -64.40 -5.54
N LEU K 177 -43.63 -63.92 -6.04
CA LEU K 177 -44.89 -64.08 -5.34
C LEU K 177 -45.64 -65.32 -5.79
N GLN K 178 -45.91 -66.23 -4.87
CA GLN K 178 -46.62 -67.47 -5.20
C GLN K 178 -47.71 -67.69 -4.19
N SER K 179 -48.97 -67.65 -4.59
CA SER K 179 -50.08 -67.79 -3.64
C SER K 179 -49.94 -66.84 -2.46
N ASP K 180 -49.66 -65.58 -2.78
CA ASP K 180 -49.57 -64.51 -1.80
C ASP K 180 -48.48 -64.71 -0.75
N LEU K 181 -47.49 -65.53 -1.05
CA LEU K 181 -46.33 -65.62 -0.19
C LEU K 181 -45.10 -65.57 -1.07
N TYR K 182 -43.96 -65.24 -0.47
CA TYR K 182 -42.74 -65.09 -1.23
C TYR K 182 -41.96 -66.39 -1.28
N THR K 183 -41.10 -66.53 -2.29
CA THR K 183 -40.26 -67.71 -2.46
C THR K 183 -38.97 -67.39 -3.22
N LEU K 184 -37.83 -67.75 -2.65
CA LEU K 184 -36.56 -67.55 -3.37
C LEU K 184 -35.57 -68.67 -3.07
N SER K 185 -34.57 -68.75 -3.93
CA SER K 185 -33.59 -69.82 -3.85
C SER K 185 -32.17 -69.32 -4.06
N SER K 186 -31.20 -70.03 -3.48
CA SER K 186 -29.78 -69.66 -3.61
C SER K 186 -28.94 -70.80 -4.15
N SER K 187 -27.92 -70.44 -4.94
CA SER K 187 -27.09 -71.42 -5.66
C SER K 187 -25.60 -71.17 -5.45
N VAL K 188 -25.01 -71.92 -4.54
CA VAL K 188 -23.59 -71.86 -4.30
C VAL K 188 -22.87 -72.86 -5.22
N THR K 189 -21.79 -72.41 -5.86
CA THR K 189 -21.05 -73.26 -6.80
C THR K 189 -19.57 -73.39 -6.40
N VAL K 190 -19.22 -74.58 -5.90
CA VAL K 190 -17.89 -74.89 -5.37
C VAL K 190 -17.18 -75.91 -6.27
N PRO K 191 -15.84 -76.03 -6.16
CA PRO K 191 -15.13 -77.10 -6.89
C PRO K 191 -15.58 -78.51 -6.44
N SER K 192 -15.75 -79.44 -7.39
CA SER K 192 -16.29 -80.79 -7.10
C SER K 192 -15.63 -81.50 -5.90
N SER K 193 -14.33 -81.26 -5.72
CA SER K 193 -13.53 -81.85 -4.64
C SER K 193 -13.95 -81.41 -3.22
N THR K 194 -14.37 -80.15 -3.10
CA THR K 194 -14.69 -79.56 -1.81
C THR K 194 -15.86 -80.27 -1.12
N TRP K 195 -16.84 -80.70 -1.91
CA TRP K 195 -18.03 -81.36 -1.37
C TRP K 195 -17.99 -82.84 -1.77
N PRO K 196 -18.50 -83.75 -0.90
CA PRO K 196 -19.16 -83.59 0.41
C PRO K 196 -18.20 -83.50 1.58
N SER K 197 -16.91 -83.33 1.29
CA SER K 197 -15.87 -83.24 2.31
C SER K 197 -16.11 -82.02 3.21
N GLU K 198 -16.42 -80.89 2.58
CA GLU K 198 -16.58 -79.62 3.29
C GLU K 198 -18.03 -79.45 3.80
N THR K 199 -18.17 -78.97 5.04
CA THR K 199 -19.48 -78.68 5.62
C THR K 199 -20.12 -77.45 4.93
N VAL K 200 -21.15 -77.69 4.11
CA VAL K 200 -21.89 -76.60 3.47
C VAL K 200 -23.25 -76.42 4.17
N THR K 201 -23.36 -75.34 4.92
CA THR K 201 -24.57 -75.07 5.69
C THR K 201 -25.28 -73.84 5.13
N CYS K 202 -26.60 -73.88 5.14
CA CYS K 202 -27.40 -72.81 4.61
C CYS K 202 -27.84 -71.93 5.77
N ASN K 203 -27.43 -70.66 5.75
CA ASN K 203 -27.82 -69.70 6.80
C ASN K 203 -28.86 -68.70 6.30
N VAL K 204 -30.09 -68.88 6.74
CA VAL K 204 -31.21 -68.02 6.35
C VAL K 204 -31.77 -67.37 7.63
N ALA K 205 -32.13 -66.10 7.50
CA ALA K 205 -32.70 -65.34 8.61
C ALA K 205 -33.90 -64.52 8.14
N HIS K 206 -34.98 -64.55 8.92
CA HIS K 206 -36.16 -63.75 8.62
C HIS K 206 -36.52 -62.93 9.85
N PRO K 207 -36.17 -61.64 9.82
CA PRO K 207 -36.30 -60.78 10.99
C PRO K 207 -37.74 -60.59 11.44
N ALA K 208 -38.62 -60.28 10.49
CA ALA K 208 -40.00 -59.93 10.79
C ALA K 208 -40.73 -61.01 11.60
N SER K 209 -40.17 -62.22 11.63
CA SER K 209 -40.81 -63.29 12.39
C SER K 209 -39.91 -63.80 13.52
N SER K 210 -38.76 -63.14 13.67
CA SER K 210 -37.72 -63.56 14.62
C SER K 210 -37.28 -65.01 14.37
N THR K 211 -37.02 -65.33 13.10
CA THR K 211 -36.64 -66.68 12.67
C THR K 211 -35.25 -66.73 12.03
N LYS K 212 -34.42 -67.62 12.56
CA LYS K 212 -33.08 -67.85 12.03
C LYS K 212 -32.87 -69.35 12.01
N VAL K 213 -32.67 -69.88 10.82
CA VAL K 213 -32.55 -71.32 10.63
C VAL K 213 -31.30 -71.63 9.81
N ASP K 214 -30.67 -72.75 10.14
CA ASP K 214 -29.50 -73.22 9.40
C ASP K 214 -29.80 -74.61 8.84
N LYS K 215 -29.38 -74.86 7.60
CA LYS K 215 -29.55 -76.17 6.95
C LYS K 215 -28.27 -76.62 6.30
N LYS K 216 -27.86 -77.85 6.59
CA LYS K 216 -26.65 -78.40 5.99
C LYS K 216 -27.00 -79.28 4.79
N ILE K 217 -26.26 -79.07 3.70
CA ILE K 217 -26.44 -79.82 2.45
C ILE K 217 -25.82 -81.21 2.57
N VAL K 218 -26.67 -82.19 2.88
CA VAL K 218 -26.30 -83.60 3.00
C VAL K 218 -26.49 -84.31 1.68
N PRO K 219 -25.46 -85.02 1.20
CA PRO K 219 -25.59 -85.75 -0.06
C PRO K 219 -26.84 -86.65 -0.06
N ARG K 220 -27.34 -86.94 -1.25
CA ARG K 220 -28.66 -87.53 -1.41
C ARG K 220 -28.74 -88.95 -0.82
N ASP K 221 -29.43 -89.03 0.32
CA ASP K 221 -29.60 -90.26 1.11
C ASP K 221 -30.42 -91.37 0.40
N CYS K 222 -29.73 -92.17 -0.40
CA CYS K 222 -30.32 -93.32 -1.11
C CYS K 222 -29.81 -94.65 -0.57
N GLU L 1 22.42 11.77 38.80
CA GLU L 1 21.72 12.10 37.57
C GLU L 1 21.47 13.61 37.41
N VAL L 2 20.29 14.08 37.85
CA VAL L 2 19.87 15.46 37.62
C VAL L 2 20.01 16.34 38.83
N HIS L 3 21.20 16.89 39.08
CA HIS L 3 21.43 17.62 40.33
C HIS L 3 21.33 19.15 40.23
N LEU L 4 20.63 19.75 41.18
CA LEU L 4 20.51 21.21 41.26
C LEU L 4 21.26 21.67 42.47
N GLN L 5 22.43 22.24 42.27
CA GLN L 5 23.22 22.65 43.40
C GLN L 5 22.99 24.14 43.66
N GLN L 6 22.48 24.50 44.85
CA GLN L 6 22.21 25.92 45.08
C GLN L 6 23.08 26.55 46.17
N SER L 7 22.95 27.88 46.30
CA SER L 7 23.75 28.70 47.20
C SER L 7 23.73 28.23 48.67
N GLY L 8 24.67 28.71 49.49
CA GLY L 8 24.71 28.38 50.91
C GLY L 8 23.92 29.39 51.75
N PRO L 9 23.41 28.96 52.92
CA PRO L 9 22.55 29.77 53.78
C PRO L 9 23.04 31.21 53.99
N GLU L 10 22.11 32.16 54.02
CA GLU L 10 22.50 33.56 54.12
C GLU L 10 21.76 34.32 55.22
N LEU L 11 22.37 35.42 55.69
CA LEU L 11 21.76 36.31 56.69
C LEU L 11 21.73 37.72 56.14
N VAL L 12 20.57 38.37 56.23
CA VAL L 12 20.47 39.70 55.68
C VAL L 12 19.74 40.68 56.57
N LYS L 13 20.30 41.89 56.66
CA LYS L 13 19.68 42.97 57.40
C LYS L 13 18.32 43.28 56.76
N PRO L 14 17.32 43.59 57.59
CA PRO L 14 15.99 43.99 57.12
C PRO L 14 16.06 45.26 56.27
N GLY L 15 15.48 45.20 55.07
CA GLY L 15 15.50 46.30 54.13
C GLY L 15 16.49 46.10 52.98
N ALA L 16 17.45 45.19 53.20
CA ALA L 16 18.50 44.90 52.22
C ALA L 16 18.04 43.90 51.15
N SER L 17 18.99 43.29 50.45
CA SER L 17 18.65 42.38 49.35
C SER L 17 19.60 41.18 49.29
N VAL L 18 19.08 40.04 48.81
CA VAL L 18 19.88 38.82 48.60
C VAL L 18 19.91 38.37 47.16
N LYS L 19 20.90 37.53 46.83
CA LYS L 19 20.98 36.94 45.52
C LYS L 19 21.46 35.49 45.63
N MET L 20 20.53 34.56 45.79
CA MET L 20 20.90 33.15 45.90
C MET L 20 20.96 32.51 44.51
N SER L 21 21.91 31.59 44.34
CA SER L 21 22.17 30.98 43.05
C SER L 21 21.83 29.50 43.08
N CYS L 22 21.50 28.96 41.89
CA CYS L 22 21.27 27.52 41.70
C CYS L 22 21.96 27.00 40.44
N LYS L 23 22.90 26.08 40.61
CA LYS L 23 23.70 25.54 39.51
C LYS L 23 23.15 24.20 38.99
N THR L 24 22.79 24.17 37.72
CA THR L 24 22.18 22.98 37.13
C THR L 24 23.23 22.00 36.60
N SER L 25 22.90 20.72 36.61
CA SER L 25 23.83 19.66 36.22
C SER L 25 23.11 18.34 35.99
N GLY L 26 23.45 17.64 34.91
CA GLY L 26 22.86 16.34 34.64
C GLY L 26 21.86 16.27 33.49
N TYR L 27 21.48 17.44 33.00
CA TYR L 27 20.61 17.52 31.84
C TYR L 27 20.99 18.78 31.06
N THR L 28 20.31 19.00 29.93
CA THR L 28 20.58 20.19 29.12
C THR L 28 19.77 21.36 29.58
N PHE L 29 20.47 22.32 30.19
CA PHE L 29 19.89 23.52 30.79
C PHE L 29 18.64 24.10 30.09
N THR L 30 18.69 24.22 28.76
CA THR L 30 17.64 24.92 28.00
C THR L 30 16.44 24.10 27.60
N GLU L 31 16.29 22.89 28.15
CA GLU L 31 15.20 22.01 27.77
C GLU L 31 14.09 21.92 28.82
N TYR L 32 14.35 22.47 30.00
CA TYR L 32 13.34 22.46 31.06
C TYR L 32 13.35 23.80 31.79
N THR L 33 12.16 24.18 32.23
CA THR L 33 11.98 25.43 32.94
C THR L 33 12.31 25.27 34.44
N ILE L 34 13.02 26.24 35.02
CA ILE L 34 13.43 26.18 36.42
C ILE L 34 12.58 27.10 37.29
N HIS L 35 12.29 26.65 38.52
CA HIS L 35 11.40 27.40 39.42
C HIS L 35 11.90 27.54 40.86
N TRP L 36 11.26 28.42 41.60
CA TRP L 36 11.65 28.63 42.98
C TRP L 36 10.48 28.51 43.94
N MET L 37 10.74 27.81 45.03
CA MET L 37 9.72 27.58 46.02
C MET L 37 10.16 28.14 47.37
N LYS L 38 9.21 28.81 48.04
CA LYS L 38 9.41 29.35 49.37
C LYS L 38 8.59 28.54 50.33
N GLN L 39 9.24 28.10 51.39
CA GLN L 39 8.57 27.37 52.43
C GLN L 39 8.83 28.07 53.75
N SER L 40 7.79 28.74 54.26
CA SER L 40 7.83 29.31 55.59
C SER L 40 8.09 28.19 56.60
N HIS L 41 9.20 28.29 57.34
CA HIS L 41 9.73 27.18 58.15
C HIS L 41 8.70 26.20 58.74
N GLY L 42 8.73 24.99 58.19
CA GLY L 42 7.86 23.90 58.63
C GLY L 42 6.41 24.29 58.65
N LYS L 43 5.88 24.66 57.48
CA LYS L 43 4.48 25.09 57.39
C LYS L 43 3.90 24.64 56.07
N SER L 44 3.91 25.56 55.13
CA SER L 44 3.30 25.38 53.84
C SER L 44 4.18 26.03 52.79
N LEU L 45 4.11 25.39 51.62
CA LEU L 45 4.85 25.71 50.41
C LEU L 45 4.19 26.79 49.55
N GLU L 46 4.96 27.77 49.13
CA GLU L 46 4.45 28.81 48.25
C GLU L 46 5.22 28.87 46.92
N TRP L 47 4.50 29.05 45.82
CA TRP L 47 5.17 29.21 44.54
C TRP L 47 5.57 30.67 44.33
N ILE L 48 6.83 30.88 43.93
CA ILE L 48 7.34 32.22 43.63
C ILE L 48 7.20 32.47 42.12
N GLY L 49 8.05 31.81 41.35
CA GLY L 49 8.04 31.98 39.91
C GLY L 49 8.84 30.93 39.12
N GLY L 50 8.91 31.13 37.82
CA GLY L 50 9.66 30.23 36.97
C GLY L 50 10.36 30.96 35.83
N ILE L 51 11.43 30.35 35.34
CA ILE L 51 12.17 30.95 34.25
C ILE L 51 12.61 29.85 33.26
N PHE L 52 12.52 30.18 31.98
CA PHE L 52 12.99 29.31 30.92
C PHE L 52 14.32 29.87 30.42
N PRO L 53 15.41 29.09 30.57
CA PRO L 53 16.79 29.46 30.24
C PRO L 53 17.00 29.95 28.80
N ASN L 54 16.67 29.10 27.85
CA ASN L 54 16.86 29.32 26.43
C ASN L 54 16.51 30.72 25.89
N ASN L 55 15.56 31.40 26.51
CA ASN L 55 15.23 32.74 26.04
C ASN L 55 15.02 33.75 27.15
N GLY L 56 15.03 33.27 28.38
CA GLY L 56 14.88 34.11 29.55
C GLY L 56 13.47 34.60 29.84
N ASP L 57 12.50 33.73 29.60
CA ASP L 57 11.11 34.10 29.89
C ASP L 57 10.77 33.77 31.35
N THR L 58 10.15 34.75 32.00
CA THR L 58 9.78 34.65 33.41
C THR L 58 8.27 34.60 33.64
N THR L 59 7.88 33.84 34.67
CA THR L 59 6.49 33.66 35.02
C THR L 59 6.37 33.71 36.56
N TYR L 60 5.74 34.78 37.08
CA TYR L 60 5.69 35.10 38.53
C TYR L 60 4.36 34.83 39.25
N ASN L 61 4.45 34.69 40.56
CA ASN L 61 3.26 34.70 41.42
C ASN L 61 2.86 36.15 41.69
N GLN L 62 1.56 36.41 41.78
CA GLN L 62 1.10 37.77 42.00
C GLN L 62 1.81 38.36 43.21
N LYS L 63 1.82 37.58 44.30
CA LYS L 63 2.42 37.97 45.59
C LYS L 63 3.89 38.36 45.52
N PHE L 64 4.63 37.81 44.59
CA PHE L 64 6.08 37.99 44.64
C PHE L 64 6.55 38.90 43.55
N LYS L 65 5.62 39.28 42.69
CA LYS L 65 5.90 40.05 41.48
C LYS L 65 6.92 41.18 41.71
N VAL L 66 6.74 41.96 42.78
CA VAL L 66 7.58 43.13 43.01
C VAL L 66 8.95 42.77 43.60
N ARG L 67 8.91 41.95 44.64
CA ARG L 67 10.07 41.68 45.47
C ARG L 67 11.07 40.74 44.82
N ALA L 68 10.64 40.06 43.77
CA ALA L 68 11.48 39.01 43.19
C ALA L 68 11.93 39.34 41.76
N THR L 69 13.03 38.70 41.36
CA THR L 69 13.67 38.91 40.06
C THR L 69 14.48 37.67 39.69
N LEU L 70 13.89 36.81 38.87
CA LEU L 70 14.57 35.61 38.39
C LEU L 70 15.46 35.93 37.19
N THR L 71 16.71 35.45 37.25
CA THR L 71 17.68 35.69 36.20
C THR L 71 18.39 34.38 35.90
N VAL L 72 19.03 34.27 34.74
CA VAL L 72 19.70 33.02 34.37
C VAL L 72 21.04 33.35 33.73
N GLY L 73 22.07 32.59 34.08
CA GLY L 73 23.36 32.71 33.42
C GLY L 73 23.54 31.50 32.51
N ARG L 74 23.16 31.62 31.23
CA ARG L 74 23.20 30.51 30.28
C ARG L 74 24.63 30.01 30.13
N SER L 75 25.53 30.98 30.07
CA SER L 75 26.96 30.78 29.93
C SER L 75 27.48 29.90 31.08
N SER L 76 26.95 30.17 32.26
CA SER L 76 27.34 29.48 33.49
C SER L 76 26.47 28.25 33.79
N SER L 77 25.34 28.12 33.09
CA SER L 77 24.34 27.06 33.31
C SER L 77 23.74 27.09 34.75
N THR L 78 23.46 28.30 35.23
CA THR L 78 23.06 28.59 36.61
C THR L 78 21.84 29.51 36.65
N ALA L 79 20.91 29.23 37.56
CA ALA L 79 19.73 30.09 37.74
C ALA L 79 19.81 30.91 39.00
N TYR L 80 19.35 32.15 38.93
CA TYR L 80 19.44 33.06 40.08
C TYR L 80 18.08 33.56 40.48
N MET L 81 17.93 33.86 41.78
CA MET L 81 16.77 34.62 42.27
C MET L 81 17.24 35.81 43.11
N ASP L 82 16.45 36.88 43.08
CA ASP L 82 16.83 38.09 43.78
C ASP L 82 15.63 38.67 44.54
N LEU L 83 15.83 38.80 45.86
CA LEU L 83 14.82 39.30 46.78
C LEU L 83 15.16 40.72 47.26
N ARG L 84 14.22 41.64 47.03
CA ARG L 84 14.45 43.06 47.31
C ARG L 84 13.72 43.50 48.57
N SER L 85 14.39 44.35 49.37
CA SER L 85 13.84 44.92 50.62
C SER L 85 13.09 43.90 51.47
N LEU L 86 13.85 43.09 52.21
CA LEU L 86 13.28 41.98 52.95
C LEU L 86 12.67 42.40 54.28
N THR L 87 11.92 41.47 54.85
CA THR L 87 11.38 41.63 56.18
C THR L 87 11.45 40.29 56.91
N SER L 88 10.89 40.23 58.11
CA SER L 88 10.81 39.00 58.86
C SER L 88 9.98 37.99 58.10
N GLU L 89 9.04 38.49 57.29
CA GLU L 89 8.16 37.67 56.46
C GLU L 89 8.97 36.70 55.62
N ASP L 90 10.00 37.24 54.97
CA ASP L 90 10.77 36.48 53.98
C ASP L 90 11.76 35.53 54.62
N SER L 91 11.87 35.58 55.93
CA SER L 91 12.75 34.63 56.57
C SER L 91 12.13 33.24 56.45
N ALA L 92 12.71 32.44 55.55
CA ALA L 92 12.27 31.07 55.31
C ALA L 92 13.30 30.32 54.49
N VAL L 93 12.90 29.15 53.98
CA VAL L 93 13.76 28.34 53.13
C VAL L 93 13.36 28.52 51.67
N TYR L 94 14.35 28.52 50.78
CA TYR L 94 14.09 28.70 49.37
C TYR L 94 14.64 27.56 48.49
N TYR L 95 13.76 26.97 47.68
CA TYR L 95 14.12 25.87 46.81
C TYR L 95 14.20 26.22 45.30
N CYS L 96 15.32 25.87 44.68
CA CYS L 96 15.48 25.88 43.22
C CYS L 96 15.10 24.51 42.64
N VAL L 97 14.08 24.52 41.81
CA VAL L 97 13.44 23.31 41.36
C VAL L 97 13.17 23.25 39.84
N ARG L 98 13.41 22.09 39.24
CA ARG L 98 13.11 21.88 37.82
C ARG L 98 11.70 21.36 37.60
N ASN L 99 10.91 22.16 36.89
CA ASN L 99 9.57 21.79 36.48
C ASN L 99 9.63 21.09 35.16
N TYR L 100 8.86 20.02 34.98
CA TYR L 100 9.02 19.20 33.77
C TYR L 100 8.54 19.98 32.53
N GLY L 101 7.28 19.85 32.17
CA GLY L 101 6.86 20.46 30.93
C GLY L 101 5.88 21.58 31.12
N SER L 102 6.34 22.82 30.97
CA SER L 102 5.46 24.00 30.83
C SER L 102 4.49 24.33 31.97
N SER L 103 3.47 25.09 31.57
CA SER L 103 2.46 25.60 32.48
C SER L 103 1.79 24.48 33.24
N TYR L 104 1.65 23.34 32.60
CA TYR L 104 0.97 22.21 33.23
C TYR L 104 1.98 21.12 33.54
N GLY L 105 2.90 21.45 34.43
CA GLY L 105 3.99 20.55 34.71
C GLY L 105 4.22 20.24 36.18
N TYR L 106 4.97 19.16 36.37
CA TYR L 106 5.29 18.73 37.71
C TYR L 106 6.78 18.97 38.01
N PHE L 107 7.04 19.31 39.27
CA PHE L 107 8.36 19.53 39.82
C PHE L 107 8.98 18.19 40.20
N ASP L 108 9.89 17.67 39.37
CA ASP L 108 10.47 16.34 39.54
C ASP L 108 11.78 16.32 40.31
N VAL L 109 12.61 17.33 40.07
CA VAL L 109 13.88 17.48 40.76
C VAL L 109 13.90 18.76 41.61
N TRP L 110 13.97 18.59 42.94
CA TRP L 110 14.02 19.68 43.91
C TRP L 110 15.44 19.89 44.40
N GLY L 111 15.85 21.15 44.46
CA GLY L 111 17.19 21.51 44.87
C GLY L 111 17.49 21.27 46.35
N ALA L 112 18.69 21.62 46.78
CA ALA L 112 19.08 21.41 48.17
C ALA L 112 18.24 22.30 49.11
N GLY L 113 18.31 23.61 48.91
CA GLY L 113 17.59 24.59 49.70
C GLY L 113 18.51 25.66 50.23
N THR L 114 18.33 26.91 49.78
CA THR L 114 19.04 28.06 50.37
C THR L 114 18.15 28.65 51.44
N THR L 115 18.59 28.61 52.69
CA THR L 115 17.77 29.08 53.80
C THR L 115 18.23 30.47 54.26
N VAL L 116 17.31 31.44 54.13
CA VAL L 116 17.63 32.83 54.44
C VAL L 116 17.03 33.28 55.78
N THR L 117 17.83 34.04 56.54
CA THR L 117 17.46 34.58 57.86
C THR L 117 17.55 36.12 57.81
N VAL L 118 16.43 36.78 58.09
CA VAL L 118 16.42 38.25 58.05
C VAL L 118 16.45 38.84 59.44
N SER L 119 17.62 39.34 59.86
CA SER L 119 17.73 39.99 61.17
C SER L 119 18.88 40.97 61.27
N SER L 120 18.62 42.04 62.00
CA SER L 120 19.59 43.09 62.28
C SER L 120 20.69 42.60 63.22
N ALA L 121 20.47 41.43 63.80
CA ALA L 121 21.38 40.84 64.76
C ALA L 121 22.76 40.66 64.19
N LYS L 122 23.75 40.64 65.08
CA LYS L 122 25.14 40.44 64.68
C LYS L 122 25.44 38.94 64.76
N THR L 123 26.52 38.55 64.09
CA THR L 123 26.93 37.15 64.09
C THR L 123 27.59 36.81 65.43
N THR L 124 27.21 35.68 66.00
CA THR L 124 27.73 35.27 67.32
C THR L 124 28.28 33.85 67.28
N PRO L 125 29.59 33.70 67.56
CA PRO L 125 30.23 32.39 67.60
C PRO L 125 29.65 31.57 68.73
N PRO L 126 29.63 30.24 68.59
CA PRO L 126 28.96 29.40 69.60
C PRO L 126 29.79 29.16 70.85
N SER L 127 29.39 28.17 71.63
CA SER L 127 30.21 27.72 72.74
C SER L 127 29.93 26.24 72.99
N VAL L 128 31.00 25.45 73.06
CA VAL L 128 30.87 24.00 73.16
C VAL L 128 31.27 23.48 74.54
N TYR L 129 30.36 22.74 75.17
CA TYR L 129 30.64 22.16 76.48
C TYR L 129 30.34 20.65 76.45
N PRO L 130 31.36 19.82 76.70
CA PRO L 130 31.21 18.36 76.69
C PRO L 130 30.33 17.87 77.83
N LEU L 131 29.66 16.73 77.69
CA LEU L 131 28.79 16.21 78.74
C LEU L 131 29.14 14.79 79.17
N ALA L 132 30.00 14.67 80.18
CA ALA L 132 30.31 13.38 80.81
C ALA L 132 29.38 13.14 82.00
N PRO L 133 28.89 11.90 82.16
CA PRO L 133 27.94 11.58 83.24
C PRO L 133 28.58 11.75 84.61
N GLY L 134 27.79 11.90 85.67
CA GLY L 134 28.35 12.02 87.00
C GLY L 134 29.04 10.71 87.41
N SER L 135 30.09 10.80 88.20
CA SER L 135 30.80 9.59 88.64
C SER L 135 29.90 8.74 89.54
N ALA L 136 28.90 9.40 90.13
CA ALA L 136 27.93 8.76 91.03
C ALA L 136 27.18 7.63 90.31
N ALA L 137 26.04 7.90 89.70
CA ALA L 137 25.35 6.86 88.96
C ALA L 137 26.23 6.46 87.77
N GLN L 138 26.06 5.24 87.26
CA GLN L 138 26.82 4.82 86.10
C GLN L 138 25.86 4.03 85.22
N THR L 139 25.67 4.48 83.97
CA THR L 139 24.79 3.80 83.00
C THR L 139 25.52 2.52 82.55
N ASN L 140 24.88 1.37 82.78
CA ASN L 140 25.53 0.06 82.74
C ASN L 140 25.80 -0.53 81.32
N SER L 141 24.78 -1.02 80.62
CA SER L 141 24.98 -1.71 79.33
C SER L 141 25.44 -0.74 78.22
N MET L 142 24.96 0.50 78.26
CA MET L 142 25.32 1.54 77.31
C MET L 142 25.64 2.87 78.02
N VAL L 143 26.74 3.53 77.63
CA VAL L 143 27.10 4.81 78.25
C VAL L 143 26.69 5.98 77.37
N THR L 144 25.84 6.85 77.92
CA THR L 144 25.39 8.01 77.15
C THR L 144 26.33 9.18 77.39
N LEU L 145 26.81 9.78 76.31
CA LEU L 145 27.67 10.96 76.40
C LEU L 145 26.98 12.10 75.66
N GLY L 146 27.42 13.33 75.88
CA GLY L 146 26.77 14.47 75.26
C GLY L 146 27.66 15.63 74.84
N CYS L 147 27.06 16.60 74.16
CA CYS L 147 27.77 17.80 73.73
C CYS L 147 26.76 18.94 73.68
N LEU L 148 27.14 20.10 74.22
CA LEU L 148 26.22 21.23 74.30
C LEU L 148 26.74 22.44 73.54
N VAL L 149 26.00 22.89 72.53
CA VAL L 149 26.35 24.10 71.81
C VAL L 149 25.35 25.19 72.15
N LYS L 150 25.85 26.25 72.79
CA LYS L 150 24.98 27.28 73.34
C LYS L 150 25.41 28.68 72.91
N GLY L 151 24.41 29.50 72.63
CA GLY L 151 24.58 30.91 72.34
C GLY L 151 25.27 31.20 71.02
N TYR L 152 24.59 30.94 69.91
CA TYR L 152 25.15 31.23 68.61
C TYR L 152 24.13 31.74 67.60
N PHE L 153 24.62 32.47 66.61
CA PHE L 153 23.77 33.08 65.59
C PHE L 153 24.59 33.44 64.35
N PRO L 154 24.04 33.14 63.17
CA PRO L 154 22.75 32.49 62.99
C PRO L 154 22.88 31.01 62.67
N GLU L 155 21.74 30.37 62.45
CA GLU L 155 21.70 28.98 62.03
C GLU L 155 22.56 28.81 60.78
N PRO L 156 23.12 27.59 60.59
CA PRO L 156 23.03 26.43 61.47
C PRO L 156 24.39 26.04 61.98
N VAL L 157 24.45 24.90 62.66
CA VAL L 157 25.73 24.30 63.03
C VAL L 157 25.70 22.80 62.78
N THR L 158 26.88 22.23 62.57
CA THR L 158 27.01 20.82 62.27
C THR L 158 27.73 20.12 63.40
N VAL L 159 27.16 19.00 63.83
CA VAL L 159 27.68 18.20 64.93
C VAL L 159 28.09 16.81 64.46
N THR L 160 29.34 16.43 64.70
CA THR L 160 29.80 15.09 64.37
C THR L 160 30.52 14.47 65.57
N TRP L 161 30.57 13.15 65.57
CA TRP L 161 31.26 12.42 66.63
C TRP L 161 32.43 11.60 66.07
N ASN L 162 33.63 11.88 66.55
CA ASN L 162 34.86 11.27 66.05
C ASN L 162 35.03 11.52 64.55
N SER L 163 34.88 12.79 64.16
CA SER L 163 35.00 13.23 62.76
C SER L 163 34.01 12.53 61.81
N GLY L 164 33.05 11.79 62.36
CA GLY L 164 31.99 11.18 61.59
C GLY L 164 31.94 9.66 61.67
N SER L 165 33.02 9.05 62.15
CA SER L 165 33.12 7.58 62.18
C SER L 165 32.08 6.98 63.11
N LEU L 166 31.60 7.80 64.03
CA LEU L 166 30.56 7.39 64.97
C LEU L 166 29.18 7.81 64.46
N SER L 167 28.30 6.84 64.35
CA SER L 167 27.02 7.03 63.68
C SER L 167 25.89 6.42 64.49
N SER L 168 25.04 5.63 63.83
CA SER L 168 23.75 5.16 64.39
C SER L 168 23.65 4.91 65.90
N GLY L 169 23.16 5.94 66.58
CA GLY L 169 22.93 5.97 68.02
C GLY L 169 23.16 7.40 68.47
N VAL L 170 23.35 8.28 67.49
CA VAL L 170 23.60 9.70 67.72
C VAL L 170 22.27 10.41 67.52
N HIS L 171 21.92 11.33 68.40
CA HIS L 171 20.76 12.17 68.17
C HIS L 171 21.19 13.62 68.34
N THR L 172 21.05 14.42 67.30
CA THR L 172 21.33 15.85 67.41
C THR L 172 20.02 16.63 67.36
N PHE L 173 19.67 17.26 68.46
CA PHE L 173 18.39 17.90 68.61
C PHE L 173 18.31 19.24 67.87
N PRO L 174 17.09 19.63 67.47
CA PRO L 174 16.94 20.92 66.81
C PRO L 174 17.28 22.08 67.73
N ALA L 175 17.92 23.11 67.20
CA ALA L 175 18.32 24.27 68.02
C ALA L 175 17.10 24.97 68.58
N VAL L 176 17.26 25.68 69.70
CA VAL L 176 16.16 26.47 70.25
C VAL L 176 16.66 27.88 70.53
N LEU L 177 15.75 28.84 70.56
CA LEU L 177 16.12 30.23 70.78
C LEU L 177 16.07 30.60 72.26
N GLN L 178 17.22 31.02 72.80
CA GLN L 178 17.35 31.39 74.21
C GLN L 178 18.02 32.75 74.34
N SER L 179 17.24 33.74 74.77
CA SER L 179 17.71 35.12 74.83
C SER L 179 18.31 35.56 73.50
N ASP L 180 17.58 35.34 72.40
CA ASP L 180 18.02 35.76 71.06
C ASP L 180 19.32 35.15 70.58
N LEU L 181 19.66 33.98 71.12
CA LEU L 181 20.74 33.16 70.59
C LEU L 181 20.26 31.73 70.50
N TYR L 182 20.94 30.93 69.69
CA TYR L 182 20.54 29.55 69.49
C TYR L 182 21.26 28.62 70.44
N THR L 183 20.64 27.47 70.74
CA THR L 183 21.22 26.48 71.63
C THR L 183 20.72 25.08 71.31
N LEU L 184 21.65 24.15 71.12
CA LEU L 184 21.31 22.76 70.87
C LEU L 184 22.30 21.78 71.49
N SER L 185 21.87 20.52 71.55
CA SER L 185 22.64 19.47 72.19
C SER L 185 22.64 18.19 71.39
N SER L 186 23.68 17.39 71.58
CA SER L 186 23.82 16.09 70.90
C SER L 186 24.04 14.97 71.91
N SER L 187 23.61 13.76 71.56
CA SER L 187 23.75 12.61 72.45
C SER L 187 24.26 11.38 71.73
N VAL L 188 25.55 11.12 71.86
CA VAL L 188 26.12 9.90 71.31
C VAL L 188 25.95 8.78 72.34
N THR L 189 25.56 7.59 71.90
CA THR L 189 25.39 6.48 72.83
C THR L 189 26.24 5.27 72.36
N VAL L 190 27.31 4.99 73.11
CA VAL L 190 28.26 3.92 72.78
C VAL L 190 28.23 2.79 73.84
N PRO L 191 28.68 1.56 73.47
CA PRO L 191 28.75 0.46 74.44
C PRO L 191 29.66 0.79 75.60
N SER L 192 29.26 0.40 76.81
CA SER L 192 29.98 0.74 78.04
C SER L 192 31.48 0.44 78.02
N SER L 193 31.87 -0.65 77.38
CA SER L 193 33.27 -1.08 77.33
C SER L 193 34.15 -0.09 76.57
N THR L 194 33.58 0.52 75.53
CA THR L 194 34.28 1.43 74.64
C THR L 194 34.79 2.71 75.35
N TRP L 195 34.02 3.19 76.32
CA TRP L 195 34.39 4.41 77.06
C TRP L 195 34.72 4.09 78.53
N PRO L 196 35.67 4.81 79.16
CA PRO L 196 36.48 5.95 78.67
C PRO L 196 37.76 5.56 77.92
N SER L 197 37.93 4.28 77.58
CA SER L 197 39.15 3.83 76.90
C SER L 197 39.31 4.51 75.54
N GLU L 198 38.22 4.56 74.77
CA GLU L 198 38.28 5.13 73.44
C GLU L 198 37.96 6.63 73.45
N THR L 199 38.73 7.36 72.65
CA THR L 199 38.61 8.81 72.49
C THR L 199 37.30 9.20 71.81
N VAL L 200 36.38 9.77 72.58
CA VAL L 200 35.11 10.27 72.07
C VAL L 200 35.19 11.81 72.01
N THR L 201 35.30 12.35 70.80
CA THR L 201 35.45 13.80 70.60
C THR L 201 34.25 14.41 69.87
N CYS L 202 33.89 15.61 70.28
CA CYS L 202 32.77 16.32 69.68
C CYS L 202 33.31 17.33 68.67
N ASN L 203 32.93 17.18 67.41
CA ASN L 203 33.37 18.08 66.35
C ASN L 203 32.25 18.98 65.87
N VAL L 204 32.32 20.28 66.20
CA VAL L 204 31.25 21.22 65.85
C VAL L 204 31.78 22.32 64.89
N ALA L 205 30.95 22.74 63.93
CA ALA L 205 31.35 23.79 62.99
C ALA L 205 30.24 24.81 62.80
N HIS L 206 30.62 26.08 62.81
CA HIS L 206 29.69 27.19 62.57
C HIS L 206 30.24 28.05 61.45
N PRO L 207 29.65 27.90 60.24
CA PRO L 207 30.15 28.54 59.03
C PRO L 207 30.11 30.07 59.08
N ALA L 208 28.98 30.62 59.52
CA ALA L 208 28.74 32.06 59.52
C ALA L 208 29.80 32.83 60.31
N SER L 209 30.55 32.13 61.16
CA SER L 209 31.60 32.74 61.96
C SER L 209 32.98 32.14 61.67
N SER L 210 33.05 31.23 60.69
CA SER L 210 34.27 30.51 60.33
C SER L 210 34.93 29.82 61.55
N THR L 211 34.11 29.12 62.33
CA THR L 211 34.56 28.51 63.58
C THR L 211 34.43 26.99 63.52
N LYS L 212 35.50 26.30 63.89
CA LYS L 212 35.49 24.85 63.99
C LYS L 212 36.21 24.42 65.27
N VAL L 213 35.48 23.78 66.19
CA VAL L 213 35.99 23.44 67.51
C VAL L 213 35.78 21.95 67.82
N ASP L 214 36.73 21.37 68.57
CA ASP L 214 36.63 19.98 69.03
C ASP L 214 36.69 19.90 70.55
N LYS L 215 35.86 19.03 71.12
CA LYS L 215 35.84 18.80 72.57
C LYS L 215 35.84 17.31 72.87
N LYS L 216 36.76 16.87 73.72
CA LYS L 216 36.82 15.46 74.10
C LYS L 216 36.13 15.26 75.45
N ILE L 217 35.31 14.22 75.52
CA ILE L 217 34.59 13.86 76.73
C ILE L 217 35.53 13.16 77.73
N VAL L 218 36.01 13.91 78.74
CA VAL L 218 36.85 13.37 79.81
C VAL L 218 35.98 12.95 80.98
N PRO L 219 36.09 11.68 81.41
CA PRO L 219 35.22 11.18 82.50
C PRO L 219 35.25 11.99 83.80
N ARG L 220 34.11 12.03 84.48
CA ARG L 220 33.98 12.79 85.72
C ARG L 220 34.65 12.01 86.84
N ASP L 221 35.83 12.46 87.27
CA ASP L 221 36.57 11.78 88.35
C ASP L 221 36.33 12.42 89.72
N CYS L 222 35.19 12.07 90.34
CA CYS L 222 34.82 12.59 91.66
C CYS L 222 35.68 11.94 92.76
#